data_7ND4
#
_entry.id   7ND4
#
_cell.length_a   1.00
_cell.length_b   1.00
_cell.length_c   1.00
_cell.angle_alpha   90.00
_cell.angle_beta   90.00
_cell.angle_gamma   90.00
#
_symmetry.space_group_name_H-M   'P 1'
#
loop_
_entity.id
_entity.type
_entity.pdbx_description
1 polymer 'Spike glycoprotein'
2 polymer 'COVOX-88 Fab heavy chain'
3 polymer 'COVOX-88 Fab light chain'
4 branched 2-acetamido-2-deoxy-beta-D-glucopyranose-(1-4)-2-acetamido-2-deoxy-beta-D-glucopyranose
5 branched alpha-D-mannopyranose-(1-3)-[alpha-D-mannopyranose-(1-6)]beta-D-mannopyranose-(1-4)-2-acetamido-2-deoxy-beta-D-glucopyranose-(1-4)-2-acetamido-2-deoxy-beta-D-glucopyranose
6 branched beta-D-mannopyranose-(1-4)-2-acetamido-2-deoxy-beta-D-glucopyranose-(1-4)-2-acetamido-2-deoxy-beta-D-glucopyranose
7 non-polymer 2-acetamido-2-deoxy-beta-D-glucopyranose
#
loop_
_entity_poly.entity_id
_entity_poly.type
_entity_poly.pdbx_seq_one_letter_code
_entity_poly.pdbx_strand_id
1 'polypeptide(L)'
;MFVFLVLLPLVSSQCVNLTTRTQLPPAYTNSFTRGVYYPDKVFRSSVLHSTQDLFLPFFSNVTWFHAIHVSGTNGTKRFD
NPVLPFNDGVYFASTEKSNIIRGWIFGTTLDSKTQSLLIVNNATNVVIKVCEFQFCNDPFLGVYYHKNNKSWMESEFRVY
SSANNCTFEYVSQPFLMDLEGKQGNFKNLREFVFKNIDGYFKIYSKHTPINLVRDLPQGFSALEPLVDLPIGINITRFQT
LLALHRSYLTPGDSSSGWTAGAAAYYVGYLQPRTFLLKYNENGTITDAVDCALDPLSETKCTLKSFTVEKGIYQTSNFRV
QPTESIVRFPNITNLCPFGEVFNATRFASVYAWNRKRISNCVADYSVLYNSASFSTFKCYGVSPTKLNDLCFTNVYADSF
VIRGDEVRQIAPGQTGKIADYNYKLPDDFTGCVIAWNSNNLDSKVGGNYNYLYRLFRKSNLKPFERDISTEIYQAGSTPC
NGVEGFNCYFPLQSYGFQPTNGVGYQPYRVVVLSFELLHAPATVCGPKKSTNLVKNKCVNFNFNGLTGTGVLTESNKKFL
PFQQFGRDIADTTDAVRDPQTLEILDITPCSFGGVSVITPGTNTSNQVAVLYQDVNCTEVPVAIHADQLTPTWRVYSTGS
NVFQTRAGCLIGAEHVNNSYECDIPIGAGICASYQTQTNSPGSASSVASQSIIAYTMSLGAENSVAYSNNSIAIPTNFTI
SVTTEILPVSMTKTSVDCTMYICGDSTECSNLLLQYGSFCTQLNRALTGIAVEQDKNTQEVFAQVKQIYKTPPIKDFGGF
NFSQILPDPSKPSKRSFIEDLLFNKVTLADAGFIKQYGDCLGDIAARDLICAQKFNGLTVLPPLLTDEMIAQYTSALLAG
TITSGWTFGAGAALQIPFAMQMAYRFNGIGVTQNVLYENQKLIANQFNSAIGKIQDSLSSTASALGKLQDVVNQNAQALN
TLVKQLSSNFGAISSVLNDILSRLDPPEAEVQIDRLITGRLQSLQTYVTQQLIRAAEIRASANLAATKMSECVLGQSKRV
DFCGKGYHLMSFPQSAPHGVVFLHVTYVPAQEKNFTTAPAICHDGKAHFPREGVFVSNGTHWFVTQRNFYEPQIITTDNT
FVSGNCDVVIGIVNNTVYDPLQPELDSFKEELDKYFKNHTSPDVDLGDISGINASVVNIQKEIDRLNEVAKNLNESLIDL
QELGKYEQGSGYIPEAPRDGQAYVRKDGEWVLLSTFLGRSLEVLFQGPGHHHHHHHHGSAWSHPQFEKGGGSGGGSGGSA
WSHPQFEK
;
A,B,C
2 'polypeptide(L)'
;ILFLVATATGVHSQLQLQESGPGLVKPSQTLSLTCTVSGGSISSGSYNWTWIRQPAGKGLEWIGRIYNSGSTNYNPSLKS
RVTISVDTSKNQLSLKVRSVTAADTAVYYCARHCSGGTCYPKYYYGMDVWGQGTTVTVSSASTKGPSVFPLAPSSKSTSG
GTAALGCLVKDYFPEPVTVSWNSGALTSGVHTFPAVLQSSGLYSLSSVVTVPSSSLGTQTYICNVNHKPSNTKVDKKVEP
KSCDK
;
H,D,F
3 'polypeptide(L)'
;ILFLVATATGSWAQSALTQPPSVSEAPRQRVTISCSGSSSNIGNNAVNWYQQFPGKAPKLLIYYDDLLPSGVSDRFSGSK
SGTSASLAISGVQSEDEADYYCAAWDDSLNVVVFGGGTKLTVLGQPKANPTVTLFPPSSEELQANKATLVCLISDFYPGA
VTVAWKADSSPVKAGVETTTPSKQSNNKYAASSYLSLTPEQWKSHRSYSCQVTHEGSTVEKTVAPTECS
;
L,E,G
#
loop_
_chem_comp.id
_chem_comp.type
_chem_comp.name
_chem_comp.formula
BMA D-saccharide, beta linking beta-D-mannopyranose 'C6 H12 O6'
MAN D-saccharide, alpha linking alpha-D-mannopyranose 'C6 H12 O6'
NAG D-saccharide, beta linking 2-acetamido-2-deoxy-beta-D-glucopyranose 'C8 H15 N O6'
#
# COMPACT_ATOMS: atom_id res chain seq x y z
N ALA A 27 55.09 13.07 6.27
CA ALA A 27 55.20 13.56 4.90
C ALA A 27 53.89 13.37 4.14
N TYR A 28 53.59 14.29 3.23
CA TYR A 28 52.39 14.21 2.41
C TYR A 28 52.75 14.51 0.96
N THR A 29 51.98 13.94 0.04
CA THR A 29 52.12 14.26 -1.38
C THR A 29 50.73 14.46 -1.98
N ASN A 30 50.70 14.85 -3.24
CA ASN A 30 49.47 15.12 -3.97
C ASN A 30 49.00 13.84 -4.65
N SER A 31 47.80 13.38 -4.28
CA SER A 31 47.23 12.17 -4.87
C SER A 31 46.79 12.37 -6.31
N PHE A 32 46.74 13.62 -6.79
CA PHE A 32 46.24 13.98 -8.11
C PHE A 32 44.99 13.23 -8.51
N THR A 33 45.09 12.36 -9.52
CA THR A 33 43.94 11.63 -10.04
C THR A 33 44.06 10.13 -9.81
N ARG A 34 44.91 9.70 -8.89
CA ARG A 34 45.06 8.28 -8.64
C ARG A 34 43.93 7.76 -7.75
N GLY A 35 43.74 6.45 -7.77
CA GLY A 35 42.76 5.82 -6.91
C GLY A 35 41.42 5.53 -7.55
N VAL A 36 41.36 5.42 -8.87
CA VAL A 36 40.13 5.08 -9.57
C VAL A 36 40.20 3.64 -10.04
N TYR A 37 39.18 2.86 -9.72
CA TYR A 37 39.11 1.45 -10.04
C TYR A 37 37.76 1.15 -10.69
N TYR A 38 37.70 0.01 -11.37
CA TYR A 38 36.44 -0.37 -12.01
C TYR A 38 35.44 -0.77 -10.94
N PRO A 39 34.32 -0.05 -10.80
CA PRO A 39 33.40 -0.33 -9.68
C PRO A 39 32.74 -1.70 -9.77
N ASP A 40 32.64 -2.28 -10.97
CA ASP A 40 32.01 -3.58 -11.15
C ASP A 40 32.67 -4.26 -12.34
N LYS A 41 32.03 -5.33 -12.81
CA LYS A 41 32.56 -6.18 -13.88
C LYS A 41 31.75 -6.01 -15.16
N VAL A 42 31.18 -4.83 -15.36
CA VAL A 42 30.33 -4.54 -16.52
C VAL A 42 31.14 -3.82 -17.59
N PHE A 43 31.05 -4.32 -18.81
CA PHE A 43 31.68 -3.68 -19.97
C PHE A 43 30.85 -2.50 -20.43
N ARG A 44 31.49 -1.35 -20.59
CA ARG A 44 30.85 -0.17 -21.15
C ARG A 44 31.81 0.46 -22.14
N SER A 45 31.26 1.14 -23.15
CA SER A 45 32.10 1.83 -24.10
C SER A 45 31.38 3.06 -24.62
N SER A 46 32.17 4.07 -24.99
CA SER A 46 31.67 5.33 -25.55
C SER A 46 30.52 5.87 -24.71
N VAL A 47 30.74 5.91 -23.40
CA VAL A 47 29.70 6.32 -22.46
C VAL A 47 30.35 6.91 -21.21
N LEU A 48 29.68 7.90 -20.63
CA LEU A 48 30.06 8.48 -19.35
C LEU A 48 29.08 7.94 -18.31
N HIS A 49 29.59 7.16 -17.36
CA HIS A 49 28.75 6.48 -16.38
C HIS A 49 28.98 7.08 -15.00
N SER A 50 27.88 7.46 -14.35
CA SER A 50 27.91 8.04 -13.00
C SER A 50 27.62 6.93 -11.99
N THR A 51 28.54 6.74 -11.04
CA THR A 51 28.41 5.70 -10.04
C THR A 51 28.86 6.24 -8.70
N GLN A 52 28.24 5.72 -7.63
CA GLN A 52 28.60 6.08 -6.27
C GLN A 52 29.21 4.86 -5.59
N ASP A 53 30.44 5.00 -5.11
CA ASP A 53 31.17 3.92 -4.47
C ASP A 53 32.26 4.55 -3.61
N LEU A 54 33.04 3.69 -2.95
CA LEU A 54 34.12 4.16 -2.08
C LEU A 54 35.36 4.40 -2.93
N PHE A 55 35.61 5.67 -3.26
CA PHE A 55 36.73 6.06 -4.12
C PHE A 55 37.67 6.96 -3.34
N LEU A 56 38.91 7.04 -3.83
CA LEU A 56 39.88 7.95 -3.25
C LEU A 56 39.59 9.36 -3.74
N PRO A 57 39.30 10.31 -2.85
CA PRO A 57 39.02 11.68 -3.28
C PRO A 57 40.20 12.26 -4.05
N PHE A 58 39.89 13.01 -5.10
CA PHE A 58 40.93 13.60 -5.93
C PHE A 58 41.69 14.67 -5.18
N PHE A 59 43.01 14.71 -5.38
CA PHE A 59 43.92 15.67 -4.77
C PHE A 59 43.92 15.59 -3.25
N SER A 60 43.49 14.47 -2.67
CA SER A 60 43.57 14.33 -1.23
C SER A 60 45.01 14.05 -0.82
N ASN A 61 45.28 14.23 0.48
CA ASN A 61 46.59 13.96 1.04
C ASN A 61 46.73 12.50 1.48
N VAL A 62 47.81 11.87 1.03
CA VAL A 62 48.15 10.50 1.42
C VAL A 62 49.52 10.53 2.10
N THR A 63 49.65 9.77 3.18
CA THR A 63 50.88 9.80 3.97
C THR A 63 52.02 9.13 3.20
N TRP A 64 53.17 9.80 3.15
CA TRP A 64 54.31 9.35 2.38
C TRP A 64 55.36 8.75 3.31
N PHE A 65 55.63 7.46 3.14
CA PHE A 65 56.61 6.73 3.94
C PHE A 65 57.82 6.40 3.09
N HIS A 66 58.97 6.25 3.74
CA HIS A 66 60.23 6.00 3.06
C HIS A 66 60.84 4.69 3.54
N ALA A 67 61.67 4.10 2.68
CA ALA A 67 62.37 2.86 2.98
C ALA A 67 63.85 2.97 2.60
N ILE A 68 64.50 4.01 3.13
CA ILE A 68 65.92 4.25 2.85
C ILE A 68 66.65 4.45 4.17
N HIS A 69 67.97 4.25 4.11
CA HIS A 69 68.86 4.45 5.26
C HIS A 69 68.35 3.76 6.52
N ASP A 80 60.99 1.74 8.36
CA ASP A 80 59.78 2.56 8.45
C ASP A 80 58.57 1.79 7.94
N ASN A 81 58.06 0.89 8.76
CA ASN A 81 56.90 0.05 8.41
C ASN A 81 55.86 0.09 9.52
N PRO A 82 55.33 1.27 9.84
CA PRO A 82 54.36 1.36 10.94
C PRO A 82 53.02 0.74 10.56
N VAL A 83 52.19 0.55 11.59
CA VAL A 83 50.83 0.07 11.42
C VAL A 83 49.90 1.25 11.20
N LEU A 84 49.12 1.21 10.12
CA LEU A 84 48.20 2.29 9.78
C LEU A 84 46.75 1.85 9.96
N PRO A 85 45.85 2.80 10.25
CA PRO A 85 44.42 2.49 10.23
C PRO A 85 43.92 2.04 8.87
N PHE A 86 42.90 1.18 8.88
CA PHE A 86 42.23 0.74 7.66
C PHE A 86 40.97 1.51 7.35
N ASN A 87 40.31 2.07 8.37
CA ASN A 87 39.02 2.76 8.25
C ASN A 87 38.04 2.02 7.35
N ASP A 88 37.63 2.66 6.25
CA ASP A 88 36.63 2.10 5.35
C ASP A 88 37.23 1.58 4.06
N GLY A 89 38.55 1.45 3.98
CA GLY A 89 39.23 1.00 2.79
C GLY A 89 40.51 1.79 2.65
N VAL A 90 41.52 1.16 2.06
CA VAL A 90 42.85 1.76 1.96
C VAL A 90 43.31 1.72 0.51
N TYR A 91 43.82 2.85 0.03
CA TYR A 91 44.52 2.94 -1.24
C TYR A 91 46.02 2.79 -0.97
N PHE A 92 46.67 1.91 -1.71
CA PHE A 92 48.09 1.68 -1.53
C PHE A 92 48.78 1.79 -2.88
N ALA A 93 49.95 2.42 -2.90
CA ALA A 93 50.77 2.51 -4.09
C ALA A 93 52.23 2.48 -3.68
N SER A 94 53.08 1.96 -4.56
CA SER A 94 54.50 1.94 -4.30
C SER A 94 55.26 2.09 -5.62
N THR A 95 56.49 2.60 -5.51
CA THR A 95 57.39 2.75 -6.64
C THR A 95 58.60 1.86 -6.38
N GLU A 96 59.00 1.08 -7.38
CA GLU A 96 60.04 0.10 -7.19
C GLU A 96 61.13 0.19 -8.25
N LYS A 97 62.32 -0.27 -7.87
CA LYS A 97 63.46 -0.48 -8.76
C LYS A 97 64.18 -1.78 -8.48
N SER A 98 63.96 -2.40 -7.32
CA SER A 98 64.66 -3.63 -6.93
C SER A 98 63.73 -4.58 -6.16
N ASN A 99 62.41 -4.37 -6.27
CA ASN A 99 61.40 -5.22 -5.63
C ASN A 99 61.62 -5.33 -4.12
N ILE A 100 61.76 -4.19 -3.45
CA ILE A 100 61.96 -4.20 -2.01
C ILE A 100 60.66 -4.58 -1.29
N ILE A 101 59.53 -4.03 -1.72
CA ILE A 101 58.26 -4.35 -1.09
C ILE A 101 57.74 -5.64 -1.70
N ARG A 102 57.55 -6.66 -0.86
CA ARG A 102 57.16 -7.97 -1.33
C ARG A 102 55.87 -8.50 -0.72
N GLY A 103 55.25 -7.78 0.18
CA GLY A 103 54.00 -8.29 0.74
C GLY A 103 53.29 -7.30 1.62
N TRP A 104 52.12 -7.74 2.11
CA TRP A 104 51.26 -6.93 2.95
C TRP A 104 50.65 -7.82 4.02
N ILE A 105 50.37 -7.23 5.18
CA ILE A 105 49.69 -7.91 6.28
C ILE A 105 48.47 -7.09 6.68
N PHE A 106 47.31 -7.75 6.75
CA PHE A 106 46.06 -7.10 7.14
C PHE A 106 45.43 -7.86 8.30
N GLY A 107 44.96 -7.12 9.31
CA GLY A 107 44.29 -7.75 10.43
C GLY A 107 43.99 -6.73 11.51
N THR A 108 43.83 -7.23 12.74
CA THR A 108 43.56 -6.38 13.90
C THR A 108 44.68 -6.38 14.93
N THR A 109 45.23 -7.55 15.26
CA THR A 109 46.28 -7.64 16.27
C THR A 109 47.61 -8.17 15.73
N LEU A 110 47.61 -8.90 14.62
CA LEU A 110 48.83 -9.37 13.98
C LEU A 110 49.75 -10.12 14.96
N ASP A 111 49.15 -10.94 15.83
CA ASP A 111 49.94 -11.59 16.87
C ASP A 111 49.52 -13.03 17.11
N SER A 112 48.98 -13.69 16.08
CA SER A 112 48.50 -15.08 16.09
C SER A 112 47.22 -15.27 16.89
N LYS A 113 46.61 -14.21 17.41
CA LYS A 113 45.37 -14.34 18.17
C LYS A 113 44.13 -14.27 17.30
N THR A 114 44.24 -13.71 16.10
CA THR A 114 43.12 -13.61 15.18
C THR A 114 43.61 -13.94 13.78
N GLN A 115 42.66 -14.04 12.84
CA GLN A 115 43.02 -14.30 11.46
C GLN A 115 43.54 -13.03 10.81
N SER A 116 44.63 -13.16 10.05
CA SER A 116 45.26 -12.01 9.41
C SER A 116 45.68 -12.39 8.00
N LEU A 117 45.23 -11.61 7.03
CA LEU A 117 45.57 -11.89 5.64
C LEU A 117 47.05 -11.63 5.41
N LEU A 118 47.74 -12.60 4.81
CA LEU A 118 49.16 -12.49 4.50
C LEU A 118 49.37 -12.73 3.01
N ILE A 119 49.95 -11.76 2.33
CA ILE A 119 50.27 -11.83 0.91
C ILE A 119 51.77 -11.68 0.78
N VAL A 120 52.43 -12.65 0.16
CA VAL A 120 53.87 -12.61 -0.05
C VAL A 120 54.17 -12.95 -1.50
N ASN A 121 55.00 -12.14 -2.14
CA ASN A 121 55.45 -12.37 -3.51
C ASN A 121 56.96 -12.51 -3.50
N ASN A 122 57.46 -13.74 -3.56
CA ASN A 122 58.90 -14.02 -3.52
C ASN A 122 59.39 -14.52 -4.87
N ALA A 123 60.12 -13.66 -5.58
CA ALA A 123 60.62 -13.89 -6.92
C ALA A 123 59.52 -14.10 -7.95
N THR A 124 59.12 -15.35 -8.17
CA THR A 124 58.09 -15.68 -9.16
C THR A 124 56.87 -16.36 -8.55
N ASN A 125 56.75 -16.44 -7.23
CA ASN A 125 55.64 -17.15 -6.59
C ASN A 125 54.86 -16.21 -5.70
N VAL A 126 53.64 -15.89 -6.10
CA VAL A 126 52.73 -15.10 -5.28
C VAL A 126 52.07 -16.03 -4.27
N VAL A 127 52.17 -15.70 -2.99
CA VAL A 127 51.63 -16.52 -1.91
C VAL A 127 50.63 -15.69 -1.11
N ILE A 128 49.41 -16.21 -0.96
CA ILE A 128 48.37 -15.59 -0.18
C ILE A 128 47.90 -16.58 0.87
N LYS A 129 47.91 -16.16 2.14
CA LYS A 129 47.46 -17.00 3.24
C LYS A 129 46.65 -16.16 4.20
N VAL A 130 45.72 -16.82 4.91
CA VAL A 130 44.91 -16.14 5.92
C VAL A 130 45.07 -16.84 7.26
N CYS A 131 46.25 -17.39 7.52
CA CYS A 131 46.46 -18.13 8.75
C CYS A 131 46.58 -17.16 9.93
N GLU A 132 46.48 -17.72 11.14
CA GLU A 132 46.72 -16.94 12.36
C GLU A 132 48.22 -16.91 12.65
N PHE A 133 48.94 -16.17 11.81
CA PHE A 133 50.39 -16.17 11.86
C PHE A 133 50.90 -15.46 13.10
N GLN A 134 51.97 -16.00 13.69
CA GLN A 134 52.69 -15.32 14.75
C GLN A 134 53.80 -14.50 14.10
N PHE A 135 53.61 -13.18 14.05
CA PHE A 135 54.56 -12.30 13.40
C PHE A 135 55.58 -11.76 14.39
N CYS A 136 56.75 -11.41 13.87
CA CYS A 136 57.82 -10.84 14.67
C CYS A 136 57.44 -9.43 15.12
N ASN A 137 58.22 -8.90 16.08
CA ASN A 137 57.99 -7.54 16.55
C ASN A 137 58.11 -6.53 15.41
N ASP A 138 58.97 -6.81 14.43
CA ASP A 138 59.11 -5.96 13.25
C ASP A 138 59.24 -6.87 12.05
N PRO A 139 58.12 -7.28 11.45
CA PRO A 139 58.16 -8.23 10.34
C PRO A 139 58.94 -7.70 9.15
N PHE A 140 59.78 -8.56 8.58
CA PHE A 140 60.53 -8.24 7.36
C PHE A 140 60.99 -9.54 6.74
N LEU A 141 61.40 -9.45 5.47
CA LEU A 141 61.97 -10.57 4.73
C LEU A 141 63.41 -10.26 4.36
N GLY A 142 64.30 -11.21 4.61
CA GLY A 142 65.69 -11.04 4.26
C GLY A 142 66.00 -11.46 2.83
N VAL A 143 67.08 -10.91 2.29
CA VAL A 143 67.55 -11.29 0.97
C VAL A 143 68.56 -12.43 1.07
N ASN A 165 45.59 -23.15 12.04
CA ASN A 165 44.17 -22.90 11.88
C ASN A 165 43.95 -22.07 10.61
N CYS A 166 44.50 -22.55 9.51
CA CYS A 166 44.41 -21.89 8.22
C CYS A 166 43.11 -22.26 7.51
N THR A 167 42.47 -21.27 6.90
CA THR A 167 41.22 -21.49 6.17
C THR A 167 41.34 -21.25 4.67
N PHE A 168 42.51 -20.82 4.19
CA PHE A 168 42.70 -20.54 2.77
C PHE A 168 44.20 -20.48 2.49
N GLU A 169 44.60 -21.03 1.34
CA GLU A 169 45.97 -20.90 0.86
C GLU A 169 45.96 -20.87 -0.65
N TYR A 170 46.78 -19.98 -1.22
CA TYR A 170 46.96 -19.91 -2.66
C TYR A 170 48.41 -19.62 -2.98
N VAL A 171 48.94 -20.33 -3.98
CA VAL A 171 50.29 -20.11 -4.49
C VAL A 171 50.22 -20.04 -6.01
N SER A 172 50.83 -19.00 -6.59
CA SER A 172 50.92 -18.88 -8.03
C SER A 172 52.03 -19.75 -8.59
N PHE A 186 62.56 5.43 -10.01
CA PHE A 186 61.99 4.09 -9.99
C PHE A 186 61.44 3.71 -11.36
N LYS A 187 61.28 2.41 -11.60
CA LYS A 187 60.86 1.91 -12.90
C LYS A 187 59.47 1.32 -12.93
N ASN A 188 58.94 0.85 -11.80
CA ASN A 188 57.66 0.17 -11.77
C ASN A 188 56.79 0.73 -10.65
N LEU A 189 55.60 1.20 -11.01
CA LEU A 189 54.61 1.69 -10.05
C LEU A 189 53.53 0.62 -9.89
N ARG A 190 53.29 0.19 -8.66
CA ARG A 190 52.30 -0.84 -8.36
C ARG A 190 51.29 -0.29 -7.37
N GLU A 191 50.09 0.02 -7.87
CA GLU A 191 49.04 0.62 -7.09
C GLU A 191 48.01 -0.43 -6.69
N PHE A 192 47.48 -0.33 -5.48
CA PHE A 192 46.50 -1.29 -4.99
C PHE A 192 45.38 -0.56 -4.27
N VAL A 193 44.18 -1.17 -4.29
CA VAL A 193 43.05 -0.75 -3.48
C VAL A 193 42.54 -1.95 -2.70
N PHE A 194 42.39 -1.80 -1.40
CA PHE A 194 41.89 -2.86 -0.54
C PHE A 194 40.66 -2.37 0.20
N LYS A 195 39.52 -2.99 -0.06
CA LYS A 195 38.28 -2.65 0.62
C LYS A 195 37.51 -3.91 0.97
N ASN A 196 36.72 -3.83 2.04
CA ASN A 196 35.91 -4.94 2.54
C ASN A 196 34.45 -4.52 2.50
N ILE A 197 33.67 -5.16 1.64
CA ILE A 197 32.24 -4.90 1.52
C ILE A 197 31.49 -6.19 1.84
N ASP A 198 30.73 -6.16 2.92
CA ASP A 198 29.92 -7.31 3.36
C ASP A 198 30.75 -8.59 3.44
N GLY A 199 31.97 -8.47 3.94
CA GLY A 199 32.82 -9.62 4.13
C GLY A 199 33.71 -10.01 2.96
N TYR A 200 33.61 -9.31 1.84
CA TYR A 200 34.41 -9.64 0.66
C TYR A 200 35.59 -8.68 0.56
N PHE A 201 36.80 -9.23 0.54
CA PHE A 201 38.03 -8.43 0.46
C PHE A 201 38.40 -8.30 -1.01
N LYS A 202 38.19 -7.11 -1.57
CA LYS A 202 38.37 -6.87 -2.99
C LYS A 202 39.71 -6.18 -3.24
N ILE A 203 40.50 -6.75 -4.14
CA ILE A 203 41.85 -6.25 -4.44
C ILE A 203 41.86 -5.80 -5.89
N TYR A 204 42.26 -4.54 -6.10
CA TYR A 204 42.43 -3.98 -7.43
C TYR A 204 43.89 -3.56 -7.58
N SER A 205 44.40 -3.60 -8.81
CA SER A 205 45.77 -3.16 -9.01
C SER A 205 46.01 -2.84 -10.48
N LYS A 206 47.07 -2.08 -10.72
CA LYS A 206 47.54 -1.76 -12.07
C LYS A 206 49.04 -1.55 -12.00
N HIS A 207 49.77 -2.21 -12.91
CA HIS A 207 51.20 -2.04 -13.04
C HIS A 207 51.52 -1.26 -14.30
N THR A 208 52.40 -0.26 -14.17
CA THR A 208 52.80 0.54 -15.32
C THR A 208 54.26 0.95 -15.17
N PRO A 209 55.01 1.00 -16.27
CA PRO A 209 56.38 1.53 -16.19
C PRO A 209 56.37 3.03 -15.94
N ILE A 210 57.31 3.48 -15.10
CA ILE A 210 57.49 4.89 -14.80
C ILE A 210 58.97 5.21 -14.84
N ASN A 211 59.28 6.52 -14.92
CA ASN A 211 60.66 7.01 -14.80
C ASN A 211 60.67 8.21 -13.86
N LEU A 212 60.57 7.94 -12.57
CA LEU A 212 60.49 9.01 -11.57
C LEU A 212 60.78 8.42 -10.21
N VAL A 213 61.72 9.02 -9.49
CA VAL A 213 62.14 8.53 -8.18
C VAL A 213 61.57 9.40 -7.07
N ARG A 214 61.43 10.70 -7.33
CA ARG A 214 61.12 11.65 -6.26
C ARG A 214 59.74 11.42 -5.66
N ASP A 215 58.72 11.17 -6.48
CA ASP A 215 57.35 11.16 -5.99
C ASP A 215 56.48 10.36 -6.94
N LEU A 216 55.18 10.31 -6.63
CA LEU A 216 54.22 9.66 -7.51
C LEU A 216 54.16 10.38 -8.86
N PRO A 217 54.23 9.66 -9.97
CA PRO A 217 54.01 10.29 -11.27
C PRO A 217 52.59 10.85 -11.36
N GLN A 218 52.46 11.97 -12.05
CA GLN A 218 51.16 12.57 -12.29
C GLN A 218 50.54 11.97 -13.55
N GLY A 219 49.24 11.68 -13.47
CA GLY A 219 48.52 11.09 -14.56
C GLY A 219 47.32 10.32 -14.04
N PHE A 220 46.65 9.64 -14.96
CA PHE A 220 45.44 8.89 -14.63
C PHE A 220 45.59 7.46 -15.15
N SER A 221 45.25 6.49 -14.30
CA SER A 221 45.26 5.09 -14.68
C SER A 221 44.28 4.34 -13.80
N ALA A 222 43.38 3.59 -14.42
CA ALA A 222 42.36 2.85 -13.70
C ALA A 222 42.88 1.48 -13.29
N LEU A 223 42.44 1.02 -12.12
CA LEU A 223 42.88 -0.25 -11.56
C LEU A 223 41.79 -1.29 -11.81
N GLU A 224 42.15 -2.38 -12.48
CA GLU A 224 41.21 -3.46 -12.68
C GLU A 224 41.17 -4.39 -11.46
N PRO A 225 40.03 -5.03 -11.22
CA PRO A 225 39.98 -6.06 -10.18
C PRO A 225 40.73 -7.30 -10.63
N LEU A 226 41.38 -7.96 -9.67
CA LEU A 226 42.03 -9.23 -9.91
C LEU A 226 41.56 -10.35 -8.99
N VAL A 227 41.36 -10.05 -7.70
CA VAL A 227 41.10 -11.07 -6.70
C VAL A 227 39.93 -10.60 -5.84
N ASP A 228 39.09 -11.56 -5.42
CA ASP A 228 37.98 -11.29 -4.52
C ASP A 228 37.92 -12.44 -3.52
N LEU A 229 38.37 -12.22 -2.29
CA LEU A 229 38.43 -13.28 -1.30
C LEU A 229 37.28 -13.14 -0.33
N PRO A 230 36.36 -14.10 -0.26
CA PRO A 230 35.22 -14.03 0.67
C PRO A 230 35.61 -14.43 2.09
N ILE A 231 36.52 -13.66 2.69
CA ILE A 231 37.06 -14.05 3.98
C ILE A 231 36.14 -13.68 5.14
N GLY A 232 35.43 -12.56 5.04
CA GLY A 232 34.53 -12.17 6.12
C GLY A 232 35.26 -11.74 7.38
N ILE A 233 36.48 -11.24 7.24
CA ILE A 233 37.34 -10.87 8.35
C ILE A 233 37.25 -9.36 8.57
N ASN A 234 37.10 -8.97 9.83
CA ASN A 234 37.08 -7.55 10.20
C ASN A 234 38.52 -7.03 10.23
N ILE A 235 38.87 -6.25 9.22
CA ILE A 235 40.23 -5.73 9.06
C ILE A 235 40.22 -4.25 9.44
N THR A 236 41.04 -3.88 10.41
CA THR A 236 41.13 -2.51 10.91
C THR A 236 42.52 -1.91 10.83
N ARG A 237 43.57 -2.73 10.71
CA ARG A 237 44.94 -2.25 10.66
C ARG A 237 45.70 -3.04 9.60
N PHE A 238 46.75 -2.44 9.08
CA PHE A 238 47.62 -3.15 8.14
C PHE A 238 49.05 -2.65 8.27
N GLN A 239 49.97 -3.44 7.74
CA GLN A 239 51.40 -3.15 7.76
C GLN A 239 52.01 -3.63 6.45
N THR A 240 53.11 -3.01 6.05
CA THR A 240 53.80 -3.41 4.83
C THR A 240 54.99 -4.32 5.17
N LEU A 241 55.55 -4.93 4.13
CA LEU A 241 56.68 -5.84 4.27
C LEU A 241 57.80 -5.41 3.33
N LEU A 242 58.98 -5.13 3.87
CA LEU A 242 60.13 -4.68 3.11
C LEU A 242 61.17 -5.78 3.03
N ALA A 243 61.86 -5.87 1.90
CA ALA A 243 62.95 -6.81 1.72
C ALA A 243 64.27 -6.15 2.10
N LEU A 244 64.93 -6.67 3.13
CA LEU A 244 66.14 -6.09 3.68
C LEU A 244 67.33 -6.97 3.33
N HIS A 245 68.41 -6.33 2.88
CA HIS A 245 69.64 -7.04 2.55
C HIS A 245 70.46 -7.34 3.80
N ALA A 263 62.22 2.14 -1.33
CA ALA A 263 60.88 1.74 -1.76
C ALA A 263 59.81 2.48 -0.95
N ALA A 264 59.50 3.70 -1.38
CA ALA A 264 58.46 4.47 -0.72
C ALA A 264 57.09 3.91 -1.06
N TYR A 265 56.13 4.15 -0.16
CA TYR A 265 54.75 3.75 -0.40
C TYR A 265 53.82 4.81 0.18
N TYR A 266 52.58 4.80 -0.30
CA TYR A 266 51.59 5.81 0.03
C TYR A 266 50.33 5.13 0.52
N VAL A 267 49.68 5.72 1.52
CA VAL A 267 48.44 5.19 2.08
C VAL A 267 47.36 6.26 2.00
N GLY A 268 46.26 5.94 1.32
CA GLY A 268 45.12 6.81 1.24
C GLY A 268 43.89 6.11 1.81
N TYR A 269 42.79 6.86 1.89
CA TYR A 269 41.55 6.32 2.41
C TYR A 269 40.40 6.64 1.47
N LEU A 270 39.45 5.70 1.37
CA LEU A 270 38.33 5.83 0.46
C LEU A 270 37.16 6.53 1.16
N GLN A 271 36.38 7.25 0.37
CA GLN A 271 35.20 7.97 0.84
C GLN A 271 34.04 7.71 -0.10
N PRO A 272 32.80 7.81 0.41
CA PRO A 272 31.64 7.57 -0.46
C PRO A 272 31.36 8.72 -1.42
N ARG A 273 32.31 9.00 -2.32
CA ARG A 273 32.17 10.05 -3.32
C ARG A 273 31.48 9.51 -4.57
N THR A 274 30.84 10.42 -5.30
CA THR A 274 30.26 10.10 -6.60
C THR A 274 31.26 10.48 -7.69
N PHE A 275 31.53 9.54 -8.59
CA PHE A 275 32.43 9.77 -9.70
C PHE A 275 31.75 9.54 -11.04
N LEU A 276 32.12 10.36 -12.02
CA LEU A 276 31.74 10.17 -13.40
C LEU A 276 32.90 9.52 -14.13
N LEU A 277 32.68 8.30 -14.62
CA LEU A 277 33.74 7.50 -15.22
C LEU A 277 33.60 7.51 -16.74
N LYS A 278 34.70 7.80 -17.43
CA LYS A 278 34.72 7.87 -18.89
C LYS A 278 35.28 6.56 -19.43
N TYR A 279 34.43 5.80 -20.12
CA TYR A 279 34.81 4.55 -20.76
C TYR A 279 35.08 4.80 -22.23
N ASN A 280 36.24 4.35 -22.70
CA ASN A 280 36.60 4.54 -24.10
C ASN A 280 35.97 3.43 -24.95
N GLU A 281 36.33 3.38 -26.23
CA GLU A 281 35.76 2.40 -27.14
C GLU A 281 36.13 0.97 -26.78
N ASN A 282 37.22 0.78 -26.02
CA ASN A 282 37.68 -0.54 -25.63
C ASN A 282 37.25 -0.91 -24.22
N GLY A 283 36.44 -0.08 -23.58
CA GLY A 283 36.00 -0.34 -22.22
C GLY A 283 37.02 -0.05 -21.16
N THR A 284 38.01 0.78 -21.46
CA THR A 284 39.03 1.18 -20.50
C THR A 284 38.68 2.56 -19.97
N ILE A 285 38.77 2.73 -18.65
CA ILE A 285 38.53 4.04 -18.05
C ILE A 285 39.75 4.92 -18.30
N THR A 286 39.52 6.06 -18.97
CA THR A 286 40.60 6.96 -19.33
C THR A 286 40.59 8.27 -18.57
N ASP A 287 39.46 8.65 -17.98
CA ASP A 287 39.37 9.86 -17.20
C ASP A 287 38.29 9.67 -16.14
N ALA A 288 38.14 10.66 -15.27
CA ALA A 288 37.11 10.62 -14.24
C ALA A 288 36.89 12.02 -13.70
N VAL A 289 35.67 12.27 -13.23
CA VAL A 289 35.31 13.53 -12.58
C VAL A 289 34.85 13.21 -11.16
N ASP A 290 35.48 13.85 -10.18
CA ASP A 290 35.07 13.72 -8.78
C ASP A 290 33.97 14.74 -8.53
N CYS A 291 32.74 14.27 -8.39
CA CYS A 291 31.57 15.15 -8.37
C CYS A 291 31.50 16.06 -7.15
N ALA A 292 32.57 16.16 -6.36
CA ALA A 292 32.59 17.06 -5.21
C ALA A 292 33.93 17.76 -5.06
N LEU A 293 34.79 17.71 -6.09
CA LEU A 293 36.09 18.37 -6.02
C LEU A 293 35.93 19.89 -6.03
N ASP A 294 35.00 20.40 -6.82
CA ASP A 294 34.83 21.83 -7.03
C ASP A 294 33.56 22.05 -7.85
N PRO A 295 33.04 23.28 -7.88
CA PRO A 295 31.82 23.54 -8.67
C PRO A 295 31.90 23.14 -10.12
N LEU A 296 33.07 23.22 -10.75
CA LEU A 296 33.17 22.82 -12.15
C LEU A 296 32.96 21.31 -12.31
N SER A 297 33.51 20.53 -11.38
CA SER A 297 33.28 19.09 -11.43
C SER A 297 31.83 18.76 -11.17
N GLU A 298 31.18 19.51 -10.27
CA GLU A 298 29.75 19.32 -10.04
C GLU A 298 28.95 19.60 -11.31
N THR A 299 29.34 20.65 -12.04
CA THR A 299 28.65 20.96 -13.30
C THR A 299 28.86 19.84 -14.31
N LYS A 300 30.10 19.36 -14.44
CA LYS A 300 30.39 18.28 -15.36
C LYS A 300 29.55 17.04 -15.03
N CYS A 301 29.45 16.70 -13.74
CA CYS A 301 28.64 15.56 -13.34
C CYS A 301 27.15 15.79 -13.62
N THR A 302 26.67 17.02 -13.39
CA THR A 302 25.27 17.33 -13.64
C THR A 302 24.89 17.10 -15.10
N LEU A 303 25.77 17.51 -16.02
CA LEU A 303 25.48 17.38 -17.45
C LEU A 303 25.92 16.05 -18.02
N LYS A 304 26.52 15.18 -17.20
CA LYS A 304 27.03 13.88 -17.66
C LYS A 304 27.94 14.06 -18.87
N SER A 305 28.87 15.02 -18.76
CA SER A 305 29.79 15.29 -19.85
C SER A 305 31.08 15.87 -19.29
N PHE A 306 32.17 15.66 -20.02
CA PHE A 306 33.47 16.22 -19.68
C PHE A 306 33.70 17.57 -20.33
N THR A 307 32.74 18.05 -21.12
CA THR A 307 32.78 19.37 -21.73
C THR A 307 31.53 20.11 -21.30
N VAL A 308 31.70 21.35 -20.85
CA VAL A 308 30.58 22.17 -20.38
C VAL A 308 30.48 23.38 -21.30
N GLU A 309 29.32 23.55 -21.92
CA GLU A 309 29.08 24.69 -22.79
C GLU A 309 28.94 25.96 -21.96
N LYS A 310 29.20 27.09 -22.60
CA LYS A 310 29.07 28.38 -21.95
C LYS A 310 27.64 28.60 -21.47
N GLY A 311 27.49 29.02 -20.24
CA GLY A 311 26.18 29.26 -19.67
C GLY A 311 26.20 29.07 -18.16
N ILE A 312 25.00 29.10 -17.58
CA ILE A 312 24.80 28.94 -16.15
C ILE A 312 24.01 27.65 -15.90
N TYR A 313 24.52 26.81 -15.00
CA TYR A 313 23.91 25.52 -14.70
C TYR A 313 23.62 25.45 -13.20
N GLN A 314 22.50 24.84 -12.83
CA GLN A 314 22.13 24.58 -11.45
C GLN A 314 22.55 23.16 -11.07
N THR A 315 23.46 23.05 -10.11
CA THR A 315 24.07 21.76 -9.79
C THR A 315 23.75 21.23 -8.40
N SER A 316 23.47 22.09 -7.42
CA SER A 316 23.28 21.61 -6.06
C SER A 316 22.50 22.63 -5.24
N ASN A 317 21.68 22.14 -4.33
CA ASN A 317 20.86 23.00 -3.49
C ASN A 317 21.61 23.32 -2.20
N PHE A 318 21.74 24.61 -1.91
CA PHE A 318 22.37 25.07 -0.67
C PHE A 318 21.36 25.08 0.47
N ARG A 319 21.78 24.57 1.63
CA ARG A 319 20.89 24.55 2.79
C ARG A 319 21.71 24.70 4.07
N VAL A 320 21.49 25.80 4.79
CA VAL A 320 22.19 26.06 6.04
C VAL A 320 21.81 25.01 7.08
N GLN A 321 22.82 24.43 7.76
CA GLN A 321 22.47 23.43 8.75
C GLN A 321 22.32 24.07 10.13
N PRO A 322 21.48 23.51 10.99
CA PRO A 322 21.41 24.02 12.38
C PRO A 322 22.67 23.68 13.17
N THR A 323 22.96 24.52 14.16
CA THR A 323 24.12 24.33 15.02
C THR A 323 23.80 23.72 16.37
N GLU A 324 22.66 24.08 16.97
CA GLU A 324 22.31 23.60 18.29
C GLU A 324 20.80 23.53 18.42
N SER A 325 20.33 22.74 19.39
CA SER A 325 18.91 22.64 19.67
C SER A 325 18.52 23.60 20.80
N ILE A 326 17.28 24.07 20.76
CA ILE A 326 16.72 24.95 21.78
C ILE A 326 15.47 24.27 22.36
N VAL A 327 15.50 24.00 23.66
CA VAL A 327 14.39 23.35 24.35
C VAL A 327 13.82 24.35 25.34
N ARG A 328 12.53 24.68 25.19
CA ARG A 328 11.88 25.68 26.03
C ARG A 328 10.65 25.13 26.72
N PHE A 329 10.58 25.33 28.03
CA PHE A 329 9.42 25.04 28.86
C PHE A 329 9.33 26.17 29.86
N PRO A 330 8.15 26.43 30.42
CA PRO A 330 8.07 27.52 31.39
C PRO A 330 8.94 27.24 32.60
N ASN A 331 9.38 28.32 33.26
CA ASN A 331 10.22 28.21 34.45
C ASN A 331 9.60 27.45 35.64
N ILE A 332 8.77 28.07 36.47
CA ILE A 332 8.10 27.36 37.55
C ILE A 332 6.62 27.23 37.23
N THR A 333 6.17 26.06 36.79
CA THR A 333 4.73 25.83 36.74
C THR A 333 4.14 25.62 38.14
N ASN A 334 4.33 24.39 38.66
CA ASN A 334 3.81 24.01 39.98
C ASN A 334 4.51 22.75 40.47
N LEU A 335 5.07 22.81 41.68
CA LEU A 335 5.71 21.64 42.29
C LEU A 335 4.67 20.75 42.97
N CYS A 336 5.11 19.57 43.44
CA CYS A 336 4.23 18.62 44.08
C CYS A 336 4.69 18.39 45.51
N PRO A 337 3.78 18.28 46.48
CA PRO A 337 4.18 18.21 47.90
C PRO A 337 4.74 16.84 48.29
N PHE A 338 5.84 16.44 47.63
CA PHE A 338 6.55 15.23 48.03
C PHE A 338 7.28 15.42 49.35
N GLY A 339 7.57 16.66 49.74
CA GLY A 339 8.28 16.89 51.00
C GLY A 339 7.47 16.49 52.21
N GLU A 340 6.20 16.89 52.25
CA GLU A 340 5.34 16.56 53.38
C GLU A 340 4.99 15.08 53.45
N VAL A 341 5.33 14.29 52.44
CA VAL A 341 5.12 12.85 52.50
C VAL A 341 6.36 12.14 53.03
N PHE A 342 7.53 12.49 52.54
CA PHE A 342 8.76 11.88 53.01
C PHE A 342 9.22 12.49 54.35
N ASN A 343 9.21 13.81 54.43
CA ASN A 343 9.63 14.52 55.65
C ASN A 343 8.47 14.76 56.61
N ALA A 344 7.46 13.89 56.59
CA ALA A 344 6.35 14.00 57.54
C ALA A 344 6.86 13.80 58.96
N THR A 345 6.37 14.64 59.87
CA THR A 345 6.81 14.58 61.26
C THR A 345 6.50 13.22 61.89
N ARG A 346 5.33 12.67 61.60
CA ARG A 346 4.91 11.39 62.16
C ARG A 346 4.25 10.56 61.07
N PHE A 347 4.46 9.25 61.15
CA PHE A 347 3.94 8.29 60.19
C PHE A 347 2.87 7.42 60.83
N ALA A 348 2.17 6.68 59.99
CA ALA A 348 1.08 5.80 60.42
C ALA A 348 1.54 4.36 60.48
N SER A 349 0.75 3.53 61.15
CA SER A 349 1.04 2.11 61.23
C SER A 349 0.80 1.44 59.88
N VAL A 350 1.37 0.23 59.74
CA VAL A 350 1.31 -0.43 58.44
C VAL A 350 -0.10 -0.95 58.15
N TYR A 351 -0.84 -1.36 59.19
CA TYR A 351 -2.21 -1.81 58.95
C TYR A 351 -3.10 -0.64 58.57
N ALA A 352 -2.87 0.52 59.17
CA ALA A 352 -3.60 1.74 58.81
C ALA A 352 -2.72 2.64 57.96
N TRP A 353 -2.22 2.13 56.84
CA TRP A 353 -1.30 2.90 56.02
C TRP A 353 -2.00 4.13 55.44
N ASN A 354 -1.28 5.25 55.44
CA ASN A 354 -1.81 6.52 54.96
C ASN A 354 -1.54 6.66 53.47
N ARG A 355 -2.53 7.17 52.73
CA ARG A 355 -2.42 7.37 51.30
C ARG A 355 -2.57 8.85 50.97
N LYS A 356 -1.63 9.38 50.19
CA LYS A 356 -1.67 10.75 49.71
C LYS A 356 -1.88 10.73 48.21
N ARG A 357 -2.82 11.54 47.72
CA ARG A 357 -3.14 11.62 46.30
C ARG A 357 -2.40 12.79 45.67
N ILE A 358 -1.67 12.51 44.59
CA ILE A 358 -0.87 13.51 43.88
C ILE A 358 -1.57 13.80 42.57
N SER A 359 -2.05 15.03 42.40
CA SER A 359 -2.77 15.39 41.18
C SER A 359 -2.55 16.87 40.88
N ASN A 360 -2.48 17.18 39.59
CA ASN A 360 -2.39 18.55 39.07
C ASN A 360 -1.18 19.31 39.63
N CYS A 361 0.00 18.79 39.30
CA CYS A 361 1.25 19.40 39.71
C CYS A 361 2.36 18.70 38.94
N VAL A 362 3.41 19.46 38.59
CA VAL A 362 4.57 18.84 37.97
C VAL A 362 5.35 18.05 39.02
N ALA A 363 5.58 16.78 38.73
CA ALA A 363 6.21 15.85 39.67
C ALA A 363 7.72 15.90 39.49
N ASP A 364 8.41 16.54 40.43
CA ASP A 364 9.86 16.61 40.43
C ASP A 364 10.42 15.47 41.27
N TYR A 365 10.97 14.45 40.60
CA TYR A 365 11.51 13.27 41.26
C TYR A 365 12.97 13.43 41.65
N SER A 366 13.57 14.61 41.47
CA SER A 366 14.97 14.80 41.81
C SER A 366 15.22 14.73 43.30
N VAL A 367 14.16 14.76 44.12
CA VAL A 367 14.31 14.60 45.57
C VAL A 367 14.59 13.14 45.92
N LEU A 368 14.34 12.21 45.00
CA LEU A 368 14.70 10.82 45.21
C LEU A 368 16.11 10.53 44.71
N TYR A 369 16.55 11.27 43.68
CA TYR A 369 17.89 11.08 43.14
C TYR A 369 18.94 11.73 44.04
N ASN A 370 18.73 13.00 44.41
CA ASN A 370 19.72 13.71 45.20
C ASN A 370 19.84 13.14 46.60
N SER A 371 18.70 12.91 47.27
CA SER A 371 18.69 12.42 48.64
C SER A 371 19.23 11.00 48.67
N ALA A 372 20.50 10.85 49.02
CA ALA A 372 21.14 9.54 49.18
C ALA A 372 20.86 8.90 50.53
N SER A 373 19.98 9.50 51.34
CA SER A 373 19.67 8.99 52.67
C SER A 373 18.68 7.83 52.65
N PHE A 374 18.50 7.17 51.50
CA PHE A 374 17.55 6.08 51.37
C PHE A 374 18.27 4.74 51.49
N SER A 375 17.68 3.82 52.24
CA SER A 375 18.26 2.49 52.43
C SER A 375 17.81 1.52 51.34
N THR A 376 16.52 1.46 51.07
CA THR A 376 15.96 0.55 50.07
C THR A 376 15.27 1.36 48.99
N PHE A 377 15.64 1.11 47.74
CA PHE A 377 15.07 1.81 46.60
C PHE A 377 14.91 0.78 45.47
N LYS A 378 13.68 0.33 45.26
CA LYS A 378 13.39 -0.66 44.23
C LYS A 378 12.13 -0.23 43.48
N CYS A 379 12.19 -0.32 42.15
CA CYS A 379 11.08 0.04 41.29
C CYS A 379 10.60 -1.18 40.53
N TYR A 380 9.31 -1.17 40.16
CA TYR A 380 8.69 -2.28 39.44
C TYR A 380 7.83 -1.70 38.33
N GLY A 381 7.99 -2.25 37.12
CA GLY A 381 7.18 -1.86 35.99
C GLY A 381 7.61 -0.58 35.32
N VAL A 382 8.43 0.24 35.98
CA VAL A 382 8.89 1.51 35.43
C VAL A 382 10.29 1.78 35.95
N SER A 383 11.07 2.52 35.18
CA SER A 383 12.43 2.82 35.61
C SER A 383 12.52 4.24 36.17
N PRO A 384 13.27 4.44 37.26
CA PRO A 384 13.32 5.77 37.87
C PRO A 384 13.98 6.81 36.98
N THR A 385 14.93 6.41 36.13
CA THR A 385 15.59 7.37 35.24
C THR A 385 14.62 7.91 34.21
N LYS A 386 13.86 7.02 33.57
CA LYS A 386 12.82 7.40 32.61
C LYS A 386 11.49 7.70 33.29
N LEU A 387 11.53 8.49 34.36
CA LEU A 387 10.31 8.85 35.10
C LEU A 387 9.99 10.33 35.04
N ASN A 388 10.99 11.20 34.93
CA ASN A 388 10.74 12.63 34.82
C ASN A 388 10.25 13.04 33.45
N ASP A 389 10.22 12.10 32.48
CA ASP A 389 9.69 12.36 31.15
C ASP A 389 8.58 11.39 30.79
N LEU A 390 7.59 11.26 31.68
CA LEU A 390 6.48 10.33 31.46
C LEU A 390 5.28 10.83 32.26
N CYS A 391 4.12 10.81 31.63
CA CYS A 391 2.89 11.29 32.25
C CYS A 391 2.09 10.16 32.87
N PHE A 392 1.29 10.52 33.87
CA PHE A 392 0.42 9.57 34.55
C PHE A 392 -0.89 10.28 34.90
N THR A 393 -1.99 9.52 34.91
CA THR A 393 -3.27 10.08 35.29
C THR A 393 -3.28 10.50 36.75
N ASN A 394 -2.78 9.63 37.63
CA ASN A 394 -2.70 9.91 39.05
C ASN A 394 -1.51 9.17 39.64
N VAL A 395 -0.99 9.71 40.75
CA VAL A 395 0.07 9.06 41.52
C VAL A 395 -0.38 8.97 42.97
N TYR A 396 -0.24 7.80 43.56
CA TYR A 396 -0.62 7.54 44.94
C TYR A 396 0.62 7.31 45.79
N ALA A 397 0.70 8.00 46.92
CA ALA A 397 1.84 7.91 47.83
C ALA A 397 1.37 7.27 49.13
N ASP A 398 1.70 5.99 49.32
CA ASP A 398 1.37 5.26 50.53
C ASP A 398 2.56 5.27 51.47
N SER A 399 2.31 5.54 52.74
CA SER A 399 3.37 5.66 53.73
C SER A 399 2.99 4.93 55.00
N PHE A 400 3.96 4.23 55.58
CA PHE A 400 3.75 3.48 56.82
C PHE A 400 5.13 3.19 57.42
N VAL A 401 5.14 2.39 58.48
CA VAL A 401 6.37 2.07 59.20
C VAL A 401 6.38 0.57 59.49
N ILE A 402 7.49 -0.08 59.15
CA ILE A 402 7.73 -1.49 59.44
C ILE A 402 9.19 -1.66 59.87
N ARG A 403 9.57 -2.90 60.16
CA ARG A 403 10.92 -3.23 60.53
C ARG A 403 11.69 -3.77 59.33
N GLY A 404 13.01 -3.93 59.52
CA GLY A 404 13.88 -4.27 58.40
C GLY A 404 13.55 -5.61 57.78
N ASP A 405 13.21 -6.60 58.60
CA ASP A 405 12.87 -7.93 58.08
C ASP A 405 11.60 -7.92 57.23
N GLU A 406 10.79 -6.87 57.33
CA GLU A 406 9.54 -6.79 56.59
C GLU A 406 9.60 -5.86 55.40
N VAL A 407 10.70 -5.11 55.22
CA VAL A 407 10.83 -4.22 54.08
C VAL A 407 10.83 -5.02 52.78
N ARG A 408 11.44 -6.19 52.78
CA ARG A 408 11.47 -7.05 51.61
C ARG A 408 10.07 -7.52 51.19
N GLN A 409 9.10 -7.47 52.10
CA GLN A 409 7.74 -7.90 51.79
C GLN A 409 6.95 -6.88 51.00
N ILE A 410 7.41 -5.63 50.93
CA ILE A 410 6.70 -4.62 50.16
C ILE A 410 7.11 -4.72 48.69
N ALA A 411 6.56 -5.73 48.01
CA ALA A 411 6.89 -5.98 46.62
C ALA A 411 5.83 -6.91 46.04
N PRO A 412 5.58 -6.87 44.74
CA PRO A 412 4.61 -7.80 44.14
C PRO A 412 5.09 -9.25 44.29
N GLY A 413 4.12 -10.14 44.52
CA GLY A 413 4.45 -11.54 44.66
C GLY A 413 5.11 -11.92 45.96
N GLN A 414 4.91 -11.14 47.02
CA GLN A 414 5.50 -11.42 48.32
C GLN A 414 4.43 -11.91 49.29
N THR A 415 4.88 -12.70 50.27
CA THR A 415 4.00 -13.24 51.29
C THR A 415 4.58 -12.95 52.67
N GLY A 416 3.70 -12.94 53.66
CA GLY A 416 4.09 -12.65 55.02
C GLY A 416 2.99 -11.90 55.73
N LYS A 417 3.26 -11.55 56.99
CA LYS A 417 2.27 -10.84 57.79
C LYS A 417 1.93 -9.48 57.18
N ILE A 418 2.95 -8.77 56.68
CA ILE A 418 2.73 -7.43 56.14
C ILE A 418 2.05 -7.51 54.79
N ALA A 419 2.54 -8.39 53.91
CA ALA A 419 1.99 -8.48 52.56
C ALA A 419 0.56 -8.99 52.58
N ASP A 420 0.25 -9.94 53.46
CA ASP A 420 -1.07 -10.56 53.47
C ASP A 420 -2.08 -9.85 54.36
N TYR A 421 -1.63 -9.25 55.48
CA TYR A 421 -2.56 -8.73 56.47
C TYR A 421 -2.50 -7.22 56.65
N ASN A 422 -1.50 -6.54 56.07
CA ASN A 422 -1.33 -5.12 56.33
C ASN A 422 -1.31 -4.29 55.05
N TYR A 423 -0.49 -4.69 54.09
CA TYR A 423 -0.35 -3.94 52.85
C TYR A 423 0.00 -4.90 51.72
N LYS A 424 -0.88 -5.00 50.73
CA LYS A 424 -0.70 -5.93 49.62
C LYS A 424 -0.58 -5.14 48.32
N LEU A 425 0.45 -5.46 47.53
CA LEU A 425 0.69 -4.93 46.20
C LEU A 425 0.30 -5.94 45.13
N PRO A 426 -0.39 -5.50 44.08
CA PRO A 426 -0.85 -6.42 43.03
C PRO A 426 0.32 -7.00 42.25
N ASP A 427 0.03 -8.08 41.52
CA ASP A 427 1.07 -8.75 40.75
C ASP A 427 1.55 -7.89 39.59
N ASP A 428 0.69 -7.01 39.08
CA ASP A 428 1.03 -6.09 38.01
C ASP A 428 1.32 -4.69 38.52
N PHE A 429 1.85 -4.57 39.74
CA PHE A 429 2.14 -3.27 40.32
C PHE A 429 3.19 -2.53 39.49
N THR A 430 2.94 -1.24 39.27
CA THR A 430 3.82 -0.38 38.49
C THR A 430 4.19 0.82 39.35
N GLY A 431 5.36 0.77 39.97
CA GLY A 431 5.79 1.87 40.80
C GLY A 431 7.14 1.59 41.43
N CYS A 432 7.44 2.36 42.48
CA CYS A 432 8.71 2.27 43.18
C CYS A 432 8.46 2.15 44.68
N VAL A 433 9.35 1.42 45.35
CA VAL A 433 9.30 1.23 46.79
C VAL A 433 10.55 1.85 47.39
N ILE A 434 10.37 2.76 48.34
CA ILE A 434 11.46 3.49 48.97
C ILE A 434 11.37 3.31 50.47
N ALA A 435 12.51 3.06 51.11
CA ALA A 435 12.56 2.87 52.56
C ALA A 435 13.91 3.32 53.08
N TRP A 436 13.93 3.78 54.32
CA TRP A 436 15.16 4.22 54.97
C TRP A 436 15.06 3.95 56.47
N ASN A 437 16.21 3.76 57.10
CA ASN A 437 16.25 3.44 58.52
C ASN A 437 15.85 4.65 59.34
N SER A 438 14.74 4.54 60.05
CA SER A 438 14.21 5.62 60.89
C SER A 438 14.34 5.26 62.38
N ASN A 439 15.45 4.63 62.76
CA ASN A 439 15.64 4.25 64.16
C ASN A 439 15.83 5.47 65.05
N ASN A 440 16.33 6.57 64.49
CA ASN A 440 16.56 7.77 65.30
C ASN A 440 15.25 8.47 65.65
N LEU A 441 14.22 8.29 64.84
CA LEU A 441 12.95 8.99 65.03
C LEU A 441 11.86 8.11 65.64
N ASP A 442 11.75 6.85 65.19
CA ASP A 442 10.65 5.97 65.61
C ASP A 442 11.09 4.97 66.67
N SER A 443 11.93 5.40 67.61
CA SER A 443 12.40 4.54 68.69
C SER A 443 12.50 5.37 69.97
N LYS A 444 12.04 4.78 71.08
CA LYS A 444 12.12 5.41 72.39
C LYS A 444 12.95 4.53 73.32
N VAL A 445 13.48 5.15 74.38
CA VAL A 445 14.29 4.42 75.34
C VAL A 445 13.46 3.34 76.04
N GLY A 446 12.17 3.59 76.24
CA GLY A 446 11.26 2.61 76.80
C GLY A 446 10.52 1.78 75.78
N GLY A 447 10.90 1.87 74.51
CA GLY A 447 10.23 1.14 73.46
C GLY A 447 9.07 1.91 72.88
N ASN A 448 9.12 2.19 71.58
CA ASN A 448 8.03 2.89 70.89
C ASN A 448 6.99 1.88 70.48
N TYR A 449 5.82 1.92 71.13
CA TYR A 449 4.73 0.99 70.87
C TYR A 449 3.56 1.65 70.15
N ASN A 450 3.78 2.83 69.57
CA ASN A 450 2.71 3.52 68.88
C ASN A 450 2.45 2.96 67.48
N TYR A 451 3.42 2.28 66.89
CA TYR A 451 3.26 1.68 65.57
C TYR A 451 2.77 0.25 65.72
N LEU A 452 1.61 -0.04 65.16
CA LEU A 452 0.98 -1.34 65.28
C LEU A 452 0.99 -2.07 63.94
N TYR A 453 0.57 -3.33 63.97
CA TYR A 453 0.43 -4.13 62.77
C TYR A 453 -0.59 -5.23 63.02
N ARG A 454 -1.33 -5.58 61.97
CA ARG A 454 -2.33 -6.63 62.09
C ARG A 454 -1.65 -7.99 62.14
N LEU A 455 -2.03 -8.79 63.12
CA LEU A 455 -1.42 -10.10 63.34
C LEU A 455 -2.26 -11.25 62.79
N PHE A 456 -3.58 -11.18 62.93
CA PHE A 456 -4.48 -12.21 62.43
C PHE A 456 -5.51 -11.60 61.49
N ARG A 457 -5.97 -12.41 60.54
CA ARG A 457 -7.04 -12.04 59.64
C ARG A 457 -7.59 -13.30 59.00
N LYS A 458 -8.91 -13.33 58.81
CA LYS A 458 -9.56 -14.52 58.25
C LYS A 458 -9.21 -14.72 56.79
N SER A 459 -8.74 -13.69 56.09
CA SER A 459 -8.36 -13.81 54.69
C SER A 459 -7.27 -12.79 54.37
N ASN A 460 -6.59 -13.01 53.25
CA ASN A 460 -5.53 -12.10 52.83
C ASN A 460 -6.12 -10.85 52.19
N LEU A 461 -5.46 -9.71 52.42
CA LEU A 461 -5.92 -8.45 51.87
C LEU A 461 -5.83 -8.44 50.35
N LYS A 462 -6.79 -7.79 49.71
CA LYS A 462 -6.73 -7.51 48.29
C LYS A 462 -5.69 -6.41 48.04
N PRO A 463 -5.20 -6.29 46.80
CA PRO A 463 -4.21 -5.24 46.50
C PRO A 463 -4.74 -3.86 46.85
N PHE A 464 -3.88 -3.08 47.53
CA PHE A 464 -4.21 -1.71 47.94
C PHE A 464 -5.45 -1.67 48.82
N GLU A 465 -5.54 -2.60 49.77
CA GLU A 465 -6.62 -2.63 50.74
C GLU A 465 -6.12 -2.17 52.11
N ARG A 466 -6.95 -1.41 52.82
CA ARG A 466 -6.61 -0.87 54.12
C ARG A 466 -7.65 -1.36 55.13
N ASP A 467 -7.25 -2.30 55.99
CA ASP A 467 -8.13 -2.86 57.01
C ASP A 467 -7.70 -2.32 58.37
N ILE A 468 -8.62 -1.63 59.04
CA ILE A 468 -8.40 -1.09 60.37
C ILE A 468 -9.40 -1.62 61.39
N SER A 469 -10.13 -2.68 61.04
CA SER A 469 -11.10 -3.25 61.97
C SER A 469 -10.39 -3.98 63.09
N THR A 470 -10.91 -3.82 64.31
CA THR A 470 -10.36 -4.46 65.50
C THR A 470 -11.23 -5.60 66.00
N GLU A 471 -11.88 -6.31 65.09
CA GLU A 471 -12.72 -7.45 65.48
C GLU A 471 -11.85 -8.57 66.06
N ILE A 472 -12.34 -9.19 67.12
CA ILE A 472 -11.61 -10.26 67.77
C ILE A 472 -11.54 -11.46 66.83
N TYR A 473 -10.33 -11.91 66.52
CA TYR A 473 -10.16 -13.01 65.58
C TYR A 473 -10.55 -14.33 66.23
N GLN A 474 -11.39 -15.09 65.53
CA GLN A 474 -11.83 -16.42 65.98
C GLN A 474 -10.93 -17.47 65.34
N ALA A 475 -10.05 -18.07 66.13
CA ALA A 475 -9.16 -19.10 65.64
C ALA A 475 -9.64 -20.51 65.93
N GLY A 476 -10.58 -20.66 66.86
CA GLY A 476 -11.10 -21.96 67.23
C GLY A 476 -12.57 -22.13 66.94
N SER A 477 -13.15 -23.22 67.44
CA SER A 477 -14.56 -23.47 67.21
C SER A 477 -15.46 -22.56 68.04
N THR A 478 -15.00 -22.15 69.21
CA THR A 478 -15.81 -21.28 70.07
C THR A 478 -15.88 -19.87 69.50
N PRO A 479 -17.06 -19.35 69.21
CA PRO A 479 -17.17 -18.00 68.64
C PRO A 479 -16.90 -16.93 69.69
N CYS A 480 -16.21 -15.87 69.27
CA CYS A 480 -15.92 -14.74 70.15
C CYS A 480 -16.99 -13.67 69.95
N ASN A 481 -17.75 -13.39 71.01
CA ASN A 481 -18.79 -12.36 70.96
C ASN A 481 -18.21 -10.97 71.28
N GLY A 482 -17.08 -10.64 70.67
CA GLY A 482 -16.39 -9.41 70.96
C GLY A 482 -15.47 -9.47 72.16
N VAL A 483 -15.37 -10.63 72.81
CA VAL A 483 -14.52 -10.81 73.97
C VAL A 483 -13.31 -11.63 73.56
N GLU A 484 -12.22 -11.46 74.31
CA GLU A 484 -10.99 -12.19 74.06
C GLU A 484 -10.89 -13.39 74.98
N GLY A 485 -9.99 -14.29 74.65
CA GLY A 485 -9.74 -15.47 75.46
C GLY A 485 -9.30 -16.63 74.58
N PHE A 486 -9.83 -17.81 74.89
CA PHE A 486 -9.45 -19.05 74.21
C PHE A 486 -9.71 -18.97 72.71
N ASN A 487 -8.65 -18.96 71.91
CA ASN A 487 -8.74 -18.84 70.45
C ASN A 487 -9.48 -17.57 70.04
N CYS A 488 -9.33 -16.51 70.83
CA CYS A 488 -9.95 -15.22 70.57
C CYS A 488 -8.90 -14.13 70.82
N TYR A 489 -8.23 -13.69 69.75
CA TYR A 489 -7.10 -12.80 69.86
C TYR A 489 -7.45 -11.41 69.35
N PHE A 490 -6.76 -10.41 69.87
CA PHE A 490 -6.88 -9.06 69.34
C PHE A 490 -6.12 -9.00 68.03
N PRO A 491 -6.70 -8.41 66.97
CA PRO A 491 -6.08 -8.53 65.65
C PRO A 491 -4.83 -7.67 65.48
N LEU A 492 -4.65 -6.65 66.31
CA LEU A 492 -3.54 -5.71 66.17
C LEU A 492 -2.47 -6.02 67.20
N GLN A 493 -1.21 -6.03 66.75
CA GLN A 493 -0.06 -6.20 67.61
C GLN A 493 0.86 -4.99 67.49
N SER A 494 1.54 -4.66 68.57
CA SER A 494 2.39 -3.47 68.63
C SER A 494 3.84 -3.85 68.36
N TYR A 495 4.52 -3.02 67.58
CA TYR A 495 5.93 -3.22 67.32
C TYR A 495 6.77 -2.87 68.55
N GLY A 496 7.90 -3.57 68.68
CA GLY A 496 8.86 -3.23 69.72
C GLY A 496 10.08 -2.53 69.14
N PHE A 497 10.09 -1.20 69.21
CA PHE A 497 11.15 -0.40 68.62
C PHE A 497 12.00 0.19 69.73
N GLN A 498 13.20 -0.35 69.91
CA GLN A 498 14.17 0.15 70.88
C GLN A 498 15.44 0.59 70.16
N PRO A 499 16.21 1.51 70.75
CA PRO A 499 17.45 1.96 70.09
C PRO A 499 18.47 0.84 69.92
N THR A 500 18.48 -0.14 70.80
CA THR A 500 19.43 -1.24 70.74
C THR A 500 18.91 -2.43 69.93
N ASN A 501 17.81 -2.27 69.21
CA ASN A 501 17.27 -3.35 68.40
C ASN A 501 18.23 -3.69 67.27
N GLY A 502 18.20 -4.96 66.85
CA GLY A 502 18.89 -5.37 65.65
C GLY A 502 18.34 -4.68 64.42
N VAL A 503 19.20 -4.60 63.39
CA VAL A 503 18.84 -3.87 62.17
C VAL A 503 17.56 -4.42 61.56
N GLY A 504 17.33 -5.74 61.69
CA GLY A 504 16.10 -6.31 61.19
C GLY A 504 14.88 -5.91 61.99
N TYR A 505 15.05 -5.55 63.26
CA TYR A 505 13.96 -5.14 64.14
C TYR A 505 13.92 -3.64 64.38
N GLN A 506 14.72 -2.86 63.65
CA GLN A 506 14.65 -1.41 63.79
C GLN A 506 13.56 -0.84 62.89
N PRO A 507 12.97 0.29 63.25
CA PRO A 507 11.88 0.84 62.44
C PRO A 507 12.39 1.39 61.12
N TYR A 508 11.54 1.25 60.09
CA TYR A 508 11.83 1.75 58.76
C TYR A 508 10.60 2.46 58.23
N ARG A 509 10.78 3.67 57.71
CA ARG A 509 9.69 4.42 57.10
C ARG A 509 9.67 4.13 55.61
N VAL A 510 8.55 3.59 55.13
CA VAL A 510 8.41 3.15 53.75
C VAL A 510 7.47 4.10 53.03
N VAL A 511 7.84 4.47 51.81
CA VAL A 511 6.99 5.26 50.93
C VAL A 511 6.85 4.50 49.62
N VAL A 512 5.62 4.21 49.22
CA VAL A 512 5.34 3.42 48.03
C VAL A 512 4.62 4.33 47.04
N LEU A 513 5.31 4.70 45.97
CA LEU A 513 4.71 5.48 44.90
C LEU A 513 4.16 4.54 43.84
N SER A 514 2.89 4.70 43.51
CA SER A 514 2.22 3.89 42.50
C SER A 514 1.68 4.79 41.40
N PHE A 515 1.88 4.36 40.16
CA PHE A 515 1.52 5.14 38.99
C PHE A 515 0.42 4.40 38.22
N GLU A 516 -0.67 5.11 37.94
CA GLU A 516 -1.76 4.57 37.14
C GLU A 516 -1.94 5.40 35.87
N LEU A 517 -2.33 4.73 34.80
CA LEU A 517 -2.60 5.37 33.52
C LEU A 517 -3.92 4.82 32.99
N LEU A 518 -4.96 5.64 33.06
CA LEU A 518 -6.30 5.29 32.62
C LEU A 518 -6.62 6.03 31.33
N HIS A 519 -7.82 5.78 30.78
CA HIS A 519 -8.28 6.48 29.60
C HIS A 519 -8.86 7.85 29.98
N ALA A 520 -8.01 8.64 30.63
CA ALA A 520 -8.36 9.96 31.14
C ALA A 520 -7.16 10.87 30.97
N PRO A 521 -7.36 12.18 31.00
CA PRO A 521 -6.21 13.10 30.92
C PRO A 521 -5.21 12.89 32.05
N ALA A 522 -3.93 13.01 31.71
CA ALA A 522 -2.83 12.84 32.66
C ALA A 522 -2.39 14.22 33.17
N THR A 523 -2.58 14.46 34.47
CA THR A 523 -2.22 15.76 35.03
C THR A 523 -0.83 15.78 35.66
N VAL A 524 -0.28 14.61 35.97
CA VAL A 524 1.02 14.47 36.64
C VAL A 524 1.98 13.90 35.60
N CYS A 525 2.94 14.71 35.14
CA CYS A 525 3.92 14.19 34.20
C CYS A 525 5.33 14.23 34.76
N GLY A 526 6.00 15.37 34.71
CA GLY A 526 7.34 15.48 35.25
C GLY A 526 8.07 16.70 34.72
N PRO A 527 8.93 17.31 35.54
CA PRO A 527 9.62 18.51 35.08
C PRO A 527 10.49 18.26 33.85
N LYS A 528 10.92 19.34 33.21
CA LYS A 528 11.79 19.26 32.06
C LYS A 528 12.70 20.48 32.03
N LYS A 529 14.01 20.27 32.16
CA LYS A 529 14.95 21.36 32.09
C LYS A 529 14.84 22.10 30.78
N SER A 530 15.07 23.41 30.83
CA SER A 530 15.13 24.26 29.65
C SER A 530 16.58 24.62 29.37
N THR A 531 16.81 25.15 28.18
CA THR A 531 18.13 25.60 27.78
C THR A 531 18.10 27.09 27.47
N ASN A 532 19.26 27.66 27.22
CA ASN A 532 19.31 29.06 26.87
C ASN A 532 18.81 29.25 25.43
N LEU A 533 18.35 30.45 25.14
CA LEU A 533 17.82 30.78 23.82
C LEU A 533 18.86 31.56 23.03
N VAL A 534 19.09 31.16 21.79
CA VAL A 534 20.07 31.79 20.92
C VAL A 534 19.35 32.46 19.77
N LYS A 535 19.56 33.77 19.61
CA LYS A 535 18.90 34.56 18.58
C LYS A 535 19.79 34.71 17.36
N ASN A 536 19.14 34.93 16.21
CA ASN A 536 19.83 35.21 14.94
C ASN A 536 20.74 34.08 14.50
N LYS A 537 20.40 32.84 14.86
CA LYS A 537 21.17 31.68 14.43
C LYS A 537 20.22 30.55 14.07
N CYS A 538 20.63 29.71 13.13
CA CYS A 538 19.82 28.56 12.74
C CYS A 538 19.85 27.53 13.87
N VAL A 539 18.70 27.28 14.47
CA VAL A 539 18.59 26.37 15.60
C VAL A 539 17.40 25.45 15.40
N ASN A 540 17.43 24.31 16.11
CA ASN A 540 16.32 23.37 16.18
C ASN A 540 15.59 23.66 17.48
N PHE A 541 14.43 24.29 17.40
CA PHE A 541 13.73 24.79 18.57
C PHE A 541 12.59 23.87 18.97
N ASN A 542 12.22 23.96 20.26
CA ASN A 542 11.08 23.22 20.81
C ASN A 542 10.38 24.15 21.79
N PHE A 543 9.23 24.69 21.39
CA PHE A 543 8.43 25.58 22.23
C PHE A 543 7.15 24.87 22.63
N ASN A 544 7.07 24.48 23.91
CA ASN A 544 5.90 23.80 24.47
C ASN A 544 5.52 22.56 23.66
N GLY A 545 6.52 21.84 23.17
CA GLY A 545 6.30 20.64 22.40
C GLY A 545 6.25 20.84 20.90
N LEU A 546 6.20 22.07 20.42
CA LEU A 546 6.18 22.36 18.99
C LEU A 546 7.62 22.52 18.52
N THR A 547 8.03 21.69 17.58
CA THR A 547 9.42 21.67 17.13
C THR A 547 9.54 22.16 15.70
N GLY A 548 10.76 22.55 15.35
CA GLY A 548 11.06 22.99 14.01
C GLY A 548 12.45 23.58 13.94
N THR A 549 12.82 23.98 12.73
CA THR A 549 14.13 24.57 12.48
C THR A 549 13.94 25.96 11.86
N GLY A 550 14.69 26.93 12.36
CA GLY A 550 14.58 28.28 11.84
C GLY A 550 15.39 29.25 12.67
N VAL A 551 15.41 30.49 12.20
CA VAL A 551 16.12 31.58 12.86
C VAL A 551 15.15 32.34 13.76
N LEU A 552 15.50 32.48 15.03
CA LEU A 552 14.65 33.17 16.01
C LEU A 552 15.14 34.61 16.15
N THR A 553 14.27 35.56 15.86
CA THR A 553 14.59 36.98 15.93
C THR A 553 13.55 37.71 16.77
N GLU A 554 13.87 38.94 17.15
CA GLU A 554 12.90 39.77 17.86
C GLU A 554 11.79 40.20 16.91
N SER A 555 10.62 40.44 17.48
CA SER A 555 9.45 40.81 16.69
C SER A 555 8.67 41.90 17.39
N ASN A 556 7.77 42.54 16.63
CA ASN A 556 6.86 43.56 17.15
C ASN A 556 5.41 43.12 17.02
N LYS A 557 5.16 41.81 17.01
CA LYS A 557 3.81 41.29 16.90
C LYS A 557 3.14 41.24 18.27
N LYS A 558 1.99 41.91 18.39
CA LYS A 558 1.27 42.03 19.65
C LYS A 558 0.33 40.83 19.80
N PHE A 559 0.87 39.76 20.38
CA PHE A 559 0.05 38.59 20.68
C PHE A 559 -0.89 38.88 21.83
N LEU A 560 -2.09 38.29 21.77
CA LEU A 560 -3.01 38.43 22.89
C LEU A 560 -2.60 37.46 24.01
N PRO A 561 -2.95 37.80 25.26
CA PRO A 561 -2.52 36.96 26.40
C PRO A 561 -2.84 35.49 26.28
N PHE A 562 -3.89 35.11 25.54
CA PHE A 562 -4.25 33.70 25.40
C PHE A 562 -3.61 33.03 24.19
N GLN A 563 -2.97 33.80 23.32
CA GLN A 563 -2.41 33.26 22.08
C GLN A 563 -0.96 32.87 22.31
N GLN A 564 -0.59 31.69 21.85
CA GLN A 564 0.75 31.16 22.08
C GLN A 564 1.58 31.02 20.80
N PHE A 565 0.95 30.71 19.67
CA PHE A 565 1.68 30.49 18.43
C PHE A 565 1.05 31.33 17.33
N GLY A 566 1.87 31.74 16.37
CA GLY A 566 1.33 32.39 15.18
C GLY A 566 1.48 31.57 13.92
N ARG A 567 0.64 31.83 12.93
CA ARG A 567 0.71 31.14 11.65
C ARG A 567 0.52 32.12 10.51
N ASP A 568 1.10 31.78 9.36
CA ASP A 568 0.99 32.54 8.14
C ASP A 568 -0.12 31.98 7.26
N ILE A 569 -0.28 32.55 6.06
CA ILE A 569 -1.33 32.13 5.15
C ILE A 569 -1.18 30.65 4.80
N ALA A 570 0.06 30.17 4.72
CA ALA A 570 0.33 28.79 4.36
C ALA A 570 0.13 27.83 5.52
N ASP A 571 -0.32 28.32 6.68
CA ASP A 571 -0.55 27.56 7.91
C ASP A 571 0.74 27.12 8.59
N THR A 572 1.90 27.61 8.14
CA THR A 572 3.14 27.30 8.81
C THR A 572 3.33 28.22 10.01
N THR A 573 4.21 27.83 10.92
CA THR A 573 4.43 28.63 12.12
C THR A 573 5.20 29.89 11.76
N ASP A 574 4.65 31.04 12.16
CA ASP A 574 5.27 32.33 11.91
C ASP A 574 6.04 32.85 13.12
N ALA A 575 5.49 32.69 14.33
CA ALA A 575 6.14 33.21 15.52
C ALA A 575 5.63 32.45 16.73
N VAL A 576 6.42 32.47 17.80
CA VAL A 576 6.06 31.85 19.06
C VAL A 576 6.33 32.82 20.21
N ARG A 577 5.61 32.62 21.31
CA ARG A 577 5.84 33.36 22.55
C ARG A 577 6.70 32.51 23.48
N ASP A 578 7.83 33.06 23.90
CA ASP A 578 8.75 32.34 24.77
C ASP A 578 8.05 32.02 26.10
N PRO A 579 7.98 30.75 26.50
CA PRO A 579 7.21 30.40 27.70
C PRO A 579 7.78 30.95 29.00
N GLN A 580 9.03 31.40 29.02
CA GLN A 580 9.65 31.92 30.23
C GLN A 580 9.59 33.44 30.31
N THR A 581 9.85 34.12 29.20
CA THR A 581 9.79 35.59 29.13
C THR A 581 8.79 35.96 28.04
N LEU A 582 7.75 36.70 28.41
CA LEU A 582 6.60 36.89 27.54
C LEU A 582 6.94 37.90 26.45
N GLU A 583 7.78 37.45 25.52
CA GLU A 583 8.14 38.20 24.33
C GLU A 583 7.80 37.36 23.11
N ILE A 584 7.59 38.01 21.98
CA ILE A 584 7.22 37.34 20.74
C ILE A 584 8.46 37.25 19.86
N LEU A 585 8.77 36.03 19.42
CA LEU A 585 9.93 35.76 18.58
C LEU A 585 9.47 35.28 17.21
N ASP A 586 10.01 35.89 16.16
CA ASP A 586 9.71 35.45 14.80
C ASP A 586 10.53 34.23 14.45
N ILE A 587 9.93 33.32 13.67
CA ILE A 587 10.60 32.12 13.20
C ILE A 587 10.76 32.25 11.69
N THR A 588 12.00 32.41 11.26
CA THR A 588 12.34 32.49 9.84
C THR A 588 13.12 31.24 9.48
N PRO A 589 12.58 30.38 8.61
CA PRO A 589 13.29 29.15 8.23
C PRO A 589 14.71 29.45 7.75
N CYS A 590 15.62 28.54 8.08
CA CYS A 590 17.04 28.78 7.82
C CYS A 590 17.29 28.94 6.32
N SER A 591 18.23 29.82 5.98
CA SER A 591 18.48 30.17 4.59
C SER A 591 18.70 28.93 3.73
N PHE A 592 18.08 28.95 2.54
CA PHE A 592 18.15 27.84 1.61
C PHE A 592 18.03 28.41 0.21
N GLY A 593 18.33 27.58 -0.78
CA GLY A 593 18.19 28.00 -2.16
C GLY A 593 18.76 26.99 -3.13
N GLY A 594 19.83 27.40 -3.80
CA GLY A 594 20.31 26.73 -4.98
C GLY A 594 21.70 27.23 -5.29
N VAL A 595 22.52 26.40 -5.95
CA VAL A 595 23.85 26.79 -6.36
C VAL A 595 23.95 26.66 -7.86
N SER A 596 24.27 27.76 -8.54
CA SER A 596 24.41 27.79 -9.98
C SER A 596 25.86 28.10 -10.30
N VAL A 597 26.37 27.49 -11.36
CA VAL A 597 27.75 27.70 -11.79
C VAL A 597 27.76 28.45 -13.11
N ILE A 598 28.41 29.61 -13.11
CA ILE A 598 28.51 30.46 -14.29
C ILE A 598 29.89 30.23 -14.89
N THR A 599 29.93 29.69 -16.10
CA THR A 599 31.21 29.34 -16.68
C THR A 599 31.27 29.55 -18.18
N PRO A 600 32.41 30.02 -18.69
CA PRO A 600 32.67 29.92 -20.12
C PRO A 600 32.95 28.47 -20.47
N GLY A 601 32.83 28.14 -21.75
CA GLY A 601 33.00 26.75 -22.15
C GLY A 601 34.37 26.23 -21.80
N THR A 602 34.44 24.91 -21.56
CA THR A 602 35.70 24.26 -21.21
C THR A 602 36.73 24.29 -22.32
N ASN A 603 36.35 24.73 -23.53
CA ASN A 603 37.31 24.93 -24.60
C ASN A 603 38.10 26.22 -24.44
N THR A 604 37.75 27.04 -23.45
CA THR A 604 38.44 28.30 -23.18
C THR A 604 39.12 28.33 -21.82
N SER A 605 38.40 28.02 -20.74
CA SER A 605 38.97 28.14 -19.42
C SER A 605 38.20 27.25 -18.45
N ASN A 606 38.90 26.82 -17.40
CA ASN A 606 38.32 26.03 -16.32
C ASN A 606 37.98 26.88 -15.11
N GLN A 607 37.98 28.21 -15.26
CA GLN A 607 37.58 29.09 -14.17
C GLN A 607 36.07 29.24 -14.19
N VAL A 608 35.45 29.19 -13.01
CA VAL A 608 34.01 29.31 -12.88
C VAL A 608 33.67 30.33 -11.80
N ALA A 609 32.44 30.83 -11.89
CA ALA A 609 31.84 31.66 -10.86
C ALA A 609 30.62 30.93 -10.30
N VAL A 610 30.36 31.13 -9.01
CA VAL A 610 29.27 30.42 -8.34
C VAL A 610 28.24 31.42 -7.86
N LEU A 611 26.99 31.19 -8.22
CA LEU A 611 25.86 32.00 -7.78
C LEU A 611 25.05 31.20 -6.77
N TYR A 612 24.92 31.74 -5.56
CA TYR A 612 24.07 31.15 -4.53
C TYR A 612 22.74 31.89 -4.57
N GLN A 613 21.70 31.21 -5.05
CA GLN A 613 20.43 31.87 -5.36
C GLN A 613 19.67 32.29 -4.11
N ASP A 614 19.17 33.52 -4.13
CA ASP A 614 18.27 34.05 -3.10
C ASP A 614 18.84 33.93 -1.69
N VAL A 615 20.13 34.22 -1.54
CA VAL A 615 20.74 34.26 -0.22
C VAL A 615 21.55 35.55 -0.09
N ASN A 616 21.86 35.90 1.15
CA ASN A 616 22.76 37.00 1.45
C ASN A 616 24.18 36.48 1.46
N CYS A 617 25.15 37.37 1.21
CA CYS A 617 26.56 36.98 1.26
C CYS A 617 27.05 36.96 2.70
N THR A 618 26.38 36.12 3.50
CA THR A 618 26.68 36.01 4.92
C THR A 618 26.91 34.54 5.30
N GLU A 619 25.85 33.74 5.23
CA GLU A 619 25.93 32.33 5.59
C GLU A 619 26.93 31.57 4.73
N VAL A 620 27.16 32.02 3.51
CA VAL A 620 28.08 31.33 2.61
C VAL A 620 29.51 31.39 3.15
N ASN A 641 36.41 39.10 -3.28
CA ASN A 641 35.85 38.99 -4.62
C ASN A 641 34.42 38.44 -4.56
N VAL A 642 33.58 39.08 -3.75
CA VAL A 642 32.20 38.66 -3.53
C VAL A 642 31.29 39.82 -3.94
N PHE A 643 30.35 39.56 -4.84
CA PHE A 643 29.46 40.58 -5.38
C PHE A 643 28.02 40.20 -5.04
N GLN A 644 27.36 41.06 -4.26
CA GLN A 644 25.97 40.85 -3.87
C GLN A 644 25.05 41.42 -4.93
N THR A 645 24.17 40.59 -5.47
CA THR A 645 23.19 41.00 -6.47
C THR A 645 21.80 40.60 -5.99
N ARG A 646 20.78 41.06 -6.71
CA ARG A 646 19.41 40.69 -6.37
C ARG A 646 19.05 39.28 -6.82
N ALA A 647 19.93 38.62 -7.56
CA ALA A 647 19.72 37.24 -7.97
C ALA A 647 20.24 36.23 -6.96
N GLY A 648 21.01 36.68 -5.98
CA GLY A 648 21.71 35.84 -5.05
C GLY A 648 23.11 36.35 -4.83
N CYS A 649 23.92 35.56 -4.13
CA CYS A 649 25.29 35.93 -3.82
C CYS A 649 26.22 35.34 -4.87
N LEU A 650 26.87 36.20 -5.65
CA LEU A 650 27.72 35.79 -6.75
C LEU A 650 29.18 35.85 -6.33
N ILE A 651 29.85 34.71 -6.33
CA ILE A 651 31.23 34.58 -5.88
C ILE A 651 32.10 34.16 -7.04
N GLY A 652 33.18 34.90 -7.28
CA GLY A 652 34.14 34.60 -8.31
C GLY A 652 34.09 35.52 -9.52
N ALA A 653 33.00 36.26 -9.70
CA ALA A 653 32.87 37.20 -10.80
C ALA A 653 33.21 38.61 -10.34
N GLU A 654 34.03 39.31 -11.13
CA GLU A 654 34.39 40.69 -10.83
C GLU A 654 33.27 41.64 -11.29
N HIS A 655 32.90 42.58 -10.42
CA HIS A 655 31.87 43.54 -10.78
C HIS A 655 32.48 44.67 -11.59
N VAL A 656 31.97 44.87 -12.80
CA VAL A 656 32.49 45.87 -13.74
C VAL A 656 31.42 46.93 -13.95
N ASN A 657 31.81 48.20 -13.84
CA ASN A 657 30.86 49.30 -14.04
C ASN A 657 30.42 49.40 -15.50
N ASN A 658 31.28 49.01 -16.43
CA ASN A 658 30.95 49.12 -17.85
C ASN A 658 29.89 48.09 -18.23
N SER A 659 28.87 48.53 -18.95
CA SER A 659 27.82 47.65 -19.43
C SER A 659 28.21 47.03 -20.77
N TYR A 660 27.63 45.86 -21.05
CA TYR A 660 27.87 45.17 -22.31
C TYR A 660 26.59 44.43 -22.68
N GLU A 661 26.61 43.78 -23.84
CA GLU A 661 25.48 42.92 -24.21
C GLU A 661 25.46 41.70 -23.31
N CYS A 662 24.26 41.25 -22.97
CA CYS A 662 24.15 40.08 -22.09
C CYS A 662 24.74 38.85 -22.75
N ASP A 663 25.51 38.09 -21.98
CA ASP A 663 26.17 36.88 -22.49
C ASP A 663 25.66 35.67 -21.73
N ILE A 664 26.03 35.50 -20.46
CA ILE A 664 25.51 34.44 -19.61
C ILE A 664 24.53 35.08 -18.64
N PRO A 665 23.23 34.86 -18.79
CA PRO A 665 22.28 35.59 -17.94
C PRO A 665 22.32 35.07 -16.51
N ILE A 666 22.24 36.01 -15.56
CA ILE A 666 22.15 35.70 -14.14
C ILE A 666 20.75 35.95 -13.60
N GLY A 667 20.19 37.13 -13.90
CA GLY A 667 18.86 37.48 -13.45
C GLY A 667 18.82 38.88 -12.88
N ALA A 668 17.62 39.48 -12.84
CA ALA A 668 17.42 40.81 -12.28
C ALA A 668 18.32 41.86 -12.95
N GLY A 669 18.51 41.71 -14.26
CA GLY A 669 19.26 42.68 -15.03
C GLY A 669 20.76 42.45 -15.05
N ILE A 670 21.27 41.47 -14.32
CA ILE A 670 22.71 41.20 -14.24
C ILE A 670 23.06 40.04 -15.15
N CYS A 671 24.11 40.21 -15.95
CA CYS A 671 24.63 39.17 -16.81
C CYS A 671 26.13 39.03 -16.55
N ALA A 672 26.67 37.87 -16.89
CA ALA A 672 28.10 37.61 -16.72
C ALA A 672 28.72 37.14 -18.03
N SER A 673 30.02 37.38 -18.16
CA SER A 673 30.77 36.98 -19.35
C SER A 673 32.23 36.82 -18.97
N TYR A 674 32.98 36.21 -19.88
CA TYR A 674 34.42 35.99 -19.72
C TYR A 674 35.14 36.98 -20.62
N GLN A 675 35.78 37.98 -20.01
CA GLN A 675 36.39 39.08 -20.75
C GLN A 675 37.61 39.57 -19.97
N THR A 676 38.31 40.54 -20.56
CA THR A 676 39.49 41.13 -19.94
C THR A 676 39.14 42.37 -19.14
N SER A 689 45.18 37.30 -17.48
CA SER A 689 44.58 38.63 -17.56
C SER A 689 43.07 38.54 -17.68
N GLN A 690 42.58 37.43 -18.20
CA GLN A 690 41.15 37.22 -18.38
C GLN A 690 40.52 36.67 -17.11
N SER A 691 39.28 37.06 -16.86
CA SER A 691 38.53 36.56 -15.72
C SER A 691 37.05 36.72 -16.01
N ILE A 692 36.23 36.07 -15.18
CA ILE A 692 34.78 36.18 -15.30
C ILE A 692 34.33 37.47 -14.64
N ILE A 693 33.51 38.25 -15.35
CA ILE A 693 33.01 39.52 -14.83
C ILE A 693 31.49 39.48 -14.82
N ALA A 694 30.92 40.33 -13.98
CA ALA A 694 29.47 40.50 -13.87
C ALA A 694 29.14 41.98 -14.03
N TYR A 695 28.06 42.25 -14.74
CA TYR A 695 27.71 43.64 -15.05
C TYR A 695 26.22 43.73 -15.33
N THR A 696 25.72 44.96 -15.29
CA THR A 696 24.36 45.25 -15.73
C THR A 696 24.36 45.31 -17.26
N MET A 697 23.43 44.59 -17.88
CA MET A 697 23.40 44.55 -19.33
C MET A 697 22.97 45.90 -19.90
N SER A 698 23.44 46.18 -21.11
CA SER A 698 23.12 47.41 -21.83
C SER A 698 21.70 47.43 -22.37
N LEU A 699 21.47 46.71 -23.48
CA LEU A 699 20.25 46.50 -24.27
C LEU A 699 20.45 47.09 -25.66
N GLY A 700 21.63 47.61 -25.93
CA GLY A 700 21.95 48.21 -27.22
C GLY A 700 22.50 49.61 -27.07
N ALA A 701 23.06 50.08 -28.18
CA ALA A 701 23.61 51.43 -28.23
C ALA A 701 22.49 52.45 -28.18
N GLU A 702 22.79 53.61 -27.59
CA GLU A 702 21.84 54.71 -27.59
C GLU A 702 21.98 55.47 -28.89
N ASN A 703 20.84 55.75 -29.54
CA ASN A 703 20.87 56.40 -30.85
C ASN A 703 19.67 57.32 -30.97
N SER A 704 19.89 58.62 -30.77
CA SER A 704 18.81 59.58 -30.95
C SER A 704 18.53 59.75 -32.44
N VAL A 705 17.28 60.08 -32.75
CA VAL A 705 16.88 60.34 -34.13
C VAL A 705 16.82 61.84 -34.34
N ALA A 706 17.40 62.31 -35.44
CA ALA A 706 17.48 63.75 -35.72
C ALA A 706 16.12 64.25 -36.22
N TYR A 707 15.13 64.16 -35.34
CA TYR A 707 13.77 64.55 -35.70
C TYR A 707 13.64 66.07 -35.75
N SER A 708 12.92 66.55 -36.76
CA SER A 708 12.52 67.94 -36.86
C SER A 708 11.27 67.98 -37.72
N ASN A 709 10.59 69.13 -37.69
CA ASN A 709 9.32 69.26 -38.38
C ASN A 709 9.47 69.46 -39.89
N ASN A 710 10.68 69.64 -40.40
CA ASN A 710 10.87 69.83 -41.84
C ASN A 710 12.06 69.06 -42.39
N SER A 711 12.37 67.90 -41.82
CA SER A 711 13.50 67.10 -42.30
C SER A 711 13.08 65.64 -42.44
N ILE A 712 13.35 65.06 -43.61
CA ILE A 712 13.04 63.67 -43.91
C ILE A 712 14.30 62.97 -44.41
N ALA A 713 14.53 61.76 -43.95
CA ALA A 713 15.62 60.93 -44.46
C ALA A 713 15.03 59.89 -45.40
N ILE A 714 15.49 59.88 -46.65
CA ILE A 714 15.00 58.97 -47.67
C ILE A 714 16.18 58.16 -48.18
N PRO A 715 16.11 56.83 -48.20
CA PRO A 715 17.25 56.03 -48.63
C PRO A 715 17.60 56.27 -50.09
N THR A 716 18.90 56.35 -50.35
CA THR A 716 19.41 56.55 -51.71
C THR A 716 19.95 55.26 -52.32
N ASN A 717 20.22 54.26 -51.50
CA ASN A 717 20.75 52.98 -51.93
C ASN A 717 20.08 51.90 -51.09
N PHE A 718 20.24 50.65 -51.51
CA PHE A 718 19.59 49.55 -50.83
C PHE A 718 20.48 48.33 -50.85
N THR A 719 20.16 47.38 -49.97
CA THR A 719 20.82 46.09 -49.93
C THR A 719 19.77 44.99 -49.88
N ILE A 720 20.02 43.91 -50.61
CA ILE A 720 19.16 42.73 -50.58
C ILE A 720 19.79 41.74 -49.61
N SER A 721 19.03 41.36 -48.59
CA SER A 721 19.52 40.44 -47.57
C SER A 721 18.68 39.16 -47.58
N VAL A 722 19.32 38.07 -47.17
CA VAL A 722 18.66 36.78 -47.02
C VAL A 722 18.89 36.31 -45.59
N THR A 723 17.80 35.97 -44.90
CA THR A 723 17.86 35.50 -43.53
C THR A 723 17.35 34.08 -43.47
N THR A 724 17.74 33.37 -42.41
CA THR A 724 17.37 31.96 -42.24
C THR A 724 16.48 31.83 -41.02
N GLU A 725 15.27 31.31 -41.22
CA GLU A 725 14.34 31.01 -40.15
C GLU A 725 14.08 29.52 -40.12
N ILE A 726 14.35 28.89 -38.99
CA ILE A 726 14.24 27.44 -38.84
C ILE A 726 13.10 27.15 -37.86
N LEU A 727 12.15 26.32 -38.28
CA LEU A 727 11.02 25.98 -37.44
C LEU A 727 10.88 24.47 -37.34
N PRO A 728 10.65 23.93 -36.14
CA PRO A 728 10.26 22.53 -36.04
C PRO A 728 8.91 22.30 -36.70
N VAL A 729 8.75 21.13 -37.33
CA VAL A 729 7.50 20.73 -37.94
C VAL A 729 6.96 19.45 -37.32
N SER A 730 7.81 18.49 -37.03
CA SER A 730 7.38 17.19 -36.52
C SER A 730 8.33 16.74 -35.43
N MET A 731 7.91 15.70 -34.72
CA MET A 731 8.71 15.06 -33.69
C MET A 731 8.64 13.55 -33.88
N THR A 732 9.62 12.86 -33.31
CA THR A 732 9.72 11.41 -33.48
C THR A 732 8.43 10.71 -33.07
N LYS A 733 7.92 9.85 -33.96
CA LYS A 733 6.67 9.13 -33.75
C LYS A 733 6.93 7.90 -32.87
N THR A 734 7.07 8.14 -31.58
CA THR A 734 7.35 7.03 -30.69
C THR A 734 6.07 6.24 -30.41
N SER A 735 6.26 4.99 -30.00
CA SER A 735 5.14 4.13 -29.60
C SER A 735 5.62 3.23 -28.48
N VAL A 736 4.84 3.14 -27.41
CA VAL A 736 5.20 2.36 -26.24
C VAL A 736 4.13 1.29 -26.02
N ASP A 737 4.57 0.04 -25.93
CA ASP A 737 3.69 -1.08 -25.60
C ASP A 737 3.54 -1.10 -24.09
N CYS A 738 2.43 -0.54 -23.60
CA CYS A 738 2.27 -0.39 -22.15
C CYS A 738 2.30 -1.73 -21.42
N THR A 739 1.78 -2.78 -22.04
CA THR A 739 1.77 -4.09 -21.38
C THR A 739 3.17 -4.68 -21.31
N MET A 740 3.90 -4.65 -22.43
CA MET A 740 5.26 -5.19 -22.43
C MET A 740 6.18 -4.33 -21.57
N TYR A 741 5.97 -3.02 -21.57
CA TYR A 741 6.79 -2.14 -20.75
C TYR A 741 6.60 -2.44 -19.27
N ILE A 742 5.34 -2.50 -18.82
CA ILE A 742 5.08 -2.70 -17.41
C ILE A 742 5.33 -4.15 -17.01
N CYS A 743 4.82 -5.09 -17.80
CA CYS A 743 4.85 -6.51 -17.42
C CYS A 743 5.50 -7.39 -18.49
N GLY A 744 6.76 -7.10 -18.83
CA GLY A 744 7.42 -7.84 -19.89
C GLY A 744 7.61 -9.32 -19.63
N ASP A 745 6.97 -10.15 -20.45
CA ASP A 745 7.06 -11.61 -20.37
C ASP A 745 6.74 -12.14 -18.97
N SER A 746 5.73 -11.57 -18.33
CA SER A 746 5.29 -12.01 -17.01
C SER A 746 3.77 -12.15 -17.01
N THR A 747 3.29 -13.39 -16.87
CA THR A 747 1.86 -13.63 -16.84
C THR A 747 1.21 -13.08 -15.56
N GLU A 748 1.88 -13.25 -14.43
CA GLU A 748 1.33 -12.80 -13.15
C GLU A 748 1.20 -11.28 -13.12
N CYS A 749 2.23 -10.58 -13.63
CA CYS A 749 2.18 -9.13 -13.67
C CYS A 749 1.07 -8.66 -14.59
N SER A 750 0.93 -9.30 -15.75
CA SER A 750 -0.14 -8.92 -16.69
C SER A 750 -1.52 -9.14 -16.05
N ASN A 751 -1.69 -10.26 -15.36
CA ASN A 751 -2.98 -10.53 -14.71
C ASN A 751 -3.28 -9.52 -13.63
N LEU A 752 -2.26 -9.06 -12.90
CA LEU A 752 -2.49 -8.00 -11.92
C LEU A 752 -2.76 -6.66 -12.61
N LEU A 753 -2.08 -6.40 -13.72
CA LEU A 753 -2.27 -5.16 -14.47
C LEU A 753 -3.68 -5.06 -15.02
N LEU A 754 -4.29 -6.20 -15.36
CA LEU A 754 -5.64 -6.18 -15.92
C LEU A 754 -6.66 -5.56 -14.97
N GLN A 755 -6.33 -5.45 -13.69
CA GLN A 755 -7.24 -4.87 -12.71
C GLN A 755 -7.33 -3.35 -12.80
N TYR A 756 -6.50 -2.72 -13.64
CA TYR A 756 -6.52 -1.28 -13.81
C TYR A 756 -7.32 -0.84 -15.02
N GLY A 757 -8.03 -1.77 -15.66
CA GLY A 757 -8.93 -1.43 -16.76
C GLY A 757 -8.22 -0.88 -17.99
N SER A 758 -8.67 0.29 -18.43
CA SER A 758 -8.21 0.92 -19.66
C SER A 758 -6.99 1.82 -19.48
N PHE A 759 -6.42 1.88 -18.28
CA PHE A 759 -5.24 2.72 -18.06
C PHE A 759 -4.12 2.43 -19.06
N CYS A 760 -3.98 1.16 -19.45
CA CYS A 760 -2.92 0.77 -20.37
C CYS A 760 -3.24 1.22 -21.79
N THR A 761 -4.38 0.79 -22.34
CA THR A 761 -4.70 1.04 -23.73
C THR A 761 -4.95 2.52 -24.06
N GLN A 762 -5.36 3.32 -23.09
CA GLN A 762 -5.56 4.74 -23.40
C GLN A 762 -4.25 5.46 -23.63
N LEU A 763 -3.13 4.89 -23.16
CA LEU A 763 -1.85 5.52 -23.44
C LEU A 763 -1.41 5.19 -24.85
N ASN A 764 -1.74 3.97 -25.30
CA ASN A 764 -1.52 3.62 -26.69
C ASN A 764 -2.36 4.50 -27.60
N ARG A 765 -3.59 4.81 -27.18
CA ARG A 765 -4.44 5.69 -27.95
C ARG A 765 -3.86 7.09 -28.06
N ALA A 766 -3.40 7.64 -26.92
CA ALA A 766 -2.82 8.98 -26.94
C ALA A 766 -1.57 9.03 -27.81
N LEU A 767 -0.72 8.00 -27.72
CA LEU A 767 0.49 7.99 -28.52
C LEU A 767 0.17 7.81 -30.00
N THR A 768 -0.86 7.04 -30.33
CA THR A 768 -1.29 6.94 -31.73
C THR A 768 -1.77 8.29 -32.24
N GLY A 769 -2.55 9.00 -31.43
CA GLY A 769 -3.01 10.32 -31.83
C GLY A 769 -1.86 11.27 -32.10
N ILE A 770 -0.82 11.22 -31.25
CA ILE A 770 0.36 12.06 -31.47
C ILE A 770 1.06 11.66 -32.77
N ALA A 771 1.27 10.35 -32.97
CA ALA A 771 1.95 9.87 -34.17
C ALA A 771 1.20 10.31 -35.42
N VAL A 772 -0.13 10.28 -35.38
CA VAL A 772 -0.92 10.67 -36.53
C VAL A 772 -0.80 12.17 -36.77
N GLU A 773 -0.91 12.98 -35.70
CA GLU A 773 -0.82 14.41 -35.92
C GLU A 773 0.56 14.84 -36.38
N GLN A 774 1.61 14.05 -36.13
CA GLN A 774 2.91 14.43 -36.66
C GLN A 774 2.94 14.34 -38.18
N ASP A 775 2.22 13.37 -38.74
CA ASP A 775 2.15 13.26 -40.19
C ASP A 775 1.18 14.28 -40.75
N LYS A 776 0.13 14.60 -39.99
CA LYS A 776 -0.75 15.67 -40.39
C LYS A 776 0.01 16.99 -40.47
N ASN A 777 0.88 17.24 -39.49
CA ASN A 777 1.68 18.46 -39.47
C ASN A 777 2.62 18.51 -40.67
N THR A 778 3.29 17.40 -40.97
CA THR A 778 4.20 17.39 -42.10
C THR A 778 3.44 17.61 -43.41
N GLN A 779 2.27 16.96 -43.54
CA GLN A 779 1.48 17.09 -44.76
C GLN A 779 0.98 18.53 -44.93
N GLU A 780 0.53 19.15 -43.85
CA GLU A 780 0.03 20.52 -43.92
C GLU A 780 1.15 21.51 -44.22
N VAL A 781 2.35 21.26 -43.73
CA VAL A 781 3.44 22.21 -43.99
C VAL A 781 3.98 22.08 -45.40
N PHE A 782 4.23 20.85 -45.87
CA PHE A 782 4.90 20.68 -47.14
C PHE A 782 3.97 20.42 -48.32
N ALA A 783 2.88 19.68 -48.11
CA ALA A 783 2.02 19.29 -49.24
C ALA A 783 0.97 20.36 -49.53
N GLN A 784 1.47 21.54 -49.89
CA GLN A 784 0.62 22.67 -50.23
C GLN A 784 0.55 22.94 -51.73
N VAL A 785 1.21 22.14 -52.55
CA VAL A 785 1.23 22.34 -53.99
C VAL A 785 0.59 21.13 -54.66
N LYS A 786 -0.35 21.39 -55.57
CA LYS A 786 -1.10 20.31 -56.21
C LYS A 786 -0.27 19.55 -57.24
N GLN A 787 0.81 20.13 -57.75
CA GLN A 787 1.63 19.50 -58.77
C GLN A 787 3.10 19.63 -58.41
N ILE A 788 3.90 18.73 -58.98
CA ILE A 788 5.34 18.75 -58.77
C ILE A 788 5.97 19.52 -59.92
N TYR A 789 6.43 20.73 -59.64
CA TYR A 789 7.02 21.61 -60.63
C TYR A 789 8.52 21.38 -60.71
N LYS A 790 9.09 21.66 -61.87
CA LYS A 790 10.53 21.57 -62.04
C LYS A 790 11.02 22.74 -62.89
N THR A 791 12.24 23.18 -62.61
CA THR A 791 12.84 24.28 -63.33
C THR A 791 13.24 23.84 -64.73
N PRO A 792 13.36 24.77 -65.66
CA PRO A 792 13.85 24.44 -67.00
C PRO A 792 15.32 24.06 -66.95
N PRO A 793 15.81 23.33 -67.96
CA PRO A 793 17.24 23.00 -68.00
C PRO A 793 18.16 24.20 -68.13
N ILE A 794 17.65 25.33 -68.60
CA ILE A 794 18.45 26.54 -68.78
C ILE A 794 18.08 27.51 -67.66
N LYS A 795 19.06 27.84 -66.81
CA LYS A 795 18.82 28.67 -65.64
C LYS A 795 19.02 30.15 -65.98
N ASP A 796 18.18 30.62 -66.92
CA ASP A 796 18.23 32.02 -67.36
C ASP A 796 17.26 32.86 -66.54
N PHE A 797 17.63 33.05 -65.26
CA PHE A 797 16.78 33.74 -64.31
C PHE A 797 17.23 35.17 -64.06
N GLY A 798 17.75 35.85 -65.09
CA GLY A 798 18.05 37.25 -64.97
C GLY A 798 19.28 37.56 -64.14
N GLY A 799 20.19 36.61 -64.00
CA GLY A 799 21.39 36.79 -63.21
C GLY A 799 21.29 36.23 -61.80
N PHE A 800 20.12 35.77 -61.37
CA PHE A 800 19.95 35.23 -60.04
C PHE A 800 20.40 33.76 -60.04
N ASN A 801 21.36 33.44 -59.19
CA ASN A 801 21.93 32.11 -59.12
C ASN A 801 21.21 31.31 -58.03
N PHE A 802 20.53 30.24 -58.43
CA PHE A 802 19.78 29.39 -57.51
C PHE A 802 20.39 28.00 -57.39
N SER A 803 21.61 27.80 -57.87
CA SER A 803 22.20 26.46 -57.91
C SER A 803 22.44 25.89 -56.52
N GLN A 804 22.44 26.73 -55.49
CA GLN A 804 22.70 26.26 -54.13
C GLN A 804 21.42 25.93 -53.38
N ILE A 805 20.26 26.21 -53.95
CA ILE A 805 18.99 25.85 -53.34
C ILE A 805 18.17 24.90 -54.20
N LEU A 806 18.48 24.75 -55.48
CA LEU A 806 17.81 23.80 -56.35
C LEU A 806 18.40 22.40 -56.16
N PRO A 807 17.62 21.35 -56.44
CA PRO A 807 18.12 19.99 -56.29
C PRO A 807 19.37 19.74 -57.10
N ASP A 808 20.29 18.94 -56.52
CA ASP A 808 21.51 18.55 -57.20
C ASP A 808 21.31 17.17 -57.78
N PRO A 809 21.18 17.02 -59.10
CA PRO A 809 20.89 15.69 -59.67
C PRO A 809 21.96 14.64 -59.40
N SER A 810 23.16 15.03 -58.97
CA SER A 810 24.25 14.10 -58.79
C SER A 810 24.23 13.38 -57.45
N LYS A 811 23.33 13.75 -56.55
CA LYS A 811 23.30 13.13 -55.23
C LYS A 811 22.40 11.90 -55.22
N PRO A 812 22.63 10.96 -54.31
CA PRO A 812 21.71 9.81 -54.20
C PRO A 812 20.31 10.21 -53.80
N SER A 813 20.13 11.40 -53.24
CA SER A 813 18.83 11.94 -52.88
C SER A 813 18.81 13.38 -53.37
N LYS A 814 17.83 13.72 -54.20
CA LYS A 814 17.86 15.00 -54.91
C LYS A 814 17.51 16.12 -53.94
N ARG A 815 18.47 16.45 -53.09
CA ARG A 815 18.40 17.54 -52.14
C ARG A 815 19.33 18.66 -52.58
N SER A 816 19.05 19.86 -52.12
CA SER A 816 19.91 20.98 -52.46
C SER A 816 21.18 20.94 -51.61
N PHE A 817 22.16 21.75 -52.02
CA PHE A 817 23.39 21.86 -51.25
C PHE A 817 23.11 22.30 -49.82
N ILE A 818 22.27 23.33 -49.66
CA ILE A 818 21.94 23.82 -48.33
C ILE A 818 21.23 22.74 -47.53
N GLU A 819 20.32 22.00 -48.16
CA GLU A 819 19.66 20.88 -47.47
C GLU A 819 20.68 19.85 -47.02
N ASP A 820 21.66 19.54 -47.87
CA ASP A 820 22.72 18.63 -47.47
C ASP A 820 23.48 19.16 -46.27
N LEU A 821 23.72 20.47 -46.22
CA LEU A 821 24.38 21.06 -45.07
C LEU A 821 23.53 20.92 -43.81
N LEU A 822 22.21 21.09 -43.97
CA LEU A 822 21.31 21.02 -42.82
C LEU A 822 21.24 19.61 -42.25
N PHE A 823 21.19 18.59 -43.13
CA PHE A 823 21.12 17.22 -42.65
C PHE A 823 22.42 16.77 -41.98
N ASN A 824 23.54 17.41 -42.30
CA ASN A 824 24.83 17.07 -41.71
C ASN A 824 25.09 17.80 -40.40
N LYS A 825 24.14 18.61 -39.93
CA LYS A 825 24.28 19.34 -38.68
C LYS A 825 23.40 18.80 -37.56
N VAL A 826 22.23 18.28 -37.88
CA VAL A 826 21.34 17.70 -36.88
C VAL A 826 21.66 16.21 -36.74
N THR A 827 21.91 15.77 -35.52
CA THR A 827 22.28 14.38 -35.26
C THR A 827 21.23 13.69 -34.39
N LYS A 854 13.47 1.28 -25.90
CA LYS A 854 14.37 0.65 -26.85
C LYS A 854 13.82 -0.71 -27.26
N PHE A 855 14.09 -1.73 -26.44
CA PHE A 855 13.56 -3.07 -26.66
C PHE A 855 12.68 -3.50 -25.50
N ASN A 856 12.10 -2.52 -24.81
CA ASN A 856 11.23 -2.73 -23.65
C ASN A 856 9.79 -2.41 -24.02
N GLY A 857 9.44 -2.59 -25.28
CA GLY A 857 8.14 -2.27 -25.81
C GLY A 857 8.05 -0.87 -26.36
N LEU A 858 9.17 -0.16 -26.44
CA LEU A 858 9.23 1.21 -26.95
C LEU A 858 9.72 1.13 -28.39
N THR A 859 8.91 1.59 -29.33
CA THR A 859 9.25 1.53 -30.74
C THR A 859 9.09 2.91 -31.35
N VAL A 860 9.66 3.07 -32.54
CA VAL A 860 9.58 4.31 -33.30
C VAL A 860 8.97 4.02 -34.65
N LEU A 861 7.93 4.74 -34.98
CA LEU A 861 7.33 4.52 -36.28
C LEU A 861 8.01 5.40 -37.32
N PRO A 862 8.12 4.95 -38.57
CA PRO A 862 8.68 5.80 -39.60
C PRO A 862 7.69 6.88 -39.99
N PRO A 863 8.17 8.02 -40.49
CA PRO A 863 7.25 9.01 -41.04
C PRO A 863 6.64 8.52 -42.34
N LEU A 864 5.45 9.05 -42.65
CA LEU A 864 4.81 8.71 -43.91
C LEU A 864 5.56 9.29 -45.09
N LEU A 865 6.04 10.52 -44.96
CA LEU A 865 6.78 11.19 -46.02
C LEU A 865 8.27 11.10 -45.73
N THR A 866 9.00 10.42 -46.59
CA THR A 866 10.43 10.26 -46.38
C THR A 866 11.16 11.56 -46.71
N ASP A 867 12.43 11.64 -46.30
CA ASP A 867 13.22 12.84 -46.54
C ASP A 867 13.30 13.15 -48.02
N GLU A 868 13.36 12.12 -48.86
CA GLU A 868 13.37 12.33 -50.30
C GLU A 868 12.07 12.99 -50.77
N MET A 869 10.93 12.54 -50.22
CA MET A 869 9.66 13.11 -50.62
C MET A 869 9.51 14.55 -50.13
N ILE A 870 10.05 14.85 -48.94
CA ILE A 870 10.02 16.21 -48.45
C ILE A 870 10.88 17.10 -49.34
N ALA A 871 12.04 16.60 -49.74
CA ALA A 871 12.89 17.34 -50.67
C ALA A 871 12.19 17.56 -51.99
N GLN A 872 11.42 16.58 -52.47
CA GLN A 872 10.68 16.75 -53.71
C GLN A 872 9.59 17.80 -53.57
N TYR A 873 8.92 17.86 -52.41
CA TYR A 873 7.93 18.91 -52.20
C TYR A 873 8.56 20.28 -52.14
N THR A 874 9.72 20.40 -51.47
CA THR A 874 10.38 21.69 -51.41
C THR A 874 10.91 22.09 -52.79
N SER A 875 11.31 21.11 -53.59
CA SER A 875 11.72 21.38 -54.97
C SER A 875 10.55 21.90 -55.80
N ALA A 876 9.38 21.27 -55.65
CA ALA A 876 8.21 21.72 -56.40
C ALA A 876 7.83 23.14 -55.98
N LEU A 877 7.87 23.42 -54.68
CA LEU A 877 7.50 24.76 -54.22
C LEU A 877 8.52 25.80 -54.69
N LEU A 878 9.81 25.44 -54.69
CA LEU A 878 10.83 26.35 -55.12
C LEU A 878 10.74 26.63 -56.62
N ALA A 879 10.55 25.58 -57.42
CA ALA A 879 10.42 25.77 -58.85
C ALA A 879 9.18 26.60 -59.18
N GLY A 880 8.08 26.37 -58.45
CA GLY A 880 6.90 27.19 -58.67
C GLY A 880 7.15 28.65 -58.34
N THR A 881 7.76 28.91 -57.18
CA THR A 881 8.06 30.28 -56.79
C THR A 881 8.96 30.97 -57.82
N ILE A 882 9.96 30.25 -58.32
CA ILE A 882 10.93 30.85 -59.24
C ILE A 882 10.30 31.11 -60.60
N THR A 883 9.53 30.16 -61.13
CA THR A 883 9.06 30.29 -62.51
C THR A 883 7.70 30.95 -62.65
N SER A 884 6.89 31.01 -61.59
CA SER A 884 5.54 31.56 -61.71
C SER A 884 5.19 32.56 -60.61
N GLY A 885 6.15 32.95 -59.77
CA GLY A 885 5.85 33.91 -58.71
C GLY A 885 4.79 33.38 -57.77
N TRP A 886 3.76 34.17 -57.52
CA TRP A 886 2.67 33.76 -56.64
C TRP A 886 1.50 33.14 -57.37
N THR A 887 1.57 33.05 -58.71
CA THR A 887 0.43 32.62 -59.48
C THR A 887 0.13 31.14 -59.29
N PHE A 888 1.15 30.33 -58.99
CA PHE A 888 0.92 28.90 -58.80
C PHE A 888 0.17 28.60 -57.50
N GLY A 889 0.19 29.52 -56.55
CA GLY A 889 -0.55 29.30 -55.30
C GLY A 889 -2.05 29.45 -55.48
N ALA A 890 -2.46 30.51 -56.17
CA ALA A 890 -3.89 30.77 -56.34
C ALA A 890 -4.51 29.78 -57.32
N GLY A 891 -3.82 29.45 -58.39
CA GLY A 891 -4.37 28.63 -59.44
C GLY A 891 -3.30 27.88 -60.22
N ALA A 892 -3.22 28.15 -61.52
CA ALA A 892 -2.23 27.51 -62.36
C ALA A 892 -0.92 28.28 -62.30
N ALA A 893 0.18 27.58 -62.52
CA ALA A 893 1.49 28.21 -62.55
C ALA A 893 1.66 28.92 -63.88
N LEU A 894 1.72 30.24 -63.83
CA LEU A 894 1.80 31.07 -65.03
C LEU A 894 3.24 31.55 -65.18
N GLN A 895 3.91 31.11 -66.23
CA GLN A 895 5.32 31.45 -66.39
C GLN A 895 5.48 32.96 -66.53
N ILE A 896 6.55 33.48 -65.92
CA ILE A 896 6.88 34.89 -66.02
C ILE A 896 8.40 35.03 -65.91
N PRO A 897 9.03 35.90 -66.69
CA PRO A 897 10.47 36.13 -66.50
C PRO A 897 10.75 36.54 -65.07
N PHE A 898 11.85 36.02 -64.52
CA PHE A 898 12.16 36.26 -63.12
C PHE A 898 12.33 37.74 -62.84
N ALA A 899 12.97 38.47 -63.74
CA ALA A 899 13.16 39.90 -63.53
C ALA A 899 11.82 40.63 -63.41
N MET A 900 10.82 40.20 -64.18
CA MET A 900 9.51 40.82 -64.05
C MET A 900 8.84 40.41 -62.74
N GLN A 901 9.07 39.16 -62.31
CA GLN A 901 8.57 38.75 -61.01
C GLN A 901 9.12 39.64 -59.91
N MET A 902 10.43 39.92 -59.98
CA MET A 902 11.04 40.83 -59.02
C MET A 902 10.50 42.24 -59.17
N ALA A 903 10.15 42.64 -60.40
CA ALA A 903 9.55 43.95 -60.59
C ALA A 903 8.24 44.05 -59.83
N TYR A 904 7.46 42.96 -59.83
CA TYR A 904 6.22 42.99 -59.06
C TYR A 904 6.53 43.00 -57.58
N ARG A 905 7.55 42.23 -57.17
CA ARG A 905 7.93 42.17 -55.76
C ARG A 905 8.37 43.54 -55.26
N PHE A 906 9.04 44.31 -56.12
CA PHE A 906 9.46 45.67 -55.77
C PHE A 906 8.26 46.61 -55.73
N ASN A 907 7.35 46.52 -56.70
CA ASN A 907 6.16 47.35 -56.66
C ASN A 907 5.35 47.07 -55.40
N GLY A 908 5.33 45.83 -54.94
CA GLY A 908 4.59 45.44 -53.75
C GLY A 908 5.09 46.07 -52.47
N ILE A 909 6.32 46.60 -52.47
CA ILE A 909 6.88 47.24 -51.28
C ILE A 909 7.04 48.74 -51.47
N GLY A 910 6.42 49.31 -52.50
CA GLY A 910 6.48 50.74 -52.71
C GLY A 910 7.73 51.24 -53.37
N VAL A 911 8.41 50.39 -54.14
CA VAL A 911 9.61 50.79 -54.89
C VAL A 911 9.32 50.54 -56.36
N THR A 912 9.38 51.59 -57.16
CA THR A 912 9.01 51.50 -58.57
C THR A 912 9.94 50.53 -59.28
N GLN A 913 9.35 49.71 -60.16
CA GLN A 913 10.09 48.65 -60.85
C GLN A 913 11.30 49.14 -61.65
N ASN A 914 11.35 50.42 -62.05
CA ASN A 914 12.52 50.83 -62.81
C ASN A 914 13.76 50.80 -61.93
N VAL A 915 13.59 50.83 -60.61
CA VAL A 915 14.72 50.70 -59.70
C VAL A 915 15.31 49.31 -59.85
N LEU A 916 14.45 48.30 -59.92
CA LEU A 916 14.93 46.94 -60.16
C LEU A 916 15.61 46.82 -61.50
N TYR A 917 14.97 47.32 -62.57
CA TYR A 917 15.53 47.07 -63.89
C TYR A 917 16.85 47.81 -64.09
N GLU A 918 16.95 49.03 -63.58
CA GLU A 918 18.21 49.77 -63.70
C GLU A 918 19.32 49.16 -62.86
N ASN A 919 18.95 48.53 -61.74
CA ASN A 919 19.92 47.93 -60.83
C ASN A 919 19.87 46.40 -60.83
N GLN A 920 19.40 45.79 -61.92
CA GLN A 920 19.21 44.35 -61.93
C GLN A 920 20.51 43.60 -61.65
N LYS A 921 21.63 44.07 -62.22
CA LYS A 921 22.89 43.37 -61.99
C LYS A 921 23.33 43.49 -60.54
N LEU A 922 23.15 44.67 -59.95
CA LEU A 922 23.52 44.89 -58.55
C LEU A 922 22.66 44.02 -57.65
N ILE A 923 21.36 43.97 -57.92
CA ILE A 923 20.46 43.19 -57.09
C ILE A 923 20.78 41.70 -57.19
N ALA A 924 21.04 41.22 -58.41
CA ALA A 924 21.40 39.81 -58.57
C ALA A 924 22.70 39.49 -57.85
N ASN A 925 23.66 40.39 -57.90
CA ASN A 925 24.93 40.14 -57.21
C ASN A 925 24.75 40.15 -55.70
N GLN A 926 23.92 41.06 -55.19
CA GLN A 926 23.66 41.09 -53.76
C GLN A 926 22.93 39.84 -53.31
N PHE A 927 21.98 39.36 -54.11
CA PHE A 927 21.29 38.12 -53.79
C PHE A 927 22.26 36.95 -53.74
N ASN A 928 23.14 36.84 -54.75
CA ASN A 928 24.09 35.73 -54.78
C ASN A 928 25.05 35.79 -53.60
N SER A 929 25.47 37.01 -53.22
CA SER A 929 26.36 37.14 -52.07
C SER A 929 25.64 36.78 -50.78
N ALA A 930 24.38 37.17 -50.64
CA ALA A 930 23.62 36.81 -49.46
C ALA A 930 23.46 35.30 -49.35
N ILE A 931 23.24 34.64 -50.49
CA ILE A 931 23.11 33.18 -50.48
C ILE A 931 24.45 32.56 -50.07
N GLY A 932 25.56 33.07 -50.60
CA GLY A 932 26.86 32.58 -50.18
C GLY A 932 27.10 32.75 -48.69
N LYS A 933 26.62 33.88 -48.14
CA LYS A 933 26.75 34.11 -46.71
C LYS A 933 25.91 33.11 -45.92
N ILE A 934 24.74 32.76 -46.45
CA ILE A 934 23.91 31.75 -45.81
C ILE A 934 24.64 30.42 -45.79
N GLN A 935 25.31 30.10 -46.91
CA GLN A 935 26.06 28.86 -47.00
C GLN A 935 27.20 28.84 -45.98
N ASP A 936 27.92 29.95 -45.84
CA ASP A 936 29.01 30.01 -44.88
C ASP A 936 28.50 29.91 -43.45
N SER A 937 27.36 30.53 -43.17
CA SER A 937 26.80 30.48 -41.82
C SER A 937 26.39 29.05 -41.48
N LEU A 938 25.65 28.40 -42.37
CA LEU A 938 25.22 27.04 -42.09
C LEU A 938 26.40 26.08 -42.01
N SER A 939 27.44 26.32 -42.81
CA SER A 939 28.61 25.45 -42.80
C SER A 939 29.53 25.71 -41.61
N SER A 940 29.37 26.82 -40.90
CA SER A 940 30.29 27.16 -39.82
C SER A 940 29.65 27.35 -38.45
N THR A 941 28.35 27.64 -38.37
CA THR A 941 27.69 27.92 -37.09
C THR A 941 26.83 26.71 -36.70
N ALA A 942 27.36 25.89 -35.79
CA ALA A 942 26.64 24.69 -35.37
C ALA A 942 25.35 25.03 -34.65
N SER A 943 25.33 26.12 -33.89
CA SER A 943 24.17 26.53 -33.11
C SER A 943 22.98 26.96 -33.96
N ALA A 944 23.17 27.11 -35.28
CA ALA A 944 22.10 27.57 -36.15
C ALA A 944 20.87 26.67 -36.09
N LEU A 945 21.05 25.37 -35.82
CA LEU A 945 19.95 24.41 -35.83
C LEU A 945 19.49 24.04 -34.43
N GLY A 946 19.75 24.92 -33.45
CA GLY A 946 19.37 24.64 -32.07
C GLY A 946 17.89 24.36 -31.88
N LYS A 947 17.03 25.02 -32.66
CA LYS A 947 15.59 24.81 -32.50
C LYS A 947 15.18 23.38 -32.80
N LEU A 948 15.91 22.70 -33.68
CA LEU A 948 15.61 21.31 -34.02
C LEU A 948 16.39 20.35 -33.15
N GLN A 949 17.63 20.74 -32.80
CA GLN A 949 18.44 19.88 -31.95
C GLN A 949 17.84 19.79 -30.55
N ASP A 950 17.22 20.87 -30.06
CA ASP A 950 16.60 20.84 -28.75
C ASP A 950 15.40 19.89 -28.74
N VAL A 951 14.64 19.84 -29.84
CA VAL A 951 13.51 18.93 -29.90
C VAL A 951 14.00 17.49 -29.93
N VAL A 952 15.02 17.21 -30.74
CA VAL A 952 15.57 15.86 -30.78
C VAL A 952 16.11 15.46 -29.41
N ASN A 953 16.81 16.37 -28.74
CA ASN A 953 17.37 16.09 -27.42
C ASN A 953 16.27 15.87 -26.39
N GLN A 954 15.19 16.65 -26.45
CA GLN A 954 14.10 16.47 -25.50
C GLN A 954 13.43 15.11 -25.68
N ASN A 955 13.27 14.66 -26.94
CA ASN A 955 12.63 13.37 -27.13
C ASN A 955 13.56 12.23 -26.71
N ALA A 956 14.85 12.37 -26.99
CA ALA A 956 15.80 11.34 -26.56
C ALA A 956 15.88 11.30 -25.03
N GLN A 957 15.84 12.46 -24.38
CA GLN A 957 15.90 12.50 -22.92
C GLN A 957 14.64 11.90 -22.32
N ALA A 958 13.48 12.15 -22.93
CA ALA A 958 12.24 11.57 -22.42
C ALA A 958 12.26 10.06 -22.53
N LEU A 959 12.77 9.54 -23.65
CA LEU A 959 12.82 8.08 -23.81
C LEU A 959 13.86 7.47 -22.89
N ASN A 960 15.00 8.13 -22.70
CA ASN A 960 16.01 7.58 -21.80
C ASN A 960 15.52 7.59 -20.37
N THR A 961 14.78 8.63 -19.97
CA THR A 961 14.21 8.67 -18.63
C THR A 961 13.17 7.57 -18.45
N LEU A 962 12.30 7.39 -19.46
CA LEU A 962 11.28 6.36 -19.36
C LEU A 962 11.90 4.98 -19.22
N VAL A 963 12.94 4.70 -20.00
CA VAL A 963 13.59 3.39 -19.91
C VAL A 963 14.31 3.24 -18.57
N LYS A 964 15.02 4.29 -18.14
CA LYS A 964 15.74 4.24 -16.86
C LYS A 964 14.80 4.01 -15.69
N GLN A 965 13.54 4.47 -15.80
CA GLN A 965 12.59 4.26 -14.71
C GLN A 965 12.34 2.79 -14.42
N LEU A 966 12.65 1.89 -15.36
CA LEU A 966 12.46 0.47 -15.12
C LEU A 966 13.42 -0.06 -14.05
N SER A 967 14.53 0.62 -13.81
CA SER A 967 15.51 0.19 -12.82
C SER A 967 15.14 0.59 -11.41
N SER A 968 14.09 1.40 -11.23
CA SER A 968 13.70 1.87 -9.92
C SER A 968 12.90 0.80 -9.17
N ASN A 969 13.05 0.80 -7.84
CA ASN A 969 12.36 -0.19 -7.02
C ASN A 969 10.94 0.24 -6.68
N PHE A 970 10.69 1.53 -6.52
CA PHE A 970 9.37 2.05 -6.13
C PHE A 970 8.89 1.43 -4.83
N GLY A 971 9.83 1.01 -3.96
CA GLY A 971 9.50 0.40 -2.70
C GLY A 971 9.61 -1.10 -2.69
N ALA A 972 9.79 -1.73 -3.84
CA ALA A 972 9.93 -3.18 -3.90
C ALA A 972 11.32 -3.60 -3.44
N ILE A 973 11.43 -4.89 -3.08
CA ILE A 973 12.72 -5.44 -2.68
C ILE A 973 13.71 -5.47 -3.83
N SER A 974 13.23 -5.48 -5.08
CA SER A 974 14.12 -5.52 -6.23
C SER A 974 13.39 -4.96 -7.43
N SER A 975 14.14 -4.28 -8.30
CA SER A 975 13.58 -3.76 -9.55
C SER A 975 13.36 -4.85 -10.59
N VAL A 976 13.99 -6.01 -10.42
CA VAL A 976 13.87 -7.09 -11.40
C VAL A 976 12.68 -7.96 -11.02
N LEU A 977 11.70 -8.02 -11.91
CA LEU A 977 10.46 -8.74 -11.62
C LEU A 977 10.71 -10.23 -11.46
N ASN A 978 11.62 -10.79 -12.26
CA ASN A 978 11.90 -12.22 -12.19
C ASN A 978 12.56 -12.58 -10.86
N ASP A 979 13.29 -11.66 -10.25
CA ASP A 979 13.90 -11.95 -8.96
C ASP A 979 12.88 -11.94 -7.85
N ILE A 980 11.81 -11.16 -7.99
CA ILE A 980 10.71 -11.20 -7.04
C ILE A 980 9.91 -12.49 -7.20
N LEU A 981 9.58 -12.84 -8.44
CA LEU A 981 8.77 -14.02 -8.68
C LEU A 981 9.49 -15.30 -8.26
N SER A 982 10.80 -15.36 -8.45
CA SER A 982 11.56 -16.55 -8.11
C SER A 982 11.88 -16.68 -6.62
N ARG A 983 11.59 -15.65 -5.82
CA ARG A 983 11.96 -15.66 -4.41
C ARG A 983 10.78 -15.59 -3.45
N LEU A 984 9.68 -14.94 -3.82
CA LEU A 984 8.55 -14.76 -2.91
C LEU A 984 7.34 -15.57 -3.35
N ASP A 985 6.61 -16.08 -2.38
CA ASP A 985 5.33 -16.72 -2.61
C ASP A 985 4.29 -15.70 -3.07
N PRO A 986 3.29 -16.15 -3.84
CA PRO A 986 2.24 -15.23 -4.36
C PRO A 986 1.74 -14.22 -3.34
N PRO A 987 1.45 -14.60 -2.09
CA PRO A 987 0.90 -13.60 -1.15
C PRO A 987 1.77 -12.38 -0.95
N GLU A 988 3.08 -12.47 -1.23
CA GLU A 988 3.98 -11.34 -1.13
C GLU A 988 4.43 -10.85 -2.50
N ALA A 989 4.57 -11.77 -3.45
CA ALA A 989 4.96 -11.40 -4.79
C ALA A 989 3.92 -10.51 -5.42
N GLU A 990 2.63 -10.77 -5.15
CA GLU A 990 1.58 -9.93 -5.73
C GLU A 990 1.67 -8.51 -5.21
N VAL A 991 2.05 -8.33 -3.95
CA VAL A 991 2.19 -6.99 -3.39
C VAL A 991 3.38 -6.29 -4.02
N GLN A 992 4.50 -7.00 -4.15
CA GLN A 992 5.69 -6.37 -4.73
C GLN A 992 5.42 -6.01 -6.21
N ILE A 993 4.66 -6.85 -6.89
CA ILE A 993 4.32 -6.59 -8.29
C ILE A 993 3.38 -5.40 -8.39
N ASP A 994 2.38 -5.32 -7.50
CA ASP A 994 1.51 -4.16 -7.49
C ASP A 994 2.30 -2.87 -7.27
N ARG A 995 3.33 -2.91 -6.42
CA ARG A 995 4.15 -1.72 -6.24
C ARG A 995 4.91 -1.36 -7.51
N LEU A 996 5.45 -2.37 -8.21
CA LEU A 996 6.18 -2.08 -9.43
C LEU A 996 5.23 -1.59 -10.52
N ILE A 997 4.02 -2.16 -10.58
CA ILE A 997 3.04 -1.75 -11.56
C ILE A 997 2.63 -0.30 -11.32
N THR A 998 2.40 0.07 -10.05
CA THR A 998 2.04 1.45 -9.75
C THR A 998 3.16 2.40 -10.17
N GLY A 999 4.41 2.06 -9.85
CA GLY A 999 5.51 2.94 -10.21
C GLY A 999 5.67 3.08 -11.71
N ARG A 1000 5.58 1.97 -12.44
CA ARG A 1000 5.80 2.03 -13.88
C ARG A 1000 4.62 2.66 -14.61
N LEU A 1001 3.41 2.48 -14.10
CA LEU A 1001 2.25 3.12 -14.68
C LEU A 1001 2.30 4.62 -14.47
N GLN A 1002 2.73 5.06 -13.28
CA GLN A 1002 2.90 6.49 -13.04
C GLN A 1002 3.98 7.05 -13.96
N SER A 1003 5.05 6.28 -14.19
CA SER A 1003 6.10 6.73 -15.09
C SER A 1003 5.57 6.89 -16.51
N LEU A 1004 4.79 5.92 -16.99
CA LEU A 1004 4.19 6.04 -18.32
C LEU A 1004 3.23 7.21 -18.40
N GLN A 1005 2.41 7.44 -17.37
CA GLN A 1005 1.48 8.56 -17.42
C GLN A 1005 2.23 9.88 -17.49
N THR A 1006 3.33 10.00 -16.74
CA THR A 1006 4.13 11.22 -16.81
C THR A 1006 4.73 11.40 -18.19
N TYR A 1007 5.28 10.31 -18.76
CA TYR A 1007 5.86 10.38 -20.10
C TYR A 1007 4.80 10.82 -21.11
N VAL A 1008 3.63 10.19 -21.07
CA VAL A 1008 2.59 10.49 -22.05
C VAL A 1008 2.11 11.93 -21.91
N THR A 1009 1.93 12.41 -20.68
CA THR A 1009 1.53 13.80 -20.49
C THR A 1009 2.57 14.75 -21.05
N GLN A 1010 3.85 14.48 -20.79
CA GLN A 1010 4.90 15.35 -21.32
C GLN A 1010 4.93 15.31 -22.84
N GLN A 1011 4.67 14.13 -23.41
CA GLN A 1011 4.63 14.00 -24.87
C GLN A 1011 3.44 14.73 -25.45
N LEU A 1012 2.31 14.73 -24.76
CA LEU A 1012 1.14 15.45 -25.26
C LEU A 1012 1.39 16.95 -25.24
N ILE A 1013 2.03 17.46 -24.20
CA ILE A 1013 2.32 18.89 -24.12
C ILE A 1013 3.34 19.29 -25.19
N ARG A 1014 4.40 18.49 -25.33
CA ARG A 1014 5.40 18.76 -26.35
C ARG A 1014 4.80 18.65 -27.74
N ALA A 1015 3.91 17.68 -27.95
CA ALA A 1015 3.24 17.53 -29.24
C ALA A 1015 2.36 18.74 -29.53
N ALA A 1016 1.71 19.30 -28.52
CA ALA A 1016 0.92 20.50 -28.76
C ALA A 1016 1.82 21.66 -29.15
N GLU A 1017 3.00 21.77 -28.52
CA GLU A 1017 3.94 22.81 -28.90
C GLU A 1017 4.43 22.62 -30.34
N ILE A 1018 4.75 21.38 -30.70
CA ILE A 1018 5.19 21.08 -32.06
C ILE A 1018 4.08 21.36 -33.06
N ARG A 1019 2.84 21.03 -32.71
CA ARG A 1019 1.71 21.33 -33.57
C ARG A 1019 1.57 22.83 -33.80
N ALA A 1020 1.71 23.62 -32.74
CA ALA A 1020 1.66 25.08 -32.90
C ALA A 1020 2.79 25.56 -33.81
N SER A 1021 3.98 25.00 -33.65
CA SER A 1021 5.10 25.38 -34.51
C SER A 1021 4.84 24.98 -35.96
N ALA A 1022 4.29 23.79 -36.18
CA ALA A 1022 3.98 23.34 -37.53
C ALA A 1022 2.91 24.21 -38.17
N ASN A 1023 1.91 24.65 -37.38
CA ASN A 1023 0.89 25.54 -37.92
C ASN A 1023 1.50 26.87 -38.30
N LEU A 1024 2.43 27.38 -37.49
CA LEU A 1024 3.13 28.61 -37.84
C LEU A 1024 3.94 28.42 -39.11
N ALA A 1025 4.63 27.28 -39.23
CA ALA A 1025 5.42 27.01 -40.42
C ALA A 1025 4.55 26.93 -41.67
N ALA A 1026 3.37 26.30 -41.56
CA ALA A 1026 2.47 26.22 -42.70
C ALA A 1026 1.94 27.60 -43.07
N THR A 1027 1.64 28.43 -42.07
CA THR A 1027 1.20 29.78 -42.33
C THR A 1027 2.28 30.57 -43.05
N LYS A 1028 3.53 30.44 -42.58
CA LYS A 1028 4.64 31.11 -43.24
C LYS A 1028 4.81 30.61 -44.66
N MET A 1029 4.73 29.29 -44.86
CA MET A 1029 4.86 28.74 -46.20
C MET A 1029 3.84 29.37 -47.14
N SER A 1030 2.57 29.41 -46.71
CA SER A 1030 1.51 29.92 -47.57
C SER A 1030 1.66 31.43 -47.82
N GLU A 1031 1.94 32.20 -46.77
CA GLU A 1031 1.94 33.65 -46.87
C GLU A 1031 3.33 34.23 -47.06
N CYS A 1032 4.31 33.41 -47.40
CA CYS A 1032 5.69 33.87 -47.48
C CYS A 1032 6.33 33.30 -48.73
N VAL A 1033 6.18 31.98 -48.94
CA VAL A 1033 6.73 31.33 -50.12
C VAL A 1033 5.77 31.43 -51.29
N LEU A 1034 4.50 31.09 -51.07
CA LEU A 1034 3.52 31.10 -52.14
C LEU A 1034 3.07 32.50 -52.53
N GLY A 1035 3.18 33.47 -51.63
CA GLY A 1035 2.77 34.83 -51.91
C GLY A 1035 3.87 35.82 -51.59
N GLN A 1036 3.45 36.99 -51.13
CA GLN A 1036 4.32 38.05 -50.66
C GLN A 1036 3.69 38.64 -49.41
N SER A 1037 4.46 38.76 -48.34
CA SER A 1037 3.92 39.13 -47.04
C SER A 1037 4.03 40.64 -46.82
N LYS A 1038 2.90 41.25 -46.45
CA LYS A 1038 2.86 42.65 -46.05
C LYS A 1038 2.98 42.79 -44.54
N ARG A 1039 3.07 41.67 -43.84
CA ARG A 1039 3.13 41.64 -42.38
C ARG A 1039 4.55 41.94 -41.93
N VAL A 1040 4.71 42.97 -41.11
CA VAL A 1040 6.04 43.43 -40.72
C VAL A 1040 6.71 42.39 -39.85
N ASP A 1041 7.96 42.06 -40.18
CA ASP A 1041 8.80 41.09 -39.49
C ASP A 1041 8.20 39.69 -39.42
N PHE A 1042 7.17 39.41 -40.22
CA PHE A 1042 6.68 38.03 -40.32
C PHE A 1042 7.66 37.17 -41.10
N CYS A 1043 8.24 37.72 -42.16
CA CYS A 1043 9.18 37.01 -43.02
C CYS A 1043 10.55 37.66 -43.03
N GLY A 1044 11.10 37.91 -41.85
CA GLY A 1044 12.43 38.49 -41.71
C GLY A 1044 12.40 40.00 -41.62
N LYS A 1045 13.52 40.56 -41.18
CA LYS A 1045 13.64 42.01 -41.04
C LYS A 1045 13.82 42.65 -42.40
N GLY A 1046 13.10 43.73 -42.64
CA GLY A 1046 13.13 44.42 -43.91
C GLY A 1046 11.79 44.29 -44.62
N TYR A 1047 11.75 44.80 -45.85
CA TYR A 1047 10.54 44.72 -46.65
C TYR A 1047 10.60 43.42 -47.43
N HIS A 1048 9.64 42.53 -47.16
CA HIS A 1048 9.68 41.19 -47.73
C HIS A 1048 9.47 41.21 -49.23
N LEU A 1049 10.31 40.47 -49.94
CA LEU A 1049 10.14 40.24 -51.37
C LEU A 1049 9.67 38.82 -51.64
N MET A 1050 10.49 37.82 -51.30
CA MET A 1050 10.19 36.44 -51.58
C MET A 1050 10.90 35.56 -50.57
N SER A 1051 10.44 34.32 -50.46
CA SER A 1051 11.08 33.35 -49.58
C SER A 1051 11.22 32.02 -50.32
N PHE A 1052 12.20 31.23 -49.89
CA PHE A 1052 12.46 29.92 -50.49
C PHE A 1052 12.48 28.88 -49.38
N PRO A 1053 11.67 27.83 -49.46
CA PRO A 1053 11.70 26.80 -48.43
C PRO A 1053 12.87 25.85 -48.62
N GLN A 1054 13.36 25.33 -47.50
CA GLN A 1054 14.34 24.24 -47.51
C GLN A 1054 13.94 23.24 -46.44
N SER A 1055 14.10 21.96 -46.74
CA SER A 1055 13.77 20.95 -45.77
C SER A 1055 14.90 20.78 -44.75
N ALA A 1056 14.55 20.24 -43.60
CA ALA A 1056 15.52 19.92 -42.55
C ALA A 1056 14.98 18.74 -41.77
N PRO A 1057 15.84 18.02 -41.04
CA PRO A 1057 15.35 16.93 -40.20
C PRO A 1057 14.28 17.39 -39.23
N HIS A 1058 13.09 16.79 -39.33
CA HIS A 1058 11.96 17.10 -38.46
C HIS A 1058 11.65 18.60 -38.40
N GLY A 1059 11.82 19.29 -39.53
CA GLY A 1059 11.53 20.71 -39.54
C GLY A 1059 11.67 21.29 -40.93
N VAL A 1060 11.47 22.60 -41.01
CA VAL A 1060 11.52 23.35 -42.25
C VAL A 1060 12.39 24.58 -42.04
N VAL A 1061 13.15 24.97 -43.06
CA VAL A 1061 14.02 26.14 -43.03
C VAL A 1061 13.58 27.08 -44.14
N PHE A 1062 13.34 28.34 -43.77
CA PHE A 1062 12.93 29.37 -44.72
C PHE A 1062 14.08 30.35 -44.95
N LEU A 1063 14.37 30.62 -46.21
CA LEU A 1063 15.30 31.67 -46.60
C LEU A 1063 14.49 32.88 -47.03
N HIS A 1064 14.51 33.94 -46.23
CA HIS A 1064 13.67 35.11 -46.47
C HIS A 1064 14.48 36.19 -47.17
N VAL A 1065 14.02 36.60 -48.34
CA VAL A 1065 14.67 37.63 -49.15
C VAL A 1065 13.95 38.94 -48.87
N THR A 1066 14.66 39.93 -48.34
CA THR A 1066 14.06 41.19 -47.93
C THR A 1066 14.83 42.35 -48.54
N TYR A 1067 14.12 43.46 -48.72
CA TYR A 1067 14.68 44.71 -49.21
C TYR A 1067 14.96 45.59 -48.00
N VAL A 1068 16.22 45.98 -47.83
CA VAL A 1068 16.64 46.80 -46.70
C VAL A 1068 17.30 48.07 -47.22
N PRO A 1069 16.79 49.26 -46.89
CA PRO A 1069 17.49 50.50 -47.23
C PRO A 1069 18.91 50.52 -46.66
N ALA A 1070 19.86 51.00 -47.47
CA ALA A 1070 21.27 50.93 -47.11
C ALA A 1070 21.91 52.28 -46.83
N GLN A 1071 21.62 53.31 -47.63
CA GLN A 1071 22.25 54.60 -47.48
C GLN A 1071 21.18 55.68 -47.52
N GLU A 1072 21.34 56.73 -46.72
CA GLU A 1072 20.33 57.77 -46.59
C GLU A 1072 20.96 59.14 -46.62
N LYS A 1073 20.14 60.13 -47.00
CA LYS A 1073 20.52 61.53 -46.94
C LYS A 1073 19.49 62.32 -46.17
N ASN A 1074 19.93 63.42 -45.54
CA ASN A 1074 19.04 64.34 -44.85
C ASN A 1074 18.48 65.34 -45.86
N PHE A 1075 17.17 65.28 -46.11
CA PHE A 1075 16.52 66.22 -47.00
C PHE A 1075 15.52 67.09 -46.24
N THR A 1076 15.33 68.30 -46.73
CA THR A 1076 14.27 69.16 -46.21
C THR A 1076 12.99 68.79 -46.94
N THR A 1077 11.87 68.79 -46.21
CA THR A 1077 10.61 68.39 -46.80
C THR A 1077 9.53 69.42 -46.53
N ALA A 1078 8.35 69.18 -47.11
CA ALA A 1078 7.18 70.02 -46.95
C ALA A 1078 5.95 69.19 -47.25
N PRO A 1079 4.84 69.38 -46.54
CA PRO A 1079 3.63 68.60 -46.85
C PRO A 1079 2.96 68.97 -48.15
N ALA A 1080 3.17 70.18 -48.66
CA ALA A 1080 2.48 70.64 -49.86
C ALA A 1080 3.24 71.84 -50.44
N ILE A 1081 3.00 72.12 -51.71
CA ILE A 1081 3.58 73.27 -52.39
C ILE A 1081 2.49 74.15 -52.98
N CYS A 1082 2.61 75.46 -52.75
CA CYS A 1082 1.74 76.46 -53.36
C CYS A 1082 2.25 76.85 -54.74
N HIS A 1083 1.31 76.99 -55.69
CA HIS A 1083 1.68 77.50 -57.00
C HIS A 1083 0.98 78.82 -57.30
N ASP A 1084 -0.32 78.76 -57.60
CA ASP A 1084 -1.14 79.94 -57.82
C ASP A 1084 -2.11 80.17 -56.66
N GLY A 1085 -1.79 79.66 -55.49
CA GLY A 1085 -2.70 79.68 -54.36
C GLY A 1085 -3.29 78.33 -54.09
N LYS A 1086 -3.12 77.39 -55.02
CA LYS A 1086 -3.58 76.02 -54.87
C LYS A 1086 -2.56 75.22 -54.05
N ALA A 1087 -3.05 74.29 -53.26
CA ALA A 1087 -2.20 73.43 -52.45
C ALA A 1087 -2.02 72.11 -53.20
N HIS A 1088 -0.78 71.82 -53.57
CA HIS A 1088 -0.45 70.62 -54.33
C HIS A 1088 0.12 69.55 -53.42
N PHE A 1089 -0.45 68.35 -53.49
CA PHE A 1089 0.02 67.23 -52.69
C PHE A 1089 0.53 66.14 -53.63
N PRO A 1090 1.53 65.36 -53.22
CA PRO A 1090 2.02 64.29 -54.10
C PRO A 1090 0.98 63.21 -54.31
N ARG A 1091 0.91 62.69 -55.54
CA ARG A 1091 0.10 61.50 -55.78
C ARG A 1091 0.75 60.28 -55.16
N GLU A 1092 2.07 60.16 -55.33
CA GLU A 1092 2.88 59.12 -54.70
C GLU A 1092 4.19 59.77 -54.31
N GLY A 1093 4.74 59.35 -53.19
CA GLY A 1093 6.02 59.90 -52.77
C GLY A 1093 5.83 61.18 -51.97
N VAL A 1094 6.97 61.85 -51.74
CA VAL A 1094 7.02 63.06 -50.93
C VAL A 1094 7.81 64.14 -51.66
N PHE A 1095 7.62 65.38 -51.20
CA PHE A 1095 8.41 66.50 -51.68
C PHE A 1095 9.70 66.60 -50.89
N VAL A 1096 10.80 66.85 -51.61
CA VAL A 1096 12.11 67.01 -51.00
C VAL A 1096 12.78 68.24 -51.58
N SER A 1097 13.72 68.78 -50.83
CA SER A 1097 14.53 69.90 -51.28
C SER A 1097 15.99 69.62 -50.97
N ASN A 1098 16.86 69.86 -51.94
CA ASN A 1098 18.29 69.73 -51.74
C ASN A 1098 18.92 71.03 -51.24
N GLY A 1099 18.09 72.01 -50.90
CA GLY A 1099 18.52 73.31 -50.42
C GLY A 1099 18.27 74.43 -51.39
N THR A 1100 18.11 74.14 -52.68
CA THR A 1100 17.84 75.18 -53.66
C THR A 1100 16.61 74.86 -54.52
N HIS A 1101 16.34 73.58 -54.75
CA HIS A 1101 15.24 73.17 -55.61
C HIS A 1101 14.39 72.12 -54.93
N TRP A 1102 13.08 72.17 -55.17
CA TRP A 1102 12.13 71.19 -54.65
C TRP A 1102 11.85 70.12 -55.68
N PHE A 1103 11.84 68.86 -55.22
CA PHE A 1103 11.59 67.70 -56.06
C PHE A 1103 10.59 66.78 -55.37
N VAL A 1104 9.99 65.89 -56.15
CA VAL A 1104 9.13 64.83 -55.63
C VAL A 1104 9.81 63.50 -55.91
N THR A 1105 9.82 62.62 -54.92
CA THR A 1105 10.48 61.33 -55.05
C THR A 1105 9.72 60.28 -54.25
N GLN A 1106 9.84 59.02 -54.68
CA GLN A 1106 9.19 57.92 -53.97
C GLN A 1106 9.76 57.80 -52.55
N ARG A 1107 8.86 57.50 -51.62
CA ARG A 1107 9.20 57.44 -50.20
C ARG A 1107 10.31 56.45 -49.85
N ASN A 1108 10.47 55.37 -50.61
CA ASN A 1108 11.45 54.36 -50.23
C ASN A 1108 12.72 54.36 -51.08
N PHE A 1109 12.93 55.35 -51.94
CA PHE A 1109 14.14 55.37 -52.76
C PHE A 1109 14.32 56.75 -53.36
N TYR A 1110 15.47 57.37 -53.12
CA TYR A 1110 15.65 58.74 -53.59
C TYR A 1110 15.78 58.75 -55.10
N GLU A 1111 14.84 59.42 -55.76
CA GLU A 1111 14.81 59.50 -57.22
C GLU A 1111 14.11 60.79 -57.61
N PRO A 1112 14.83 61.91 -57.55
CA PRO A 1112 14.15 63.20 -57.67
C PRO A 1112 13.63 63.43 -59.08
N GLN A 1113 12.40 63.93 -59.16
CA GLN A 1113 11.78 64.29 -60.42
C GLN A 1113 11.26 65.72 -60.33
N ILE A 1114 11.14 66.38 -61.49
CA ILE A 1114 10.56 67.71 -61.52
C ILE A 1114 9.10 67.62 -61.12
N ILE A 1115 8.66 68.57 -60.30
CA ILE A 1115 7.29 68.61 -59.82
C ILE A 1115 6.39 69.12 -60.93
N THR A 1116 5.41 68.32 -61.33
CA THR A 1116 4.51 68.63 -62.42
C THR A 1116 3.07 68.31 -62.01
N THR A 1117 2.13 68.70 -62.86
CA THR A 1117 0.73 68.40 -62.60
C THR A 1117 0.42 66.91 -62.73
N ASP A 1118 1.34 66.12 -63.27
CA ASP A 1118 1.15 64.69 -63.38
C ASP A 1118 1.72 63.93 -62.19
N ASN A 1119 2.38 64.64 -61.27
CA ASN A 1119 2.91 64.06 -60.05
C ASN A 1119 2.11 64.46 -58.82
N THR A 1120 1.43 65.60 -58.87
CA THR A 1120 0.71 66.15 -57.73
C THR A 1120 -0.76 66.31 -58.08
N PHE A 1121 -1.56 66.56 -57.04
CA PHE A 1121 -2.97 66.84 -57.17
C PHE A 1121 -3.30 68.06 -56.32
N VAL A 1122 -4.39 68.74 -56.66
CA VAL A 1122 -4.80 69.97 -56.01
C VAL A 1122 -5.98 69.71 -55.10
N SER A 1123 -5.91 70.20 -53.87
CA SER A 1123 -7.01 70.12 -52.92
C SER A 1123 -6.92 71.30 -51.96
N GLY A 1124 -7.95 72.14 -51.94
CA GLY A 1124 -7.92 73.28 -51.03
C GLY A 1124 -6.98 74.37 -51.51
N ASN A 1125 -6.52 75.17 -50.56
CA ASN A 1125 -5.70 76.34 -50.85
C ASN A 1125 -4.63 76.49 -49.78
N CYS A 1126 -3.77 77.48 -49.98
CA CYS A 1126 -2.56 77.70 -49.17
C CYS A 1126 -2.84 78.12 -47.73
N ASP A 1127 -4.06 78.53 -47.40
CA ASP A 1127 -4.35 79.04 -46.06
C ASP A 1127 -4.74 77.97 -45.06
N VAL A 1128 -4.78 76.69 -45.47
CA VAL A 1128 -5.24 75.63 -44.60
C VAL A 1128 -4.10 74.73 -44.14
N VAL A 1129 -3.18 74.38 -45.03
CA VAL A 1129 -2.18 73.37 -44.73
C VAL A 1129 -1.05 73.98 -43.90
N ILE A 1130 -0.75 73.34 -42.77
CA ILE A 1130 0.32 73.80 -41.88
C ILE A 1130 1.65 73.33 -42.44
N GLY A 1131 2.56 74.27 -42.69
CA GLY A 1131 3.88 73.94 -43.21
C GLY A 1131 4.00 73.94 -44.71
N ILE A 1132 2.98 74.40 -45.43
CA ILE A 1132 3.05 74.47 -46.89
C ILE A 1132 4.10 75.49 -47.31
N VAL A 1133 4.85 75.18 -48.36
CA VAL A 1133 5.92 76.05 -48.82
C VAL A 1133 5.61 76.54 -50.23
N ASN A 1134 6.26 77.65 -50.60
CA ASN A 1134 6.11 78.23 -51.93
C ASN A 1134 7.10 77.59 -52.89
N ASN A 1135 6.63 77.25 -54.07
CA ASN A 1135 7.48 76.78 -55.17
C ASN A 1135 6.71 76.98 -56.47
N THR A 1136 7.14 76.30 -57.53
CA THR A 1136 6.44 76.30 -58.80
C THR A 1136 6.16 74.87 -59.23
N VAL A 1137 5.04 74.69 -59.91
CA VAL A 1137 4.65 73.39 -60.45
C VAL A 1137 4.64 73.49 -61.97
N TYR A 1138 5.44 72.64 -62.62
CA TYR A 1138 5.57 72.66 -64.06
C TYR A 1138 4.35 72.04 -64.71
N ASP A 1139 3.84 72.69 -65.76
CA ASP A 1139 2.68 72.14 -66.46
C ASP A 1139 3.13 71.60 -67.80
N PRO A 1140 3.18 70.28 -67.98
CA PRO A 1140 3.67 69.71 -69.25
C PRO A 1140 2.88 70.17 -70.47
N LEU A 1141 1.65 70.64 -70.29
CA LEU A 1141 0.84 71.06 -71.44
C LEU A 1141 1.28 72.41 -71.99
N GLN A 1142 1.73 73.32 -71.12
CA GLN A 1142 2.08 74.68 -71.55
C GLN A 1142 3.04 74.72 -72.74
N PRO A 1143 4.21 74.07 -72.72
CA PRO A 1143 5.13 74.19 -73.86
C PRO A 1143 4.56 73.63 -75.15
N GLU A 1144 3.57 72.74 -75.08
CA GLU A 1144 3.00 72.17 -76.30
C GLU A 1144 2.06 73.14 -76.98
N LEU A 1145 1.36 73.98 -76.21
CA LEU A 1145 0.46 74.98 -76.77
C LEU A 1145 1.17 76.28 -77.06
N ASP A 1146 2.26 76.58 -76.35
CA ASP A 1146 2.98 77.83 -76.59
C ASP A 1146 3.66 77.81 -77.95
N SER A 1147 4.25 76.68 -78.33
CA SER A 1147 4.90 76.56 -79.63
C SER A 1147 3.89 76.22 -80.72
N ALA B 27 -39.78 31.07 26.76
CA ALA B 27 -39.39 32.30 26.06
C ALA B 27 -38.18 32.05 25.16
N TYR B 28 -38.13 32.75 24.03
CA TYR B 28 -37.03 32.65 23.09
C TYR B 28 -36.59 34.05 22.67
N THR B 29 -35.32 34.18 22.32
CA THR B 29 -34.80 35.41 21.75
C THR B 29 -33.92 35.08 20.55
N ASN B 30 -33.45 36.13 19.88
CA ASN B 30 -32.61 35.99 18.69
C ASN B 30 -31.14 35.98 19.11
N SER B 31 -30.45 34.88 18.82
CA SER B 31 -29.04 34.75 19.15
C SER B 31 -28.14 35.64 18.30
N PHE B 32 -28.69 36.23 17.23
CA PHE B 32 -27.94 37.03 16.26
C PHE B 32 -26.59 36.42 15.90
N THR B 33 -25.50 37.08 16.28
CA THR B 33 -24.15 36.65 15.94
C THR B 33 -23.33 36.26 17.16
N ARG B 34 -23.99 35.97 18.29
CA ARG B 34 -23.27 35.58 19.49
C ARG B 34 -22.86 34.12 19.42
N GLY B 35 -21.89 33.76 20.24
CA GLY B 35 -21.47 32.38 20.34
C GLY B 35 -20.24 32.00 19.52
N VAL B 36 -19.39 32.96 19.17
CA VAL B 36 -18.17 32.70 18.44
C VAL B 36 -16.99 32.83 19.39
N TYR B 37 -16.14 31.80 19.40
CA TYR B 37 -15.00 31.73 20.29
C TYR B 37 -13.76 31.36 19.47
N TYR B 38 -12.60 31.62 20.04
CA TYR B 38 -11.36 31.27 19.35
C TYR B 38 -11.19 29.76 19.34
N PRO B 39 -11.19 29.13 18.16
CA PRO B 39 -11.17 27.65 18.12
C PRO B 39 -9.89 27.06 18.67
N ASP B 40 -8.78 27.80 18.67
CA ASP B 40 -7.51 27.31 19.16
C ASP B 40 -6.72 28.48 19.72
N LYS B 41 -5.42 28.26 19.95
CA LYS B 41 -4.52 29.23 20.56
C LYS B 41 -3.51 29.76 19.55
N VAL B 42 -3.90 29.81 18.28
CA VAL B 42 -3.02 30.25 17.20
C VAL B 42 -3.31 31.71 16.86
N PHE B 43 -2.25 32.50 16.79
CA PHE B 43 -2.35 33.90 16.37
C PHE B 43 -2.45 33.98 14.85
N ARG B 44 -3.44 34.73 14.39
CA ARG B 44 -3.60 35.00 12.96
C ARG B 44 -3.94 36.47 12.80
N SER B 45 -3.56 37.04 11.67
CA SER B 45 -3.89 38.43 11.40
C SER B 45 -4.06 38.63 9.90
N SER B 46 -4.92 39.60 9.56
CA SER B 46 -5.19 39.97 8.17
C SER B 46 -5.45 38.74 7.31
N VAL B 47 -6.32 37.86 7.82
CA VAL B 47 -6.59 36.59 7.16
C VAL B 47 -7.99 36.14 7.52
N LEU B 48 -8.65 35.49 6.57
CA LEU B 48 -9.94 34.84 6.77
C LEU B 48 -9.69 33.34 6.87
N HIS B 49 -9.95 32.76 8.03
CA HIS B 49 -9.62 31.36 8.29
C HIS B 49 -10.91 30.54 8.42
N SER B 50 -10.98 29.45 7.66
CA SER B 50 -12.12 28.55 7.66
C SER B 50 -11.82 27.38 8.59
N THR B 51 -12.67 27.17 9.58
CA THR B 51 -12.48 26.11 10.55
C THR B 51 -13.81 25.44 10.85
N GLN B 52 -13.76 24.15 11.16
CA GLN B 52 -14.94 23.38 11.55
C GLN B 52 -14.80 22.99 13.01
N ASP B 53 -15.78 23.39 13.82
CA ASP B 53 -15.79 23.11 15.25
C ASP B 53 -17.23 23.24 15.73
N LEU B 54 -17.42 23.03 17.03
CA LEU B 54 -18.75 23.10 17.62
C LEU B 54 -19.05 24.56 17.96
N PHE B 55 -19.83 25.21 17.12
CA PHE B 55 -20.18 26.62 17.26
C PHE B 55 -21.68 26.77 17.43
N LEU B 56 -22.08 27.91 18.00
CA LEU B 56 -23.49 28.23 18.12
C LEU B 56 -24.01 28.71 16.77
N PRO B 57 -24.99 28.03 16.18
CA PRO B 57 -25.51 28.47 14.88
C PRO B 57 -26.06 29.89 14.96
N PHE B 58 -25.80 30.66 13.91
CA PHE B 58 -26.25 32.05 13.89
C PHE B 58 -27.77 32.13 13.82
N PHE B 59 -28.32 33.10 14.54
CA PHE B 59 -29.76 33.37 14.60
C PHE B 59 -30.56 32.18 15.12
N SER B 60 -29.91 31.25 15.83
CA SER B 60 -30.68 30.16 16.42
C SER B 60 -31.45 30.65 17.64
N ASN B 61 -32.41 29.85 18.07
CA ASN B 61 -33.21 30.16 19.26
C ASN B 61 -32.55 29.61 20.52
N VAL B 62 -32.42 30.48 21.52
CA VAL B 62 -31.91 30.12 22.83
C VAL B 62 -32.99 30.43 23.87
N THR B 63 -33.15 29.53 24.84
CA THR B 63 -34.23 29.66 25.81
C THR B 63 -33.92 30.81 26.76
N TRP B 64 -34.91 31.68 26.98
CA TRP B 64 -34.75 32.87 27.79
C TRP B 64 -35.40 32.67 29.15
N PHE B 65 -34.58 32.71 30.21
CA PHE B 65 -35.02 32.53 31.58
C PHE B 65 -34.94 33.87 32.31
N HIS B 66 -35.78 34.02 33.34
CA HIS B 66 -35.86 35.26 34.09
C HIS B 66 -35.56 35.01 35.56
N ALA B 67 -35.09 36.05 36.24
CA ALA B 67 -34.79 36.00 37.68
C ALA B 67 -35.40 37.20 38.39
N ILE B 68 -36.70 37.40 38.22
CA ILE B 68 -37.41 38.51 38.84
C ILE B 68 -38.65 37.97 39.55
N HIS B 69 -39.14 38.77 40.49
CA HIS B 69 -40.35 38.47 41.25
C HIS B 69 -40.35 37.04 41.81
N ASP B 80 -36.38 30.79 39.25
CA ASP B 80 -36.37 30.15 37.94
C ASP B 80 -34.96 29.67 37.57
N ASN B 81 -34.56 28.54 38.16
CA ASN B 81 -33.25 27.95 37.94
C ASN B 81 -33.38 26.46 37.60
N PRO B 82 -34.07 26.13 36.51
CA PRO B 82 -34.26 24.71 36.17
C PRO B 82 -32.97 24.08 35.67
N VAL B 83 -33.01 22.75 35.60
CA VAL B 83 -31.91 21.96 35.05
C VAL B 83 -32.11 21.80 33.56
N LEU B 84 -31.09 22.15 32.77
CA LEU B 84 -31.15 22.07 31.32
C LEU B 84 -30.24 20.98 30.79
N PRO B 85 -30.59 20.39 29.64
CA PRO B 85 -29.66 19.47 28.97
C PRO B 85 -28.35 20.15 28.56
N PHE B 86 -27.28 19.36 28.55
CA PHE B 86 -25.97 19.80 28.09
C PHE B 86 -25.68 19.44 26.64
N ASN B 87 -26.31 18.36 26.14
CA ASN B 87 -26.04 17.81 24.81
C ASN B 87 -24.56 17.77 24.46
N ASP B 88 -24.16 18.49 23.41
CA ASP B 88 -22.78 18.47 22.93
C ASP B 88 -22.02 19.74 23.28
N GLY B 89 -22.55 20.55 24.17
CA GLY B 89 -21.92 21.81 24.56
C GLY B 89 -23.01 22.84 24.74
N VAL B 90 -22.77 23.78 25.65
CA VAL B 90 -23.77 24.78 26.01
C VAL B 90 -23.16 26.17 25.88
N TYR B 91 -23.90 27.07 25.24
CA TYR B 91 -23.59 28.49 25.24
C TYR B 91 -24.39 29.16 26.36
N PHE B 92 -23.72 29.95 27.18
CA PHE B 92 -24.38 30.64 28.28
C PHE B 92 -24.03 32.11 28.23
N ALA B 93 -25.03 32.95 28.48
CA ALA B 93 -24.83 34.39 28.57
C ALA B 93 -25.78 34.94 29.63
N SER B 94 -25.35 36.03 30.27
CA SER B 94 -26.19 36.69 31.24
C SER B 94 -25.94 38.18 31.21
N THR B 95 -26.95 38.96 31.63
CA THR B 95 -26.86 40.40 31.75
C THR B 95 -27.03 40.75 33.22
N GLU B 96 -26.15 41.62 33.73
CA GLU B 96 -26.13 41.91 35.15
C GLU B 96 -26.13 43.39 35.43
N LYS B 97 -26.63 43.72 36.62
CA LYS B 97 -26.56 45.05 37.21
C LYS B 97 -26.22 45.02 38.69
N SER B 98 -26.35 43.87 39.36
CA SER B 98 -26.10 43.75 40.79
C SER B 98 -25.44 42.42 41.12
N ASN B 99 -24.86 41.74 40.13
CA ASN B 99 -24.14 40.47 40.31
C ASN B 99 -25.02 39.41 40.99
N ILE B 100 -26.22 39.21 40.44
CA ILE B 100 -27.12 38.20 41.00
C ILE B 100 -26.62 36.80 40.70
N ILE B 101 -26.19 36.56 39.46
CA ILE B 101 -25.69 35.23 39.09
C ILE B 101 -24.24 35.13 39.52
N ARG B 102 -23.94 34.17 40.39
CA ARG B 102 -22.61 34.04 40.96
C ARG B 102 -21.95 32.69 40.72
N GLY B 103 -22.63 31.75 40.08
CA GLY B 103 -21.98 30.47 39.84
C GLY B 103 -22.77 29.55 38.95
N TRP B 104 -22.17 28.40 38.69
CA TRP B 104 -22.75 27.38 37.82
C TRP B 104 -22.45 26.00 38.41
N ILE B 105 -23.36 25.05 38.15
CA ILE B 105 -23.18 23.67 38.55
C ILE B 105 -23.34 22.78 37.32
N PHE B 106 -22.37 21.90 37.10
CA PHE B 106 -22.39 20.97 35.97
C PHE B 106 -22.22 19.54 36.48
N GLY B 107 -23.04 18.62 35.96
CA GLY B 107 -22.92 17.23 36.34
C GLY B 107 -24.05 16.41 35.74
N THR B 108 -24.32 15.27 36.37
CA THR B 108 -25.40 14.38 35.94
C THR B 108 -26.53 14.26 36.95
N THR B 109 -26.22 14.11 38.24
CA THR B 109 -27.25 13.95 39.25
C THR B 109 -27.26 15.05 40.31
N LEU B 110 -26.15 15.78 40.50
CA LEU B 110 -26.09 16.91 41.42
C LEU B 110 -26.60 16.56 42.80
N ASP B 111 -26.25 15.36 43.29
CA ASP B 111 -26.79 14.91 44.57
C ASP B 111 -25.75 14.19 45.42
N SER B 112 -24.47 14.52 45.25
CA SER B 112 -23.33 13.96 45.96
C SER B 112 -23.00 12.54 45.54
N LYS B 113 -23.69 11.97 44.55
CA LYS B 113 -23.42 10.61 44.11
C LYS B 113 -22.35 10.55 43.03
N THR B 114 -22.11 11.65 42.32
CA THR B 114 -21.10 11.70 41.27
C THR B 114 -20.35 13.02 41.39
N GLN B 115 -19.29 13.15 40.60
CA GLN B 115 -18.52 14.38 40.59
C GLN B 115 -19.26 15.44 39.79
N SER B 116 -19.29 16.66 40.33
CA SER B 116 -20.01 17.77 39.72
C SER B 116 -19.18 19.03 39.82
N LEU B 117 -18.92 19.67 38.68
CA LEU B 117 -18.14 20.90 38.68
C LEU B 117 -18.92 22.02 39.34
N LEU B 118 -18.28 22.70 40.28
CA LEU B 118 -18.90 23.82 40.99
C LEU B 118 -18.00 25.04 40.85
N ILE B 119 -18.56 26.12 40.31
CA ILE B 119 -17.87 27.39 40.13
C ILE B 119 -18.65 28.43 40.91
N VAL B 120 -17.99 29.11 41.84
CA VAL B 120 -18.61 30.15 42.65
C VAL B 120 -17.72 31.38 42.63
N ASN B 121 -18.31 32.54 42.38
CA ASN B 121 -17.62 33.82 42.40
C ASN B 121 -18.30 34.71 43.45
N ASN B 122 -17.69 34.81 44.64
CA ASN B 122 -18.25 35.59 45.73
C ASN B 122 -17.39 36.83 46.01
N ALA B 123 -17.94 37.98 45.61
CA ALA B 123 -17.29 39.29 45.70
C ALA B 123 -16.02 39.37 44.85
N THR B 124 -14.87 39.05 45.44
CA THR B 124 -13.59 39.12 44.74
C THR B 124 -12.86 37.79 44.64
N ASN B 125 -13.49 36.68 45.03
CA ASN B 125 -12.83 35.38 45.04
C ASN B 125 -13.57 34.40 44.15
N VAL B 126 -12.93 34.04 43.03
CA VAL B 126 -13.47 33.01 42.15
C VAL B 126 -13.09 31.65 42.71
N VAL B 127 -14.08 30.78 42.92
CA VAL B 127 -13.87 29.46 43.50
C VAL B 127 -14.37 28.41 42.53
N ILE B 128 -13.50 27.46 42.20
CA ILE B 128 -13.83 26.34 41.32
C ILE B 128 -13.52 25.05 42.07
N LYS B 129 -14.51 24.16 42.15
CA LYS B 129 -14.35 22.88 42.82
C LYS B 129 -15.03 21.80 42.00
N VAL B 130 -14.53 20.58 42.11
CA VAL B 130 -15.14 19.44 41.42
C VAL B 130 -15.51 18.35 42.42
N CYS B 131 -15.87 18.76 43.63
CA CYS B 131 -16.18 17.80 44.67
C CYS B 131 -17.54 17.15 44.41
N GLU B 132 -17.79 16.04 45.11
CA GLU B 132 -19.12 15.40 45.06
C GLU B 132 -20.04 16.09 46.06
N PHE B 133 -20.42 17.32 45.72
CA PHE B 133 -21.17 18.15 46.65
C PHE B 133 -22.59 17.64 46.83
N GLN B 134 -23.09 17.73 48.05
CA GLN B 134 -24.51 17.48 48.34
C GLN B 134 -25.23 18.81 48.24
N PHE B 135 -25.97 18.99 47.15
CA PHE B 135 -26.68 20.24 46.91
C PHE B 135 -28.10 20.20 47.46
N CYS B 136 -28.62 21.38 47.77
CA CYS B 136 -29.99 21.52 48.26
C CYS B 136 -30.98 21.21 47.15
N ASN B 137 -32.25 21.05 47.53
CA ASN B 137 -33.31 20.82 46.56
C ASN B 137 -33.39 21.98 45.56
N ASP B 138 -33.10 23.19 45.99
CA ASP B 138 -33.06 24.35 45.11
C ASP B 138 -31.86 25.18 45.49
N PRO B 139 -30.69 24.89 44.90
CA PRO B 139 -29.46 25.58 45.29
C PRO B 139 -29.54 27.08 45.03
N PHE B 140 -29.07 27.86 46.01
CA PHE B 140 -28.97 29.30 45.86
C PHE B 140 -27.98 29.82 46.90
N LEU B 141 -27.55 31.07 46.71
CA LEU B 141 -26.68 31.76 47.64
C LEU B 141 -27.39 32.97 48.21
N GLY B 142 -27.34 33.13 49.53
CA GLY B 142 -27.95 34.28 50.16
C GLY B 142 -27.03 35.48 50.21
N VAL B 143 -27.63 36.65 50.34
CA VAL B 143 -26.88 37.89 50.51
C VAL B 143 -26.68 38.20 51.99
N ASN B 165 -14.26 13.74 48.75
CA ASN B 165 -13.62 13.05 47.63
C ASN B 165 -13.36 14.06 46.52
N CYS B 166 -12.69 15.15 46.88
CA CYS B 166 -12.37 16.22 45.95
C CYS B 166 -11.08 15.90 45.20
N THR B 167 -11.07 16.19 43.90
CA THR B 167 -9.90 15.96 43.07
C THR B 167 -9.29 17.23 42.51
N PHE B 168 -9.88 18.39 42.78
CA PHE B 168 -9.35 19.66 42.27
C PHE B 168 -9.99 20.80 43.07
N GLU B 169 -9.19 21.82 43.37
CA GLU B 169 -9.69 23.04 43.99
C GLU B 169 -8.87 24.21 43.50
N TYR B 170 -9.54 25.32 43.20
CA TYR B 170 -8.87 26.55 42.83
C TYR B 170 -9.61 27.74 43.42
N VAL B 171 -8.84 28.68 43.96
CA VAL B 171 -9.38 29.94 44.48
C VAL B 171 -8.54 31.09 43.93
N SER B 172 -9.20 32.10 43.39
CA SER B 172 -8.52 33.30 42.91
C SER B 172 -8.19 34.23 44.08
N PHE B 186 -29.34 46.65 32.01
CA PHE B 186 -28.17 46.02 32.63
C PHE B 186 -26.88 46.67 32.15
N LYS B 187 -25.81 46.52 32.93
CA LYS B 187 -24.54 47.17 32.62
C LYS B 187 -23.44 46.23 32.17
N ASN B 188 -23.50 44.94 32.52
CA ASN B 188 -22.42 44.01 32.22
C ASN B 188 -22.99 42.73 31.62
N LEU B 189 -22.50 42.38 30.43
CA LEU B 189 -22.87 41.14 29.76
C LEU B 189 -21.71 40.15 29.90
N ARG B 190 -22.00 38.98 30.44
CA ARG B 190 -20.98 37.94 30.66
C ARG B 190 -21.40 36.68 29.92
N GLU B 191 -20.73 36.40 28.80
CA GLU B 191 -21.04 35.27 27.94
C GLU B 191 -20.05 34.14 28.20
N PHE B 192 -20.53 32.90 28.16
CA PHE B 192 -19.68 31.75 28.39
C PHE B 192 -20.01 30.66 27.37
N VAL B 193 -19.00 29.84 27.07
CA VAL B 193 -19.18 28.61 26.30
C VAL B 193 -18.55 27.46 27.09
N PHE B 194 -19.31 26.39 27.28
CA PHE B 194 -18.84 25.22 28.01
C PHE B 194 -18.96 23.99 27.10
N LYS B 195 -17.83 23.39 26.76
CA LYS B 195 -17.82 22.18 25.95
C LYS B 195 -16.80 21.19 26.48
N ASN B 196 -17.06 19.91 26.26
CA ASN B 196 -16.20 18.82 26.71
C ASN B 196 -15.73 18.04 25.49
N ILE B 197 -14.42 18.11 25.20
CA ILE B 197 -13.82 17.41 24.09
C ILE B 197 -12.77 16.45 24.65
N ASP B 198 -13.02 15.15 24.49
CA ASP B 198 -12.10 14.10 24.94
C ASP B 198 -11.70 14.28 26.41
N GLY B 199 -12.67 14.67 27.24
CA GLY B 199 -12.44 14.80 28.66
C GLY B 199 -11.98 16.16 29.13
N TYR B 200 -11.76 17.11 28.22
CA TYR B 200 -11.28 18.44 28.59
C TYR B 200 -12.46 19.41 28.61
N PHE B 201 -12.68 20.05 29.76
CA PHE B 201 -13.76 21.01 29.92
C PHE B 201 -13.23 22.40 29.62
N LYS B 202 -13.60 22.94 28.46
CA LYS B 202 -13.06 24.19 27.96
C LYS B 202 -14.03 25.33 28.23
N ILE B 203 -13.55 26.39 28.86
CA ILE B 203 -14.37 27.54 29.25
C ILE B 203 -13.88 28.76 28.49
N TYR B 204 -14.79 29.41 27.76
CA TYR B 204 -14.52 30.65 27.06
C TYR B 204 -15.43 31.73 27.62
N SER B 205 -14.97 32.97 27.59
CA SER B 205 -15.83 34.05 28.07
C SER B 205 -15.34 35.38 27.54
N LYS B 206 -16.24 36.36 27.58
CA LYS B 206 -15.93 37.75 27.23
C LYS B 206 -16.85 38.65 28.04
N HIS B 207 -16.27 39.66 28.69
CA HIS B 207 -17.03 40.66 29.43
C HIS B 207 -17.00 41.98 28.68
N THR B 208 -18.17 42.60 28.54
CA THR B 208 -18.26 43.89 27.87
C THR B 208 -19.33 44.74 28.53
N PRO B 209 -19.14 46.05 28.62
CA PRO B 209 -20.21 46.92 29.11
C PRO B 209 -21.34 47.03 28.11
N ILE B 210 -22.57 47.03 28.62
CA ILE B 210 -23.77 47.18 27.80
C ILE B 210 -24.70 48.18 28.47
N ASN B 211 -25.67 48.67 27.70
CA ASN B 211 -26.75 49.51 28.24
C ASN B 211 -28.08 49.04 27.66
N LEU B 212 -28.58 47.92 28.18
CA LEU B 212 -29.79 47.31 27.66
C LEU B 212 -30.31 46.31 28.68
N VAL B 213 -31.58 46.45 29.06
CA VAL B 213 -32.20 45.60 30.06
C VAL B 213 -33.11 44.56 29.42
N ARG B 214 -33.76 44.94 28.31
CA ARG B 214 -34.84 44.10 27.75
C ARG B 214 -34.33 42.76 27.25
N ASP B 215 -33.20 42.75 26.54
CA ASP B 215 -32.79 41.53 25.84
C ASP B 215 -31.28 41.58 25.59
N LEU B 216 -30.78 40.55 24.92
CA LEU B 216 -29.38 40.52 24.52
C LEU B 216 -29.08 41.66 23.56
N PRO B 217 -28.01 42.41 23.78
CA PRO B 217 -27.59 43.42 22.80
C PRO B 217 -27.21 42.75 21.49
N GLN B 218 -27.50 43.42 20.38
CA GLN B 218 -27.11 42.93 19.07
C GLN B 218 -25.70 43.40 18.74
N GLY B 219 -24.92 42.51 18.17
CA GLY B 219 -23.54 42.81 17.81
C GLY B 219 -22.73 41.53 17.78
N PHE B 220 -21.43 41.69 17.57
CA PHE B 220 -20.51 40.56 17.48
C PHE B 220 -19.35 40.77 18.43
N SER B 221 -19.02 39.71 19.18
CA SER B 221 -17.88 39.75 20.08
C SER B 221 -17.38 38.32 20.28
N ALA B 222 -16.08 38.11 20.08
CA ALA B 222 -15.49 36.80 20.20
C ALA B 222 -15.07 36.52 21.63
N LEU B 223 -15.21 35.27 22.04
CA LEU B 223 -14.90 34.84 23.40
C LEU B 223 -13.53 34.18 23.39
N GLU B 224 -12.61 34.69 24.21
CA GLU B 224 -11.31 34.06 24.35
C GLU B 224 -11.35 32.92 25.35
N PRO B 225 -10.50 31.91 25.18
CA PRO B 225 -10.37 30.88 26.21
C PRO B 225 -9.67 31.43 27.44
N LEU B 226 -10.10 30.95 28.60
CA LEU B 226 -9.44 31.29 29.86
C LEU B 226 -8.99 30.06 30.65
N VAL B 227 -9.80 29.02 30.71
CA VAL B 227 -9.56 27.87 31.57
C VAL B 227 -9.76 26.60 30.76
N ASP B 228 -8.94 25.58 31.06
CA ASP B 228 -9.08 24.27 30.45
C ASP B 228 -8.83 23.24 31.55
N LEU B 229 -9.89 22.60 32.03
CA LEU B 229 -9.79 21.66 33.14
C LEU B 229 -9.84 20.24 32.62
N PRO B 230 -8.79 19.46 32.77
CA PRO B 230 -8.78 18.06 32.28
C PRO B 230 -9.50 17.12 33.24
N ILE B 231 -10.80 17.34 33.43
CA ILE B 231 -11.54 16.60 34.44
C ILE B 231 -11.98 15.22 33.95
N GLY B 232 -12.30 15.09 32.66
CA GLY B 232 -12.72 13.79 32.15
C GLY B 232 -14.06 13.34 32.68
N ILE B 233 -14.93 14.29 33.03
CA ILE B 233 -16.23 14.02 33.63
C ILE B 233 -17.31 14.10 32.57
N ASN B 234 -18.20 13.11 32.56
CA ASN B 234 -19.34 13.10 31.63
C ASN B 234 -20.40 14.04 32.16
N ILE B 235 -20.54 15.19 31.51
CA ILE B 235 -21.47 16.23 31.93
C ILE B 235 -22.65 16.23 30.97
N THR B 236 -23.86 16.05 31.52
CA THR B 236 -25.07 15.98 30.73
C THR B 236 -26.13 17.01 31.15
N ARG B 237 -26.04 17.57 32.35
CA ARG B 237 -27.01 18.52 32.84
C ARG B 237 -26.27 19.65 33.56
N PHE B 238 -26.91 20.82 33.62
CA PHE B 238 -26.35 21.92 34.38
C PHE B 238 -27.46 22.78 34.95
N GLN B 239 -27.09 23.59 35.94
CA GLN B 239 -28.02 24.50 36.63
C GLN B 239 -27.27 25.78 36.96
N THR B 240 -28.01 26.87 37.08
CA THR B 240 -27.40 28.15 37.44
C THR B 240 -27.59 28.43 38.93
N LEU B 241 -26.88 29.45 39.40
CA LEU B 241 -26.91 29.86 40.80
C LEU B 241 -27.22 31.34 40.90
N LEU B 242 -28.31 31.67 41.61
CA LEU B 242 -28.75 33.05 41.76
C LEU B 242 -28.51 33.53 43.18
N ALA B 243 -28.15 34.80 43.33
CA ALA B 243 -27.97 35.42 44.64
C ALA B 243 -29.28 36.05 45.10
N LEU B 244 -29.83 35.54 46.19
CA LEU B 244 -31.13 35.97 46.69
C LEU B 244 -30.95 36.79 47.96
N HIS B 245 -31.66 37.90 48.04
CA HIS B 245 -31.62 38.76 49.21
C HIS B 245 -32.52 38.23 50.32
N ALA B 263 -31.83 39.09 36.80
CA ALA B 263 -30.67 38.53 36.12
C ALA B 263 -31.07 37.41 35.17
N ALA B 264 -31.49 37.79 33.96
CA ALA B 264 -31.85 36.81 32.96
C ALA B 264 -30.60 36.13 32.41
N TYR B 265 -30.79 34.91 31.91
CA TYR B 265 -29.70 34.18 31.26
C TYR B 265 -30.26 33.38 30.10
N TYR B 266 -29.37 33.01 29.19
CA TYR B 266 -29.73 32.34 27.94
C TYR B 266 -28.92 31.08 27.80
N VAL B 267 -29.56 30.03 27.27
CA VAL B 267 -28.91 28.74 27.05
C VAL B 267 -29.02 28.36 25.59
N GLY B 268 -27.88 28.16 24.93
CA GLY B 268 -27.84 27.70 23.57
C GLY B 268 -27.08 26.38 23.47
N TYR B 269 -27.08 25.80 22.28
CA TYR B 269 -26.40 24.54 22.05
C TYR B 269 -25.50 24.64 20.82
N LEU B 270 -24.36 23.97 20.88
CA LEU B 270 -23.38 24.01 19.81
C LEU B 270 -23.64 22.91 18.78
N GLN B 271 -23.30 23.19 17.53
CA GLN B 271 -23.45 22.25 16.44
C GLN B 271 -22.17 22.22 15.61
N PRO B 272 -21.90 21.11 14.92
CA PRO B 272 -20.68 21.03 14.11
C PRO B 272 -20.77 21.83 12.81
N ARG B 273 -20.92 23.14 12.94
CA ARG B 273 -20.99 24.03 11.79
C ARG B 273 -19.59 24.48 11.37
N THR B 274 -19.47 24.84 10.10
CA THR B 274 -18.24 25.43 9.57
C THR B 274 -18.38 26.95 9.59
N PHE B 275 -17.40 27.63 10.17
CA PHE B 275 -17.38 29.08 10.23
C PHE B 275 -16.14 29.64 9.56
N LEU B 276 -16.31 30.79 8.91
CA LEU B 276 -15.22 31.59 8.38
C LEU B 276 -14.95 32.72 9.36
N LEU B 277 -13.77 32.74 9.96
CA LEU B 277 -13.44 33.68 11.01
C LEU B 277 -12.52 34.77 10.45
N LYS B 278 -12.88 36.02 10.73
CA LYS B 278 -12.12 37.18 10.26
C LYS B 278 -11.22 37.67 11.38
N TYR B 279 -9.91 37.55 11.18
CA TYR B 279 -8.92 38.02 12.14
C TYR B 279 -8.40 39.36 11.68
N ASN B 280 -8.41 40.35 12.58
CA ASN B 280 -7.94 41.68 12.24
C ASN B 280 -6.41 41.74 12.40
N GLU B 281 -5.84 42.93 12.27
CA GLU B 281 -4.39 43.09 12.35
C GLU B 281 -3.84 42.76 13.73
N ASN B 282 -4.67 42.80 14.77
CA ASN B 282 -4.24 42.52 16.12
C ASN B 282 -4.58 41.09 16.56
N GLY B 283 -5.08 40.26 15.65
CA GLY B 283 -5.44 38.90 15.97
C GLY B 283 -6.74 38.76 16.72
N THR B 284 -7.62 39.76 16.64
CA THR B 284 -8.93 39.70 17.27
C THR B 284 -9.97 39.36 16.22
N ILE B 285 -10.86 38.42 16.54
CA ILE B 285 -11.94 38.07 15.64
C ILE B 285 -12.99 39.17 15.68
N THR B 286 -13.26 39.78 14.52
CA THR B 286 -14.19 40.90 14.43
C THR B 286 -15.48 40.56 13.70
N ASP B 287 -15.50 39.50 12.90
CA ASP B 287 -16.70 39.07 12.21
C ASP B 287 -16.62 37.56 11.98
N ALA B 288 -17.69 37.00 11.44
CA ALA B 288 -17.73 35.58 11.15
C ALA B 288 -18.85 35.30 10.16
N VAL B 289 -18.67 34.25 9.37
CA VAL B 289 -19.69 33.77 8.43
C VAL B 289 -20.04 32.34 8.80
N ASP B 290 -21.33 32.09 9.03
CA ASP B 290 -21.83 30.74 9.29
C ASP B 290 -22.09 30.09 7.94
N CYS B 291 -21.24 29.13 7.56
CA CYS B 291 -21.24 28.58 6.20
C CYS B 291 -22.50 27.79 5.87
N ALA B 292 -23.55 27.83 6.71
CA ALA B 292 -24.78 27.14 6.41
C ALA B 292 -26.00 27.98 6.79
N LEU B 293 -25.83 29.27 7.04
CA LEU B 293 -26.95 30.13 7.39
C LEU B 293 -27.88 30.35 6.21
N ASP B 294 -27.30 30.50 5.02
CA ASP B 294 -28.05 30.83 3.81
C ASP B 294 -27.11 30.75 2.62
N PRO B 295 -27.65 30.70 1.39
CA PRO B 295 -26.78 30.62 0.21
C PRO B 295 -25.73 31.71 0.12
N LEU B 296 -26.02 32.93 0.59
CA LEU B 296 -25.02 33.99 0.52
C LEU B 296 -23.83 33.69 1.42
N SER B 297 -24.09 33.15 2.61
CA SER B 297 -23.00 32.77 3.50
C SER B 297 -22.20 31.62 2.91
N GLU B 298 -22.88 30.68 2.23
CA GLU B 298 -22.18 29.60 1.56
C GLU B 298 -21.26 30.15 0.47
N THR B 299 -21.73 31.16 -0.27
CA THR B 299 -20.91 31.78 -1.29
C THR B 299 -19.70 32.46 -0.67
N LYS B 300 -19.93 33.21 0.42
CA LYS B 300 -18.82 33.88 1.10
C LYS B 300 -17.77 32.89 1.58
N CYS B 301 -18.22 31.76 2.14
CA CYS B 301 -17.28 30.73 2.58
C CYS B 301 -16.54 30.11 1.40
N THR B 302 -17.24 29.87 0.29
CA THR B 302 -16.61 29.28 -0.88
C THR B 302 -15.46 30.14 -1.40
N LEU B 303 -15.65 31.45 -1.42
CA LEU B 303 -14.63 32.36 -1.93
C LEU B 303 -13.64 32.81 -0.87
N LYS B 304 -13.82 32.37 0.38
CA LYS B 304 -12.96 32.78 1.49
C LYS B 304 -12.86 34.29 1.55
N SER B 305 -14.01 34.95 1.48
CA SER B 305 -14.04 36.40 1.53
C SER B 305 -15.38 36.86 2.09
N PHE B 306 -15.37 38.05 2.69
CA PHE B 306 -16.59 38.68 3.20
C PHE B 306 -17.24 39.59 2.17
N THR B 307 -16.63 39.71 0.99
CA THR B 307 -17.18 40.46 -0.12
C THR B 307 -17.30 39.52 -1.31
N VAL B 308 -18.45 39.52 -1.96
CA VAL B 308 -18.70 38.66 -3.10
C VAL B 308 -18.93 39.54 -4.33
N GLU B 309 -18.12 39.34 -5.36
CA GLU B 309 -18.28 40.09 -6.59
C GLU B 309 -19.51 39.62 -7.35
N LYS B 310 -20.04 40.50 -8.19
CA LYS B 310 -21.19 40.17 -9.02
C LYS B 310 -20.88 38.98 -9.91
N GLY B 311 -21.78 38.01 -9.94
CA GLY B 311 -21.61 36.83 -10.75
C GLY B 311 -22.34 35.65 -10.15
N ILE B 312 -22.07 34.48 -10.73
CA ILE B 312 -22.67 33.21 -10.31
C ILE B 312 -21.57 32.29 -9.81
N TYR B 313 -21.76 31.76 -8.61
CA TYR B 313 -20.78 30.88 -7.97
C TYR B 313 -21.42 29.55 -7.63
N GLN B 314 -20.65 28.47 -7.78
CA GLN B 314 -21.09 27.13 -7.41
C GLN B 314 -20.57 26.81 -6.01
N THR B 315 -21.48 26.59 -5.07
CA THR B 315 -21.10 26.46 -3.67
C THR B 315 -21.37 25.08 -3.06
N SER B 316 -22.35 24.33 -3.56
CA SER B 316 -22.69 23.07 -2.92
C SER B 316 -23.44 22.18 -3.89
N ASN B 317 -23.21 20.86 -3.77
CA ASN B 317 -23.85 19.89 -4.65
C ASN B 317 -25.16 19.42 -4.03
N PHE B 318 -26.24 19.52 -4.79
CA PHE B 318 -27.55 19.04 -4.36
C PHE B 318 -27.68 17.56 -4.65
N ARG B 319 -28.21 16.80 -3.67
CA ARG B 319 -28.41 15.37 -3.86
C ARG B 319 -29.62 14.91 -3.07
N VAL B 320 -30.64 14.44 -3.78
CA VAL B 320 -31.87 13.94 -3.16
C VAL B 320 -31.56 12.70 -2.33
N GLN B 321 -32.06 12.68 -1.07
CA GLN B 321 -31.78 11.50 -0.27
C GLN B 321 -32.90 10.47 -0.41
N PRO B 322 -32.60 9.19 -0.26
CA PRO B 322 -33.66 8.17 -0.26
C PRO B 322 -34.50 8.25 1.00
N THR B 323 -35.77 7.84 0.88
CA THR B 323 -36.70 7.85 2.01
C THR B 323 -36.89 6.47 2.65
N GLU B 324 -36.89 5.40 1.87
CA GLU B 324 -37.14 4.06 2.40
C GLU B 324 -36.41 3.04 1.54
N SER B 325 -36.20 1.85 2.11
CA SER B 325 -35.58 0.76 1.38
C SER B 325 -36.66 -0.15 0.79
N ILE B 326 -36.33 -0.78 -0.33
CA ILE B 326 -37.19 -1.74 -1.01
C ILE B 326 -36.46 -3.06 -1.12
N VAL B 327 -37.01 -4.11 -0.52
CA VAL B 327 -36.42 -5.44 -0.53
C VAL B 327 -37.35 -6.35 -1.30
N ARG B 328 -36.84 -6.95 -2.39
CA ARG B 328 -37.65 -7.79 -3.26
C ARG B 328 -37.06 -9.18 -3.42
N PHE B 329 -37.90 -10.19 -3.22
CA PHE B 329 -37.58 -11.58 -3.48
C PHE B 329 -38.84 -12.20 -4.04
N PRO B 330 -38.74 -13.29 -4.80
CA PRO B 330 -39.97 -13.88 -5.34
C PRO B 330 -40.89 -14.34 -4.23
N ASN B 331 -42.19 -14.37 -4.54
CA ASN B 331 -43.21 -14.81 -3.58
C ASN B 331 -43.05 -16.24 -3.06
N ILE B 332 -43.53 -17.26 -3.78
CA ILE B 332 -43.32 -18.65 -3.34
C ILE B 332 -42.32 -19.32 -4.27
N THR B 333 -41.07 -19.48 -3.85
CA THR B 333 -40.17 -20.35 -4.59
C THR B 333 -40.52 -21.83 -4.36
N ASN B 334 -40.08 -22.36 -3.22
CA ASN B 334 -40.31 -23.77 -2.87
C ASN B 334 -40.10 -23.98 -1.37
N LEU B 335 -41.10 -24.56 -0.69
CA LEU B 335 -40.98 -24.88 0.73
C LEU B 335 -40.25 -26.21 0.94
N CYS B 336 -39.96 -26.52 2.19
CA CYS B 336 -39.24 -27.76 2.53
C CYS B 336 -40.13 -28.62 3.42
N PRO B 337 -40.13 -29.94 3.22
CA PRO B 337 -41.08 -30.80 3.95
C PRO B 337 -40.68 -31.03 5.40
N PHE B 338 -40.59 -29.94 6.17
CA PHE B 338 -40.36 -30.07 7.61
C PHE B 338 -41.60 -30.60 8.34
N GLY B 339 -42.78 -30.49 7.74
CA GLY B 339 -43.98 -30.98 8.39
C GLY B 339 -44.00 -32.49 8.53
N GLU B 340 -43.64 -33.21 7.47
CA GLU B 340 -43.63 -34.67 7.52
C GLU B 340 -42.52 -35.23 8.39
N VAL B 341 -41.59 -34.39 8.86
CA VAL B 341 -40.56 -34.84 9.80
C VAL B 341 -41.01 -34.66 11.24
N PHE B 342 -41.55 -33.49 11.57
CA PHE B 342 -42.03 -33.23 12.92
C PHE B 342 -43.39 -33.87 13.16
N ASN B 343 -44.33 -33.68 12.23
CA ASN B 343 -45.68 -34.23 12.34
C ASN B 343 -45.80 -35.62 11.75
N ALA B 344 -44.71 -36.39 11.73
CA ALA B 344 -44.76 -37.77 11.26
C ALA B 344 -45.67 -38.61 12.15
N THR B 345 -46.50 -39.44 11.51
CA THR B 345 -47.45 -40.26 12.24
C THR B 345 -46.75 -41.19 13.22
N ARG B 346 -45.64 -41.79 12.80
CA ARG B 346 -44.90 -42.72 13.64
C ARG B 346 -43.41 -42.44 13.50
N PHE B 347 -42.68 -42.64 14.59
CA PHE B 347 -41.25 -42.40 14.67
C PHE B 347 -40.50 -43.71 14.84
N ALA B 348 -39.19 -43.63 14.68
CA ALA B 348 -38.32 -44.80 14.75
C ALA B 348 -37.62 -44.84 16.12
N SER B 349 -37.04 -46.01 16.42
CA SER B 349 -36.30 -46.18 17.65
C SER B 349 -34.98 -45.41 17.58
N VAL B 350 -34.38 -45.19 18.75
CA VAL B 350 -33.19 -44.36 18.81
C VAL B 350 -31.98 -45.09 18.22
N TYR B 351 -31.91 -46.41 18.37
CA TYR B 351 -30.81 -47.15 17.78
C TYR B 351 -30.92 -47.16 16.25
N ALA B 352 -32.15 -47.25 15.74
CA ALA B 352 -32.39 -47.18 14.30
C ALA B 352 -32.96 -45.81 13.94
N TRP B 353 -32.23 -44.75 14.27
CA TRP B 353 -32.74 -43.41 14.04
C TRP B 353 -32.89 -43.13 12.55
N ASN B 354 -33.98 -42.48 12.19
CA ASN B 354 -34.29 -42.18 10.80
C ASN B 354 -33.68 -40.84 10.41
N ARG B 355 -33.13 -40.77 9.21
CA ARG B 355 -32.51 -39.56 8.69
C ARG B 355 -33.24 -39.11 7.44
N LYS B 356 -33.62 -37.83 7.41
CA LYS B 356 -34.23 -37.21 6.24
C LYS B 356 -33.28 -36.17 5.67
N ARG B 357 -33.08 -36.22 4.36
CA ARG B 357 -32.18 -35.30 3.67
C ARG B 357 -32.96 -34.13 3.10
N ILE B 358 -32.54 -32.91 3.42
CA ILE B 358 -33.20 -31.68 2.99
C ILE B 358 -32.31 -31.03 1.95
N SER B 359 -32.79 -30.95 0.70
CA SER B 359 -32.01 -30.37 -0.37
C SER B 359 -32.91 -29.72 -1.40
N ASN B 360 -32.44 -28.60 -1.96
CA ASN B 360 -33.10 -27.90 -3.06
C ASN B 360 -34.51 -27.43 -2.68
N CYS B 361 -34.59 -26.58 -1.67
CA CYS B 361 -35.85 -26.01 -1.21
C CYS B 361 -35.50 -24.88 -0.24
N VAL B 362 -36.33 -23.84 -0.25
CA VAL B 362 -36.15 -22.77 0.73
C VAL B 362 -36.60 -23.28 2.10
N ALA B 363 -35.70 -23.17 3.08
CA ALA B 363 -35.92 -23.69 4.43
C ALA B 363 -36.62 -22.63 5.27
N ASP B 364 -37.91 -22.82 5.53
CA ASP B 364 -38.68 -21.92 6.38
C ASP B 364 -38.67 -22.46 7.80
N TYR B 365 -37.89 -21.81 8.68
CA TYR B 365 -37.76 -22.23 10.07
C TYR B 365 -38.80 -21.61 10.99
N SER B 366 -39.77 -20.88 10.44
CA SER B 366 -40.79 -20.26 11.28
C SER B 366 -41.71 -21.28 11.94
N VAL B 367 -41.65 -22.55 11.51
CA VAL B 367 -42.43 -23.59 12.16
C VAL B 367 -41.81 -24.00 13.49
N LEU B 368 -40.55 -23.62 13.73
CA LEU B 368 -39.93 -23.83 15.02
C LEU B 368 -40.16 -22.65 15.95
N TYR B 369 -40.29 -21.44 15.39
CA TYR B 369 -40.53 -20.25 16.19
C TYR B 369 -41.98 -20.20 16.64
N ASN B 370 -42.93 -20.35 15.71
CA ASN B 370 -44.33 -20.22 16.05
C ASN B 370 -44.80 -21.34 16.96
N SER B 371 -44.46 -22.59 16.62
CA SER B 371 -44.89 -23.76 17.38
C SER B 371 -44.23 -23.73 18.75
N ALA B 372 -44.96 -23.26 19.76
CA ALA B 372 -44.49 -23.26 21.14
C ALA B 372 -44.70 -24.60 21.84
N SER B 373 -45.10 -25.63 21.11
CA SER B 373 -45.35 -26.95 21.69
C SER B 373 -44.08 -27.77 21.90
N PHE B 374 -42.92 -27.11 21.92
CA PHE B 374 -41.64 -27.81 22.08
C PHE B 374 -41.19 -27.72 23.53
N SER B 375 -40.69 -28.84 24.05
CA SER B 375 -40.21 -28.91 25.43
C SER B 375 -38.74 -28.52 25.53
N THR B 376 -37.90 -29.11 24.68
CA THR B 376 -36.47 -28.86 24.68
C THR B 376 -36.06 -28.27 23.34
N PHE B 377 -35.37 -27.13 23.38
CA PHE B 377 -34.91 -26.46 22.17
C PHE B 377 -33.52 -25.88 22.48
N LYS B 378 -32.49 -26.56 21.99
CA LYS B 378 -31.11 -26.13 22.20
C LYS B 378 -30.35 -26.22 20.88
N CYS B 379 -29.57 -25.18 20.58
CA CYS B 379 -28.78 -25.12 19.36
C CYS B 379 -27.30 -25.06 19.72
N TYR B 380 -26.47 -25.55 18.81
CA TYR B 380 -25.03 -25.59 19.01
C TYR B 380 -24.36 -25.14 17.72
N GLY B 381 -23.40 -24.22 17.84
CA GLY B 381 -22.62 -23.76 16.71
C GLY B 381 -23.31 -22.72 15.85
N VAL B 382 -24.63 -22.57 15.97
CA VAL B 382 -25.39 -21.63 15.17
C VAL B 382 -26.56 -21.14 16.01
N SER B 383 -27.02 -19.92 15.73
CA SER B 383 -28.13 -19.36 16.49
C SER B 383 -29.43 -19.46 15.69
N PRO B 384 -30.54 -19.81 16.34
CA PRO B 384 -31.79 -19.99 15.59
C PRO B 384 -32.31 -18.70 14.98
N THR B 385 -32.03 -17.55 15.60
CA THR B 385 -32.50 -16.29 15.06
C THR B 385 -31.80 -15.96 13.74
N LYS B 386 -30.48 -16.11 13.72
CA LYS B 386 -29.67 -15.91 12.51
C LYS B 386 -29.59 -17.18 11.67
N LEU B 387 -30.73 -17.84 11.45
CA LEU B 387 -30.77 -19.06 10.66
C LEU B 387 -31.57 -18.93 9.37
N ASN B 388 -32.59 -18.07 9.34
CA ASN B 388 -33.35 -17.85 8.11
C ASN B 388 -32.59 -17.00 7.09
N ASP B 389 -31.44 -16.46 7.46
CA ASP B 389 -30.60 -15.69 6.55
C ASP B 389 -29.20 -16.29 6.45
N LEU B 390 -29.11 -17.59 6.19
CA LEU B 390 -27.82 -18.28 6.11
C LEU B 390 -28.00 -19.51 5.25
N CYS B 391 -27.05 -19.74 4.34
CA CYS B 391 -27.12 -20.86 3.41
C CYS B 391 -26.31 -22.05 3.91
N PHE B 392 -26.70 -23.24 3.48
CA PHE B 392 -26.02 -24.47 3.81
C PHE B 392 -26.04 -25.39 2.59
N THR B 393 -24.99 -26.20 2.46
CA THR B 393 -24.94 -27.17 1.37
C THR B 393 -26.02 -28.23 1.51
N ASN B 394 -26.19 -28.77 2.71
CA ASN B 394 -27.21 -29.77 2.99
C ASN B 394 -27.65 -29.65 4.44
N VAL B 395 -28.88 -30.08 4.72
CA VAL B 395 -29.41 -30.16 6.07
C VAL B 395 -29.94 -31.57 6.29
N TYR B 396 -29.55 -32.18 7.41
CA TYR B 396 -29.96 -33.53 7.77
C TYR B 396 -30.91 -33.47 8.97
N ALA B 397 -32.03 -34.17 8.87
CA ALA B 397 -33.05 -34.19 9.92
C ALA B 397 -33.11 -35.62 10.47
N ASP B 398 -32.53 -35.81 11.65
CA ASP B 398 -32.57 -37.09 12.34
C ASP B 398 -33.69 -37.08 13.37
N SER B 399 -34.47 -38.17 13.40
CA SER B 399 -35.63 -38.26 14.27
C SER B 399 -35.66 -39.63 14.94
N PHE B 400 -35.99 -39.63 16.23
CA PHE B 400 -36.10 -40.85 17.02
C PHE B 400 -36.92 -40.55 18.26
N VAL B 401 -37.00 -41.52 19.17
CA VAL B 401 -37.80 -41.39 20.38
C VAL B 401 -36.97 -41.90 21.56
N ILE B 402 -36.90 -41.10 22.62
CA ILE B 402 -36.25 -41.46 23.87
C ILE B 402 -37.09 -40.95 25.03
N ARG B 403 -36.62 -41.18 26.24
CA ARG B 403 -37.29 -40.72 27.45
C ARG B 403 -36.65 -39.43 27.95
N GLY B 404 -37.30 -38.82 28.94
CA GLY B 404 -36.89 -37.50 29.39
C GLY B 404 -35.48 -37.47 29.96
N ASP B 405 -35.12 -38.51 30.71
CA ASP B 405 -33.78 -38.58 31.31
C ASP B 405 -32.68 -38.68 30.25
N GLU B 406 -33.02 -39.05 29.03
CA GLU B 406 -32.04 -39.22 27.97
C GLU B 406 -32.01 -38.06 26.97
N VAL B 407 -32.96 -37.13 27.06
CA VAL B 407 -32.98 -35.99 26.16
C VAL B 407 -31.72 -35.15 26.33
N ARG B 408 -31.25 -35.01 27.57
CA ARG B 408 -30.04 -34.25 27.85
C ARG B 408 -28.81 -34.87 27.20
N GLN B 409 -28.87 -36.15 26.83
CA GLN B 409 -27.73 -36.81 26.21
C GLN B 409 -27.57 -36.48 24.73
N ILE B 410 -28.58 -35.89 24.10
CA ILE B 410 -28.47 -35.54 22.68
C ILE B 410 -27.79 -34.18 22.58
N ALA B 411 -26.46 -34.17 22.75
CA ALA B 411 -25.68 -32.95 22.72
C ALA B 411 -24.21 -33.33 22.56
N PRO B 412 -23.39 -32.46 21.98
CA PRO B 412 -21.97 -32.78 21.88
C PRO B 412 -21.32 -32.89 23.25
N GLY B 413 -20.37 -33.83 23.37
CA GLY B 413 -19.68 -34.01 24.63
C GLY B 413 -20.48 -34.69 25.71
N GLN B 414 -21.49 -35.47 25.34
CA GLN B 414 -22.34 -36.17 26.30
C GLN B 414 -22.02 -37.66 26.29
N THR B 415 -22.26 -38.31 27.43
CA THR B 415 -22.04 -39.74 27.58
C THR B 415 -23.29 -40.39 28.15
N GLY B 416 -23.41 -41.69 27.90
CA GLY B 416 -24.56 -42.44 28.33
C GLY B 416 -24.90 -43.52 27.32
N LYS B 417 -25.98 -44.25 27.61
CA LYS B 417 -26.40 -45.32 26.73
C LYS B 417 -26.79 -44.79 25.36
N ILE B 418 -27.49 -43.65 25.32
CA ILE B 418 -27.97 -43.11 24.05
C ILE B 418 -26.82 -42.49 23.28
N ALA B 419 -25.99 -41.68 23.96
CA ALA B 419 -24.91 -41.00 23.26
C ALA B 419 -23.86 -41.98 22.75
N ASP B 420 -23.57 -43.02 23.51
CA ASP B 420 -22.51 -43.95 23.14
C ASP B 420 -22.98 -45.11 22.27
N TYR B 421 -24.21 -45.59 22.46
CA TYR B 421 -24.66 -46.81 21.81
C TYR B 421 -25.78 -46.61 20.81
N ASN B 422 -26.40 -45.43 20.76
CA ASN B 422 -27.58 -45.25 19.92
C ASN B 422 -27.42 -44.09 18.95
N TYR B 423 -27.04 -42.92 19.45
CA TYR B 423 -26.91 -41.73 18.62
C TYR B 423 -25.82 -40.84 19.19
N LYS B 424 -24.76 -40.63 18.42
CA LYS B 424 -23.61 -39.84 18.86
C LYS B 424 -23.47 -38.61 17.98
N LEU B 425 -23.32 -37.45 18.62
CA LEU B 425 -23.05 -36.17 17.98
C LEU B 425 -21.59 -35.78 18.13
N PRO B 426 -20.96 -35.29 17.07
CA PRO B 426 -19.53 -34.95 17.15
C PRO B 426 -19.29 -33.75 18.05
N ASP B 427 -18.03 -33.58 18.43
CA ASP B 427 -17.67 -32.48 19.33
C ASP B 427 -17.82 -31.13 18.65
N ASP B 428 -17.70 -31.08 17.32
CA ASP B 428 -17.88 -29.85 16.55
C ASP B 428 -19.24 -29.81 15.87
N PHE B 429 -20.26 -30.40 16.49
CA PHE B 429 -21.59 -30.42 15.91
C PHE B 429 -22.14 -29.00 15.77
N THR B 430 -22.74 -28.72 14.62
CA THR B 430 -23.32 -27.41 14.31
C THR B 430 -24.78 -27.62 13.93
N GLY B 431 -25.68 -27.41 14.89
CA GLY B 431 -27.09 -27.58 14.61
C GLY B 431 -27.93 -27.31 15.84
N CYS B 432 -29.18 -27.78 15.79
CA CYS B 432 -30.14 -27.57 16.86
C CYS B 432 -30.77 -28.90 17.24
N VAL B 433 -31.11 -29.03 18.53
CA VAL B 433 -31.77 -30.21 19.06
C VAL B 433 -33.13 -29.79 19.58
N ILE B 434 -34.17 -30.46 19.09
CA ILE B 434 -35.55 -30.14 19.43
C ILE B 434 -36.23 -31.40 19.96
N ALA B 435 -36.99 -31.25 21.05
CA ALA B 435 -37.69 -32.37 21.65
C ALA B 435 -38.96 -31.86 22.32
N TRP B 436 -39.97 -32.73 22.37
CA TRP B 436 -41.23 -32.40 23.02
C TRP B 436 -41.83 -33.66 23.60
N ASN B 437 -42.64 -33.49 24.65
CA ASN B 437 -43.24 -34.63 25.34
C ASN B 437 -44.31 -35.27 24.46
N SER B 438 -44.08 -36.52 24.06
CA SER B 438 -45.00 -37.27 23.22
C SER B 438 -45.65 -38.40 23.99
N ASN B 439 -46.01 -38.15 25.25
CA ASN B 439 -46.63 -39.19 26.07
C ASN B 439 -48.03 -39.52 25.58
N ASN B 440 -48.71 -38.58 24.93
CA ASN B 440 -50.06 -38.83 24.45
C ASN B 440 -50.06 -39.75 23.24
N LEU B 441 -48.98 -39.79 22.47
CA LEU B 441 -48.91 -40.56 21.24
C LEU B 441 -48.12 -41.86 21.38
N ASP B 442 -46.99 -41.83 22.08
CA ASP B 442 -46.09 -42.98 22.17
C ASP B 442 -46.25 -43.74 23.48
N SER B 443 -47.47 -43.87 23.98
CA SER B 443 -47.74 -44.60 25.21
C SER B 443 -49.05 -45.36 25.07
N LYS B 444 -49.05 -46.61 25.54
CA LYS B 444 -50.24 -47.44 25.54
C LYS B 444 -50.60 -47.84 26.97
N VAL B 445 -51.86 -48.22 27.16
CA VAL B 445 -52.32 -48.62 28.49
C VAL B 445 -51.59 -49.87 28.96
N GLY B 446 -51.22 -50.75 28.04
CA GLY B 446 -50.43 -51.92 28.34
C GLY B 446 -48.94 -51.75 28.17
N GLY B 447 -48.48 -50.52 27.97
CA GLY B 447 -47.06 -50.26 27.76
C GLY B 447 -46.67 -50.35 26.31
N ASN B 448 -46.16 -49.26 25.74
CA ASN B 448 -45.71 -49.25 24.36
C ASN B 448 -44.27 -49.78 24.32
N TYR B 449 -44.09 -50.97 23.76
CA TYR B 449 -42.77 -51.61 23.68
C TYR B 449 -42.23 -51.63 22.25
N ASN B 450 -42.80 -50.82 21.35
CA ASN B 450 -42.34 -50.80 19.97
C ASN B 450 -41.06 -49.98 19.79
N TYR B 451 -40.76 -49.08 20.72
CA TYR B 451 -39.55 -48.27 20.65
C TYR B 451 -38.44 -48.96 21.43
N LEU B 452 -37.36 -49.29 20.74
CA LEU B 452 -36.24 -50.03 21.33
C LEU B 452 -35.02 -49.12 21.45
N TYR B 453 -33.99 -49.65 22.12
CA TYR B 453 -32.71 -48.95 22.24
C TYR B 453 -31.63 -49.99 22.48
N ARG B 454 -30.44 -49.69 21.96
CA ARG B 454 -29.30 -50.59 22.12
C ARG B 454 -28.77 -50.49 23.54
N LEU B 455 -28.59 -51.65 24.19
CA LEU B 455 -28.16 -51.69 25.58
C LEU B 455 -26.67 -52.01 25.71
N PHE B 456 -26.14 -52.90 24.88
CA PHE B 456 -24.73 -53.26 24.92
C PHE B 456 -24.09 -53.04 23.56
N ARG B 457 -22.79 -52.74 23.58
CA ARG B 457 -22.01 -52.62 22.36
C ARG B 457 -20.53 -52.70 22.73
N LYS B 458 -19.75 -53.36 21.88
CA LYS B 458 -18.33 -53.55 22.17
C LYS B 458 -17.54 -52.25 22.09
N SER B 459 -18.08 -51.22 21.42
CA SER B 459 -17.40 -49.94 21.33
C SER B 459 -18.45 -48.84 21.16
N ASN B 460 -18.02 -47.61 21.41
CA ASN B 460 -18.91 -46.46 21.28
C ASN B 460 -19.08 -46.06 19.83
N LEU B 461 -20.29 -45.63 19.49
CA LEU B 461 -20.60 -45.23 18.12
C LEU B 461 -19.79 -44.00 17.71
N LYS B 462 -19.40 -43.96 16.43
CA LYS B 462 -18.82 -42.76 15.86
C LYS B 462 -19.92 -41.72 15.63
N PRO B 463 -19.56 -40.45 15.48
CA PRO B 463 -20.57 -39.42 15.24
C PRO B 463 -21.43 -39.73 14.03
N PHE B 464 -22.75 -39.59 14.20
CA PHE B 464 -23.72 -39.83 13.14
C PHE B 464 -23.62 -41.26 12.59
N GLU B 465 -23.51 -42.23 13.50
CA GLU B 465 -23.48 -43.64 13.14
C GLU B 465 -24.79 -44.29 13.53
N ARG B 466 -25.28 -45.20 12.68
CA ARG B 466 -26.54 -45.89 12.90
C ARG B 466 -26.26 -47.40 12.91
N ASP B 467 -26.32 -48.00 14.09
CA ASP B 467 -26.08 -49.42 14.27
C ASP B 467 -27.40 -50.11 14.55
N ILE B 468 -27.78 -51.06 13.68
CA ILE B 468 -29.00 -51.84 13.83
C ILE B 468 -28.71 -53.33 13.90
N SER B 469 -27.45 -53.71 14.10
CA SER B 469 -27.10 -55.13 14.19
C SER B 469 -27.61 -55.72 15.50
N THR B 470 -28.13 -56.95 15.42
CA THR B 470 -28.66 -57.65 16.59
C THR B 470 -27.73 -58.79 17.02
N GLU B 471 -26.43 -58.61 16.86
CA GLU B 471 -25.48 -59.64 17.28
C GLU B 471 -25.49 -59.78 18.80
N ILE B 472 -25.43 -61.04 19.26
CA ILE B 472 -25.45 -61.32 20.69
C ILE B 472 -24.16 -60.78 21.31
N TYR B 473 -24.30 -59.89 22.30
CA TYR B 473 -23.13 -59.28 22.91
C TYR B 473 -22.42 -60.28 23.81
N GLN B 474 -21.10 -60.40 23.64
CA GLN B 474 -20.27 -61.26 24.46
C GLN B 474 -19.65 -60.44 25.58
N ALA B 475 -20.14 -60.63 26.80
CA ALA B 475 -19.62 -59.91 27.95
C ALA B 475 -18.61 -60.72 28.76
N GLY B 476 -18.56 -62.04 28.57
CA GLY B 476 -17.65 -62.88 29.30
C GLY B 476 -16.64 -63.58 28.41
N SER B 477 -15.91 -64.54 29.00
CA SER B 477 -14.90 -65.26 28.22
C SER B 477 -15.54 -66.26 27.26
N THR B 478 -16.70 -66.81 27.60
CA THR B 478 -17.34 -67.79 26.73
C THR B 478 -17.92 -67.11 25.50
N PRO B 479 -17.52 -67.51 24.30
CA PRO B 479 -18.04 -66.85 23.09
C PRO B 479 -19.46 -67.30 22.79
N CYS B 480 -20.28 -66.35 22.34
CA CYS B 480 -21.66 -66.62 21.96
C CYS B 480 -21.73 -66.91 20.46
N ASN B 481 -22.12 -68.13 20.11
CA ASN B 481 -22.27 -68.51 18.70
C ASN B 481 -23.65 -68.14 18.16
N GLY B 482 -24.09 -66.92 18.43
CA GLY B 482 -25.41 -66.48 18.07
C GLY B 482 -26.51 -66.86 19.05
N VAL B 483 -26.15 -67.54 20.14
CA VAL B 483 -27.10 -67.96 21.15
C VAL B 483 -26.94 -67.07 22.38
N GLU B 484 -28.00 -66.96 23.15
CA GLU B 484 -27.99 -66.16 24.36
C GLU B 484 -27.77 -67.06 25.58
N GLY B 485 -27.43 -66.43 26.68
CA GLY B 485 -27.23 -67.14 27.93
C GLY B 485 -26.20 -66.42 28.78
N PHE B 486 -25.32 -67.21 29.40
CA PHE B 486 -24.31 -66.70 30.32
C PHE B 486 -23.38 -65.70 29.65
N ASN B 487 -23.47 -64.43 30.07
CA ASN B 487 -22.69 -63.33 29.49
C ASN B 487 -22.94 -63.21 27.98
N CYS B 488 -24.15 -63.53 27.55
CA CYS B 488 -24.56 -63.45 26.14
C CYS B 488 -25.93 -62.78 26.09
N TYR B 489 -25.96 -61.47 25.86
CA TYR B 489 -27.19 -60.69 25.97
C TYR B 489 -27.64 -60.23 24.58
N PHE B 490 -28.95 -60.03 24.45
CA PHE B 490 -29.48 -59.43 23.24
C PHE B 490 -29.16 -57.94 23.27
N PRO B 491 -28.67 -57.36 22.16
CA PRO B 491 -28.17 -55.98 22.24
C PRO B 491 -29.26 -54.93 22.33
N LEU B 492 -30.50 -55.26 21.97
CA LEU B 492 -31.59 -54.30 21.94
C LEU B 492 -32.50 -54.50 23.14
N GLN B 493 -32.85 -53.40 23.79
CA GLN B 493 -33.81 -53.41 24.90
C GLN B 493 -34.99 -52.51 24.55
N SER B 494 -36.16 -52.88 25.06
CA SER B 494 -37.40 -52.18 24.75
C SER B 494 -37.73 -51.17 25.85
N TYR B 495 -38.18 -49.99 25.44
CA TYR B 495 -38.61 -48.97 26.39
C TYR B 495 -39.93 -49.34 27.02
N GLY B 496 -40.12 -48.91 28.27
CA GLY B 496 -41.40 -49.06 28.94
C GLY B 496 -42.15 -47.75 29.02
N PHE B 497 -43.07 -47.52 28.08
CA PHE B 497 -43.80 -46.27 27.98
C PHE B 497 -45.25 -46.50 28.42
N GLN B 498 -45.58 -46.02 29.61
CA GLN B 498 -46.93 -46.08 30.14
C GLN B 498 -47.46 -44.68 30.40
N PRO B 499 -48.78 -44.48 30.40
CA PRO B 499 -49.32 -43.14 30.65
C PRO B 499 -49.00 -42.61 32.03
N THR B 500 -48.84 -43.48 33.03
CA THR B 500 -48.56 -43.08 34.39
C THR B 500 -47.05 -43.00 34.68
N ASN B 501 -46.21 -43.08 33.65
CA ASN B 501 -44.77 -42.99 33.86
C ASN B 501 -44.38 -41.60 34.36
N GLY B 502 -43.30 -41.55 35.13
CA GLY B 502 -42.70 -40.29 35.49
C GLY B 502 -42.20 -39.53 34.28
N VAL B 503 -42.10 -38.20 34.44
CA VAL B 503 -41.73 -37.33 33.33
C VAL B 503 -40.38 -37.74 32.75
N GLY B 504 -39.47 -38.24 33.58
CA GLY B 504 -38.20 -38.72 33.09
C GLY B 504 -38.30 -39.99 32.28
N TYR B 505 -39.34 -40.79 32.52
CA TYR B 505 -39.55 -42.05 31.81
C TYR B 505 -40.66 -41.96 30.77
N GLN B 506 -41.17 -40.75 30.48
CA GLN B 506 -42.18 -40.62 29.44
C GLN B 506 -41.51 -40.48 28.07
N PRO B 507 -42.17 -40.89 26.99
CA PRO B 507 -41.52 -40.82 25.68
C PRO B 507 -41.40 -39.37 25.20
N TYR B 508 -40.32 -39.12 24.47
CA TYR B 508 -40.05 -37.82 23.88
C TYR B 508 -39.61 -38.02 22.43
N ARG B 509 -40.22 -37.26 21.52
CA ARG B 509 -39.83 -37.31 20.12
C ARG B 509 -38.79 -36.22 19.86
N VAL B 510 -37.61 -36.64 19.41
CA VAL B 510 -36.48 -35.74 19.22
C VAL B 510 -36.24 -35.57 17.73
N VAL B 511 -35.98 -34.32 17.32
CA VAL B 511 -35.59 -34.01 15.96
C VAL B 511 -34.29 -33.22 16.03
N VAL B 512 -33.26 -33.72 15.36
CA VAL B 512 -31.93 -33.13 15.39
C VAL B 512 -31.61 -32.62 13.99
N LEU B 513 -31.61 -31.30 13.83
CA LEU B 513 -31.24 -30.68 12.57
C LEU B 513 -29.74 -30.38 12.59
N SER B 514 -29.03 -30.87 11.57
CA SER B 514 -27.60 -30.64 11.44
C SER B 514 -27.31 -29.94 10.13
N PHE B 515 -26.43 -28.95 10.18
CA PHE B 515 -26.11 -28.11 9.04
C PHE B 515 -24.66 -28.32 8.66
N GLU B 516 -24.41 -28.62 7.39
CA GLU B 516 -23.07 -28.77 6.86
C GLU B 516 -22.82 -27.74 5.76
N LEU B 517 -21.58 -27.28 5.68
CA LEU B 517 -21.16 -26.33 4.65
C LEU B 517 -19.84 -26.82 4.07
N LEU B 518 -19.90 -27.34 2.86
CA LEU B 518 -18.75 -27.88 2.14
C LEU B 518 -18.36 -26.93 1.01
N HIS B 519 -17.30 -27.29 0.30
CA HIS B 519 -16.88 -26.51 -0.86
C HIS B 519 -17.71 -26.88 -2.09
N ALA B 520 -19.02 -26.71 -1.95
CA ALA B 520 -20.00 -27.06 -2.96
C ALA B 520 -21.11 -26.03 -2.91
N PRO B 521 -21.89 -25.90 -3.98
CA PRO B 521 -23.03 -24.97 -3.96
C PRO B 521 -24.02 -25.29 -2.85
N ALA B 522 -24.55 -24.23 -2.24
CA ALA B 522 -25.51 -24.33 -1.14
C ALA B 522 -26.93 -24.19 -1.71
N THR B 523 -27.73 -25.26 -1.61
CA THR B 523 -29.08 -25.22 -2.15
C THR B 523 -30.14 -24.86 -1.11
N VAL B 524 -29.81 -24.99 0.17
CA VAL B 524 -30.72 -24.76 1.28
C VAL B 524 -30.26 -23.48 1.97
N CYS B 525 -31.02 -22.39 1.85
CA CYS B 525 -30.63 -21.18 2.56
C CYS B 525 -31.67 -20.75 3.58
N GLY B 526 -32.74 -20.09 3.15
CA GLY B 526 -33.78 -19.67 4.06
C GLY B 526 -34.65 -18.58 3.48
N PRO B 527 -35.94 -18.57 3.83
CA PRO B 527 -36.84 -17.56 3.24
C PRO B 527 -36.41 -16.14 3.60
N LYS B 528 -36.98 -15.17 2.89
CA LYS B 528 -36.72 -13.76 3.13
C LYS B 528 -37.97 -12.96 2.81
N LYS B 529 -38.55 -12.31 3.82
CA LYS B 529 -39.71 -11.47 3.60
C LYS B 529 -39.41 -10.37 2.60
N SER B 530 -40.42 -10.02 1.81
CA SER B 530 -40.35 -8.91 0.89
C SER B 530 -41.15 -7.75 1.44
N THR B 531 -40.96 -6.58 0.84
CA THR B 531 -41.69 -5.38 1.22
C THR B 531 -42.49 -4.88 0.02
N ASN B 532 -43.31 -3.87 0.26
CA ASN B 532 -44.06 -3.28 -0.84
C ASN B 532 -43.14 -2.44 -1.70
N LEU B 533 -43.53 -2.25 -2.96
CA LEU B 533 -42.75 -1.49 -3.91
C LEU B 533 -43.35 -0.11 -4.07
N VAL B 534 -42.51 0.91 -4.02
CA VAL B 534 -42.92 2.31 -4.12
C VAL B 534 -42.37 2.89 -5.41
N LYS B 535 -43.25 3.40 -6.26
CA LYS B 535 -42.86 3.95 -7.56
C LYS B 535 -42.73 5.46 -7.48
N ASN B 536 -41.91 6.01 -8.39
CA ASN B 536 -41.72 7.45 -8.56
C ASN B 536 -41.18 8.12 -7.30
N LYS B 537 -40.40 7.40 -6.50
CA LYS B 537 -39.77 7.96 -5.32
C LYS B 537 -38.35 7.45 -5.21
N CYS B 538 -37.47 8.25 -4.62
CA CYS B 538 -36.10 7.83 -4.42
C CYS B 538 -36.05 6.78 -3.31
N VAL B 539 -35.65 5.56 -3.67
CA VAL B 539 -35.61 4.45 -2.74
C VAL B 539 -34.30 3.69 -2.88
N ASN B 540 -33.96 2.95 -1.82
CA ASN B 540 -32.82 2.04 -1.81
C ASN B 540 -33.38 0.65 -2.07
N PHE B 541 -33.16 0.14 -3.29
CA PHE B 541 -33.82 -1.09 -3.72
C PHE B 541 -32.86 -2.27 -3.64
N ASN B 542 -33.45 -3.46 -3.55
CA ASN B 542 -32.71 -4.73 -3.55
C ASN B 542 -33.52 -5.73 -4.37
N PHE B 543 -33.08 -6.00 -5.59
CA PHE B 543 -33.74 -6.95 -6.48
C PHE B 543 -32.85 -8.19 -6.64
N ASN B 544 -33.27 -9.29 -6.03
CA ASN B 544 -32.55 -10.57 -6.10
C ASN B 544 -31.09 -10.42 -5.69
N GLY B 545 -30.83 -9.57 -4.69
CA GLY B 545 -29.49 -9.35 -4.19
C GLY B 545 -28.76 -8.18 -4.82
N LEU B 546 -29.28 -7.61 -5.89
CA LEU B 546 -28.68 -6.46 -6.54
C LEU B 546 -29.24 -5.19 -5.91
N THR B 547 -28.36 -4.37 -5.33
CA THR B 547 -28.79 -3.21 -4.58
C THR B 547 -28.38 -1.92 -5.30
N GLY B 548 -29.04 -0.84 -4.92
CA GLY B 548 -28.73 0.47 -5.47
C GLY B 548 -29.79 1.47 -5.04
N THR B 549 -29.57 2.71 -5.47
CA THR B 549 -30.46 3.81 -5.16
C THR B 549 -30.94 4.45 -6.46
N GLY B 550 -32.24 4.70 -6.56
CA GLY B 550 -32.78 5.31 -7.75
C GLY B 550 -34.30 5.35 -7.69
N VAL B 551 -34.87 5.97 -8.73
CA VAL B 551 -36.31 6.10 -8.86
C VAL B 551 -36.83 4.97 -9.75
N LEU B 552 -37.81 4.23 -9.25
CA LEU B 552 -38.39 3.10 -9.97
C LEU B 552 -39.68 3.57 -10.66
N THR B 553 -39.71 3.45 -11.99
CA THR B 553 -40.84 3.88 -12.79
C THR B 553 -41.27 2.74 -13.70
N GLU B 554 -42.46 2.88 -14.28
CA GLU B 554 -42.93 1.92 -15.26
C GLU B 554 -42.13 2.06 -16.55
N SER B 555 -42.02 0.96 -17.30
CA SER B 555 -41.24 0.94 -18.52
C SER B 555 -41.98 0.14 -19.59
N ASN B 556 -41.53 0.31 -20.84
CA ASN B 556 -42.04 -0.44 -21.98
C ASN B 556 -40.95 -1.30 -22.61
N LYS B 557 -39.96 -1.70 -21.82
CA LYS B 557 -38.87 -2.54 -22.31
C LYS B 557 -39.27 -4.01 -22.29
N LYS B 558 -39.21 -4.65 -23.44
CA LYS B 558 -39.63 -6.05 -23.60
C LYS B 558 -38.46 -6.97 -23.26
N PHE B 559 -38.34 -7.31 -21.98
CA PHE B 559 -37.31 -8.26 -21.57
C PHE B 559 -37.69 -9.66 -22.01
N LEU B 560 -36.66 -10.45 -22.35
CA LEU B 560 -36.92 -11.84 -22.68
C LEU B 560 -37.12 -12.66 -21.39
N PRO B 561 -37.86 -13.76 -21.47
CA PRO B 561 -38.16 -14.54 -20.26
C PRO B 561 -36.95 -14.95 -19.43
N PHE B 562 -35.77 -15.07 -20.03
CA PHE B 562 -34.59 -15.47 -19.28
C PHE B 562 -33.77 -14.28 -18.77
N GLN B 563 -34.12 -13.07 -19.19
CA GLN B 563 -33.35 -11.88 -18.83
C GLN B 563 -33.95 -11.26 -17.57
N GLN B 564 -33.08 -10.92 -16.61
CA GLN B 564 -33.52 -10.38 -15.33
C GLN B 564 -33.14 -8.92 -15.11
N PHE B 565 -31.98 -8.49 -15.62
CA PHE B 565 -31.50 -7.14 -15.38
C PHE B 565 -31.14 -6.50 -16.71
N GLY B 566 -31.28 -5.18 -16.79
CA GLY B 566 -30.78 -4.46 -17.94
C GLY B 566 -29.61 -3.56 -17.64
N ARG B 567 -28.80 -3.25 -18.66
CA ARG B 567 -27.66 -2.36 -18.50
C ARG B 567 -27.58 -1.39 -19.67
N ASP B 568 -27.02 -0.23 -19.40
CA ASP B 568 -26.78 0.81 -20.40
C ASP B 568 -25.35 0.69 -20.94
N ILE B 569 -24.99 1.64 -21.81
CA ILE B 569 -23.67 1.63 -22.45
C ILE B 569 -22.58 1.69 -21.40
N ALA B 570 -22.82 2.42 -20.30
CA ALA B 570 -21.84 2.58 -19.24
C ALA B 570 -21.75 1.37 -18.32
N ASP B 571 -22.51 0.31 -18.60
CA ASP B 571 -22.58 -0.93 -17.82
C ASP B 571 -23.30 -0.77 -16.50
N THR B 572 -23.96 0.37 -16.28
CA THR B 572 -24.75 0.55 -15.07
C THR B 572 -26.12 -0.09 -15.26
N THR B 573 -26.81 -0.33 -14.14
CA THR B 573 -28.11 -0.97 -14.23
C THR B 573 -29.13 0.02 -14.77
N ASP B 574 -29.85 -0.39 -15.82
CA ASP B 574 -30.88 0.43 -16.45
C ASP B 574 -32.28 0.06 -15.97
N ALA B 575 -32.57 -1.22 -15.83
CA ALA B 575 -33.90 -1.66 -15.45
C ALA B 575 -33.82 -3.06 -14.85
N VAL B 576 -34.83 -3.40 -14.05
CA VAL B 576 -34.94 -4.72 -13.44
C VAL B 576 -36.37 -5.24 -13.63
N ARG B 577 -36.48 -6.57 -13.61
CA ARG B 577 -37.78 -7.25 -13.62
C ARG B 577 -38.17 -7.60 -12.19
N ASP B 578 -39.34 -7.14 -11.75
CA ASP B 578 -39.81 -7.40 -10.41
C ASP B 578 -39.99 -8.91 -10.20
N PRO B 579 -39.33 -9.51 -9.20
CA PRO B 579 -39.38 -10.97 -9.07
C PRO B 579 -40.76 -11.53 -8.72
N GLN B 580 -41.69 -10.69 -8.25
CA GLN B 580 -43.02 -11.15 -7.89
C GLN B 580 -44.05 -10.95 -9.00
N THR B 581 -44.00 -9.80 -9.67
CA THR B 581 -44.90 -9.49 -10.78
C THR B 581 -44.05 -9.18 -12.00
N LEU B 582 -44.23 -9.96 -13.07
CA LEU B 582 -43.30 -9.94 -14.19
C LEU B 582 -43.53 -8.70 -15.04
N GLU B 583 -43.13 -7.56 -14.48
CA GLU B 583 -43.13 -6.27 -15.15
C GLU B 583 -41.73 -5.70 -15.11
N ILE B 584 -41.42 -4.82 -16.07
CA ILE B 584 -40.11 -4.22 -16.18
C ILE B 584 -40.16 -2.82 -15.61
N LEU B 585 -39.27 -2.52 -14.67
CA LEU B 585 -39.20 -1.23 -14.02
C LEU B 585 -37.88 -0.54 -14.36
N ASP B 586 -37.97 0.72 -14.79
CA ASP B 586 -36.77 1.49 -15.07
C ASP B 586 -36.17 2.02 -13.78
N ILE B 587 -34.84 2.08 -13.73
CA ILE B 587 -34.11 2.61 -12.59
C ILE B 587 -33.44 3.90 -13.04
N THR B 588 -33.92 5.03 -12.51
CA THR B 588 -33.35 6.33 -12.78
C THR B 588 -32.69 6.84 -11.51
N PRO B 589 -31.37 7.01 -11.49
CA PRO B 589 -30.71 7.49 -10.26
C PRO B 589 -31.34 8.77 -9.74
N CYS B 590 -31.38 8.90 -8.43
CA CYS B 590 -32.10 10.00 -7.79
C CYS B 590 -31.48 11.33 -8.21
N SER B 591 -32.35 12.34 -8.36
CA SER B 591 -31.93 13.64 -8.87
C SER B 591 -30.73 14.19 -8.11
N PHE B 592 -29.78 14.73 -8.86
CA PHE B 592 -28.55 15.28 -8.29
C PHE B 592 -28.09 16.39 -9.21
N GLY B 593 -27.13 17.17 -8.72
CA GLY B 593 -26.58 18.24 -9.52
C GLY B 593 -25.64 19.14 -8.74
N GLY B 594 -26.07 20.38 -8.57
CA GLY B 594 -25.20 21.46 -8.14
C GLY B 594 -26.07 22.63 -7.72
N VAL B 595 -25.55 23.46 -6.82
CA VAL B 595 -26.25 24.66 -6.39
C VAL B 595 -25.36 25.86 -6.69
N SER B 596 -25.88 26.78 -7.49
CA SER B 596 -25.17 28.00 -7.87
C SER B 596 -25.92 29.19 -7.29
N VAL B 597 -25.17 30.19 -6.85
CA VAL B 597 -25.76 31.39 -6.26
C VAL B 597 -25.52 32.56 -7.20
N ILE B 598 -26.62 33.19 -7.64
CA ILE B 598 -26.58 34.32 -8.54
C ILE B 598 -26.78 35.58 -7.71
N THR B 599 -25.75 36.43 -7.65
CA THR B 599 -25.83 37.58 -6.77
C THR B 599 -25.16 38.83 -7.35
N PRO B 600 -25.76 39.99 -7.14
CA PRO B 600 -25.02 41.24 -7.33
C PRO B 600 -24.01 41.39 -6.20
N GLY B 601 -23.01 42.24 -6.44
CA GLY B 601 -21.95 42.38 -5.45
C GLY B 601 -22.49 42.84 -4.11
N THR B 602 -21.79 42.43 -3.05
CA THR B 602 -22.17 42.79 -1.69
C THR B 602 -22.09 44.29 -1.41
N ASN B 603 -21.51 45.07 -2.32
CA ASN B 603 -21.52 46.52 -2.19
C ASN B 603 -22.86 47.12 -2.58
N THR B 604 -23.79 46.31 -3.10
CA THR B 604 -25.11 46.76 -3.50
C THR B 604 -26.23 46.13 -2.69
N SER B 605 -26.27 44.81 -2.58
CA SER B 605 -27.38 44.15 -1.91
C SER B 605 -26.95 42.76 -1.45
N ASN B 606 -27.59 42.29 -0.39
CA ASN B 606 -27.38 40.95 0.15
C ASN B 606 -28.45 39.97 -0.32
N GLN B 607 -29.26 40.35 -1.32
CA GLN B 607 -30.24 39.45 -1.89
C GLN B 607 -29.58 38.58 -2.94
N VAL B 608 -29.90 37.28 -2.92
CA VAL B 608 -29.33 36.34 -3.87
C VAL B 608 -30.44 35.50 -4.49
N ALA B 609 -30.11 34.92 -5.64
CA ALA B 609 -30.94 33.93 -6.31
C ALA B 609 -30.17 32.62 -6.36
N VAL B 610 -30.88 31.50 -6.28
CA VAL B 610 -30.25 30.19 -6.25
C VAL B 610 -30.67 29.39 -7.46
N LEU B 611 -29.68 28.87 -8.19
CA LEU B 611 -29.91 28.01 -9.35
C LEU B 611 -29.54 26.58 -8.97
N TYR B 612 -30.51 25.67 -9.07
CA TYR B 612 -30.27 24.25 -8.86
C TYR B 612 -30.07 23.62 -10.23
N GLN B 613 -28.83 23.23 -10.53
CA GLN B 613 -28.47 22.84 -11.89
C GLN B 613 -29.06 21.50 -12.29
N ASP B 614 -29.62 21.45 -13.51
CA ASP B 614 -30.10 20.21 -14.13
C ASP B 614 -31.10 19.44 -13.26
N VAL B 615 -32.01 20.16 -12.63
CA VAL B 615 -33.08 19.53 -11.87
C VAL B 615 -34.41 20.17 -12.26
N ASN B 616 -35.49 19.47 -11.95
CA ASN B 616 -36.83 19.99 -12.09
C ASN B 616 -37.20 20.74 -10.82
N CYS B 617 -38.13 21.69 -10.95
CA CYS B 617 -38.61 22.43 -9.78
C CYS B 617 -39.64 21.60 -9.01
N THR B 618 -39.21 20.41 -8.59
CA THR B 618 -40.07 19.48 -7.89
C THR B 618 -39.44 19.04 -6.57
N GLU B 619 -38.33 18.30 -6.68
CA GLU B 619 -37.64 17.78 -5.49
C GLU B 619 -37.15 18.90 -4.58
N VAL B 620 -36.89 20.08 -5.13
CA VAL B 620 -36.38 21.20 -4.34
C VAL B 620 -37.44 21.65 -3.33
N ASN B 641 -42.38 32.30 -6.53
CA ASN B 641 -41.27 32.97 -7.21
C ASN B 641 -40.24 31.96 -7.69
N VAL B 642 -40.70 30.95 -8.43
CA VAL B 642 -39.86 29.87 -8.93
C VAL B 642 -39.95 29.87 -10.45
N PHE B 643 -38.80 29.94 -11.11
CA PHE B 643 -38.72 30.01 -12.56
C PHE B 643 -37.95 28.81 -13.09
N GLN B 644 -38.62 27.98 -13.88
CA GLN B 644 -38.01 26.80 -14.48
C GLN B 644 -37.34 27.18 -15.80
N THR B 645 -36.04 26.89 -15.90
CA THR B 645 -35.27 27.15 -17.11
C THR B 645 -34.59 25.86 -17.54
N ARG B 646 -33.97 25.90 -18.73
CA ARG B 646 -33.24 24.74 -19.20
C ARG B 646 -31.88 24.59 -18.55
N ALA B 647 -31.46 25.56 -17.74
CA ALA B 647 -30.21 25.48 -17.00
C ALA B 647 -30.37 24.82 -15.64
N GLY B 648 -31.61 24.61 -15.20
CA GLY B 648 -31.91 24.15 -13.87
C GLY B 648 -33.07 24.92 -13.30
N CYS B 649 -33.34 24.72 -12.01
CA CYS B 649 -34.44 25.37 -11.34
C CYS B 649 -33.93 26.63 -10.65
N LEU B 650 -34.38 27.80 -11.11
CA LEU B 650 -33.92 29.08 -10.61
C LEU B 650 -34.92 29.65 -9.62
N ILE B 651 -34.49 29.83 -8.38
CA ILE B 651 -35.36 30.29 -7.29
C ILE B 651 -34.86 31.64 -6.79
N GLY B 652 -35.76 32.61 -6.74
CA GLY B 652 -35.46 33.94 -6.23
C GLY B 652 -35.36 35.01 -7.28
N ALA B 653 -35.22 34.65 -8.56
CA ALA B 653 -35.16 35.61 -9.65
C ALA B 653 -36.52 35.72 -10.32
N GLU B 654 -36.95 36.97 -10.55
CA GLU B 654 -38.21 37.22 -11.24
C GLU B 654 -38.02 37.09 -12.75
N HIS B 655 -38.94 36.39 -13.40
CA HIS B 655 -38.87 36.22 -14.84
C HIS B 655 -39.48 37.44 -15.53
N VAL B 656 -38.68 38.12 -16.35
CA VAL B 656 -39.07 39.34 -17.03
C VAL B 656 -39.12 39.07 -18.54
N ASN B 657 -40.22 39.47 -19.17
CA ASN B 657 -40.37 39.27 -20.61
C ASN B 657 -39.41 40.16 -21.41
N ASN B 658 -39.05 41.32 -20.86
CA ASN B 658 -38.16 42.23 -21.58
C ASN B 658 -36.74 41.68 -21.61
N SER B 659 -36.12 41.71 -22.79
CA SER B 659 -34.74 41.28 -22.94
C SER B 659 -33.78 42.43 -22.66
N TYR B 660 -32.57 42.07 -22.26
CA TYR B 660 -31.52 43.04 -21.99
C TYR B 660 -30.19 42.40 -22.36
N GLU B 661 -29.11 43.18 -22.23
CA GLU B 661 -27.79 42.63 -22.43
C GLU B 661 -27.46 41.67 -21.28
N CYS B 662 -26.74 40.59 -21.60
CA CYS B 662 -26.41 39.62 -20.58
C CYS B 662 -25.52 40.25 -19.51
N ASP B 663 -25.84 39.97 -18.25
CA ASP B 663 -25.08 40.51 -17.12
C ASP B 663 -24.44 39.37 -16.33
N ILE B 664 -25.22 38.60 -15.59
CA ILE B 664 -24.74 37.42 -14.89
C ILE B 664 -25.22 36.19 -15.67
N PRO B 665 -24.34 35.48 -16.37
CA PRO B 665 -24.81 34.39 -17.22
C PRO B 665 -25.31 33.22 -16.39
N ILE B 666 -26.41 32.62 -16.84
CA ILE B 666 -26.95 31.41 -16.25
C ILE B 666 -26.72 30.20 -17.14
N GLY B 667 -27.07 30.31 -18.42
CA GLY B 667 -26.89 29.25 -19.37
C GLY B 667 -28.11 29.05 -20.24
N ALA B 668 -27.94 28.42 -21.39
CA ALA B 668 -29.04 28.13 -22.31
C ALA B 668 -29.79 29.39 -22.71
N GLY B 669 -29.06 30.49 -22.88
CA GLY B 669 -29.64 31.73 -23.34
C GLY B 669 -30.22 32.61 -22.26
N ILE B 670 -30.24 32.16 -21.01
CA ILE B 670 -30.83 32.91 -19.91
C ILE B 670 -29.72 33.59 -19.12
N CYS B 671 -29.91 34.88 -18.84
CA CYS B 671 -29.00 35.65 -18.00
C CYS B 671 -29.80 36.32 -16.90
N ALA B 672 -29.11 36.69 -15.83
CA ALA B 672 -29.74 37.37 -14.70
C ALA B 672 -29.01 38.66 -14.37
N SER B 673 -29.75 39.60 -13.77
CA SER B 673 -29.19 40.88 -13.38
C SER B 673 -30.01 41.44 -12.24
N TYR B 674 -29.48 42.48 -11.61
CA TYR B 674 -30.15 43.18 -10.51
C TYR B 674 -30.66 44.51 -11.05
N GLN B 675 -31.98 44.62 -11.19
CA GLN B 675 -32.60 45.78 -11.82
C GLN B 675 -33.97 46.02 -11.18
N THR B 676 -34.63 47.08 -11.63
CA THR B 676 -35.95 47.43 -11.12
C THR B 676 -37.05 46.83 -12.00
N SER B 689 -37.62 48.21 -4.08
CA SER B 689 -38.17 48.17 -5.43
C SER B 689 -37.28 47.33 -6.36
N GLN B 690 -36.01 47.22 -6.01
CA GLN B 690 -35.06 46.46 -6.80
C GLN B 690 -35.09 44.99 -6.41
N SER B 691 -34.87 44.12 -7.38
CA SER B 691 -34.80 42.69 -7.15
C SER B 691 -34.01 42.04 -8.27
N ILE B 692 -33.63 40.79 -8.06
CA ILE B 692 -32.91 40.03 -9.08
C ILE B 692 -33.93 39.50 -10.09
N ILE B 693 -33.63 39.70 -11.38
CA ILE B 693 -34.51 39.25 -12.44
C ILE B 693 -33.74 38.32 -13.36
N ALA B 694 -34.50 37.49 -14.08
CA ALA B 694 -33.94 36.57 -15.07
C ALA B 694 -34.66 36.78 -16.39
N TYR B 695 -33.91 36.73 -17.49
CA TYR B 695 -34.48 37.03 -18.79
C TYR B 695 -33.65 36.37 -19.87
N THR B 696 -34.23 36.28 -21.05
CA THR B 696 -33.50 35.86 -22.25
C THR B 696 -32.68 37.04 -22.76
N MET B 697 -31.40 36.82 -23.00
CA MET B 697 -30.55 37.92 -23.43
C MET B 697 -30.91 38.37 -24.84
N SER B 698 -30.65 39.64 -25.12
CA SER B 698 -30.90 40.24 -26.42
C SER B 698 -29.91 39.81 -27.48
N LEU B 699 -28.70 40.38 -27.43
CA LEU B 699 -27.52 40.21 -28.29
C LEU B 699 -27.22 41.52 -29.01
N GLY B 700 -28.00 42.55 -28.73
CA GLY B 700 -27.84 43.85 -29.35
C GLY B 700 -29.12 44.35 -29.98
N ALA B 701 -29.10 45.63 -30.30
CA ALA B 701 -30.23 46.27 -30.95
C ALA B 701 -30.39 45.76 -32.37
N GLU B 702 -31.63 45.72 -32.84
CA GLU B 702 -31.89 45.35 -34.22
C GLU B 702 -31.73 46.60 -35.09
N ASN B 703 -30.99 46.46 -36.19
CA ASN B 703 -30.71 47.62 -37.04
C ASN B 703 -30.65 47.17 -38.49
N SER B 704 -31.73 47.41 -39.23
CA SER B 704 -31.73 47.08 -40.64
C SER B 704 -30.87 48.10 -41.39
N VAL B 705 -30.29 47.66 -42.51
CA VAL B 705 -29.49 48.53 -43.36
C VAL B 705 -30.34 48.94 -44.53
N ALA B 706 -30.33 50.24 -44.85
CA ALA B 706 -31.16 50.77 -45.93
C ALA B 706 -30.53 50.45 -47.28
N TYR B 707 -30.48 49.15 -47.57
CA TYR B 707 -29.87 48.69 -48.81
C TYR B 707 -30.77 48.94 -49.99
N SER B 708 -30.17 49.39 -51.10
CA SER B 708 -30.84 49.49 -52.38
C SER B 708 -29.77 49.42 -53.45
N ASN B 709 -30.20 49.21 -54.69
CA ASN B 709 -29.27 49.00 -55.79
C ASN B 709 -28.62 50.29 -56.30
N ASN B 710 -29.07 51.46 -55.82
CA ASN B 710 -28.48 52.71 -56.28
C ASN B 710 -28.26 53.70 -55.15
N SER B 711 -27.96 53.24 -53.94
CA SER B 711 -27.71 54.13 -52.81
C SER B 711 -26.47 53.70 -52.05
N ILE B 712 -25.57 54.64 -51.83
CA ILE B 712 -24.32 54.40 -51.10
C ILE B 712 -24.21 55.42 -49.97
N ALA B 713 -23.77 54.97 -48.81
CA ALA B 713 -23.47 55.85 -47.68
C ALA B 713 -21.97 56.01 -47.58
N ILE B 714 -21.50 57.26 -47.67
CA ILE B 714 -20.07 57.58 -47.62
C ILE B 714 -19.84 58.52 -46.45
N PRO B 715 -18.92 58.22 -45.55
CA PRO B 715 -18.71 59.10 -44.39
C PRO B 715 -18.23 60.48 -44.79
N THR B 716 -18.79 61.49 -44.12
CA THR B 716 -18.42 62.88 -44.36
C THR B 716 -17.50 63.43 -43.27
N ASN B 717 -17.42 62.75 -42.12
CA ASN B 717 -16.59 63.15 -41.01
C ASN B 717 -16.01 61.89 -40.41
N PHE B 718 -15.03 62.06 -39.52
CA PHE B 718 -14.36 60.91 -38.93
C PHE B 718 -13.97 61.24 -37.49
N THR B 719 -13.68 60.18 -36.74
CA THR B 719 -13.17 60.30 -35.38
C THR B 719 -11.95 59.41 -35.23
N ILE B 720 -10.95 59.91 -34.51
CA ILE B 720 -9.76 59.14 -34.18
C ILE B 720 -9.95 58.57 -32.79
N SER B 721 -9.91 57.24 -32.68
CA SER B 721 -10.10 56.57 -31.40
C SER B 721 -8.84 55.83 -31.00
N VAL B 722 -8.66 55.67 -29.70
CA VAL B 722 -7.56 54.91 -29.13
C VAL B 722 -8.16 53.85 -28.22
N THR B 723 -7.77 52.60 -28.43
CA THR B 723 -8.26 51.47 -27.65
C THR B 723 -7.09 50.84 -26.91
N THR B 724 -7.41 50.12 -25.84
CA THR B 724 -6.39 49.48 -25.01
C THR B 724 -6.54 47.98 -25.09
N GLU B 725 -5.48 47.30 -25.53
CA GLU B 725 -5.43 45.85 -25.58
C GLU B 725 -4.31 45.38 -24.65
N ILE B 726 -4.67 44.54 -23.69
CA ILE B 726 -3.74 44.07 -22.66
C ILE B 726 -3.53 42.57 -22.86
N LEU B 727 -2.27 42.16 -22.98
CA LEU B 727 -1.95 40.76 -23.19
C LEU B 727 -0.93 40.30 -22.15
N PRO B 728 -1.13 39.14 -21.54
CA PRO B 728 -0.06 38.53 -20.74
C PRO B 728 1.13 38.19 -21.61
N VAL B 729 2.33 38.35 -21.06
CA VAL B 729 3.57 37.98 -21.74
C VAL B 729 4.34 36.92 -20.96
N SER B 730 4.38 37.04 -19.64
CA SER B 730 5.18 36.13 -18.83
C SER B 730 4.39 35.76 -17.58
N MET B 731 4.90 34.76 -16.87
CA MET B 731 4.34 34.31 -15.60
C MET B 731 5.48 34.12 -14.62
N THR B 732 5.15 34.13 -13.33
CA THR B 732 6.15 34.04 -12.28
C THR B 732 7.02 32.81 -12.45
N LYS B 733 8.34 33.02 -12.42
CA LYS B 733 9.33 31.96 -12.60
C LYS B 733 9.52 31.20 -11.30
N THR B 734 8.57 30.33 -10.99
CA THR B 734 8.67 29.59 -9.74
C THR B 734 9.68 28.45 -9.88
N SER B 735 10.18 28.00 -8.74
CA SER B 735 11.08 26.86 -8.69
C SER B 735 10.81 26.10 -7.40
N VAL B 736 10.66 24.78 -7.50
CA VAL B 736 10.35 23.93 -6.37
C VAL B 736 11.46 22.92 -6.19
N ASP B 737 12.03 22.86 -4.98
CA ASP B 737 13.03 21.86 -4.63
C ASP B 737 12.27 20.60 -4.25
N CYS B 738 12.17 19.65 -5.19
CA CYS B 738 11.34 18.47 -4.97
C CYS B 738 11.81 17.66 -3.76
N THR B 739 13.11 17.62 -3.50
CA THR B 739 13.62 16.83 -2.37
C THR B 739 13.27 17.52 -1.05
N MET B 740 13.52 18.82 -0.96
CA MET B 740 13.20 19.53 0.28
C MET B 740 11.69 19.61 0.49
N TYR B 741 10.92 19.75 -0.59
CA TYR B 741 9.47 19.78 -0.45
C TYR B 741 8.94 18.46 0.07
N ILE B 742 9.36 17.34 -0.53
CA ILE B 742 8.83 16.05 -0.11
C ILE B 742 9.45 15.61 1.22
N CYS B 743 10.77 15.72 1.34
CA CYS B 743 11.47 15.18 2.48
C CYS B 743 12.33 16.21 3.21
N GLY B 744 11.71 17.29 3.69
CA GLY B 744 12.45 18.36 4.30
C GLY B 744 13.20 17.98 5.57
N ASP B 745 14.53 18.07 5.51
CA ASP B 745 15.40 17.78 6.66
C ASP B 745 15.13 16.40 7.27
N SER B 746 14.90 15.41 6.42
CA SER B 746 14.67 14.03 6.87
C SER B 746 15.53 13.09 6.03
N THR B 747 16.51 12.44 6.67
CA THR B 747 17.37 11.51 5.94
C THR B 747 16.61 10.24 5.54
N GLU B 748 15.75 9.74 6.42
CA GLU B 748 15.02 8.50 6.13
C GLU B 748 14.06 8.71 4.96
N CYS B 749 13.36 9.84 4.95
CA CYS B 749 12.45 10.14 3.85
C CYS B 749 13.21 10.28 2.55
N SER B 750 14.35 10.97 2.57
CA SER B 750 15.15 11.11 1.35
C SER B 750 15.62 9.75 0.84
N ASN B 751 16.07 8.88 1.75
CA ASN B 751 16.53 7.56 1.35
C ASN B 751 15.40 6.74 0.75
N LEU B 752 14.18 6.88 1.28
CA LEU B 752 13.05 6.20 0.66
C LEU B 752 12.69 6.83 -0.68
N LEU B 753 12.79 8.15 -0.78
CA LEU B 753 12.48 8.86 -2.02
C LEU B 753 13.43 8.45 -3.14
N LEU B 754 14.67 8.11 -2.80
CA LEU B 754 15.64 7.74 -3.82
C LEU B 754 15.21 6.52 -4.62
N GLN B 755 14.26 5.74 -4.10
CA GLN B 755 13.78 4.55 -4.79
C GLN B 755 12.86 4.87 -5.96
N TYR B 756 12.51 6.14 -6.16
CA TYR B 756 11.65 6.55 -7.27
C TYR B 756 12.44 7.08 -8.45
N GLY B 757 13.77 6.96 -8.41
CA GLY B 757 14.60 7.34 -9.55
C GLY B 757 14.57 8.82 -9.87
N SER B 758 14.27 9.12 -11.14
CA SER B 758 14.31 10.47 -11.68
C SER B 758 13.01 11.25 -11.51
N PHE B 759 12.00 10.68 -10.84
CA PHE B 759 10.74 11.39 -10.65
C PHE B 759 10.95 12.78 -10.04
N CYS B 760 11.93 12.91 -9.16
CA CYS B 760 12.17 14.19 -8.49
C CYS B 760 12.82 15.19 -9.44
N THR B 761 13.98 14.82 -10.00
CA THR B 761 14.76 15.77 -10.81
C THR B 761 14.09 16.16 -12.12
N GLN B 762 13.21 15.31 -12.67
CA GLN B 762 12.56 15.71 -13.91
C GLN B 762 11.54 16.82 -13.69
N LEU B 763 11.10 17.03 -12.45
CA LEU B 763 10.20 18.13 -12.19
C LEU B 763 11.00 19.43 -12.10
N ASN B 764 12.22 19.34 -11.56
CA ASN B 764 13.12 20.49 -11.59
C ASN B 764 13.46 20.85 -13.03
N ARG B 765 13.63 19.84 -13.88
CA ARG B 765 13.91 20.10 -15.28
C ARG B 765 12.73 20.81 -15.96
N ALA B 766 11.52 20.31 -15.73
CA ALA B 766 10.34 20.94 -16.34
C ALA B 766 10.18 22.38 -15.86
N LEU B 767 10.38 22.62 -14.57
CA LEU B 767 10.24 23.97 -14.04
C LEU B 767 11.34 24.89 -14.57
N THR B 768 12.56 24.36 -14.75
CA THR B 768 13.62 25.16 -15.37
C THR B 768 13.25 25.53 -16.79
N GLY B 769 12.71 24.58 -17.55
CA GLY B 769 12.28 24.87 -18.91
C GLY B 769 11.24 25.96 -18.95
N ILE B 770 10.28 25.93 -18.02
CA ILE B 770 9.26 26.98 -17.96
C ILE B 770 9.91 28.31 -17.63
N ALA B 771 10.77 28.34 -16.62
CA ALA B 771 11.42 29.58 -16.21
C ALA B 771 12.21 30.19 -17.36
N VAL B 772 12.87 29.34 -18.16
CA VAL B 772 13.64 29.84 -19.28
C VAL B 772 12.72 30.38 -20.37
N GLU B 773 11.64 29.66 -20.68
CA GLU B 773 10.78 30.16 -21.74
C GLU B 773 10.05 31.43 -21.32
N GLN B 774 9.93 31.71 -20.02
CA GLN B 774 9.31 32.99 -19.65
C GLN B 774 10.22 34.16 -20.03
N ASP B 775 11.53 33.97 -19.94
CA ASP B 775 12.44 35.02 -20.34
C ASP B 775 12.57 35.07 -21.85
N LYS B 776 12.44 33.92 -22.50
CA LYS B 776 12.40 33.89 -23.96
C LYS B 776 11.19 34.67 -24.46
N ASN B 777 10.04 34.50 -23.80
CA ASN B 777 8.83 35.21 -24.18
C ASN B 777 8.99 36.71 -23.99
N THR B 778 9.56 37.12 -22.85
CA THR B 778 9.76 38.56 -22.63
C THR B 778 10.72 39.14 -23.66
N GLN B 779 11.79 38.41 -23.96
CA GLN B 779 12.78 38.89 -24.91
C GLN B 779 12.19 39.01 -26.31
N GLU B 780 11.39 38.02 -26.72
CA GLU B 780 10.77 38.06 -28.03
C GLU B 780 9.73 39.16 -28.15
N VAL B 781 9.02 39.46 -27.07
CA VAL B 781 7.99 40.49 -27.16
C VAL B 781 8.60 41.89 -27.15
N PHE B 782 9.54 42.15 -26.25
CA PHE B 782 10.04 43.52 -26.09
C PHE B 782 11.34 43.81 -26.84
N ALA B 783 12.26 42.85 -26.92
CA ALA B 783 13.57 43.11 -27.51
C ALA B 783 13.54 42.92 -29.03
N GLN B 784 12.71 43.74 -29.68
CA GLN B 784 12.57 43.70 -31.13
C GLN B 784 13.27 44.87 -31.82
N VAL B 785 13.92 45.75 -31.08
CA VAL B 785 14.59 46.92 -31.65
C VAL B 785 16.09 46.81 -31.37
N LYS B 786 16.90 46.98 -32.42
CA LYS B 786 18.34 46.82 -32.30
C LYS B 786 19.00 47.97 -31.54
N GLN B 787 18.36 49.12 -31.44
CA GLN B 787 18.95 50.29 -30.80
C GLN B 787 17.93 50.92 -29.86
N ILE B 788 18.44 51.67 -28.88
CA ILE B 788 17.59 52.39 -27.94
C ILE B 788 17.42 53.81 -28.46
N TYR B 789 16.22 54.10 -28.96
CA TYR B 789 15.91 55.39 -29.53
C TYR B 789 15.35 56.31 -28.45
N LYS B 790 15.53 57.61 -28.64
CA LYS B 790 14.97 58.60 -27.73
C LYS B 790 14.42 59.77 -28.53
N THR B 791 13.37 60.38 -28.00
CA THR B 791 12.74 61.52 -28.65
C THR B 791 13.62 62.76 -28.50
N PRO B 792 13.46 63.73 -29.39
CA PRO B 792 14.19 65.00 -29.24
C PRO B 792 13.68 65.77 -28.03
N PRO B 793 14.49 66.71 -27.51
CA PRO B 793 14.01 67.53 -26.38
C PRO B 793 12.83 68.42 -26.72
N ILE B 794 12.60 68.71 -28.00
CA ILE B 794 11.50 69.56 -28.43
C ILE B 794 10.41 68.67 -29.02
N LYS B 795 9.24 68.67 -28.39
CA LYS B 795 8.15 67.78 -28.79
C LYS B 795 7.27 68.46 -29.84
N ASP B 796 7.88 68.76 -30.98
CA ASP B 796 7.18 69.42 -32.09
C ASP B 796 6.64 68.36 -33.06
N PHE B 797 5.63 67.63 -32.58
CA PHE B 797 5.05 66.52 -33.32
C PHE B 797 3.74 66.89 -34.00
N GLY B 798 3.62 68.12 -34.48
CA GLY B 798 2.46 68.49 -35.26
C GLY B 798 1.18 68.66 -34.48
N GLY B 799 1.28 68.91 -33.17
CA GLY B 799 0.13 69.05 -32.32
C GLY B 799 -0.25 67.80 -31.55
N PHE B 800 0.41 66.68 -31.83
CA PHE B 800 0.11 65.44 -31.13
C PHE B 800 0.86 65.42 -29.80
N ASN B 801 0.11 65.28 -28.71
CA ASN B 801 0.68 65.30 -27.36
C ASN B 801 0.95 63.87 -26.91
N PHE B 802 2.22 63.55 -26.69
CA PHE B 802 2.65 62.22 -26.26
C PHE B 802 3.21 62.23 -24.84
N SER B 803 2.99 63.30 -24.08
CA SER B 803 3.60 63.42 -22.76
C SER B 803 3.09 62.37 -21.79
N GLN B 804 1.96 61.74 -22.07
CA GLN B 804 1.38 60.76 -21.16
C GLN B 804 1.81 59.34 -21.49
N ILE B 805 2.53 59.13 -22.59
CA ILE B 805 3.06 57.82 -22.94
C ILE B 805 4.57 57.80 -23.02
N LEU B 806 5.23 58.96 -23.10
CA LEU B 806 6.68 59.03 -23.09
C LEU B 806 7.22 58.97 -21.65
N PRO B 807 8.45 58.50 -21.47
CA PRO B 807 9.03 58.42 -20.13
C PRO B 807 9.02 59.76 -19.41
N ASP B 808 8.76 59.70 -18.10
CA ASP B 808 8.79 60.89 -17.27
C ASP B 808 10.14 60.94 -16.56
N PRO B 809 11.04 61.86 -16.93
CA PRO B 809 12.39 61.86 -16.32
C PRO B 809 12.39 62.09 -14.82
N SER B 810 11.30 62.56 -14.23
CA SER B 810 11.28 62.90 -12.81
C SER B 810 11.01 61.70 -11.91
N LYS B 811 10.70 60.54 -12.46
CA LYS B 811 10.39 59.38 -11.64
C LYS B 811 11.66 58.60 -11.31
N PRO B 812 11.65 57.84 -10.21
CA PRO B 812 12.81 56.98 -9.91
C PRO B 812 13.03 55.90 -10.95
N SER B 813 12.01 55.59 -11.75
CA SER B 813 12.10 54.63 -12.85
C SER B 813 11.43 55.28 -14.05
N LYS B 814 12.15 55.41 -15.15
CA LYS B 814 11.69 56.22 -16.28
C LYS B 814 10.58 55.47 -17.01
N ARG B 815 9.41 55.47 -16.38
CA ARG B 815 8.19 54.90 -16.94
C ARG B 815 7.24 56.04 -17.30
N SER B 816 6.31 55.74 -18.21
CA SER B 816 5.34 56.74 -18.57
C SER B 816 4.26 56.85 -17.51
N PHE B 817 3.45 57.91 -17.61
CA PHE B 817 2.34 58.09 -16.68
C PHE B 817 1.40 56.90 -16.74
N ILE B 818 1.04 56.48 -17.95
CA ILE B 818 0.13 55.33 -18.12
C ILE B 818 0.76 54.08 -17.54
N GLU B 819 2.06 53.88 -17.76
CA GLU B 819 2.73 52.72 -17.16
C GLU B 819 2.65 52.78 -15.63
N ASP B 820 2.85 53.97 -15.06
CA ASP B 820 2.70 54.13 -13.62
C ASP B 820 1.30 53.75 -13.17
N LEU B 821 0.29 54.13 -13.96
CA LEU B 821 -1.09 53.75 -13.63
C LEU B 821 -1.26 52.24 -13.68
N LEU B 822 -0.62 51.59 -14.66
CA LEU B 822 -0.78 50.16 -14.82
C LEU B 822 -0.13 49.39 -13.69
N PHE B 823 1.06 49.84 -13.25
CA PHE B 823 1.74 49.16 -12.15
C PHE B 823 1.01 49.34 -10.82
N ASN B 824 0.22 50.39 -10.68
CA ASN B 824 -0.53 50.64 -9.44
C ASN B 824 -1.88 49.93 -9.42
N LYS B 825 -2.20 49.16 -10.45
CA LYS B 825 -3.46 48.42 -10.52
C LYS B 825 -3.30 46.92 -10.33
N VAL B 826 -2.18 46.35 -10.78
CA VAL B 826 -1.91 44.93 -10.61
C VAL B 826 -1.16 44.73 -9.30
N THR B 827 -1.67 43.84 -8.45
CA THR B 827 -1.08 43.59 -7.15
C THR B 827 -0.59 42.15 -7.03
N LYS B 854 6.75 28.46 -0.34
CA LYS B 854 7.25 29.62 0.39
C LYS B 854 8.66 29.34 0.91
N PHE B 855 8.75 28.66 2.05
CA PHE B 855 10.02 28.24 2.64
C PHE B 855 10.09 26.72 2.75
N ASN B 856 9.34 26.03 1.90
CA ASN B 856 9.26 24.58 1.85
C ASN B 856 9.99 24.05 0.61
N GLY B 857 10.98 24.79 0.14
CA GLY B 857 11.71 24.47 -1.06
C GLY B 857 11.13 25.12 -2.30
N LEU B 858 10.14 25.99 -2.14
CA LEU B 858 9.51 26.69 -3.23
C LEU B 858 10.11 28.09 -3.31
N THR B 859 10.74 28.41 -4.43
CA THR B 859 11.39 29.69 -4.60
C THR B 859 10.90 30.35 -5.88
N VAL B 860 11.18 31.64 -6.01
CA VAL B 860 10.82 32.42 -7.18
C VAL B 860 12.08 33.04 -7.77
N LEU B 861 12.30 32.80 -9.03
CA LEU B 861 13.48 33.40 -9.62
C LEU B 861 13.13 34.79 -10.15
N PRO B 862 14.07 35.73 -10.13
CA PRO B 862 13.79 37.03 -10.71
C PRO B 862 13.79 36.95 -12.22
N PRO B 863 13.09 37.85 -12.90
CA PRO B 863 13.19 37.92 -14.36
C PRO B 863 14.55 38.46 -14.79
N LEU B 864 14.96 38.08 -15.99
CA LEU B 864 16.21 38.59 -16.53
C LEU B 864 16.11 40.08 -16.84
N LEU B 865 14.98 40.52 -17.40
CA LEU B 865 14.76 41.91 -17.74
C LEU B 865 13.92 42.56 -16.66
N THR B 866 14.49 43.54 -15.96
CA THR B 866 13.77 44.22 -14.89
C THR B 866 12.71 45.16 -15.48
N ASP B 867 11.81 45.62 -14.62
CA ASP B 867 10.75 46.52 -15.08
C ASP B 867 11.34 47.78 -15.71
N GLU B 868 12.46 48.26 -15.17
CA GLU B 868 13.12 49.43 -15.75
C GLU B 868 13.60 49.12 -17.17
N MET B 869 14.14 47.93 -17.39
CA MET B 869 14.63 47.58 -18.73
C MET B 869 13.47 47.40 -19.70
N ILE B 870 12.35 46.86 -19.23
CA ILE B 870 11.18 46.74 -20.08
C ILE B 870 10.66 48.12 -20.46
N ALA B 871 10.64 49.03 -19.49
CA ALA B 871 10.25 50.41 -19.77
C ALA B 871 11.19 51.05 -20.78
N GLN B 872 12.49 50.75 -20.68
CA GLN B 872 13.44 51.30 -21.65
C GLN B 872 13.20 50.74 -23.04
N TYR B 873 12.85 49.45 -23.15
CA TYR B 873 12.54 48.90 -24.45
C TYR B 873 11.27 49.51 -25.03
N THR B 874 10.25 49.71 -24.20
CA THR B 874 9.03 50.32 -24.71
C THR B 874 9.26 51.78 -25.08
N SER B 875 10.17 52.45 -24.37
CA SER B 875 10.56 53.82 -24.72
C SER B 875 11.25 53.85 -26.07
N ALA B 876 12.18 52.91 -26.30
CA ALA B 876 12.87 52.88 -27.59
C ALA B 876 11.89 52.60 -28.72
N LEU B 877 10.95 51.67 -28.50
CA LEU B 877 9.99 51.35 -29.56
C LEU B 877 9.07 52.53 -29.82
N LEU B 878 8.66 53.23 -28.76
CA LEU B 878 7.77 54.38 -28.91
C LEU B 878 8.48 55.53 -29.61
N ALA B 879 9.72 55.83 -29.22
CA ALA B 879 10.46 56.89 -29.88
C ALA B 879 10.72 56.56 -31.34
N GLY B 880 11.00 55.29 -31.64
CA GLY B 880 11.16 54.90 -33.04
C GLY B 880 9.89 55.10 -33.83
N THR B 881 8.77 54.61 -33.30
CA THR B 881 7.49 54.77 -33.98
C THR B 881 7.16 56.24 -34.22
N ILE B 882 7.42 57.10 -33.23
CA ILE B 882 7.06 58.50 -33.34
C ILE B 882 7.96 59.23 -34.34
N THR B 883 9.27 58.99 -34.28
CA THR B 883 10.19 59.79 -35.08
C THR B 883 10.51 59.21 -36.45
N SER B 884 10.28 57.91 -36.68
CA SER B 884 10.64 57.29 -37.95
C SER B 884 9.54 56.43 -38.56
N GLY B 885 8.34 56.44 -38.00
CA GLY B 885 7.27 55.63 -38.56
C GLY B 885 7.61 54.16 -38.54
N TRP B 886 7.47 53.50 -39.68
CA TRP B 886 7.79 52.08 -39.79
C TRP B 886 9.18 51.83 -40.30
N THR B 887 9.96 52.88 -40.59
CA THR B 887 11.25 52.69 -41.23
C THR B 887 12.27 52.08 -40.28
N PHE B 888 12.14 52.30 -38.98
CA PHE B 888 13.09 51.73 -38.03
C PHE B 888 12.94 50.23 -37.89
N GLY B 889 11.78 49.67 -38.25
CA GLY B 889 11.60 48.23 -38.17
C GLY B 889 12.34 47.49 -39.27
N ALA B 890 12.23 47.97 -40.50
CA ALA B 890 12.88 47.29 -41.62
C ALA B 890 14.39 47.48 -41.61
N GLY B 891 14.85 48.68 -41.25
CA GLY B 891 16.27 48.98 -41.31
C GLY B 891 16.66 50.08 -40.35
N ALA B 892 17.18 51.18 -40.88
CA ALA B 892 17.58 52.31 -40.07
C ALA B 892 16.37 53.20 -39.78
N ALA B 893 16.41 53.90 -38.65
CA ALA B 893 15.36 54.84 -38.30
C ALA B 893 15.54 56.11 -39.11
N LEU B 894 14.62 56.37 -40.02
CA LEU B 894 14.70 57.51 -40.93
C LEU B 894 13.74 58.58 -40.43
N GLN B 895 14.29 59.72 -40.01
CA GLN B 895 13.46 60.76 -39.43
C GLN B 895 12.44 61.26 -40.46
N ILE B 896 11.23 61.53 -39.99
CA ILE B 896 10.18 62.09 -40.82
C ILE B 896 9.27 62.95 -39.95
N PRO B 897 8.82 64.10 -40.41
CA PRO B 897 7.84 64.88 -39.64
C PRO B 897 6.63 64.02 -39.32
N PHE B 898 6.12 64.16 -38.10
CA PHE B 898 5.02 63.31 -37.66
C PHE B 898 3.80 63.49 -38.54
N ALA B 899 3.50 64.72 -38.93
CA ALA B 899 2.35 64.96 -39.79
C ALA B 899 2.46 64.18 -41.10
N MET B 900 3.68 64.10 -41.65
CA MET B 900 3.84 63.32 -42.88
C MET B 900 3.72 61.83 -42.61
N GLN B 901 4.18 61.39 -41.44
CA GLN B 901 3.99 60.00 -41.05
C GLN B 901 2.50 59.66 -41.02
N MET B 902 1.70 60.55 -40.43
CA MET B 902 0.26 60.36 -40.41
C MET B 902 -0.31 60.44 -41.82
N ALA B 903 0.28 61.26 -42.69
CA ALA B 903 -0.19 61.30 -44.07
C ALA B 903 -0.02 59.94 -44.73
N TYR B 904 1.08 59.26 -44.44
CA TYR B 904 1.26 57.91 -44.98
C TYR B 904 0.26 56.97 -44.35
N ARG B 905 0.04 57.11 -43.04
CA ARG B 905 -0.90 56.24 -42.34
C ARG B 905 -2.31 56.39 -42.90
N PHE B 906 -2.68 57.61 -43.29
CA PHE B 906 -3.97 57.86 -43.91
C PHE B 906 -4.04 57.30 -45.33
N ASN B 907 -2.96 57.48 -46.12
CA ASN B 907 -2.95 56.89 -47.45
C ASN B 907 -3.07 55.37 -47.37
N GLY B 908 -2.48 54.76 -46.34
CA GLY B 908 -2.53 53.31 -46.17
C GLY B 908 -3.91 52.75 -45.92
N ILE B 909 -4.88 53.59 -45.56
CA ILE B 909 -6.24 53.14 -45.29
C ILE B 909 -7.21 53.68 -46.34
N GLY B 910 -6.70 54.22 -47.45
CA GLY B 910 -7.56 54.69 -48.50
C GLY B 910 -8.15 56.06 -48.28
N VAL B 911 -7.50 56.91 -47.48
CA VAL B 911 -7.93 58.28 -47.25
C VAL B 911 -6.80 59.19 -47.69
N THR B 912 -7.09 60.05 -48.66
CA THR B 912 -6.06 60.89 -49.25
C THR B 912 -5.47 61.81 -48.18
N GLN B 913 -4.15 61.99 -48.22
CA GLN B 913 -3.42 62.75 -47.21
C GLN B 913 -3.91 64.20 -47.05
N ASN B 914 -4.55 64.79 -48.06
CA ASN B 914 -5.00 66.16 -47.86
C ASN B 914 -6.07 66.23 -46.80
N VAL B 915 -6.76 65.11 -46.54
CA VAL B 915 -7.73 65.07 -45.46
C VAL B 915 -7.02 65.27 -44.13
N LEU B 916 -5.89 64.60 -43.95
CA LEU B 916 -5.08 64.79 -42.75
C LEU B 916 -4.60 66.24 -42.64
N TYR B 917 -4.02 66.76 -43.73
CA TYR B 917 -3.40 68.08 -43.60
C TYR B 917 -4.43 69.17 -43.37
N GLU B 918 -5.58 69.08 -44.04
CA GLU B 918 -6.62 70.08 -43.84
C GLU B 918 -7.23 69.98 -42.45
N ASN B 919 -7.27 68.77 -41.87
CA ASN B 919 -7.86 68.53 -40.56
C ASN B 919 -6.82 68.20 -39.49
N GLN B 920 -5.57 68.63 -39.68
CA GLN B 920 -4.51 68.25 -38.75
C GLN B 920 -4.81 68.67 -37.31
N LYS B 921 -5.37 69.87 -37.13
CA LYS B 921 -5.67 70.32 -35.77
C LYS B 921 -6.78 69.49 -35.15
N LEU B 922 -7.81 69.17 -35.94
CA LEU B 922 -8.90 68.35 -35.44
C LEU B 922 -8.41 66.96 -35.06
N ILE B 923 -7.58 66.37 -35.93
CA ILE B 923 -7.07 65.03 -35.68
C ILE B 923 -6.19 65.01 -34.43
N ALA B 924 -5.32 66.01 -34.29
CA ALA B 924 -4.47 66.07 -33.10
C ALA B 924 -5.31 66.23 -31.84
N ASN B 925 -6.37 67.04 -31.91
CA ASN B 925 -7.22 67.23 -30.73
C ASN B 925 -7.97 65.95 -30.39
N GLN B 926 -8.44 65.23 -31.42
CA GLN B 926 -9.15 63.98 -31.17
C GLN B 926 -8.21 62.94 -30.57
N PHE B 927 -6.96 62.90 -31.05
CA PHE B 927 -5.97 61.98 -30.49
C PHE B 927 -5.72 62.30 -29.03
N ASN B 928 -5.51 63.59 -28.72
CA ASN B 928 -5.23 63.97 -27.34
C ASN B 928 -6.41 63.65 -26.43
N SER B 929 -7.63 63.84 -26.92
CA SER B 929 -8.81 63.53 -26.12
C SER B 929 -8.93 62.03 -25.91
N ALA B 930 -8.64 61.23 -26.95
CA ALA B 930 -8.68 59.79 -26.80
C ALA B 930 -7.66 59.32 -25.78
N ILE B 931 -6.48 59.93 -25.77
CA ILE B 931 -5.45 59.56 -24.79
C ILE B 931 -5.93 59.92 -23.39
N GLY B 932 -6.53 61.10 -23.24
CA GLY B 932 -7.09 61.47 -21.94
C GLY B 932 -8.16 60.49 -21.48
N LYS B 933 -8.97 60.01 -22.42
CA LYS B 933 -9.99 59.03 -22.06
C LYS B 933 -9.35 57.72 -21.64
N ILE B 934 -8.24 57.35 -22.27
CA ILE B 934 -7.51 56.14 -21.86
C ILE B 934 -7.00 56.32 -20.44
N GLN B 935 -6.50 57.52 -20.13
CA GLN B 935 -6.01 57.79 -18.79
C GLN B 935 -7.13 57.69 -17.77
N ASP B 936 -8.30 58.24 -18.08
CA ASP B 936 -9.42 58.18 -17.15
C ASP B 936 -9.90 56.73 -16.96
N SER B 937 -9.90 55.95 -18.04
CA SER B 937 -10.34 54.57 -17.94
C SER B 937 -9.38 53.77 -17.07
N LEU B 938 -8.08 53.89 -17.32
CA LEU B 938 -7.12 53.13 -16.52
C LEU B 938 -7.12 53.60 -15.07
N SER B 939 -7.36 54.89 -14.84
CA SER B 939 -7.36 55.41 -13.48
C SER B 939 -8.65 55.11 -12.73
N SER B 940 -9.71 54.68 -13.42
CA SER B 940 -11.00 54.48 -12.77
C SER B 940 -11.57 53.06 -12.89
N THR B 941 -11.16 52.28 -13.88
CA THR B 941 -11.73 50.95 -14.11
C THR B 941 -10.72 49.89 -13.66
N ALA B 942 -10.95 49.33 -12.46
CA ALA B 942 -10.03 48.34 -11.90
C ALA B 942 -10.01 47.07 -12.74
N SER B 943 -11.16 46.69 -13.31
CA SER B 943 -11.30 45.47 -14.10
C SER B 943 -10.50 45.50 -15.40
N ALA B 944 -9.96 46.65 -15.78
CA ALA B 944 -9.24 46.77 -17.05
C ALA B 944 -8.06 45.79 -17.15
N LEU B 945 -7.45 45.45 -16.01
CA LEU B 945 -6.25 44.60 -16.01
C LEU B 945 -6.57 43.16 -15.60
N GLY B 946 -7.82 42.74 -15.78
CA GLY B 946 -8.22 41.39 -15.40
C GLY B 946 -7.41 40.31 -16.06
N LYS B 947 -6.97 40.51 -17.31
CA LYS B 947 -6.21 39.48 -18.00
C LYS B 947 -4.89 39.18 -17.31
N LEU B 948 -4.30 40.17 -16.64
CA LEU B 948 -3.05 39.97 -15.92
C LEU B 948 -3.29 39.59 -14.47
N GLN B 949 -4.36 40.13 -13.88
CA GLN B 949 -4.67 39.79 -12.51
C GLN B 949 -5.09 38.34 -12.39
N ASP B 950 -5.77 37.81 -13.40
CA ASP B 950 -6.16 36.40 -13.37
C ASP B 950 -4.96 35.49 -13.44
N VAL B 951 -3.93 35.87 -14.20
CA VAL B 951 -2.73 35.05 -14.27
C VAL B 951 -2.00 35.09 -12.93
N VAL B 952 -1.88 36.27 -12.33
CA VAL B 952 -1.22 36.37 -11.03
C VAL B 952 -1.99 35.55 -9.99
N ASN B 953 -3.33 35.64 -10.02
CA ASN B 953 -4.15 34.91 -9.07
C ASN B 953 -4.03 33.40 -9.28
N GLN B 954 -3.98 32.95 -10.53
CA GLN B 954 -3.85 31.52 -10.78
C GLN B 954 -2.51 30.99 -10.28
N ASN B 955 -1.44 31.78 -10.44
CA ASN B 955 -0.15 31.28 -9.97
C ASN B 955 -0.09 31.30 -8.44
N ALA B 956 -0.67 32.33 -7.81
CA ALA B 956 -0.71 32.36 -6.36
C ALA B 956 -1.57 31.23 -5.81
N GLN B 957 -2.69 30.92 -6.47
CA GLN B 957 -3.55 29.84 -6.03
C GLN B 957 -2.86 28.50 -6.19
N ALA B 958 -2.12 28.31 -7.29
CA ALA B 958 -1.41 27.06 -7.48
C ALA B 958 -0.35 26.86 -6.40
N LEU B 959 0.37 27.93 -6.05
CA LEU B 959 1.40 27.80 -5.03
C LEU B 959 0.79 27.58 -3.65
N ASN B 960 -0.34 28.26 -3.36
CA ASN B 960 -0.98 28.07 -2.07
C ASN B 960 -1.54 26.66 -1.94
N THR B 961 -2.08 26.12 -3.04
CA THR B 961 -2.57 24.74 -3.01
C THR B 961 -1.42 23.76 -2.82
N LEU B 962 -0.31 23.98 -3.53
CA LEU B 962 0.83 23.08 -3.40
C LEU B 962 1.36 23.08 -1.96
N VAL B 963 1.46 24.26 -1.34
CA VAL B 963 1.94 24.32 0.03
C VAL B 963 0.94 23.70 1.00
N LYS B 964 -0.36 24.00 0.81
CA LYS B 964 -1.38 23.44 1.67
C LYS B 964 -1.41 21.91 1.60
N GLN B 965 -1.04 21.33 0.46
CA GLN B 965 -1.03 19.88 0.34
C GLN B 965 -0.10 19.21 1.34
N LEU B 966 0.86 19.95 1.90
CA LEU B 966 1.77 19.37 2.88
C LEU B 966 1.06 19.02 4.19
N SER B 967 -0.10 19.64 4.45
CA SER B 967 -0.84 19.38 5.67
C SER B 967 -1.73 18.13 5.57
N SER B 968 -1.83 17.53 4.40
CA SER B 968 -2.69 16.37 4.22
C SER B 968 -2.00 15.11 4.71
N ASN B 969 -2.80 14.17 5.21
CA ASN B 969 -2.26 12.92 5.73
C ASN B 969 -2.02 11.88 4.65
N PHE B 970 -2.86 11.86 3.61
CA PHE B 970 -2.77 10.86 2.53
C PHE B 970 -2.84 9.44 3.08
N GLY B 971 -3.51 9.26 4.22
CA GLY B 971 -3.65 7.97 4.84
C GLY B 971 -2.72 7.73 6.01
N ALA B 972 -1.74 8.61 6.21
CA ALA B 972 -0.82 8.45 7.33
C ALA B 972 -1.49 8.85 8.64
N ILE B 973 -0.90 8.39 9.74
CA ILE B 973 -1.39 8.74 11.07
C ILE B 973 -1.22 10.23 11.36
N SER B 974 -0.29 10.90 10.69
CA SER B 974 -0.05 12.31 10.92
C SER B 974 0.62 12.92 9.70
N SER B 975 0.27 14.17 9.41
CA SER B 975 0.90 14.90 8.31
C SER B 975 2.32 15.35 8.65
N VAL B 976 2.68 15.38 9.93
CA VAL B 976 4.00 15.85 10.34
C VAL B 976 4.96 14.67 10.34
N LEU B 977 5.99 14.74 9.49
CA LEU B 977 6.92 13.64 9.34
C LEU B 977 7.69 13.36 10.63
N ASN B 978 8.05 14.43 11.34
CA ASN B 978 8.82 14.26 12.58
C ASN B 978 8.00 13.55 13.65
N ASP B 979 6.67 13.72 13.62
CA ASP B 979 5.84 13.04 14.61
C ASP B 979 5.73 11.55 14.31
N ILE B 980 5.82 11.17 13.03
CA ILE B 980 5.86 9.77 12.66
C ILE B 980 7.21 9.16 13.05
N LEU B 981 8.30 9.85 12.72
CA LEU B 981 9.62 9.29 13.00
C LEU B 981 9.88 9.16 14.49
N SER B 982 9.36 10.08 15.30
CA SER B 982 9.59 10.05 16.73
C SER B 982 8.68 9.07 17.47
N ARG B 983 7.69 8.49 16.79
CA ARG B 983 6.72 7.61 17.45
C ARG B 983 6.74 6.17 16.95
N LEU B 984 7.05 5.91 15.69
CA LEU B 984 6.99 4.57 15.14
C LEU B 984 8.38 4.03 14.83
N ASP B 985 8.53 2.72 15.05
CA ASP B 985 9.73 2.01 14.64
C ASP B 985 9.83 1.93 13.12
N PRO B 986 11.05 1.84 12.58
CA PRO B 986 11.27 1.78 11.12
C PRO B 986 10.28 0.89 10.38
N PRO B 987 9.96 -0.33 10.86
CA PRO B 987 9.05 -1.18 10.07
C PRO B 987 7.69 -0.57 9.79
N GLU B 988 7.26 0.41 10.57
CA GLU B 988 6.00 1.11 10.36
C GLU B 988 6.22 2.54 9.87
N ALA B 989 7.30 3.18 10.34
CA ALA B 989 7.61 4.53 9.90
C ALA B 989 7.89 4.55 8.41
N GLU B 990 8.55 3.52 7.89
CA GLU B 990 8.84 3.49 6.46
C GLU B 990 7.56 3.42 5.64
N VAL B 991 6.55 2.71 6.14
CA VAL B 991 5.28 2.62 5.43
C VAL B 991 4.57 3.97 5.47
N GLN B 992 4.55 4.62 6.64
CA GLN B 992 3.88 5.91 6.73
C GLN B 992 4.59 6.95 5.87
N ILE B 993 5.92 6.86 5.80
CA ILE B 993 6.68 7.78 4.98
C ILE B 993 6.42 7.52 3.50
N ASP B 994 6.36 6.25 3.10
CA ASP B 994 6.03 5.95 1.71
C ASP B 994 4.66 6.50 1.34
N ARG B 995 3.70 6.46 2.27
CA ARG B 995 2.40 7.06 1.97
C ARG B 995 2.50 8.56 1.80
N LEU B 996 3.28 9.23 2.66
CA LEU B 996 3.42 10.68 2.52
C LEU B 996 4.18 11.04 1.26
N ILE B 997 5.17 10.24 0.90
CA ILE B 997 5.95 10.48 -0.31
C ILE B 997 5.06 10.35 -1.53
N THR B 998 4.22 9.30 -1.56
CA THR B 998 3.31 9.12 -2.69
C THR B 998 2.37 10.30 -2.81
N GLY B 999 1.79 10.74 -1.69
CA GLY B 999 0.86 11.86 -1.75
C GLY B 999 1.52 13.15 -2.20
N ARG B 1000 2.72 13.44 -1.68
CA ARG B 1000 3.37 14.69 -2.02
C ARG B 1000 3.94 14.67 -3.43
N LEU B 1001 4.39 13.50 -3.89
CA LEU B 1001 4.86 13.38 -5.26
C LEU B 1001 3.72 13.54 -6.24
N GLN B 1002 2.55 12.97 -5.94
CA GLN B 1002 1.39 13.18 -6.79
C GLN B 1002 0.98 14.64 -6.80
N SER B 1003 1.09 15.31 -5.65
CA SER B 1003 0.77 16.73 -5.59
C SER B 1003 1.73 17.55 -6.47
N LEU B 1004 3.02 17.24 -6.40
CA LEU B 1004 3.99 17.93 -7.25
C LEU B 1004 3.73 17.66 -8.72
N GLN B 1005 3.42 16.41 -9.08
CA GLN B 1005 3.17 16.11 -10.49
C GLN B 1005 1.95 16.88 -11.00
N THR B 1006 0.91 16.98 -10.17
CA THR B 1006 -0.27 17.76 -10.57
C THR B 1006 0.10 19.23 -10.75
N TYR B 1007 0.85 19.77 -9.79
CA TYR B 1007 1.28 21.17 -9.89
C TYR B 1007 2.07 21.40 -11.16
N VAL B 1008 3.06 20.55 -11.43
CA VAL B 1008 3.92 20.73 -12.60
C VAL B 1008 3.13 20.62 -13.89
N THR B 1009 2.20 19.65 -13.97
CA THR B 1009 1.38 19.54 -15.18
C THR B 1009 0.54 20.79 -15.38
N GLN B 1010 -0.06 21.31 -14.31
CA GLN B 1010 -0.87 22.52 -14.44
C GLN B 1010 0.01 23.70 -14.86
N GLN B 1011 1.23 23.75 -14.34
CA GLN B 1011 2.15 24.83 -14.70
C GLN B 1011 2.59 24.71 -16.16
N LEU B 1012 2.76 23.49 -16.65
CA LEU B 1012 3.15 23.31 -18.05
C LEU B 1012 2.01 23.75 -18.98
N ILE B 1013 0.77 23.43 -18.61
CA ILE B 1013 -0.36 23.83 -19.45
C ILE B 1013 -0.52 25.35 -19.43
N ARG B 1014 -0.46 25.93 -18.23
CA ARG B 1014 -0.56 27.38 -18.11
C ARG B 1014 0.60 28.07 -18.83
N ALA B 1015 1.80 27.50 -18.75
CA ALA B 1015 2.95 28.06 -19.45
C ALA B 1015 2.75 28.00 -20.95
N ALA B 1016 2.14 26.93 -21.46
CA ALA B 1016 1.86 26.87 -22.88
C ALA B 1016 0.86 27.96 -23.28
N GLU B 1017 -0.14 28.19 -22.44
CA GLU B 1017 -1.09 29.27 -22.72
C GLU B 1017 -0.41 30.63 -22.70
N ILE B 1018 0.46 30.85 -21.72
CA ILE B 1018 1.20 32.12 -21.64
C ILE B 1018 2.13 32.28 -22.84
N ARG B 1019 2.76 31.18 -23.27
CA ARG B 1019 3.62 31.24 -24.45
C ARG B 1019 2.82 31.63 -25.69
N ALA B 1020 1.62 31.05 -25.85
CA ALA B 1020 0.78 31.43 -26.98
C ALA B 1020 0.41 32.91 -26.91
N SER B 1021 0.09 33.40 -25.71
CA SER B 1021 -0.23 34.80 -25.55
C SER B 1021 0.97 35.70 -25.86
N ALA B 1022 2.15 35.29 -25.41
CA ALA B 1022 3.36 36.06 -25.69
C ALA B 1022 3.68 36.07 -27.18
N ASN B 1023 3.45 34.96 -27.87
CA ASN B 1023 3.67 34.94 -29.31
C ASN B 1023 2.68 35.86 -30.01
N LEU B 1024 1.44 35.88 -29.56
CA LEU B 1024 0.47 36.82 -30.11
C LEU B 1024 0.90 38.26 -29.86
N ALA B 1025 1.38 38.54 -28.64
CA ALA B 1025 1.83 39.88 -28.31
C ALA B 1025 3.01 40.31 -29.17
N ALA B 1026 3.95 39.39 -29.42
CA ALA B 1026 5.09 39.71 -30.27
C ALA B 1026 4.65 39.95 -31.71
N THR B 1027 3.70 39.15 -32.19
CA THR B 1027 3.16 39.35 -33.53
C THR B 1027 2.49 40.72 -33.63
N LYS B 1028 1.70 41.09 -32.61
CA LYS B 1028 1.07 42.40 -32.61
C LYS B 1028 2.12 43.50 -32.57
N MET B 1029 3.15 43.35 -31.73
CA MET B 1029 4.19 44.36 -31.65
C MET B 1029 4.80 44.59 -33.03
N SER B 1030 5.18 43.50 -33.71
CA SER B 1030 5.84 43.62 -35.01
C SER B 1030 4.91 44.19 -36.08
N GLU B 1031 3.67 43.72 -36.14
CA GLU B 1031 2.76 44.08 -37.22
C GLU B 1031 1.79 45.18 -36.84
N CYS B 1032 2.04 45.87 -35.73
CA CYS B 1032 1.09 46.85 -35.23
C CYS B 1032 1.85 48.10 -34.79
N VAL B 1033 2.91 47.91 -34.01
CA VAL B 1033 3.73 49.01 -33.55
C VAL B 1033 4.80 49.36 -34.57
N LEU B 1034 5.52 48.36 -35.06
CA LEU B 1034 6.61 48.60 -35.99
C LEU B 1034 6.12 48.90 -37.39
N GLY B 1035 4.93 48.47 -37.76
CA GLY B 1035 4.38 48.70 -39.08
C GLY B 1035 3.00 49.31 -39.01
N GLN B 1036 2.17 48.93 -39.98
CA GLN B 1036 0.78 49.30 -40.06
C GLN B 1036 0.01 48.08 -40.51
N SER B 1037 -1.06 47.74 -39.79
CA SER B 1037 -1.77 46.49 -40.01
C SER B 1037 -2.93 46.67 -40.95
N LYS B 1038 -2.99 45.84 -41.98
CA LYS B 1038 -4.12 45.78 -42.90
C LYS B 1038 -5.11 44.70 -42.48
N ARG B 1039 -4.80 44.00 -41.40
CA ARG B 1039 -5.64 42.91 -40.90
C ARG B 1039 -6.78 43.48 -40.10
N VAL B 1040 -8.02 43.14 -40.49
CA VAL B 1040 -9.20 43.74 -39.88
C VAL B 1040 -9.34 43.26 -38.44
N ASP B 1041 -9.54 44.20 -37.52
CA ASP B 1041 -9.71 43.98 -36.09
C ASP B 1041 -8.52 43.30 -35.44
N PHE B 1042 -7.38 43.24 -36.11
CA PHE B 1042 -6.17 42.74 -35.46
C PHE B 1042 -5.64 43.76 -34.47
N CYS B 1043 -5.71 45.05 -34.82
CA CYS B 1043 -5.23 46.14 -33.98
C CYS B 1043 -6.34 47.10 -33.60
N GLY B 1044 -7.44 46.57 -33.08
CA GLY B 1044 -8.54 47.38 -32.64
C GLY B 1044 -9.60 47.60 -33.72
N LYS B 1045 -10.77 48.03 -33.29
CA LYS B 1045 -11.87 48.28 -34.22
C LYS B 1045 -11.60 49.57 -34.98
N GLY B 1046 -11.83 49.53 -36.28
CA GLY B 1046 -11.60 50.66 -37.14
C GLY B 1046 -10.45 50.38 -38.10
N TYR B 1047 -10.09 51.41 -38.86
CA TYR B 1047 -8.98 51.29 -39.81
C TYR B 1047 -7.71 51.66 -39.06
N HIS B 1048 -6.80 50.70 -38.93
CA HIS B 1048 -5.61 50.90 -38.11
C HIS B 1048 -4.68 51.94 -38.72
N LEU B 1049 -4.21 52.84 -37.87
CA LEU B 1049 -3.18 53.80 -38.24
C LEU B 1049 -1.85 53.44 -37.58
N MET B 1050 -1.78 53.49 -36.26
CA MET B 1050 -0.56 53.24 -35.52
C MET B 1050 -0.90 52.71 -34.15
N SER B 1051 0.10 52.11 -33.49
CA SER B 1051 -0.07 51.63 -32.13
C SER B 1051 1.15 52.02 -31.32
N PHE B 1052 0.95 52.12 -30.00
CA PHE B 1052 2.01 52.48 -29.08
C PHE B 1052 2.08 51.43 -27.98
N PRO B 1053 3.23 50.81 -27.75
CA PRO B 1053 3.32 49.83 -26.67
C PRO B 1053 3.47 50.49 -25.32
N GLN B 1054 2.94 49.82 -24.30
CA GLN B 1054 3.18 50.20 -22.91
C GLN B 1054 3.45 48.94 -22.11
N SER B 1055 4.38 49.02 -21.17
CA SER B 1055 4.68 47.87 -20.35
C SER B 1055 3.65 47.73 -19.22
N ALA B 1056 3.54 46.52 -18.70
CA ALA B 1056 2.68 46.23 -17.56
C ALA B 1056 3.30 45.08 -16.80
N PRO B 1057 2.94 44.88 -15.53
CA PRO B 1057 3.45 43.72 -14.78
C PRO B 1057 3.12 42.42 -15.49
N HIS B 1058 4.17 41.67 -15.83
CA HIS B 1058 4.04 40.36 -16.50
C HIS B 1058 3.17 40.44 -17.75
N GLY B 1059 3.26 41.54 -18.48
CA GLY B 1059 2.47 41.66 -19.70
C GLY B 1059 2.79 42.93 -20.44
N VAL B 1060 2.06 43.12 -21.54
CA VAL B 1060 2.23 44.27 -22.43
C VAL B 1060 0.86 44.87 -22.71
N VAL B 1061 0.81 46.19 -22.82
CA VAL B 1061 -0.42 46.92 -23.12
C VAL B 1061 -0.21 47.70 -24.41
N PHE B 1062 -1.13 47.52 -25.36
CA PHE B 1062 -1.08 48.20 -26.64
C PHE B 1062 -2.16 49.26 -26.70
N LEU B 1063 -1.79 50.47 -27.11
CA LEU B 1063 -2.74 51.55 -27.40
C LEU B 1063 -2.89 51.62 -28.91
N HIS B 1064 -4.05 51.22 -29.42
CA HIS B 1064 -4.28 51.13 -30.85
C HIS B 1064 -5.00 52.38 -31.34
N VAL B 1065 -4.39 53.08 -32.29
CA VAL B 1065 -4.95 54.30 -32.86
C VAL B 1065 -5.60 53.92 -34.18
N THR B 1066 -6.91 54.13 -34.28
CA THR B 1066 -7.68 53.71 -35.44
C THR B 1066 -8.50 54.86 -35.99
N TYR B 1067 -8.77 54.79 -37.29
CA TYR B 1067 -9.60 55.75 -37.99
C TYR B 1067 -11.01 55.17 -38.09
N VAL B 1068 -11.99 55.87 -37.53
CA VAL B 1068 -13.37 55.41 -37.52
C VAL B 1068 -14.25 56.46 -38.18
N PRO B 1069 -14.97 56.14 -39.26
CA PRO B 1069 -15.95 57.07 -39.82
C PRO B 1069 -16.99 57.48 -38.79
N ALA B 1070 -17.33 58.77 -38.79
CA ALA B 1070 -18.19 59.33 -37.75
C ALA B 1070 -19.56 59.78 -38.25
N GLN B 1071 -19.65 60.43 -39.40
CA GLN B 1071 -20.91 60.95 -39.90
C GLN B 1071 -21.06 60.54 -41.36
N GLU B 1072 -22.29 60.23 -41.77
CA GLU B 1072 -22.53 59.72 -43.12
C GLU B 1072 -23.75 60.39 -43.73
N LYS B 1073 -23.79 60.40 -45.06
CA LYS B 1073 -24.93 60.85 -45.82
C LYS B 1073 -25.38 59.78 -46.80
N ASN B 1074 -26.67 59.79 -47.13
CA ASN B 1074 -27.22 58.89 -48.14
C ASN B 1074 -27.05 59.54 -49.51
N PHE B 1075 -26.22 58.92 -50.37
CA PHE B 1075 -26.02 59.40 -51.72
C PHE B 1075 -26.52 58.38 -52.72
N THR B 1076 -26.96 58.89 -53.88
CA THR B 1076 -27.29 58.02 -55.00
C THR B 1076 -26.00 57.73 -55.76
N THR B 1077 -25.85 56.50 -56.22
CA THR B 1077 -24.61 56.11 -56.89
C THR B 1077 -24.92 55.44 -58.24
N ALA B 1078 -23.84 55.14 -58.97
CA ALA B 1078 -23.91 54.48 -60.26
C ALA B 1078 -22.57 53.80 -60.51
N PRO B 1079 -22.54 52.63 -61.13
CA PRO B 1079 -21.26 51.97 -61.41
C PRO B 1079 -20.44 52.65 -62.49
N ALA B 1080 -21.07 53.41 -63.40
CA ALA B 1080 -20.35 54.01 -64.50
C ALA B 1080 -21.21 55.14 -65.07
N ILE B 1081 -20.56 56.03 -65.81
CA ILE B 1081 -21.23 57.15 -66.48
C ILE B 1081 -20.94 57.11 -67.98
N CYS B 1082 -22.00 57.28 -68.78
CA CYS B 1082 -21.89 57.40 -70.22
C CYS B 1082 -21.62 58.86 -70.62
N HIS B 1083 -20.72 59.05 -71.58
CA HIS B 1083 -20.51 60.39 -72.11
C HIS B 1083 -20.87 60.45 -73.59
N ASP B 1084 -20.02 59.88 -74.45
CA ASP B 1084 -20.27 59.80 -75.88
C ASP B 1084 -20.58 58.38 -76.31
N GLY B 1085 -21.06 57.55 -75.39
CA GLY B 1085 -21.26 56.13 -75.62
C GLY B 1085 -20.21 55.29 -74.93
N LYS B 1086 -19.16 55.93 -74.43
CA LYS B 1086 -18.11 55.28 -73.67
C LYS B 1086 -18.54 55.10 -72.22
N ALA B 1087 -18.12 54.00 -71.62
CA ALA B 1087 -18.41 53.73 -70.21
C ALA B 1087 -17.22 54.16 -69.38
N HIS B 1088 -17.43 55.14 -68.50
CA HIS B 1088 -16.38 55.69 -67.66
C HIS B 1088 -16.46 55.11 -66.26
N PHE B 1089 -15.35 54.59 -65.76
CA PHE B 1089 -15.29 54.04 -64.43
C PHE B 1089 -14.30 54.85 -63.61
N PRO B 1090 -14.50 54.98 -62.30
CA PRO B 1090 -13.55 55.74 -61.48
C PRO B 1090 -12.19 55.06 -61.41
N ARG B 1091 -11.13 55.87 -61.46
CA ARG B 1091 -9.80 55.34 -61.17
C ARG B 1091 -9.66 55.01 -59.69
N GLU B 1092 -10.15 55.91 -58.84
CA GLU B 1092 -10.21 55.71 -57.40
C GLU B 1092 -11.52 56.33 -56.93
N GLY B 1093 -12.14 55.72 -55.94
CA GLY B 1093 -13.37 56.27 -55.44
C GLY B 1093 -14.58 55.80 -56.22
N VAL B 1094 -15.71 56.43 -55.93
CA VAL B 1094 -16.99 56.07 -56.53
C VAL B 1094 -17.69 57.33 -57.04
N PHE B 1095 -18.67 57.11 -57.92
CA PHE B 1095 -19.55 58.18 -58.38
C PHE B 1095 -20.70 58.37 -57.42
N VAL B 1096 -21.01 59.63 -57.12
CA VAL B 1096 -22.10 59.99 -56.23
C VAL B 1096 -22.92 61.08 -56.89
N SER B 1097 -24.18 61.18 -56.46
CA SER B 1097 -25.07 62.24 -56.90
C SER B 1097 -25.79 62.82 -55.70
N ASN B 1098 -25.84 64.15 -55.63
CA ASN B 1098 -26.58 64.83 -54.57
C ASN B 1098 -28.03 65.08 -54.98
N GLY B 1099 -28.46 64.50 -56.10
CA GLY B 1099 -29.80 64.65 -56.62
C GLY B 1099 -29.89 65.47 -57.88
N THR B 1100 -28.88 66.31 -58.16
CA THR B 1100 -28.90 67.11 -59.38
C THR B 1100 -27.59 66.97 -60.17
N HIS B 1101 -26.48 66.73 -59.49
CA HIS B 1101 -25.18 66.65 -60.13
C HIS B 1101 -24.43 65.41 -59.69
N TRP B 1102 -23.69 64.80 -60.62
CA TRP B 1102 -22.86 63.64 -60.35
C TRP B 1102 -21.41 64.05 -60.05
N PHE B 1103 -20.84 63.45 -59.01
CA PHE B 1103 -19.47 63.72 -58.59
C PHE B 1103 -18.76 62.39 -58.35
N VAL B 1104 -17.44 62.47 -58.30
CA VAL B 1104 -16.60 61.33 -57.91
C VAL B 1104 -15.89 61.70 -56.62
N THR B 1105 -15.87 60.76 -55.67
CA THR B 1105 -15.27 61.00 -54.37
C THR B 1105 -14.64 59.72 -53.84
N GLN B 1106 -13.62 59.89 -53.00
CA GLN B 1106 -12.97 58.73 -52.39
C GLN B 1106 -13.96 57.95 -51.52
N ARG B 1107 -13.84 56.62 -51.57
CA ARG B 1107 -14.77 55.72 -50.90
C ARG B 1107 -14.86 55.93 -49.38
N ASN B 1108 -13.80 56.40 -48.73
CA ASN B 1108 -13.82 56.50 -47.27
C ASN B 1108 -13.98 57.92 -46.74
N PHE B 1109 -14.26 58.90 -47.59
CA PHE B 1109 -14.41 60.27 -47.10
C PHE B 1109 -15.09 61.12 -48.16
N TYR B 1110 -16.21 61.75 -47.83
CA TYR B 1110 -16.94 62.50 -48.84
C TYR B 1110 -16.17 63.75 -49.23
N GLU B 1111 -15.77 63.82 -50.50
CA GLU B 1111 -14.99 64.95 -51.01
C GLU B 1111 -15.29 65.08 -52.49
N PRO B 1112 -16.43 65.68 -52.84
CA PRO B 1112 -16.88 65.63 -54.23
C PRO B 1112 -15.98 66.44 -55.15
N GLN B 1113 -15.66 65.86 -56.30
CA GLN B 1113 -14.88 66.53 -57.33
C GLN B 1113 -15.62 66.42 -58.66
N ILE B 1114 -15.34 67.37 -59.55
CA ILE B 1114 -15.92 67.32 -60.89
C ILE B 1114 -15.36 66.11 -61.61
N ILE B 1115 -16.23 65.40 -62.33
CA ILE B 1115 -15.83 64.20 -63.05
C ILE B 1115 -15.11 64.62 -64.33
N THR B 1116 -13.85 64.17 -64.46
CA THR B 1116 -13.01 64.54 -65.59
C THR B 1116 -12.32 63.29 -66.13
N THR B 1117 -11.63 63.45 -67.25
CA THR B 1117 -10.88 62.35 -67.82
C THR B 1117 -9.67 61.96 -66.98
N ASP B 1118 -9.29 62.77 -66.00
CA ASP B 1118 -8.19 62.46 -65.12
C ASP B 1118 -8.64 61.75 -63.85
N ASN B 1119 -9.95 61.57 -63.68
CA ASN B 1119 -10.52 60.84 -62.56
C ASN B 1119 -11.06 59.49 -62.97
N THR B 1120 -11.46 59.34 -64.24
CA THR B 1120 -12.10 58.14 -64.74
C THR B 1120 -11.28 57.54 -65.88
N PHE B 1121 -11.62 56.30 -66.23
CA PHE B 1121 -11.04 55.60 -67.36
C PHE B 1121 -12.17 54.99 -68.19
N VAL B 1122 -11.87 54.74 -69.46
CA VAL B 1122 -12.85 54.22 -70.42
C VAL B 1122 -12.59 52.75 -70.68
N SER B 1123 -13.65 51.96 -70.61
CA SER B 1123 -13.57 50.53 -70.95
C SER B 1123 -14.94 50.09 -71.46
N GLY B 1124 -14.99 49.60 -72.71
CA GLY B 1124 -16.26 49.15 -73.24
C GLY B 1124 -17.19 50.30 -73.59
N ASN B 1125 -18.48 50.00 -73.59
CA ASN B 1125 -19.50 50.95 -74.01
C ASN B 1125 -20.74 50.80 -73.13
N CYS B 1126 -21.72 51.68 -73.37
CA CYS B 1126 -22.91 51.82 -72.54
C CYS B 1126 -23.85 50.62 -72.58
N ASP B 1127 -23.70 49.71 -73.53
CA ASP B 1127 -24.64 48.60 -73.68
C ASP B 1127 -24.29 47.39 -72.84
N VAL B 1128 -23.20 47.42 -72.08
CA VAL B 1128 -22.74 46.26 -71.32
C VAL B 1128 -22.99 46.42 -69.83
N VAL B 1129 -22.71 47.60 -69.27
CA VAL B 1129 -22.72 47.77 -67.82
C VAL B 1129 -24.14 47.93 -67.31
N ILE B 1130 -24.50 47.11 -66.34
CA ILE B 1130 -25.83 47.17 -65.73
C ILE B 1130 -25.87 48.31 -64.72
N GLY B 1131 -26.81 49.23 -64.91
CA GLY B 1131 -26.95 50.36 -64.00
C GLY B 1131 -26.17 51.60 -64.38
N ILE B 1132 -25.57 51.63 -65.57
CA ILE B 1132 -24.83 52.81 -66.02
C ILE B 1132 -25.81 53.96 -66.23
N VAL B 1133 -25.38 55.17 -65.86
CA VAL B 1133 -26.23 56.35 -65.96
C VAL B 1133 -25.61 57.34 -66.93
N ASN B 1134 -26.46 58.23 -67.44
CA ASN B 1134 -26.04 59.29 -68.35
C ASN B 1134 -25.57 60.51 -67.57
N ASN B 1135 -24.44 61.07 -67.97
CA ASN B 1135 -23.95 62.33 -67.43
C ASN B 1135 -22.97 62.91 -68.45
N THR B 1136 -22.14 63.86 -68.01
CA THR B 1136 -21.09 64.42 -68.83
C THR B 1136 -19.76 64.30 -68.10
N VAL B 1137 -18.69 64.11 -68.87
CA VAL B 1137 -17.34 64.04 -68.34
C VAL B 1137 -16.54 65.23 -68.87
N TYR B 1138 -16.02 66.04 -67.97
CA TYR B 1138 -15.30 67.25 -68.32
C TYR B 1138 -13.91 66.88 -68.83
N ASP B 1139 -13.50 67.50 -69.93
CA ASP B 1139 -12.17 67.25 -70.48
C ASP B 1139 -11.29 68.45 -70.22
N PRO B 1140 -10.33 68.35 -69.28
CA PRO B 1140 -9.49 69.52 -68.96
C PRO B 1140 -8.73 70.07 -70.14
N LEU B 1141 -8.53 69.28 -71.19
CA LEU B 1141 -7.76 69.76 -72.34
C LEU B 1141 -8.56 70.73 -73.21
N GLN B 1142 -9.87 70.51 -73.33
CA GLN B 1142 -10.71 71.31 -74.22
C GLN B 1142 -10.56 72.82 -74.02
N PRO B 1143 -10.72 73.38 -72.81
CA PRO B 1143 -10.61 74.84 -72.68
C PRO B 1143 -9.23 75.38 -73.01
N GLU B 1144 -8.19 74.55 -72.96
CA GLU B 1144 -6.85 75.04 -73.27
C GLU B 1144 -6.64 75.20 -74.77
N LEU B 1145 -7.28 74.34 -75.57
CA LEU B 1145 -7.18 74.43 -77.02
C LEU B 1145 -8.24 75.33 -77.62
N ASP B 1146 -9.37 75.50 -76.94
CA ASP B 1146 -10.42 76.36 -77.46
C ASP B 1146 -10.00 77.82 -77.44
N SER B 1147 -9.32 78.26 -76.37
CA SER B 1147 -8.85 79.63 -76.26
C SER B 1147 -7.51 79.79 -76.97
N ALA C 27 -15.82 -38.58 -38.84
CA ALA C 27 -16.44 -37.57 -39.70
C ALA C 27 -16.38 -36.21 -39.04
N TYR C 28 -16.24 -35.16 -39.86
CA TYR C 28 -16.20 -33.79 -39.38
C TYR C 28 -17.11 -32.93 -40.25
N THR C 29 -17.63 -31.86 -39.66
CA THR C 29 -18.40 -30.86 -40.42
C THR C 29 -17.95 -29.47 -39.99
N ASN C 30 -18.49 -28.46 -40.67
CA ASN C 30 -18.17 -27.07 -40.40
C ASN C 30 -19.12 -26.50 -39.35
N SER C 31 -18.58 -26.07 -38.22
CA SER C 31 -19.38 -25.51 -37.14
C SER C 31 -19.94 -24.13 -37.50
N PHE C 32 -19.47 -23.52 -38.58
CA PHE C 32 -19.83 -22.16 -38.99
C PHE C 32 -19.89 -21.18 -37.82
N THR C 33 -21.10 -20.70 -37.51
CA THR C 33 -21.29 -19.71 -36.46
C THR C 33 -22.12 -20.23 -35.30
N ARG C 34 -22.23 -21.55 -35.16
CA ARG C 34 -22.99 -22.11 -34.07
C ARG C 34 -22.19 -22.10 -32.78
N GLY C 35 -22.89 -22.22 -31.66
CA GLY C 35 -22.25 -22.30 -30.36
C GLY C 35 -22.15 -21.01 -29.59
N VAL C 36 -23.01 -20.03 -29.86
CA VAL C 36 -23.04 -18.77 -29.13
C VAL C 36 -24.24 -18.77 -28.20
N TYR C 37 -24.00 -18.47 -26.93
CA TYR C 37 -25.01 -18.47 -25.89
C TYR C 37 -24.92 -17.17 -25.11
N TYR C 38 -25.99 -16.85 -24.40
CA TYR C 38 -26.00 -15.64 -23.59
C TYR C 38 -25.08 -15.81 -22.41
N PRO C 39 -23.99 -15.03 -22.30
CA PRO C 39 -23.01 -15.28 -21.23
C PRO C 39 -23.56 -15.04 -19.84
N ASP C 40 -24.59 -14.23 -19.70
CA ASP C 40 -25.18 -13.94 -18.40
C ASP C 40 -26.67 -13.65 -18.59
N LYS C 41 -27.29 -13.10 -17.55
CA LYS C 41 -28.72 -12.84 -17.51
C LYS C 41 -29.02 -11.34 -17.58
N VAL C 42 -28.15 -10.58 -18.23
CA VAL C 42 -28.27 -9.14 -18.33
C VAL C 42 -28.90 -8.76 -19.66
N PHE C 43 -29.93 -7.92 -19.61
CA PHE C 43 -30.57 -7.38 -20.80
C PHE C 43 -29.74 -6.26 -21.39
N ARG C 44 -29.47 -6.34 -22.69
CA ARG C 44 -28.79 -5.29 -23.41
C ARG C 44 -29.50 -5.09 -24.73
N SER C 45 -29.44 -3.86 -25.25
CA SER C 45 -30.04 -3.59 -26.55
C SER C 45 -29.27 -2.50 -27.26
N SER C 46 -29.28 -2.56 -28.59
CA SER C 46 -28.63 -1.59 -29.45
C SER C 46 -27.19 -1.32 -28.98
N VAL C 47 -26.46 -2.40 -28.74
CA VAL C 47 -25.12 -2.31 -28.20
C VAL C 47 -24.31 -3.52 -28.63
N LEU C 48 -23.02 -3.31 -28.85
CA LEU C 48 -22.06 -4.37 -29.11
C LEU C 48 -21.25 -4.59 -27.84
N HIS C 49 -21.38 -5.76 -27.24
CA HIS C 49 -20.76 -6.04 -25.95
C HIS C 49 -19.65 -7.07 -26.12
N SER C 50 -18.47 -6.74 -25.61
CA SER C 50 -17.30 -7.60 -25.67
C SER C 50 -17.20 -8.36 -24.34
N THR C 51 -17.18 -9.69 -24.42
CA THR C 51 -17.11 -10.53 -23.23
C THR C 51 -16.18 -11.69 -23.49
N GLN C 52 -15.51 -12.15 -22.44
CA GLN C 52 -14.63 -13.30 -22.49
C GLN C 52 -15.25 -14.44 -21.68
N ASP C 53 -15.48 -15.57 -22.33
CA ASP C 53 -16.09 -16.73 -21.71
C ASP C 53 -15.73 -17.96 -22.54
N LEU C 54 -16.21 -19.12 -22.11
CA LEU C 54 -15.93 -20.37 -22.81
C LEU C 54 -16.93 -20.53 -23.94
N PHE C 55 -16.51 -20.21 -25.17
CA PHE C 55 -17.35 -20.26 -26.35
C PHE C 55 -16.79 -21.28 -27.33
N LEU C 56 -17.67 -21.73 -28.22
CA LEU C 56 -17.25 -22.62 -29.30
C LEU C 56 -16.55 -21.80 -30.39
N PRO C 57 -15.28 -22.05 -30.68
CA PRO C 57 -14.59 -21.29 -31.72
C PRO C 57 -15.31 -21.41 -33.06
N PHE C 58 -15.36 -20.29 -33.78
CA PHE C 58 -16.04 -20.28 -35.07
C PHE C 58 -15.30 -21.13 -36.09
N PHE C 59 -16.08 -21.83 -36.92
CA PHE C 59 -15.56 -22.69 -37.98
C PHE C 59 -14.67 -23.81 -37.46
N SER C 60 -14.78 -24.15 -36.18
CA SER C 60 -13.99 -25.27 -35.68
C SER C 60 -14.62 -26.59 -36.14
N ASN C 61 -13.84 -27.66 -36.03
CA ASN C 61 -14.31 -28.99 -36.38
C ASN C 61 -14.98 -29.68 -35.20
N VAL C 62 -16.18 -30.20 -35.43
CA VAL C 62 -16.93 -30.98 -34.46
C VAL C 62 -17.16 -32.37 -35.04
N THR C 63 -17.03 -33.40 -34.19
CA THR C 63 -17.13 -34.76 -34.66
C THR C 63 -18.58 -35.10 -35.01
N TRP C 64 -18.78 -35.70 -36.18
CA TRP C 64 -20.11 -35.99 -36.70
C TRP C 64 -20.40 -37.48 -36.54
N PHE C 65 -21.43 -37.79 -35.74
CA PHE C 65 -21.85 -39.15 -35.47
C PHE C 65 -23.18 -39.41 -36.15
N HIS C 66 -23.45 -40.67 -36.47
CA HIS C 66 -24.64 -41.07 -37.20
C HIS C 66 -25.44 -42.07 -36.38
N ALA C 67 -26.75 -42.12 -36.63
CA ALA C 67 -27.66 -43.05 -35.97
C ALA C 67 -28.56 -43.73 -36.99
N ILE C 68 -27.94 -44.35 -38.00
CA ILE C 68 -28.68 -45.04 -39.06
C ILE C 68 -28.10 -46.44 -39.22
N HIS C 69 -28.90 -47.32 -39.82
CA HIS C 69 -28.52 -48.70 -40.12
C HIS C 69 -27.89 -49.41 -38.92
N ASP C 80 -24.29 -46.23 -32.72
CA ASP C 80 -23.14 -45.34 -32.65
C ASP C 80 -23.31 -44.30 -31.54
N ASN C 81 -23.10 -44.73 -30.30
CA ASN C 81 -23.24 -43.88 -29.11
C ASN C 81 -22.00 -43.99 -28.23
N PRO C 82 -20.82 -43.63 -28.75
CA PRO C 82 -19.59 -43.75 -27.95
C PRO C 82 -19.54 -42.71 -26.84
N VAL C 83 -18.61 -42.94 -25.93
CA VAL C 83 -18.31 -42.01 -24.84
C VAL C 83 -17.28 -41.00 -25.31
N LEU C 84 -17.59 -39.71 -25.17
CA LEU C 84 -16.69 -38.64 -25.60
C LEU C 84 -16.11 -37.89 -24.40
N PRO C 85 -14.92 -37.33 -24.54
CA PRO C 85 -14.40 -36.43 -23.51
C PRO C 85 -15.27 -35.19 -23.31
N PHE C 86 -15.28 -34.69 -22.08
CA PHE C 86 -15.97 -33.45 -21.72
C PHE C 86 -15.06 -32.23 -21.72
N ASN C 87 -13.76 -32.43 -21.48
CA ASN C 87 -12.78 -31.35 -21.33
C ASN C 87 -13.30 -30.19 -20.49
N ASP C 88 -13.38 -29.00 -21.07
CA ASP C 88 -13.79 -27.80 -20.36
C ASP C 88 -15.21 -27.36 -20.68
N GLY C 89 -15.99 -28.21 -21.33
CA GLY C 89 -17.35 -27.89 -21.73
C GLY C 89 -17.60 -28.49 -23.09
N VAL C 90 -18.84 -28.86 -23.35
CA VAL C 90 -19.21 -29.54 -24.58
C VAL C 90 -20.37 -28.82 -25.24
N TYR C 91 -20.24 -28.58 -26.55
CA TYR C 91 -21.33 -28.12 -27.39
C TYR C 91 -22.00 -29.35 -28.02
N PHE C 92 -23.32 -29.42 -27.94
CA PHE C 92 -24.06 -30.53 -28.49
C PHE C 92 -25.18 -29.99 -29.37
N ALA C 93 -25.38 -30.64 -30.51
CA ALA C 93 -26.49 -30.31 -31.40
C ALA C 93 -26.98 -31.58 -32.07
N SER C 94 -28.26 -31.60 -32.40
CA SER C 94 -28.82 -32.75 -33.09
C SER C 94 -29.94 -32.28 -34.02
N THR C 95 -30.17 -33.06 -35.08
CA THR C 95 -31.24 -32.82 -36.03
C THR C 95 -32.21 -33.98 -35.94
N GLU C 96 -33.50 -33.68 -35.87
CA GLU C 96 -34.50 -34.71 -35.63
C GLU C 96 -35.65 -34.64 -36.62
N LYS C 97 -36.27 -35.80 -36.80
CA LYS C 97 -37.53 -35.95 -37.55
C LYS C 97 -38.50 -36.90 -36.86
N SER C 98 -38.04 -37.72 -35.90
CA SER C 98 -38.88 -38.70 -35.22
C SER C 98 -38.51 -38.81 -33.74
N ASN C 99 -37.79 -37.82 -33.20
CA ASN C 99 -37.41 -37.77 -31.79
C ASN C 99 -36.64 -39.03 -31.36
N ILE C 100 -35.61 -39.38 -32.12
CA ILE C 100 -34.81 -40.56 -31.79
C ILE C 100 -33.96 -40.29 -30.56
N ILE C 101 -33.33 -39.12 -30.48
CA ILE C 101 -32.48 -38.78 -29.34
C ILE C 101 -33.38 -38.26 -28.23
N ARG C 102 -33.38 -38.94 -27.09
CA ARG C 102 -34.27 -38.60 -26.00
C ARG C 102 -33.57 -38.28 -24.69
N GLY C 103 -32.24 -38.37 -24.62
CA GLY C 103 -31.60 -38.04 -23.36
C GLY C 103 -30.09 -38.01 -23.46
N TRP C 104 -29.47 -37.67 -22.34
CA TRP C 104 -28.03 -37.54 -22.22
C TRP C 104 -27.59 -38.10 -20.87
N ILE C 105 -26.37 -38.63 -20.82
CA ILE C 105 -25.75 -39.10 -19.59
C ILE C 105 -24.41 -38.42 -19.42
N PHE C 106 -24.18 -37.82 -18.25
CA PHE C 106 -22.92 -37.15 -17.93
C PHE C 106 -22.34 -37.71 -16.65
N GLY C 107 -21.04 -37.99 -16.66
CA GLY C 107 -20.38 -38.48 -15.46
C GLY C 107 -18.94 -38.86 -15.74
N THR C 108 -18.39 -39.73 -14.89
CA THR C 108 -17.03 -40.23 -15.07
C THR C 108 -16.94 -41.71 -15.37
N THR C 109 -17.71 -42.55 -14.67
CA THR C 109 -17.67 -43.99 -14.88
C THR C 109 -18.99 -44.59 -15.37
N LEU C 110 -20.12 -43.93 -15.15
CA LEU C 110 -21.42 -44.37 -15.65
C LEU C 110 -21.71 -45.83 -15.28
N ASP C 111 -21.35 -46.22 -14.05
CA ASP C 111 -21.49 -47.62 -13.68
C ASP C 111 -22.01 -47.80 -12.25
N SER C 112 -22.77 -46.82 -11.75
CA SER C 112 -23.36 -46.79 -10.41
C SER C 112 -22.35 -46.55 -9.31
N LYS C 113 -21.08 -46.31 -9.64
CA LYS C 113 -20.07 -46.06 -8.61
C LYS C 113 -19.95 -44.59 -8.23
N THR C 114 -20.40 -43.69 -9.09
CA THR C 114 -20.36 -42.26 -8.82
C THR C 114 -21.68 -41.64 -9.27
N GLN C 115 -21.85 -40.37 -8.96
CA GLN C 115 -23.05 -39.65 -9.36
C GLN C 115 -22.94 -39.27 -10.83
N SER C 116 -24.03 -39.48 -11.57
CA SER C 116 -24.07 -39.22 -13.01
C SER C 116 -25.38 -38.55 -13.37
N LEU C 117 -25.30 -37.39 -14.02
CA LEU C 117 -26.50 -36.68 -14.42
C LEU C 117 -27.22 -37.45 -15.52
N LEU C 118 -28.53 -37.66 -15.32
CA LEU C 118 -29.36 -38.36 -16.29
C LEU C 118 -30.53 -37.47 -16.67
N ILE C 119 -30.67 -37.18 -17.96
CA ILE C 119 -31.75 -36.38 -18.49
C ILE C 119 -32.49 -37.26 -19.50
N VAL C 120 -33.79 -37.44 -19.29
CA VAL C 120 -34.61 -38.24 -20.19
C VAL C 120 -35.87 -37.46 -20.52
N ASN C 121 -36.20 -37.39 -21.81
CA ASN C 121 -37.42 -36.74 -22.30
C ASN C 121 -38.25 -37.78 -23.03
N ASN C 122 -39.28 -38.30 -22.37
CA ASN C 122 -40.13 -39.35 -22.95
C ASN C 122 -41.53 -38.80 -23.24
N ALA C 123 -41.81 -38.61 -24.53
CA ALA C 123 -43.04 -38.02 -25.03
C ALA C 123 -43.25 -36.58 -24.56
N THR C 124 -43.95 -36.40 -23.44
CA THR C 124 -44.25 -35.07 -22.92
C THR C 124 -43.67 -34.83 -21.52
N ASN C 125 -42.84 -35.71 -21.00
CA ASN C 125 -42.32 -35.58 -19.64
C ASN C 125 -40.80 -35.53 -19.67
N VAL C 126 -40.24 -34.35 -19.35
CA VAL C 126 -38.80 -34.19 -19.21
C VAL C 126 -38.40 -34.66 -17.82
N VAL C 127 -37.45 -35.59 -17.75
CA VAL C 127 -37.01 -36.16 -16.48
C VAL C 127 -35.52 -35.92 -16.33
N ILE C 128 -35.14 -35.32 -15.20
CA ILE C 128 -33.74 -35.06 -14.87
C ILE C 128 -33.45 -35.71 -13.51
N LYS C 129 -32.42 -36.54 -13.47
CA LYS C 129 -32.01 -37.20 -12.24
C LYS C 129 -30.49 -37.20 -12.13
N VAL C 130 -29.99 -37.22 -10.90
CA VAL C 130 -28.55 -37.27 -10.68
C VAL C 130 -28.21 -38.48 -9.81
N CYS C 131 -28.97 -39.55 -9.96
CA CYS C 131 -28.76 -40.74 -9.14
C CYS C 131 -27.50 -41.48 -9.59
N GLU C 132 -27.03 -42.39 -8.75
CA GLU C 132 -25.92 -43.27 -9.11
C GLU C 132 -26.48 -44.47 -9.87
N PHE C 133 -26.91 -44.20 -11.11
CA PHE C 133 -27.61 -45.20 -11.89
C PHE C 133 -26.66 -46.30 -12.35
N GLN C 134 -27.15 -47.54 -12.35
CA GLN C 134 -26.44 -48.66 -12.96
C GLN C 134 -26.90 -48.76 -14.40
N PHE C 135 -26.06 -48.33 -15.33
CA PHE C 135 -26.40 -48.34 -16.75
C PHE C 135 -25.96 -49.63 -17.43
N CYS C 136 -26.66 -49.95 -18.51
CA CYS C 136 -26.35 -51.12 -19.31
C CYS C 136 -25.03 -50.93 -20.05
N ASN C 137 -24.50 -52.02 -20.59
CA ASN C 137 -23.28 -51.96 -21.38
C ASN C 137 -23.43 -51.01 -22.57
N ASP C 138 -24.64 -50.93 -23.13
CA ASP C 138 -24.93 -50.01 -24.23
C ASP C 138 -26.31 -49.41 -23.96
N PRO C 139 -26.36 -48.31 -23.20
CA PRO C 139 -27.65 -47.72 -22.82
C PRO C 139 -28.46 -47.28 -24.03
N PHE C 140 -29.75 -47.60 -24.00
CA PHE C 140 -30.68 -47.14 -25.03
C PHE C 140 -32.10 -47.26 -24.48
N LEU C 141 -33.03 -46.60 -25.16
CA LEU C 141 -34.45 -46.66 -24.83
C LEU C 141 -35.21 -47.29 -25.98
N GLY C 142 -36.08 -48.25 -25.67
CA GLY C 142 -36.89 -48.88 -26.67
C GLY C 142 -38.18 -48.14 -26.95
N VAL C 143 -38.72 -48.37 -28.15
CA VAL C 143 -40.02 -47.81 -28.51
C VAL C 143 -41.14 -48.77 -28.16
N ASN C 165 -29.30 -43.50 -3.77
CA ASN C 165 -28.54 -42.38 -3.22
C ASN C 165 -28.72 -41.17 -4.12
N CYS C 166 -29.97 -40.84 -4.39
CA CYS C 166 -30.33 -39.71 -5.24
C CYS C 166 -30.35 -38.42 -4.45
N THR C 167 -29.81 -37.35 -5.05
CA THR C 167 -29.78 -36.05 -4.40
C THR C 167 -30.62 -35.00 -5.11
N PHE C 168 -31.25 -35.34 -6.23
CA PHE C 168 -32.07 -34.39 -6.98
C PHE C 168 -32.94 -35.17 -7.95
N GLU C 169 -34.18 -34.72 -8.10
CA GLU C 169 -35.09 -35.27 -9.10
C GLU C 169 -36.02 -34.16 -9.59
N TYR C 170 -36.25 -34.12 -10.90
CA TYR C 170 -37.19 -33.18 -11.48
C TYR C 170 -37.94 -33.86 -12.61
N VAL C 171 -39.26 -33.63 -12.66
CA VAL C 171 -40.11 -34.11 -13.74
C VAL C 171 -40.98 -32.96 -14.22
N SER C 172 -41.02 -32.75 -15.53
CA SER C 172 -41.89 -31.73 -16.11
C SER C 172 -43.33 -32.24 -16.23
N PHE C 186 -34.30 -33.31 -42.01
CA PHE C 186 -34.81 -33.20 -40.64
C PHE C 186 -35.61 -31.92 -40.46
N LYS C 187 -36.48 -31.90 -39.44
CA LYS C 187 -37.37 -30.78 -39.21
C LYS C 187 -37.06 -29.95 -37.98
N ASN C 188 -36.36 -30.50 -37.00
CA ASN C 188 -36.11 -29.79 -35.73
C ASN C 188 -34.65 -29.93 -35.35
N LEU C 189 -33.99 -28.78 -35.15
CA LEU C 189 -32.61 -28.72 -34.69
C LEU C 189 -32.61 -28.33 -33.22
N ARG C 190 -31.99 -29.14 -32.38
CA ARG C 190 -31.93 -28.90 -30.94
C ARG C 190 -30.47 -28.83 -30.51
N GLU C 191 -30.00 -27.62 -30.23
CA GLU C 191 -28.62 -27.36 -29.87
C GLU C 191 -28.50 -27.17 -28.36
N PHE C 192 -27.41 -27.67 -27.79
CA PHE C 192 -27.20 -27.56 -26.35
C PHE C 192 -25.75 -27.19 -26.07
N VAL C 193 -25.55 -26.51 -24.95
CA VAL C 193 -24.21 -26.25 -24.40
C VAL C 193 -24.20 -26.70 -22.95
N PHE C 194 -23.21 -27.52 -22.58
CA PHE C 194 -23.07 -28.02 -21.23
C PHE C 194 -21.70 -27.63 -20.69
N LYS C 195 -21.68 -26.80 -19.66
CA LYS C 195 -20.42 -26.41 -19.04
C LYS C 195 -20.57 -26.40 -17.52
N ASN C 196 -19.47 -26.63 -16.82
CA ASN C 196 -19.43 -26.66 -15.37
C ASN C 196 -18.46 -25.58 -14.88
N ILE C 197 -19.00 -24.57 -14.22
CA ILE C 197 -18.20 -23.47 -13.67
C ILE C 197 -18.41 -23.46 -12.16
N ASP C 198 -17.34 -23.74 -11.41
CA ASP C 198 -17.35 -23.74 -9.95
C ASP C 198 -18.48 -24.60 -9.39
N GLY C 199 -18.72 -25.75 -10.01
CA GLY C 199 -19.71 -26.68 -9.54
C GLY C 199 -21.11 -26.50 -10.08
N TYR C 200 -21.34 -25.48 -10.90
CA TYR C 200 -22.67 -25.22 -11.46
C TYR C 200 -22.74 -25.76 -12.89
N PHE C 201 -23.69 -26.66 -13.13
CA PHE C 201 -23.88 -27.25 -14.45
C PHE C 201 -24.90 -26.42 -15.21
N LYS C 202 -24.43 -25.64 -16.19
CA LYS C 202 -25.26 -24.69 -16.91
C LYS C 202 -25.66 -25.28 -18.26
N ILE C 203 -26.96 -25.26 -18.53
CA ILE C 203 -27.53 -25.83 -19.75
C ILE C 203 -28.16 -24.71 -20.56
N TYR C 204 -27.74 -24.57 -21.81
CA TYR C 204 -28.30 -23.63 -22.75
C TYR C 204 -28.87 -24.40 -23.93
N SER C 205 -29.93 -23.86 -24.55
CA SER C 205 -30.47 -24.54 -25.71
C SER C 205 -31.31 -23.57 -26.54
N LYS C 206 -31.53 -23.96 -27.80
CA LYS C 206 -32.41 -23.24 -28.71
C LYS C 206 -33.00 -24.24 -29.68
N HIS C 207 -34.32 -24.19 -29.86
CA HIS C 207 -35.02 -25.04 -30.82
C HIS C 207 -35.50 -24.18 -31.99
N THR C 208 -35.25 -24.66 -33.20
CA THR C 208 -35.69 -23.95 -34.40
C THR C 208 -36.07 -24.93 -35.48
N PRO C 209 -37.10 -24.64 -36.27
CA PRO C 209 -37.42 -25.50 -37.41
C PRO C 209 -36.36 -25.39 -38.50
N ILE C 210 -36.04 -26.52 -39.12
CA ILE C 210 -35.08 -26.58 -40.21
C ILE C 210 -35.65 -27.48 -41.30
N ASN C 211 -35.07 -27.38 -42.50
CA ASN C 211 -35.39 -28.28 -43.61
C ASN C 211 -34.09 -28.72 -44.27
N LEU C 212 -33.39 -29.65 -43.61
CA LEU C 212 -32.08 -30.10 -44.10
C LEU C 212 -31.74 -31.39 -43.37
N VAL C 213 -31.41 -32.42 -44.15
CA VAL C 213 -31.08 -33.74 -43.61
C VAL C 213 -29.58 -33.99 -43.63
N ARG C 214 -28.89 -33.46 -44.64
CA ARG C 214 -27.50 -33.84 -44.88
C ARG C 214 -26.58 -33.40 -43.75
N ASP C 215 -26.73 -32.17 -43.24
CA ASP C 215 -25.75 -31.62 -42.33
C ASP C 215 -26.39 -30.51 -41.51
N LEU C 216 -25.58 -29.89 -40.66
CA LEU C 216 -26.03 -28.74 -39.89
C LEU C 216 -26.40 -27.59 -40.81
N PRO C 217 -27.57 -26.97 -40.63
CA PRO C 217 -27.89 -25.76 -41.39
C PRO C 217 -26.90 -24.65 -41.07
N GLN C 218 -26.60 -23.84 -42.07
CA GLN C 218 -25.73 -22.68 -41.88
C GLN C 218 -26.57 -21.48 -41.45
N GLY C 219 -26.05 -20.74 -40.48
CA GLY C 219 -26.73 -19.58 -39.96
C GLY C 219 -26.26 -19.32 -38.54
N PHE C 220 -26.90 -18.34 -37.92
CA PHE C 220 -26.55 -17.92 -36.56
C PHE C 220 -27.81 -17.93 -35.70
N SER C 221 -27.69 -18.50 -34.50
CA SER C 221 -28.79 -18.51 -33.53
C SER C 221 -28.19 -18.63 -32.14
N ALA C 222 -28.59 -17.73 -31.25
CA ALA C 222 -28.08 -17.72 -29.89
C ALA C 222 -28.90 -18.64 -28.99
N LEU C 223 -28.23 -19.27 -28.05
CA LEU C 223 -28.86 -20.22 -27.13
C LEU C 223 -29.09 -19.51 -25.80
N GLU C 224 -30.35 -19.49 -25.36
CA GLU C 224 -30.66 -18.93 -24.06
C GLU C 224 -30.43 -19.95 -22.94
N PRO C 225 -30.10 -19.50 -21.74
CA PRO C 225 -30.06 -20.42 -20.60
C PRO C 225 -31.45 -20.83 -20.20
N LEU C 226 -31.58 -22.08 -19.76
CA LEU C 226 -32.83 -22.59 -19.21
C LEU C 226 -32.68 -23.17 -17.81
N VAL C 227 -31.61 -23.90 -17.54
CA VAL C 227 -31.46 -24.65 -16.30
C VAL C 227 -30.06 -24.39 -15.75
N ASP C 228 -29.96 -24.33 -14.42
CA ASP C 228 -28.68 -24.20 -13.74
C ASP C 228 -28.72 -25.09 -12.50
N LEU C 229 -28.04 -26.23 -12.55
CA LEU C 229 -28.10 -27.20 -11.47
C LEU C 229 -26.83 -27.11 -10.64
N PRO C 230 -26.91 -26.74 -9.37
CA PRO C 230 -25.72 -26.64 -8.51
C PRO C 230 -25.27 -27.99 -7.99
N ILE C 231 -24.88 -28.88 -8.91
CA ILE C 231 -24.58 -30.25 -8.52
C ILE C 231 -23.17 -30.40 -7.95
N GLY C 232 -22.20 -29.63 -8.43
CA GLY C 232 -20.85 -29.75 -7.91
C GLY C 232 -20.18 -31.05 -8.27
N ILE C 233 -20.57 -31.66 -9.38
CA ILE C 233 -20.07 -32.97 -9.81
C ILE C 233 -18.99 -32.78 -10.86
N ASN C 234 -17.89 -33.51 -10.70
CA ASN C 234 -16.80 -33.48 -11.67
C ASN C 234 -17.18 -34.35 -12.86
N ILE C 235 -17.52 -33.71 -13.98
CA ILE C 235 -17.99 -34.39 -15.18
C ILE C 235 -16.86 -34.37 -16.20
N THR C 236 -16.44 -35.56 -16.65
CA THR C 236 -15.35 -35.70 -17.60
C THR C 236 -15.73 -36.46 -18.87
N ARG C 237 -16.82 -37.22 -18.85
CA ARG C 237 -17.25 -38.00 -20.00
C ARG C 237 -18.76 -37.89 -20.14
N PHE C 238 -19.25 -38.10 -21.35
CA PHE C 238 -20.70 -38.13 -21.57
C PHE C 238 -21.03 -39.08 -22.71
N GLN C 239 -22.30 -39.47 -22.76
CA GLN C 239 -22.82 -40.37 -23.77
C GLN C 239 -24.23 -39.93 -24.14
N THR C 240 -24.66 -40.25 -25.35
CA THR C 240 -26.01 -39.92 -25.79
C THR C 240 -26.93 -41.13 -25.65
N LEU C 241 -28.23 -40.87 -25.80
CA LEU C 241 -29.26 -41.89 -25.70
C LEU C 241 -30.14 -41.87 -26.94
N LEU C 242 -30.22 -43.00 -27.63
CA LEU C 242 -31.00 -43.12 -28.86
C LEU C 242 -32.23 -43.98 -28.60
N ALA C 243 -33.33 -43.63 -29.26
CA ALA C 243 -34.56 -44.41 -29.19
C ALA C 243 -34.58 -45.43 -30.32
N LEU C 244 -34.59 -46.72 -29.97
CA LEU C 244 -34.49 -47.80 -30.94
C LEU C 244 -35.83 -48.52 -31.02
N HIS C 245 -36.26 -48.79 -32.25
CA HIS C 245 -37.52 -49.50 -32.48
C HIS C 245 -37.32 -51.01 -32.32
N ALA C 263 -30.70 -39.97 -36.64
CA ALA C 263 -30.54 -38.86 -35.72
C ALA C 263 -29.06 -38.58 -35.45
N ALA C 264 -28.44 -37.84 -36.36
CA ALA C 264 -27.04 -37.46 -36.17
C ALA C 264 -26.91 -36.43 -35.07
N TYR C 265 -25.72 -36.39 -34.46
CA TYR C 265 -25.42 -35.37 -33.45
C TYR C 265 -23.96 -34.96 -33.59
N TYR C 266 -23.65 -33.79 -33.03
CA TYR C 266 -22.34 -33.18 -33.16
C TYR C 266 -21.82 -32.82 -31.78
N VAL C 267 -20.51 -33.01 -31.58
CA VAL C 267 -19.86 -32.69 -30.31
C VAL C 267 -18.73 -31.71 -30.56
N GLY C 268 -18.79 -30.54 -29.90
CA GLY C 268 -17.75 -29.55 -29.96
C GLY C 268 -17.21 -29.28 -28.57
N TYR C 269 -16.16 -28.47 -28.52
CA TYR C 269 -15.53 -28.12 -27.25
C TYR C 269 -15.36 -26.61 -27.15
N LEU C 270 -15.51 -26.10 -25.93
CA LEU C 270 -15.44 -24.67 -25.68
C LEU C 270 -14.00 -24.25 -25.36
N GLN C 271 -13.67 -23.02 -25.72
CA GLN C 271 -12.35 -22.46 -25.47
C GLN C 271 -12.51 -21.05 -24.91
N PRO C 272 -11.53 -20.57 -24.14
CA PRO C 272 -11.64 -19.21 -23.58
C PRO C 272 -11.40 -18.11 -24.61
N ARG C 273 -12.26 -18.05 -25.62
CA ARG C 273 -12.18 -17.03 -26.65
C ARG C 273 -12.93 -15.77 -26.23
N THR C 274 -12.53 -14.64 -26.80
CA THR C 274 -13.24 -13.38 -26.62
C THR C 274 -14.19 -13.19 -27.80
N PHE C 275 -15.45 -12.90 -27.51
CA PHE C 275 -16.46 -12.66 -28.53
C PHE C 275 -17.08 -11.28 -28.37
N LEU C 276 -17.39 -10.67 -29.51
CA LEU C 276 -18.17 -9.44 -29.57
C LEU C 276 -19.60 -9.82 -29.93
N LEU C 277 -20.53 -9.56 -29.01
CA LEU C 277 -21.92 -9.99 -29.16
C LEU C 277 -22.78 -8.80 -29.56
N LYS C 278 -23.59 -8.97 -30.60
CA LYS C 278 -24.47 -7.93 -31.11
C LYS C 278 -25.87 -8.16 -30.56
N TYR C 279 -26.33 -7.24 -29.71
CA TYR C 279 -27.68 -7.29 -29.15
C TYR C 279 -28.58 -6.34 -29.94
N ASN C 280 -29.72 -6.87 -30.38
CA ASN C 280 -30.66 -6.06 -31.15
C ASN C 280 -31.54 -5.25 -30.20
N GLU C 281 -32.55 -4.58 -30.75
CA GLU C 281 -33.42 -3.73 -29.94
C GLU C 281 -34.24 -4.52 -28.94
N ASN C 282 -34.43 -5.81 -29.16
CA ASN C 282 -35.21 -6.67 -28.28
C ASN C 282 -34.34 -7.47 -27.32
N GLY C 283 -33.03 -7.23 -27.31
CA GLY C 283 -32.13 -7.96 -26.46
C GLY C 283 -31.80 -9.36 -26.93
N THR C 284 -31.98 -9.64 -28.22
CA THR C 284 -31.65 -10.93 -28.81
C THR C 284 -30.31 -10.81 -29.53
N ILE C 285 -29.43 -11.78 -29.30
CA ILE C 285 -28.15 -11.81 -30.00
C ILE C 285 -28.38 -12.26 -31.43
N THR C 286 -28.00 -11.41 -32.39
CA THR C 286 -28.24 -11.68 -33.80
C THR C 286 -26.97 -11.96 -34.58
N ASP C 287 -25.80 -11.57 -34.07
CA ASP C 287 -24.53 -11.84 -34.72
C ASP C 287 -23.45 -11.91 -33.65
N ALA C 288 -22.23 -12.25 -34.07
CA ALA C 288 -21.11 -12.32 -33.15
C ALA C 288 -19.81 -12.29 -33.95
N VAL C 289 -18.76 -11.77 -33.32
CA VAL C 289 -17.42 -11.76 -33.90
C VAL C 289 -16.50 -12.53 -32.97
N ASP C 290 -15.82 -13.54 -33.51
CA ASP C 290 -14.82 -14.30 -32.77
C ASP C 290 -13.51 -13.55 -32.87
N CYS C 291 -13.08 -12.92 -31.77
CA CYS C 291 -11.95 -11.98 -31.79
C CYS C 291 -10.62 -12.65 -32.11
N ALA C 292 -10.59 -13.91 -32.53
CA ALA C 292 -9.34 -14.57 -32.89
C ALA C 292 -9.50 -15.43 -34.14
N LEU C 293 -10.61 -15.27 -34.88
CA LEU C 293 -10.81 -16.06 -36.09
C LEU C 293 -9.82 -15.65 -37.18
N ASP C 294 -9.55 -14.36 -37.31
CA ASP C 294 -8.73 -13.83 -38.39
C ASP C 294 -8.48 -12.34 -38.09
N PRO C 295 -7.49 -11.73 -38.77
CA PRO C 295 -7.21 -10.30 -38.53
C PRO C 295 -8.41 -9.38 -38.70
N LEU C 296 -9.33 -9.69 -39.60
CA LEU C 296 -10.49 -8.83 -39.78
C LEU C 296 -11.40 -8.86 -38.55
N SER C 297 -11.57 -10.06 -37.95
CA SER C 297 -12.35 -10.15 -36.73
C SER C 297 -11.65 -9.43 -35.58
N GLU C 298 -10.33 -9.50 -35.53
CA GLU C 298 -9.58 -8.77 -34.52
C GLU C 298 -9.79 -7.26 -34.68
N THR C 299 -9.81 -6.79 -35.93
CA THR C 299 -10.07 -5.37 -36.18
C THR C 299 -11.48 -4.99 -35.73
N LYS C 300 -12.47 -5.82 -36.08
CA LYS C 300 -13.84 -5.55 -35.68
C LYS C 300 -13.97 -5.48 -34.16
N CYS C 301 -13.31 -6.40 -33.45
CA CYS C 301 -13.34 -6.38 -32.00
C CYS C 301 -12.64 -5.14 -31.44
N THR C 302 -11.52 -4.75 -32.04
CA THR C 302 -10.78 -3.58 -31.58
C THR C 302 -11.64 -2.32 -31.64
N LEU C 303 -12.40 -2.15 -32.72
CA LEU C 303 -13.23 -0.96 -32.89
C LEU C 303 -14.61 -1.10 -32.28
N LYS C 304 -14.93 -2.26 -31.69
CA LYS C 304 -16.25 -2.52 -31.11
C LYS C 304 -17.34 -2.21 -32.13
N SER C 305 -17.16 -2.72 -33.35
CA SER C 305 -18.14 -2.50 -34.40
C SER C 305 -18.09 -3.65 -35.39
N PHE C 306 -19.21 -3.88 -36.06
CA PHE C 306 -19.30 -4.89 -37.11
C PHE C 306 -19.02 -4.31 -38.48
N THR C 307 -18.73 -3.01 -38.55
CA THR C 307 -18.35 -2.33 -39.78
C THR C 307 -17.00 -1.67 -39.54
N VAL C 308 -16.07 -1.87 -40.45
CA VAL C 308 -14.73 -1.30 -40.33
C VAL C 308 -14.51 -0.33 -41.48
N GLU C 309 -14.21 0.92 -41.15
CA GLU C 309 -13.96 1.93 -42.17
C GLU C 309 -12.59 1.67 -42.82
N LYS C 310 -12.45 2.18 -44.04
CA LYS C 310 -11.20 2.05 -44.77
C LYS C 310 -10.07 2.70 -43.99
N GLY C 311 -8.96 1.99 -43.85
CA GLY C 311 -7.81 2.50 -43.15
C GLY C 311 -6.99 1.36 -42.56
N ILE C 312 -6.02 1.74 -41.73
CA ILE C 312 -5.12 0.81 -41.06
C ILE C 312 -5.35 0.91 -39.56
N TYR C 313 -5.55 -0.24 -38.92
CA TYR C 313 -5.82 -0.31 -37.49
C TYR C 313 -4.80 -1.22 -36.82
N GLN C 314 -4.38 -0.84 -35.61
CA GLN C 314 -3.48 -1.65 -34.79
C GLN C 314 -4.31 -2.48 -33.81
N THR C 315 -4.24 -3.81 -33.93
CA THR C 315 -5.11 -4.69 -33.18
C THR C 315 -4.41 -5.59 -32.17
N SER C 316 -3.14 -5.94 -32.39
CA SER C 316 -2.49 -6.89 -31.49
C SER C 316 -0.98 -6.76 -31.61
N ASN C 317 -0.29 -6.97 -30.49
CA ASN C 317 1.16 -6.86 -30.45
C ASN C 317 1.79 -8.23 -30.73
N PHE C 318 2.68 -8.27 -31.71
CA PHE C 318 3.40 -9.49 -32.04
C PHE C 318 4.63 -9.64 -31.14
N ARG C 319 4.84 -10.86 -30.63
CA ARG C 319 5.99 -11.11 -29.78
C ARG C 319 6.46 -12.54 -29.95
N VAL C 320 7.69 -12.70 -30.46
CA VAL C 320 8.27 -14.02 -30.67
C VAL C 320 8.49 -14.72 -29.34
N GLN C 321 8.05 -15.99 -29.24
CA GLN C 321 8.25 -16.67 -27.97
C GLN C 321 9.56 -17.44 -27.98
N PRO C 322 10.19 -17.62 -26.80
CA PRO C 322 11.39 -18.47 -26.73
C PRO C 322 11.05 -19.93 -26.94
N THR C 323 12.02 -20.68 -27.45
CA THR C 323 11.86 -22.11 -27.70
C THR C 323 12.50 -23.00 -26.63
N GLU C 324 13.65 -22.59 -26.10
CA GLU C 324 14.36 -23.41 -25.12
C GLU C 324 15.16 -22.51 -24.19
N SER C 325 15.52 -23.05 -23.03
CA SER C 325 16.35 -22.34 -22.09
C SER C 325 17.82 -22.70 -22.27
N ILE C 326 18.69 -21.75 -21.95
CA ILE C 326 20.14 -21.94 -22.00
C ILE C 326 20.72 -21.67 -20.62
N VAL C 327 21.36 -22.68 -20.03
CA VAL C 327 21.95 -22.56 -18.70
C VAL C 327 23.45 -22.71 -18.86
N ARG C 328 24.20 -21.68 -18.44
CA ARG C 328 25.65 -21.66 -18.60
C ARG C 328 26.36 -21.44 -17.28
N PHE C 329 27.34 -22.30 -17.00
CA PHE C 329 28.25 -22.18 -15.88
C PHE C 329 29.60 -22.63 -16.40
N PRO C 330 30.69 -22.20 -15.77
CA PRO C 330 32.01 -22.64 -16.27
C PRO C 330 32.16 -24.14 -16.19
N ASN C 331 33.00 -24.69 -17.06
CA ASN C 331 33.25 -26.12 -17.08
C ASN C 331 33.84 -26.73 -15.79
N ILE C 332 35.14 -26.65 -15.56
CA ILE C 332 35.72 -27.13 -14.31
C ILE C 332 36.20 -25.93 -13.48
N THR C 333 35.44 -25.54 -12.46
CA THR C 333 35.99 -24.59 -11.49
C THR C 333 37.02 -25.26 -10.58
N ASN C 334 36.52 -25.98 -9.58
CA ASN C 334 37.36 -26.68 -8.59
C ASN C 334 36.57 -27.74 -7.85
N LEU C 335 37.07 -28.97 -7.84
CA LEU C 335 36.43 -30.06 -7.11
C LEU C 335 36.84 -30.04 -5.64
N CYS C 336 36.19 -30.90 -4.84
CA CYS C 336 36.46 -30.97 -3.40
C CYS C 336 37.00 -32.36 -3.06
N PRO C 337 37.98 -32.46 -2.17
CA PRO C 337 38.61 -33.77 -1.91
C PRO C 337 37.76 -34.69 -1.06
N PHE C 338 36.57 -35.02 -1.55
CA PHE C 338 35.73 -36.02 -0.89
C PHE C 338 36.29 -37.42 -1.04
N GLY C 339 37.15 -37.66 -2.04
CA GLY C 339 37.71 -38.98 -2.23
C GLY C 339 38.63 -39.41 -1.10
N GLU C 340 39.53 -38.50 -0.69
CA GLU C 340 40.47 -38.82 0.38
C GLU C 340 39.80 -38.92 1.74
N VAL C 341 38.52 -38.56 1.86
CA VAL C 341 37.78 -38.75 3.10
C VAL C 341 37.08 -40.10 3.13
N PHE C 342 36.40 -40.45 2.05
CA PHE C 342 35.71 -41.75 1.99
C PHE C 342 36.67 -42.88 1.67
N ASN C 343 37.54 -42.69 0.67
CA ASN C 343 38.51 -43.69 0.26
C ASN C 343 39.83 -43.57 1.01
N ALA C 344 39.80 -43.06 2.24
CA ALA C 344 41.01 -42.99 3.05
C ALA C 344 41.52 -44.39 3.37
N THR C 345 42.84 -44.55 3.26
CA THR C 345 43.45 -45.87 3.48
C THR C 345 43.18 -46.37 4.89
N ARG C 346 43.25 -45.49 5.88
CA ARG C 346 43.04 -45.87 7.27
C ARG C 346 42.18 -44.81 7.95
N PHE C 347 41.35 -45.26 8.88
CA PHE C 347 40.42 -44.40 9.62
C PHE C 347 40.83 -44.33 11.08
N ALA C 348 40.21 -43.40 11.80
CA ALA C 348 40.51 -43.16 13.20
C ALA C 348 39.44 -43.80 14.08
N SER C 349 39.75 -43.91 15.37
CA SER C 349 38.80 -44.44 16.33
C SER C 349 37.68 -43.44 16.57
N VAL C 350 36.58 -43.94 17.15
CA VAL C 350 35.40 -43.10 17.30
C VAL C 350 35.62 -42.06 18.40
N TYR C 351 36.38 -42.39 19.44
CA TYR C 351 36.64 -41.41 20.48
C TYR C 351 37.56 -40.30 19.96
N ALA C 352 38.51 -40.66 19.10
CA ALA C 352 39.38 -39.69 18.46
C ALA C 352 38.97 -39.48 17.02
N TRP C 353 37.72 -39.09 16.80
CA TRP C 353 37.20 -38.96 15.44
C TRP C 353 37.92 -37.85 14.70
N ASN C 354 38.24 -38.11 13.44
CA ASN C 354 38.97 -37.16 12.61
C ASN C 354 37.99 -36.23 11.90
N ARG C 355 38.35 -34.96 11.83
CA ARG C 355 37.51 -33.94 11.18
C ARG C 355 38.27 -33.33 10.02
N LYS C 356 37.64 -33.29 8.86
CA LYS C 356 38.18 -32.63 7.67
C LYS C 356 37.34 -31.42 7.34
N ARG C 357 38.00 -30.29 7.08
CA ARG C 357 37.32 -29.04 6.77
C ARG C 357 37.26 -28.84 5.26
N ILE C 358 36.05 -28.60 4.75
CA ILE C 358 35.81 -28.43 3.32
C ILE C 358 35.51 -26.96 3.09
N SER C 359 36.39 -26.28 2.35
CA SER C 359 36.21 -24.86 2.09
C SER C 359 36.81 -24.48 0.75
N ASN C 360 36.14 -23.55 0.06
CA ASN C 360 36.61 -22.97 -1.20
C ASN C 360 36.80 -24.02 -2.29
N CYS C 361 35.70 -24.68 -2.64
CA CYS C 361 35.69 -25.68 -3.69
C CYS C 361 34.24 -26.01 -4.01
N VAL C 362 33.96 -26.29 -5.27
CA VAL C 362 32.63 -26.74 -5.64
C VAL C 362 32.41 -28.17 -5.12
N ALA C 363 31.35 -28.36 -4.35
CA ALA C 363 31.06 -29.64 -3.70
C ALA C 363 30.23 -30.51 -4.64
N ASP C 364 30.85 -31.52 -5.23
CA ASP C 364 30.16 -32.47 -6.10
C ASP C 364 29.72 -33.67 -5.27
N TYR C 365 28.43 -33.75 -4.99
CA TYR C 365 27.86 -34.82 -4.17
C TYR C 365 27.47 -36.04 -4.99
N SER C 366 27.76 -36.07 -6.29
CA SER C 366 27.39 -37.21 -7.11
C SER C 366 28.15 -38.47 -6.74
N VAL C 367 29.21 -38.36 -5.93
CA VAL C 367 29.94 -39.52 -5.46
C VAL C 367 29.15 -40.25 -4.38
N LEU C 368 28.14 -39.60 -3.80
CA LEU C 368 27.24 -40.27 -2.86
C LEU C 368 26.06 -40.89 -3.57
N TYR C 369 25.63 -40.31 -4.69
CA TYR C 369 24.52 -40.84 -5.46
C TYR C 369 24.95 -42.06 -6.27
N ASN C 370 26.05 -41.94 -7.02
CA ASN C 370 26.47 -43.02 -7.89
C ASN C 370 26.95 -44.23 -7.08
N SER C 371 27.78 -44.00 -6.08
CA SER C 371 28.36 -45.08 -5.27
C SER C 371 27.24 -45.73 -4.46
N ALA C 372 26.74 -46.86 -4.95
CA ALA C 372 25.74 -47.65 -4.24
C ALA C 372 26.33 -48.57 -3.20
N SER C 373 27.64 -48.45 -2.92
CA SER C 373 28.31 -49.30 -1.94
C SER C 373 28.09 -48.86 -0.50
N PHE C 374 27.08 -48.04 -0.23
CA PHE C 374 26.81 -47.53 1.10
C PHE C 374 25.71 -48.36 1.76
N SER C 375 25.93 -48.68 3.04
CA SER C 375 24.96 -49.46 3.80
C SER C 375 23.91 -48.58 4.47
N THR C 376 24.36 -47.53 5.16
CA THR C 376 23.47 -46.62 5.87
C THR C 376 23.63 -45.22 5.29
N PHE C 377 22.51 -44.61 4.91
CA PHE C 377 22.50 -43.26 4.33
C PHE C 377 21.26 -42.55 4.88
N LYS C 378 21.47 -41.67 5.85
CA LYS C 378 20.38 -40.93 6.46
C LYS C 378 20.79 -39.47 6.60
N CYS C 379 19.88 -38.56 6.24
CA CYS C 379 20.12 -37.13 6.32
C CYS C 379 19.15 -36.50 7.30
N TYR C 380 19.57 -35.39 7.89
CA TYR C 380 18.77 -34.68 8.88
C TYR C 380 18.85 -33.19 8.58
N GLY C 381 17.69 -32.53 8.55
CA GLY C 381 17.63 -31.10 8.35
C GLY C 381 17.76 -30.64 6.91
N VAL C 382 18.25 -31.51 6.02
CA VAL C 382 18.46 -31.17 4.62
C VAL C 382 18.24 -32.43 3.80
N SER C 383 17.82 -32.25 2.55
CA SER C 383 17.58 -33.40 1.69
C SER C 383 18.73 -33.58 0.71
N PRO C 384 19.16 -34.82 0.47
CA PRO C 384 20.32 -35.04 -0.41
C PRO C 384 20.06 -34.62 -1.84
N THR C 385 18.82 -34.72 -2.32
CA THR C 385 18.51 -34.34 -3.69
C THR C 385 18.68 -32.84 -3.89
N LYS C 386 18.14 -32.05 -2.96
CA LYS C 386 18.27 -30.59 -2.97
C LYS C 386 19.54 -30.13 -2.27
N LEU C 387 20.67 -30.78 -2.57
CA LEU C 387 21.94 -30.43 -1.96
C LEU C 387 22.97 -29.90 -2.93
N ASN C 388 22.92 -30.32 -4.19
CA ASN C 388 23.85 -29.79 -5.20
C ASN C 388 23.48 -28.38 -5.65
N ASP C 389 22.33 -27.85 -5.21
CA ASP C 389 21.91 -26.50 -5.52
C ASP C 389 21.66 -25.69 -4.26
N LEU C 390 22.63 -25.69 -3.34
CA LEU C 390 22.48 -24.98 -2.07
C LEU C 390 23.88 -24.66 -1.54
N CYS C 391 24.06 -23.44 -1.07
CA CYS C 391 25.34 -22.98 -0.58
C CYS C 391 25.45 -23.10 0.92
N PHE C 392 26.69 -23.24 1.40
CA PHE C 392 26.99 -23.32 2.82
C PHE C 392 28.27 -22.57 3.11
N THR C 393 28.37 -21.99 4.30
CA THR C 393 29.59 -21.30 4.70
C THR C 393 30.76 -22.27 4.83
N ASN C 394 30.53 -23.41 5.49
CA ASN C 394 31.55 -24.44 5.66
C ASN C 394 30.88 -25.80 5.74
N VAL C 395 31.63 -26.84 5.37
CA VAL C 395 31.19 -28.22 5.51
C VAL C 395 32.27 -28.99 6.28
N TYR C 396 31.86 -29.73 7.29
CA TYR C 396 32.76 -30.52 8.12
C TYR C 396 32.51 -32.00 7.86
N ALA C 397 33.60 -32.75 7.63
CA ALA C 397 33.54 -34.17 7.35
C ALA C 397 34.21 -34.92 8.50
N ASP C 398 33.39 -35.52 9.35
CA ASP C 398 33.87 -36.32 10.47
C ASP C 398 33.86 -37.79 10.08
N SER C 399 34.95 -38.49 10.40
CA SER C 399 35.10 -39.89 10.01
C SER C 399 35.64 -40.69 11.18
N PHE C 400 35.10 -41.89 11.37
CA PHE C 400 35.52 -42.79 12.43
C PHE C 400 35.04 -44.19 12.07
N VAL C 401 35.22 -45.13 12.99
CA VAL C 401 34.86 -46.53 12.79
C VAL C 401 34.12 -47.03 14.02
N ILE C 402 32.97 -47.66 13.81
CA ILE C 402 32.18 -48.29 14.86
C ILE C 402 31.63 -49.60 14.31
N ARG C 403 30.86 -50.31 15.14
CA ARG C 403 30.22 -51.54 14.76
C ARG C 403 28.76 -51.30 14.39
N GLY C 404 28.13 -52.34 13.84
CA GLY C 404 26.79 -52.17 13.28
C GLY C 404 25.76 -51.76 14.31
N ASP C 405 25.85 -52.32 15.52
CA ASP C 405 24.90 -51.99 16.57
C ASP C 405 25.00 -50.53 17.01
N GLU C 406 26.10 -49.86 16.69
CA GLU C 406 26.32 -48.48 17.09
C GLU C 406 26.09 -47.47 15.97
N VAL C 407 25.89 -47.94 14.74
CA VAL C 407 25.65 -47.02 13.62
C VAL C 407 24.36 -46.24 13.86
N ARG C 408 23.35 -46.89 14.42
CA ARG C 408 22.09 -46.22 14.71
C ARG C 408 22.24 -45.08 15.72
N GLN C 409 23.33 -45.08 16.50
CA GLN C 409 23.55 -44.04 17.50
C GLN C 409 24.07 -42.75 16.91
N ILE C 410 24.54 -42.76 15.66
CA ILE C 410 25.04 -41.52 15.04
C ILE C 410 23.85 -40.77 14.45
N ALA C 411 23.09 -40.11 15.33
CA ALA C 411 21.90 -39.37 14.92
C ALA C 411 21.52 -38.44 16.06
N PRO C 412 20.85 -37.32 15.77
CA PRO C 412 20.41 -36.42 16.85
C PRO C 412 19.40 -37.13 17.75
N GLY C 413 19.47 -36.83 19.04
CA GLY C 413 18.55 -37.41 19.99
C GLY C 413 18.80 -38.88 20.31
N GLN C 414 20.03 -39.35 20.14
CA GLN C 414 20.39 -40.73 20.41
C GLN C 414 21.23 -40.82 21.69
N THR C 415 21.14 -41.98 22.34
CA THR C 415 21.89 -42.24 23.57
C THR C 415 22.63 -43.56 23.43
N GLY C 416 23.68 -43.69 24.21
CA GLY C 416 24.52 -44.88 24.18
C GLY C 416 25.97 -44.50 24.43
N LYS C 417 26.83 -45.52 24.39
CA LYS C 417 28.25 -45.30 24.63
C LYS C 417 28.85 -44.38 23.58
N ILE C 418 28.46 -44.54 22.32
CA ILE C 418 29.05 -43.75 21.24
C ILE C 418 28.49 -42.33 21.27
N ALA C 419 27.17 -42.20 21.41
CA ALA C 419 26.55 -40.88 21.37
C ALA C 419 26.98 -40.04 22.57
N ASP C 420 27.10 -40.66 23.75
CA ASP C 420 27.39 -39.91 24.96
C ASP C 420 28.88 -39.75 25.24
N TYR C 421 29.72 -40.73 24.88
CA TYR C 421 31.10 -40.73 25.29
C TYR C 421 32.09 -40.60 24.13
N ASN C 422 31.64 -40.71 22.88
CA ASN C 422 32.58 -40.74 21.76
C ASN C 422 32.28 -39.67 20.73
N TYR C 423 31.02 -39.60 20.28
CA TYR C 423 30.63 -38.65 19.24
C TYR C 423 29.18 -38.26 19.45
N LYS C 424 28.93 -36.98 19.72
CA LYS C 424 27.59 -36.48 20.00
C LYS C 424 27.20 -35.46 18.94
N LEU C 425 26.01 -35.64 18.38
CA LEU C 425 25.37 -34.74 17.43
C LEU C 425 24.29 -33.90 18.10
N PRO C 426 24.25 -32.60 17.82
CA PRO C 426 23.27 -31.73 18.48
C PRO C 426 21.85 -32.05 18.04
N ASP C 427 20.90 -31.54 18.82
CA ASP C 427 19.49 -31.81 18.52
C ASP C 427 19.04 -31.12 17.24
N ASP C 428 19.69 -30.01 16.88
CA ASP C 428 19.40 -29.29 15.65
C ASP C 428 20.42 -29.57 14.56
N PHE C 429 20.99 -30.78 14.54
CA PHE C 429 21.98 -31.14 13.55
C PHE C 429 21.39 -31.09 12.15
N THR C 430 22.15 -30.51 11.23
CA THR C 430 21.74 -30.37 9.83
C THR C 430 22.81 -31.00 8.95
N GLY C 431 22.59 -32.24 8.52
CA GLY C 431 23.56 -32.92 7.69
C GLY C 431 23.12 -34.32 7.35
N CYS C 432 24.07 -35.12 6.90
CA CYS C 432 23.83 -36.49 6.48
C CYS C 432 24.80 -37.43 7.16
N VAL C 433 24.34 -38.64 7.43
CA VAL C 433 25.16 -39.69 8.06
C VAL C 433 25.28 -40.83 7.05
N ILE C 434 26.51 -41.22 6.74
CA ILE C 434 26.80 -42.25 5.76
C ILE C 434 27.67 -43.31 6.41
N ALA C 435 27.35 -44.58 6.16
CA ALA C 435 28.11 -45.69 6.72
C ALA C 435 28.03 -46.88 5.77
N TRP C 436 29.07 -47.70 5.78
CA TRP C 436 29.13 -48.89 4.96
C TRP C 436 29.94 -49.96 5.67
N ASN C 437 29.65 -51.22 5.37
CA ASN C 437 30.32 -52.33 6.03
C ASN C 437 31.76 -52.42 5.56
N SER C 438 32.70 -52.22 6.48
CA SER C 438 34.13 -52.27 6.20
C SER C 438 34.78 -53.49 6.84
N ASN C 439 34.08 -54.62 6.83
CA ASN C 439 34.63 -55.83 7.44
C ASN C 439 35.82 -56.37 6.67
N ASN C 440 35.89 -56.08 5.36
CA ASN C 440 37.00 -56.59 4.55
C ASN C 440 38.29 -55.83 4.84
N LEU C 441 38.20 -54.59 5.32
CA LEU C 441 39.37 -53.74 5.54
C LEU C 441 39.76 -53.63 7.01
N ASP C 442 38.79 -53.48 7.90
CA ASP C 442 39.05 -53.23 9.33
C ASP C 442 38.91 -54.49 10.17
N SER C 443 39.32 -55.64 9.65
CA SER C 443 39.25 -56.89 10.38
C SER C 443 40.48 -57.72 10.08
N LYS C 444 41.06 -58.33 11.12
CA LYS C 444 42.20 -59.21 11.00
C LYS C 444 41.84 -60.60 11.49
N VAL C 445 42.62 -61.60 11.04
CA VAL C 445 42.37 -62.97 11.45
C VAL C 445 42.58 -63.14 12.96
N GLY C 446 43.49 -62.38 13.53
CA GLY C 446 43.71 -62.37 14.97
C GLY C 446 42.95 -61.29 15.71
N GLY C 447 42.01 -60.62 15.05
CA GLY C 447 41.25 -59.55 15.67
C GLY C 447 41.93 -58.21 15.54
N ASN C 448 41.27 -57.25 14.90
CA ASN C 448 41.81 -55.91 14.77
C ASN C 448 41.46 -55.11 16.01
N TYR C 449 42.47 -54.80 16.82
CA TYR C 449 42.28 -54.07 18.07
C TYR C 449 42.82 -52.63 17.99
N ASN C 450 43.07 -52.13 16.78
CA ASN C 450 43.59 -50.78 16.62
C ASN C 450 42.52 -49.72 16.77
N TYR C 451 41.25 -50.07 16.59
CA TYR C 451 40.14 -49.13 16.74
C TYR C 451 39.62 -49.19 18.17
N LEU C 452 39.67 -48.07 18.87
CA LEU C 452 39.28 -47.99 20.27
C LEU C 452 38.01 -47.17 20.41
N TYR C 453 37.47 -47.16 21.63
CA TYR C 453 36.31 -46.36 21.95
C TYR C 453 36.32 -46.07 23.45
N ARG C 454 35.81 -44.91 23.82
CA ARG C 454 35.75 -44.52 25.22
C ARG C 454 34.63 -45.27 25.92
N LEU C 455 34.95 -45.89 27.05
CA LEU C 455 33.99 -46.71 27.79
C LEU C 455 33.38 -45.98 28.98
N PHE C 456 34.17 -45.19 29.70
CA PHE C 456 33.69 -44.44 30.85
C PHE C 456 33.99 -42.95 30.67
N ARG C 457 33.12 -42.13 31.26
CA ARG C 457 33.33 -40.69 31.29
C ARG C 457 32.45 -40.10 32.38
N LYS C 458 32.97 -39.09 33.09
CA LYS C 458 32.23 -38.48 34.19
C LYS C 458 31.01 -37.71 33.72
N SER C 459 30.97 -37.32 32.44
CA SER C 459 29.83 -36.58 31.90
C SER C 459 29.72 -36.88 30.42
N ASN C 460 28.55 -36.56 29.86
CA ASN C 460 28.29 -36.78 28.44
C ASN C 460 28.94 -35.68 27.61
N LEU C 461 29.44 -36.08 26.43
CA LEU C 461 30.09 -35.12 25.54
C LEU C 461 29.09 -34.08 25.02
N LYS C 462 29.59 -32.85 24.86
CA LYS C 462 28.83 -31.83 24.18
C LYS C 462 28.81 -32.11 22.67
N PRO C 463 27.87 -31.53 21.94
CA PRO C 463 27.82 -31.76 20.48
C PRO C 463 29.13 -31.40 19.81
N PHE C 464 29.60 -32.29 18.93
CA PHE C 464 30.84 -32.12 18.19
C PHE C 464 32.03 -31.91 19.11
N GLU C 465 32.12 -32.72 20.15
CA GLU C 465 33.24 -32.70 21.09
C GLU C 465 34.11 -33.94 20.86
N ARG C 466 35.43 -33.75 20.95
CA ARG C 466 36.40 -34.82 20.74
C ARG C 466 37.25 -34.94 22.00
N ASP C 467 37.03 -36.01 22.77
CA ASP C 467 37.76 -36.27 24.00
C ASP C 467 38.72 -37.43 23.76
N ILE C 468 40.01 -37.17 23.93
CA ILE C 468 41.05 -38.18 23.79
C ILE C 468 41.86 -38.35 25.07
N SER C 469 41.38 -37.81 26.19
CA SER C 469 42.10 -37.94 27.45
C SER C 469 42.01 -39.38 27.96
N THR C 470 43.13 -39.87 28.50
CA THR C 470 43.20 -41.23 29.04
C THR C 470 43.26 -41.23 30.56
N GLU C 471 42.58 -40.27 31.21
CA GLU C 471 42.55 -40.22 32.66
C GLU C 471 41.82 -41.43 33.22
N ILE C 472 42.36 -41.99 34.30
CA ILE C 472 41.75 -43.16 34.93
C ILE C 472 40.41 -42.76 35.53
N TYR C 473 39.34 -43.43 35.10
CA TYR C 473 38.00 -43.08 35.58
C TYR C 473 37.82 -43.54 37.02
N GLN C 474 37.34 -42.63 37.86
CA GLN C 474 37.04 -42.94 39.26
C GLN C 474 35.55 -43.26 39.39
N ALA C 475 35.25 -44.55 39.59
CA ALA C 475 33.86 -44.98 39.75
C ALA C 475 33.45 -45.15 41.21
N GLY C 476 34.41 -45.23 42.12
CA GLY C 476 34.10 -45.40 43.53
C GLY C 476 34.56 -44.25 44.39
N SER C 477 34.51 -44.43 45.72
CA SER C 477 34.91 -43.36 46.62
C SER C 477 36.43 -43.20 46.66
N THR C 478 37.19 -44.27 46.44
CA THR C 478 38.64 -44.19 46.48
C THR C 478 39.17 -43.45 45.26
N PRO C 479 39.90 -42.35 45.42
CA PRO C 479 40.40 -41.61 44.26
C PRO C 479 41.57 -42.33 43.61
N CYS C 480 41.60 -42.29 42.28
CA CYS C 480 42.68 -42.89 41.50
C CYS C 480 43.73 -41.82 41.22
N ASN C 481 44.94 -42.03 41.74
CA ASN C 481 46.06 -41.10 41.49
C ASN C 481 46.81 -41.44 40.21
N GLY C 482 46.05 -41.69 39.13
CA GLY C 482 46.63 -42.12 37.88
C GLY C 482 46.87 -43.61 37.78
N VAL C 483 46.54 -44.36 38.81
CA VAL C 483 46.73 -45.81 38.84
C VAL C 483 45.38 -46.48 38.68
N GLU C 484 45.40 -47.70 38.17
CA GLU C 484 44.18 -48.48 37.97
C GLU C 484 43.99 -49.45 39.13
N GLY C 485 42.79 -49.99 39.23
CA GLY C 485 42.48 -50.96 40.24
C GLY C 485 41.00 -50.86 40.62
N PHE C 486 40.75 -50.96 41.93
CA PHE C 486 39.39 -50.95 42.47
C PHE C 486 38.64 -49.68 42.11
N ASN C 487 37.61 -49.82 41.26
CA ASN C 487 36.82 -48.68 40.78
C ASN C 487 37.70 -47.64 40.08
N CYS C 488 38.76 -48.11 39.42
CA CYS C 488 39.68 -47.25 38.68
C CYS C 488 39.96 -47.92 37.34
N TYR C 489 39.24 -47.50 36.30
CA TYR C 489 39.27 -48.17 35.01
C TYR C 489 39.96 -47.29 33.98
N PHE C 490 40.55 -47.93 32.97
CA PHE C 490 41.09 -47.21 31.84
C PHE C 490 39.93 -46.74 30.97
N PRO C 491 39.91 -45.48 30.52
CA PRO C 491 38.70 -44.97 29.86
C PRO C 491 38.50 -45.51 28.46
N LEU C 492 39.54 -46.03 27.81
CA LEU C 492 39.46 -46.48 26.43
C LEU C 492 39.37 -48.00 26.38
N GLN C 493 38.46 -48.50 25.56
CA GLN C 493 38.32 -49.93 25.30
C GLN C 493 38.51 -50.21 23.82
N SER C 494 39.05 -51.38 23.52
CA SER C 494 39.38 -51.75 22.15
C SER C 494 38.26 -52.61 21.55
N TYR C 495 37.95 -52.33 20.29
CA TYR C 495 36.95 -53.12 19.58
C TYR C 495 37.50 -54.50 19.22
N GLY C 496 36.61 -55.48 19.17
CA GLY C 496 36.97 -56.79 18.69
C GLY C 496 36.43 -57.06 17.30
N PHE C 497 37.25 -56.85 16.28
CA PHE C 497 36.85 -56.98 14.88
C PHE C 497 37.47 -58.23 14.29
N GLN C 498 36.66 -59.26 14.10
CA GLN C 498 37.08 -60.50 13.47
C GLN C 498 36.27 -60.75 12.21
N PRO C 499 36.80 -61.51 11.24
CA PRO C 499 36.04 -61.77 10.01
C PRO C 499 34.75 -62.53 10.25
N THR C 500 34.71 -63.38 11.28
CA THR C 500 33.53 -64.17 11.59
C THR C 500 32.57 -63.48 12.54
N ASN C 501 32.77 -62.19 12.82
CA ASN C 501 31.87 -61.47 13.71
C ASN C 501 30.48 -61.35 13.10
N GLY C 502 29.49 -61.28 13.98
CA GLY C 502 28.15 -60.95 13.54
C GLY C 502 28.06 -59.56 12.94
N VAL C 503 27.05 -59.37 12.09
CA VAL C 503 26.90 -58.12 11.36
C VAL C 503 26.83 -56.94 12.31
N GLY C 504 26.23 -57.12 13.48
CA GLY C 504 26.20 -56.06 14.48
C GLY C 504 27.55 -55.75 15.08
N TYR C 505 28.47 -56.72 15.08
CA TYR C 505 29.80 -56.53 15.65
C TYR C 505 30.87 -56.39 14.58
N GLN C 506 30.49 -56.25 13.30
CA GLN C 506 31.48 -56.02 12.27
C GLN C 506 31.81 -54.54 12.16
N PRO C 507 33.01 -54.18 11.72
CA PRO C 507 33.38 -52.76 11.66
C PRO C 507 32.63 -52.04 10.56
N TYR C 508 32.33 -50.77 10.82
CA TYR C 508 31.67 -49.89 9.85
C TYR C 508 32.38 -48.56 9.84
N ARG C 509 32.69 -48.06 8.63
CA ARG C 509 33.31 -46.75 8.49
C ARG C 509 32.22 -45.72 8.26
N VAL C 510 32.15 -44.74 9.16
CA VAL C 510 31.09 -43.74 9.16
C VAL C 510 31.68 -42.41 8.73
N VAL C 511 30.96 -41.70 7.87
CA VAL C 511 31.31 -40.34 7.46
C VAL C 511 30.10 -39.46 7.73
N VAL C 512 30.30 -38.41 8.52
CA VAL C 512 29.22 -37.51 8.93
C VAL C 512 29.52 -36.15 8.33
N LEU C 513 28.72 -35.76 7.33
CA LEU C 513 28.83 -34.44 6.74
C LEU C 513 27.88 -33.50 7.45
N SER C 514 28.40 -32.38 7.94
CA SER C 514 27.61 -31.37 8.63
C SER C 514 27.73 -30.04 7.90
N PHE C 515 26.60 -29.36 7.74
CA PHE C 515 26.53 -28.12 6.98
C PHE C 515 26.16 -26.99 7.93
N GLU C 516 26.95 -25.92 7.90
CA GLU C 516 26.67 -24.72 8.68
C GLU C 516 26.47 -23.53 7.76
N LEU C 517 25.60 -22.62 8.18
CA LEU C 517 25.32 -21.39 7.44
C LEU C 517 25.32 -20.24 8.44
N LEU C 518 26.37 -19.43 8.41
CA LEU C 518 26.55 -18.30 9.29
C LEU C 518 26.35 -17.01 8.50
N HIS C 519 26.46 -15.89 9.20
CA HIS C 519 26.38 -14.58 8.55
C HIS C 519 27.73 -14.20 7.93
N ALA C 520 28.18 -15.07 7.04
CA ALA C 520 29.47 -14.95 6.37
C ALA C 520 29.31 -15.45 4.94
N PRO C 521 30.22 -15.09 4.05
CA PRO C 521 30.16 -15.61 2.68
C PRO C 521 30.24 -17.13 2.62
N ALA C 522 29.46 -17.72 1.71
CA ALA C 522 29.39 -19.16 1.52
C ALA C 522 30.32 -19.55 0.37
N THR C 523 31.38 -20.32 0.68
CA THR C 523 32.33 -20.71 -0.35
C THR C 523 32.04 -22.09 -0.95
N VAL C 524 31.24 -22.90 -0.27
CA VAL C 524 30.93 -24.27 -0.67
C VAL C 524 29.47 -24.28 -1.08
N CYS C 525 29.19 -24.43 -2.39
CA CYS C 525 27.79 -24.50 -2.80
C CYS C 525 27.46 -25.84 -3.45
N GLY C 526 27.79 -26.03 -4.73
CA GLY C 526 27.51 -27.28 -5.39
C GLY C 526 27.56 -27.14 -6.90
N PRO C 527 28.01 -28.18 -7.60
CA PRO C 527 28.10 -28.09 -9.06
C PRO C 527 26.75 -27.82 -9.71
N LYS C 528 26.79 -27.44 -10.98
CA LYS C 528 25.58 -27.19 -11.76
C LYS C 528 25.85 -27.54 -13.22
N LYS C 529 25.15 -28.55 -13.73
CA LYS C 529 25.30 -28.92 -15.13
C LYS C 529 24.97 -27.74 -16.05
N SER C 530 25.68 -27.68 -17.16
CA SER C 530 25.43 -26.71 -18.20
C SER C 530 24.74 -27.39 -19.37
N THR C 531 24.21 -26.58 -20.28
CA THR C 531 23.56 -27.08 -21.48
C THR C 531 24.30 -26.55 -22.70
N ASN C 532 23.90 -27.03 -23.88
CA ASN C 532 24.50 -26.53 -25.09
C ASN C 532 23.96 -25.13 -25.40
N LEU C 533 24.74 -24.38 -26.16
CA LEU C 533 24.37 -23.01 -26.51
C LEU C 533 23.84 -22.98 -27.94
N VAL C 534 22.71 -22.32 -28.14
CA VAL C 534 22.05 -22.22 -29.43
C VAL C 534 22.10 -20.77 -29.90
N LYS C 535 22.69 -20.55 -31.07
CA LYS C 535 22.85 -19.22 -31.63
C LYS C 535 21.74 -18.89 -32.61
N ASN C 536 21.47 -17.60 -32.77
CA ASN C 536 20.51 -17.07 -33.75
C ASN C 536 19.10 -17.59 -33.51
N LYS C 537 18.74 -17.87 -32.26
CA LYS C 537 17.39 -18.29 -31.92
C LYS C 537 16.97 -17.61 -30.63
N CYS C 538 15.66 -17.38 -30.49
CA CYS C 538 15.14 -16.79 -29.27
C CYS C 538 15.20 -17.82 -28.15
N VAL C 539 16.00 -17.54 -27.12
CA VAL C 539 16.21 -18.46 -26.02
C VAL C 539 16.14 -17.70 -24.69
N ASN C 540 15.87 -18.45 -23.63
CA ASN C 540 15.90 -17.95 -22.26
C ASN C 540 17.25 -18.35 -21.68
N PHE C 541 18.16 -17.39 -21.55
CA PHE C 541 19.54 -17.68 -21.20
C PHE C 541 19.81 -17.39 -19.73
N ASN C 542 20.84 -18.05 -19.21
CA ASN C 542 21.31 -17.84 -17.83
C ASN C 542 22.83 -17.90 -17.86
N PHE C 543 23.48 -16.74 -17.77
CA PHE C 543 24.94 -16.64 -17.76
C PHE C 543 25.41 -16.22 -16.37
N ASN C 544 26.01 -17.16 -15.63
CA ASN C 544 26.52 -16.92 -14.29
C ASN C 544 25.47 -16.32 -13.36
N GLY C 545 24.22 -16.78 -13.51
CA GLY C 545 23.14 -16.30 -12.69
C GLY C 545 22.35 -15.15 -13.27
N LEU C 546 22.83 -14.53 -14.35
CA LEU C 546 22.11 -13.44 -14.98
C LEU C 546 21.19 -14.02 -16.06
N THR C 547 19.89 -13.77 -15.93
CA THR C 547 18.92 -14.39 -16.81
C THR C 547 18.27 -13.34 -17.70
N GLY C 548 17.67 -13.82 -18.78
CA GLY C 548 16.94 -12.96 -19.70
C GLY C 548 16.56 -13.72 -20.94
N THR C 549 15.87 -13.03 -21.83
CA THR C 549 15.42 -13.59 -23.10
C THR C 549 15.95 -12.76 -24.24
N GLY C 550 16.49 -13.41 -25.27
CA GLY C 550 17.02 -12.70 -26.41
C GLY C 550 17.72 -13.65 -27.36
N VAL C 551 18.16 -13.08 -28.47
CA VAL C 551 18.88 -13.82 -29.51
C VAL C 551 20.38 -13.68 -29.29
N LEU C 552 21.09 -14.80 -29.20
CA LEU C 552 22.53 -14.81 -28.98
C LEU C 552 23.23 -14.96 -30.32
N THR C 553 24.07 -13.98 -30.66
CA THR C 553 24.80 -13.96 -31.91
C THR C 553 26.29 -13.74 -31.64
N GLU C 554 27.10 -13.99 -32.66
CA GLU C 554 28.53 -13.69 -32.54
C GLU C 554 28.76 -12.18 -32.56
N SER C 555 29.84 -11.76 -31.91
CA SER C 555 30.15 -10.34 -31.79
C SER C 555 31.65 -10.12 -31.99
N ASN C 556 32.00 -8.86 -32.22
CA ASN C 556 33.39 -8.42 -32.35
C ASN C 556 33.76 -7.45 -31.23
N LYS C 557 33.10 -7.54 -30.08
CA LYS C 557 33.39 -6.65 -28.96
C LYS C 557 34.55 -7.21 -28.13
N LYS C 558 35.59 -6.40 -27.99
CA LYS C 558 36.82 -6.80 -27.29
C LYS C 558 36.65 -6.54 -25.80
N PHE C 559 36.10 -7.52 -25.08
CA PHE C 559 35.99 -7.41 -23.63
C PHE C 559 37.36 -7.56 -22.98
N LEU C 560 37.56 -6.83 -21.88
CA LEU C 560 38.79 -7.00 -21.13
C LEU C 560 38.72 -8.27 -20.28
N PRO C 561 39.87 -8.87 -19.96
CA PRO C 561 39.86 -10.15 -19.22
C PRO C 561 39.06 -10.14 -17.93
N PHE C 562 38.89 -8.98 -17.29
CA PHE C 562 38.14 -8.92 -16.03
C PHE C 562 36.67 -8.59 -16.23
N GLN C 563 36.26 -8.24 -17.44
CA GLN C 563 34.89 -7.82 -17.72
C GLN C 563 34.07 -9.04 -18.16
N GLN C 564 32.88 -9.19 -17.57
CA GLN C 564 32.04 -10.34 -17.85
C GLN C 564 30.76 -9.99 -18.60
N PHE C 565 30.17 -8.83 -18.35
CA PHE C 565 28.90 -8.45 -18.95
C PHE C 565 29.04 -7.08 -19.59
N GLY C 566 28.28 -6.84 -20.65
CA GLY C 566 28.19 -5.51 -21.21
C GLY C 566 26.84 -4.86 -21.05
N ARG C 567 26.80 -3.53 -21.08
CA ARG C 567 25.55 -2.80 -20.96
C ARG C 567 25.53 -1.66 -21.96
N ASP C 568 24.31 -1.29 -22.38
CA ASP C 568 24.07 -0.17 -23.27
C ASP C 568 23.73 1.09 -22.48
N ILE C 569 23.42 2.16 -23.21
CA ILE C 569 23.11 3.44 -22.58
C ILE C 569 21.94 3.31 -21.62
N ALA C 570 20.97 2.46 -21.96
CA ALA C 570 19.79 2.26 -21.14
C ALA C 570 20.03 1.37 -19.93
N ASP C 571 21.27 0.92 -19.71
CA ASP C 571 21.69 0.04 -18.64
C ASP C 571 21.20 -1.39 -18.80
N THR C 572 20.64 -1.73 -19.96
CA THR C 572 20.26 -3.12 -20.21
C THR C 572 21.47 -3.92 -20.66
N THR C 573 21.35 -5.24 -20.57
CA THR C 573 22.48 -6.09 -20.95
C THR C 573 22.63 -6.10 -22.47
N ASP C 574 23.84 -5.80 -22.92
CA ASP C 574 24.16 -5.78 -24.35
C ASP C 574 24.84 -7.06 -24.82
N ALA C 575 25.76 -7.61 -24.02
CA ALA C 575 26.51 -8.79 -24.42
C ALA C 575 27.05 -9.47 -23.17
N VAL C 576 27.34 -10.77 -23.31
CA VAL C 576 27.93 -11.56 -22.24
C VAL C 576 29.09 -12.37 -22.80
N ARG C 577 30.02 -12.71 -21.92
CA ARG C 577 31.11 -13.63 -22.23
C ARG C 577 30.75 -15.04 -21.78
N ASP C 578 30.79 -15.98 -22.70
CA ASP C 578 30.45 -17.37 -22.39
C ASP C 578 31.42 -17.92 -21.36
N PRO C 579 30.93 -18.42 -20.22
CA PRO C 579 31.86 -18.84 -19.14
C PRO C 579 32.71 -20.04 -19.50
N GLN C 580 32.37 -20.81 -20.53
CA GLN C 580 33.13 -21.98 -20.92
C GLN C 580 34.13 -21.71 -22.05
N THR C 581 33.73 -20.93 -23.05
CA THR C 581 34.58 -20.56 -24.17
C THR C 581 34.62 -19.05 -24.23
N LEU C 582 35.83 -18.48 -24.11
CA LEU C 582 35.98 -17.05 -23.88
C LEU C 582 35.74 -16.28 -25.19
N GLU C 583 34.46 -16.27 -25.58
CA GLU C 583 34.00 -15.50 -26.73
C GLU C 583 32.89 -14.56 -26.25
N ILE C 584 32.69 -13.48 -26.99
CA ILE C 584 31.70 -12.47 -26.64
C ILE C 584 30.48 -12.67 -27.52
N LEU C 585 29.32 -12.80 -26.88
CA LEU C 585 28.05 -13.01 -27.58
C LEU C 585 27.14 -11.82 -27.36
N ASP C 586 26.58 -11.29 -28.45
CA ASP C 586 25.62 -10.20 -28.35
C ASP C 586 24.26 -10.74 -27.98
N ILE C 587 23.53 -9.96 -27.17
CA ILE C 587 22.17 -10.29 -26.76
C ILE C 587 21.22 -9.28 -27.41
N THR C 588 20.44 -9.77 -28.36
CA THR C 588 19.43 -8.96 -29.03
C THR C 588 18.06 -9.45 -28.60
N PRO C 589 17.27 -8.64 -27.89
CA PRO C 589 15.94 -9.08 -27.46
C PRO C 589 15.12 -9.61 -28.62
N CYS C 590 14.31 -10.64 -28.33
CA CYS C 590 13.59 -11.35 -29.38
C CYS C 590 12.63 -10.40 -30.09
N SER C 591 12.48 -10.61 -31.40
CA SER C 591 11.69 -9.70 -32.23
C SER C 591 10.31 -9.46 -31.65
N PHE C 592 9.89 -8.20 -31.68
CA PHE C 592 8.60 -7.79 -31.15
C PHE C 592 8.14 -6.58 -31.94
N GLY C 593 6.87 -6.24 -31.77
CA GLY C 593 6.33 -5.08 -32.43
C GLY C 593 4.84 -4.94 -32.27
N GLY C 594 4.13 -5.08 -33.38
CA GLY C 594 2.74 -4.68 -33.48
C GLY C 594 2.16 -5.29 -34.73
N VAL C 595 0.85 -5.52 -34.74
CA VAL C 595 0.16 -6.04 -35.91
C VAL C 595 -0.92 -5.04 -36.32
N SER C 596 -0.82 -4.55 -37.55
CA SER C 596 -1.77 -3.60 -38.11
C SER C 596 -2.51 -4.27 -39.24
N VAL C 597 -3.79 -3.96 -39.38
CA VAL C 597 -4.62 -4.54 -40.43
C VAL C 597 -4.99 -3.45 -41.41
N ILE C 598 -4.62 -3.65 -42.68
CA ILE C 598 -4.90 -2.70 -43.75
C ILE C 598 -6.09 -3.23 -44.52
N THR C 599 -7.20 -2.49 -44.49
CA THR C 599 -8.41 -2.99 -45.10
C THR C 599 -9.25 -1.90 -45.76
N PRO C 600 -9.85 -2.20 -46.90
CA PRO C 600 -10.94 -1.37 -47.41
C PRO C 600 -12.17 -1.58 -46.54
N GLY C 601 -13.10 -0.64 -46.61
CA GLY C 601 -14.27 -0.74 -45.75
C GLY C 601 -15.06 -2.01 -46.01
N THR C 602 -15.72 -2.48 -44.95
CA THR C 602 -16.52 -3.69 -45.04
C THR C 602 -17.72 -3.56 -45.98
N ASN C 603 -18.02 -2.37 -46.46
CA ASN C 603 -19.05 -2.19 -47.48
C ASN C 603 -18.57 -2.58 -48.87
N THR C 604 -17.27 -2.90 -49.01
CA THR C 604 -16.70 -3.31 -50.29
C THR C 604 -16.18 -4.73 -50.28
N SER C 605 -15.32 -5.09 -49.31
CA SER C 605 -14.71 -6.41 -49.31
C SER C 605 -14.26 -6.78 -47.91
N ASN C 606 -14.22 -8.08 -47.65
CA ASN C 606 -13.73 -8.61 -46.39
C ASN C 606 -12.29 -9.10 -46.48
N GLN C 607 -11.59 -8.74 -47.56
CA GLN C 607 -10.18 -9.07 -47.69
C GLN C 607 -9.35 -8.03 -46.97
N VAL C 608 -8.34 -8.49 -46.24
CA VAL C 608 -7.46 -7.59 -45.49
C VAL C 608 -6.00 -7.94 -45.75
N ALA C 609 -5.14 -6.97 -45.49
CA ALA C 609 -3.70 -7.15 -45.49
C ALA C 609 -3.19 -6.89 -44.08
N VAL C 610 -2.13 -7.60 -43.69
CA VAL C 610 -1.60 -7.51 -42.34
C VAL C 610 -0.18 -6.97 -42.39
N LEU C 611 0.08 -5.91 -41.63
CA LEU C 611 1.41 -5.33 -41.50
C LEU C 611 1.97 -5.68 -40.12
N TYR C 612 3.11 -6.36 -40.10
CA TYR C 612 3.82 -6.65 -38.86
C TYR C 612 4.91 -5.59 -38.70
N GLN C 613 4.72 -4.69 -37.74
CA GLN C 613 5.55 -3.50 -37.65
C GLN C 613 6.96 -3.80 -37.17
N ASP C 614 7.94 -3.22 -37.85
CA ASP C 614 9.35 -3.25 -37.45
C ASP C 614 9.87 -4.68 -37.25
N VAL C 615 9.49 -5.59 -38.14
CA VAL C 615 10.03 -6.94 -38.12
C VAL C 615 10.49 -7.32 -39.53
N ASN C 616 11.31 -8.35 -39.59
CA ASN C 616 11.72 -8.95 -40.85
C ASN C 616 10.70 -10.01 -41.23
N CYS C 617 10.60 -10.29 -42.54
CA CYS C 617 9.69 -11.33 -43.01
C CYS C 617 10.32 -12.71 -42.81
N THR C 618 10.66 -13.01 -41.56
CA THR C 618 11.33 -14.26 -41.21
C THR C 618 10.57 -14.96 -40.10
N GLU C 619 10.57 -14.36 -38.89
CA GLU C 619 9.91 -14.96 -37.75
C GLU C 619 8.41 -15.15 -37.97
N VAL C 620 7.80 -14.33 -38.82
CA VAL C 620 6.38 -14.44 -39.07
C VAL C 620 6.02 -15.76 -39.75
N ASN C 641 3.21 -14.20 -51.48
CA ASN C 641 2.59 -12.88 -51.50
C ASN C 641 3.02 -12.08 -50.26
N VAL C 642 4.32 -11.98 -50.05
CA VAL C 642 4.90 -11.30 -48.90
C VAL C 642 5.80 -10.18 -49.41
N PHE C 643 5.54 -8.97 -48.95
CA PHE C 643 6.27 -7.78 -49.40
C PHE C 643 6.97 -7.13 -48.22
N GLN C 644 8.31 -7.10 -48.27
CA GLN C 644 9.12 -6.50 -47.22
C GLN C 644 9.26 -5.00 -47.48
N THR C 645 8.86 -4.19 -46.50
CA THR C 645 8.98 -2.74 -46.58
C THR C 645 9.74 -2.24 -45.35
N ARG C 646 10.06 -0.94 -45.36
CA ARG C 646 10.74 -0.37 -44.21
C ARG C 646 9.78 -0.07 -43.06
N ALA C 647 8.49 -0.26 -43.25
CA ALA C 647 7.50 -0.09 -42.20
C ALA C 647 7.27 -1.36 -41.41
N GLY C 648 7.76 -2.49 -41.89
CA GLY C 648 7.50 -3.79 -41.33
C GLY C 648 7.24 -4.79 -42.44
N CYS C 649 6.79 -5.98 -42.07
CA CYS C 649 6.53 -7.05 -43.03
C CYS C 649 5.05 -7.01 -43.40
N LEU C 650 4.77 -6.72 -44.66
CA LEU C 650 3.40 -6.56 -45.15
C LEU C 650 2.98 -7.83 -45.88
N ILE C 651 1.94 -8.50 -45.37
CA ILE C 651 1.47 -9.76 -45.91
C ILE C 651 0.05 -9.58 -46.42
N GLY C 652 -0.18 -9.99 -47.67
CA GLY C 652 -1.49 -9.94 -48.28
C GLY C 652 -1.67 -8.86 -49.32
N ALA C 653 -0.79 -7.86 -49.35
CA ALA C 653 -0.85 -6.80 -50.34
C ALA C 653 0.13 -7.08 -51.47
N GLU C 654 -0.35 -6.91 -52.71
CA GLU C 654 0.49 -7.10 -53.89
C GLU C 654 1.32 -5.85 -54.13
N HIS C 655 2.61 -6.03 -54.40
CA HIS C 655 3.49 -4.91 -54.67
C HIS C 655 3.36 -4.51 -56.14
N VAL C 656 2.98 -3.26 -56.38
CA VAL C 656 2.75 -2.73 -57.73
C VAL C 656 3.78 -1.66 -58.01
N ASN C 657 4.41 -1.74 -59.18
CA ASN C 657 5.43 -0.76 -59.56
C ASN C 657 4.80 0.60 -59.85
N ASN C 658 3.54 0.63 -60.30
CA ASN C 658 2.90 1.89 -60.62
C ASN C 658 2.57 2.67 -59.36
N SER C 659 2.90 3.96 -59.34
CA SER C 659 2.59 4.82 -58.23
C SER C 659 1.19 5.41 -58.38
N TYR C 660 0.60 5.77 -57.24
CA TYR C 660 -0.72 6.39 -57.20
C TYR C 660 -0.76 7.36 -56.03
N GLU C 661 -1.88 8.05 -55.88
CA GLU C 661 -2.07 8.89 -54.72
C GLU C 661 -2.23 8.03 -53.49
N CYS C 662 -1.69 8.50 -52.36
CA CYS C 662 -1.78 7.71 -51.14
C CYS C 662 -3.24 7.55 -50.70
N ASP C 663 -3.60 6.33 -50.33
CA ASP C 663 -4.97 6.02 -49.91
C ASP C 663 -4.97 5.59 -48.45
N ILE C 664 -4.48 4.40 -48.14
CA ILE C 664 -4.33 3.91 -46.77
C ILE C 664 -2.85 3.99 -46.43
N PRO C 665 -2.41 4.91 -45.58
CA PRO C 665 -0.97 5.08 -45.35
C PRO C 665 -0.41 3.92 -44.55
N ILE C 666 0.78 3.48 -44.94
CA ILE C 666 1.52 2.44 -44.22
C ILE C 666 2.70 3.05 -43.48
N GLY C 667 3.51 3.84 -44.16
CA GLY C 667 4.67 4.48 -43.56
C GLY C 667 5.89 4.38 -44.46
N ALA C 668 6.87 5.26 -44.25
CA ALA C 668 8.12 5.24 -45.00
C ALA C 668 7.88 5.34 -46.49
N GLY C 669 6.89 6.13 -46.89
CA GLY C 669 6.61 6.36 -48.29
C GLY C 669 5.70 5.35 -48.96
N ILE C 670 5.31 4.29 -48.26
CA ILE C 670 4.50 3.22 -48.82
C ILE C 670 3.05 3.42 -48.40
N CYS C 671 2.13 3.33 -49.35
CA CYS C 671 0.71 3.39 -49.10
C CYS C 671 0.05 2.18 -49.75
N ALA C 672 -1.15 1.85 -49.26
CA ALA C 672 -1.90 0.72 -49.80
C ALA C 672 -3.31 1.17 -50.17
N SER C 673 -3.89 0.44 -51.12
CA SER C 673 -5.25 0.72 -51.58
C SER C 673 -5.85 -0.55 -52.15
N TYR C 674 -7.16 -0.51 -52.37
CA TYR C 674 -7.90 -1.63 -52.96
C TYR C 674 -8.23 -1.27 -54.40
N GLN C 675 -7.55 -1.93 -55.35
CA GLN C 675 -7.67 -1.61 -56.76
C GLN C 675 -7.50 -2.86 -57.58
N THR C 676 -7.63 -2.72 -58.90
CA THR C 676 -7.48 -3.84 -59.82
C THR C 676 -6.05 -3.93 -60.34
N SER C 689 -11.09 -10.14 -59.27
CA SER C 689 -10.04 -9.43 -60.00
C SER C 689 -9.40 -8.35 -59.13
N GLN C 690 -10.16 -7.86 -58.15
CA GLN C 690 -9.68 -6.83 -57.25
C GLN C 690 -8.92 -7.44 -56.09
N SER C 691 -7.90 -6.71 -55.63
CA SER C 691 -7.11 -7.14 -54.47
C SER C 691 -6.46 -5.91 -53.86
N ILE C 692 -5.93 -6.09 -52.66
CA ILE C 692 -5.22 -5.02 -51.96
C ILE C 692 -3.80 -4.95 -52.52
N ILE C 693 -3.36 -3.74 -52.88
CA ILE C 693 -2.03 -3.53 -53.42
C ILE C 693 -1.28 -2.54 -52.54
N ALA C 694 0.03 -2.60 -52.64
CA ALA C 694 0.92 -1.68 -51.94
C ALA C 694 1.88 -1.06 -52.93
N TYR C 695 2.15 0.23 -52.76
CA TYR C 695 2.96 0.96 -53.73
C TYR C 695 3.58 2.17 -53.07
N THR C 696 4.60 2.71 -53.72
CA THR C 696 5.18 3.98 -53.33
C THR C 696 4.28 5.10 -53.84
N MET C 697 3.91 6.03 -52.95
CA MET C 697 2.99 7.08 -53.34
C MET C 697 3.67 8.04 -54.32
N SER C 698 2.84 8.67 -55.17
CA SER C 698 3.29 9.63 -56.16
C SER C 698 3.68 10.97 -55.54
N LEU C 699 2.67 11.77 -55.20
CA LEU C 699 2.67 13.12 -54.60
C LEU C 699 2.06 14.11 -55.58
N GLY C 700 1.60 13.61 -56.72
CA GLY C 700 1.01 14.45 -57.75
C GLY C 700 1.66 14.25 -59.10
N ALA C 701 0.98 14.77 -60.12
CA ALA C 701 1.49 14.71 -61.48
C ALA C 701 2.69 15.62 -61.63
N GLU C 702 3.61 15.22 -62.52
CA GLU C 702 4.74 16.06 -62.83
C GLU C 702 4.32 17.06 -63.91
N ASN C 703 4.65 18.34 -63.68
CA ASN C 703 4.21 19.39 -64.60
C ASN C 703 5.30 20.45 -64.67
N SER C 704 6.09 20.42 -65.75
CA SER C 704 7.09 21.44 -65.94
C SER C 704 6.41 22.75 -66.37
N VAL C 705 7.03 23.87 -66.04
CA VAL C 705 6.53 25.18 -66.42
C VAL C 705 7.33 25.65 -67.61
N ALA C 706 6.65 26.15 -68.64
CA ALA C 706 7.31 26.59 -69.87
C ALA C 706 7.97 27.95 -69.65
N TYR C 707 8.95 27.96 -68.77
CA TYR C 707 9.64 29.20 -68.43
C TYR C 707 10.60 29.62 -69.55
N SER C 708 10.61 30.91 -69.82
CA SER C 708 11.59 31.52 -70.71
C SER C 708 11.70 32.98 -70.31
N ASN C 709 12.75 33.64 -70.81
CA ASN C 709 13.03 35.02 -70.41
C ASN C 709 12.14 36.03 -71.10
N ASN C 710 11.32 35.63 -72.09
CA ASN C 710 10.45 36.58 -72.76
C ASN C 710 9.04 36.04 -72.99
N SER C 711 8.54 35.19 -72.09
CA SER C 711 7.20 34.63 -72.25
C SER C 711 6.44 34.73 -70.93
N ILE C 712 5.23 35.28 -70.99
CA ILE C 712 4.36 35.42 -69.82
C ILE C 712 3.00 34.83 -70.14
N ALA C 713 2.44 34.10 -69.19
CA ALA C 713 1.08 33.58 -69.30
C ALA C 713 0.16 34.44 -68.45
N ILE C 714 -0.85 35.04 -69.08
CA ILE C 714 -1.79 35.93 -68.41
C ILE C 714 -3.19 35.35 -68.59
N PRO C 715 -3.96 35.15 -67.53
CA PRO C 715 -5.28 34.55 -67.68
C PRO C 715 -6.22 35.41 -68.51
N THR C 716 -6.99 34.76 -69.38
CA THR C 716 -7.97 35.43 -70.21
C THR C 716 -9.39 35.26 -69.71
N ASN C 717 -9.62 34.29 -68.83
CA ASN C 717 -10.93 34.01 -68.26
C ASN C 717 -10.71 33.64 -66.80
N PHE C 718 -11.81 33.59 -66.05
CA PHE C 718 -11.72 33.32 -64.63
C PHE C 718 -12.91 32.50 -64.18
N THR C 719 -12.78 31.89 -63.01
CA THR C 719 -13.86 31.17 -62.36
C THR C 719 -13.97 31.62 -60.91
N ILE C 720 -15.20 31.77 -60.44
CA ILE C 720 -15.47 32.08 -59.03
C ILE C 720 -15.77 30.78 -58.32
N SER C 721 -14.97 30.47 -57.30
CA SER C 721 -15.14 29.23 -56.54
C SER C 721 -15.49 29.54 -55.11
N VAL C 722 -16.21 28.61 -54.48
CA VAL C 722 -16.58 28.68 -53.08
C VAL C 722 -16.07 27.42 -52.40
N THR C 723 -15.31 27.57 -51.33
CA THR C 723 -14.76 26.46 -50.59
C THR C 723 -15.34 26.47 -49.17
N THR C 724 -15.30 25.32 -48.52
CA THR C 724 -15.85 25.16 -47.18
C THR C 724 -14.72 24.84 -46.21
N GLU C 725 -14.56 25.69 -45.20
CA GLU C 725 -13.60 25.48 -44.13
C GLU C 725 -14.36 25.34 -42.82
N ILE C 726 -14.16 24.22 -42.13
CA ILE C 726 -14.88 23.90 -40.91
C ILE C 726 -13.88 23.89 -39.76
N LEU C 727 -14.18 24.67 -38.71
CA LEU C 727 -13.28 24.75 -37.56
C LEU C 727 -14.06 24.48 -36.28
N PRO C 728 -13.53 23.65 -35.38
CA PRO C 728 -14.11 23.57 -34.04
C PRO C 728 -13.99 24.90 -33.32
N VAL C 729 -15.01 25.23 -32.52
CA VAL C 729 -15.00 26.42 -31.69
C VAL C 729 -15.12 26.09 -30.21
N SER C 730 -15.95 25.12 -29.86
CA SER C 730 -16.19 24.79 -28.47
C SER C 730 -16.26 23.28 -28.31
N MET C 731 -16.24 22.84 -27.05
CA MET C 731 -16.38 21.44 -26.70
C MET C 731 -17.36 21.34 -25.54
N THR C 732 -17.92 20.14 -25.37
CA THR C 732 -18.94 19.91 -24.36
C THR C 732 -18.45 20.34 -22.98
N LYS C 733 -19.27 21.15 -22.31
CA LYS C 733 -18.96 21.69 -20.98
C LYS C 733 -19.29 20.64 -19.92
N THR C 734 -18.41 19.66 -19.79
CA THR C 734 -18.66 18.62 -18.81
C THR C 734 -18.32 19.11 -17.41
N SER C 735 -18.91 18.45 -16.42
CA SER C 735 -18.63 18.73 -15.02
C SER C 735 -18.71 17.43 -14.24
N VAL C 736 -17.69 17.16 -13.42
CA VAL C 736 -17.61 15.92 -12.65
C VAL C 736 -17.60 16.27 -11.17
N ASP C 737 -18.51 15.66 -10.41
CA ASP C 737 -18.55 15.80 -8.96
C ASP C 737 -17.54 14.81 -8.41
N CYS C 738 -16.34 15.29 -8.06
CA CYS C 738 -15.27 14.39 -7.66
C CYS C 738 -15.63 13.58 -6.42
N THR C 739 -16.40 14.16 -5.50
CA THR C 739 -16.76 13.44 -4.29
C THR C 739 -17.78 12.35 -4.58
N MET C 740 -18.82 12.67 -5.34
CA MET C 740 -19.82 11.67 -5.68
C MET C 740 -19.24 10.60 -6.61
N TYR C 741 -18.34 11.00 -7.52
CA TYR C 741 -17.72 10.02 -8.40
C TYR C 741 -16.87 9.04 -7.61
N ILE C 742 -16.00 9.54 -6.72
CA ILE C 742 -15.11 8.65 -5.99
C ILE C 742 -15.87 7.91 -4.89
N CYS C 743 -16.66 8.64 -4.11
CA CYS C 743 -17.30 8.07 -2.93
C CYS C 743 -18.82 8.23 -2.93
N GLY C 744 -19.49 7.70 -3.95
CA GLY C 744 -20.92 7.88 -4.07
C GLY C 744 -21.74 7.28 -2.95
N ASP C 745 -22.43 8.14 -2.20
CA ASP C 745 -23.30 7.73 -1.10
C ASP C 745 -22.60 6.83 -0.08
N SER C 746 -21.35 7.15 0.22
CA SER C 746 -20.57 6.40 1.22
C SER C 746 -19.91 7.39 2.18
N THR C 747 -20.32 7.35 3.44
CA THR C 747 -19.72 8.25 4.43
C THR C 747 -18.28 7.86 4.75
N GLU C 748 -18.01 6.56 4.85
CA GLU C 748 -16.67 6.10 5.20
C GLU C 748 -15.67 6.46 4.10
N CYS C 749 -16.07 6.28 2.84
CA CYS C 749 -15.20 6.62 1.73
C CYS C 749 -14.94 8.13 1.70
N SER C 750 -15.98 8.93 1.92
CA SER C 750 -15.80 10.38 1.94
C SER C 750 -14.85 10.81 3.06
N ASN C 751 -15.00 10.20 4.24
CA ASN C 751 -14.13 10.54 5.36
C ASN C 751 -12.68 10.15 5.07
N LEU C 752 -12.47 9.03 4.37
CA LEU C 752 -11.10 8.69 3.98
C LEU C 752 -10.59 9.62 2.89
N LEU C 753 -11.46 10.03 1.96
CA LEU C 753 -11.09 10.93 0.89
C LEU C 753 -10.67 12.29 1.42
N LEU C 754 -11.26 12.72 2.54
CA LEU C 754 -10.93 14.02 3.10
C LEU C 754 -9.45 14.14 3.48
N GLN C 755 -8.75 13.01 3.60
CA GLN C 755 -7.34 13.03 3.96
C GLN C 755 -6.44 13.44 2.80
N TYR C 756 -6.99 13.62 1.60
CA TYR C 756 -6.23 14.04 0.43
C TYR C 756 -6.31 15.54 0.18
N GLY C 757 -6.91 16.29 1.10
CA GLY C 757 -6.95 17.74 1.00
C GLY C 757 -7.73 18.26 -0.19
N SER C 758 -7.09 19.12 -0.97
CA SER C 758 -7.70 19.82 -2.09
C SER C 758 -7.65 19.05 -3.41
N PHE C 759 -7.16 17.81 -3.43
CA PHE C 759 -7.11 17.04 -4.66
C PHE C 759 -8.46 16.96 -5.34
N CYS C 760 -9.53 16.90 -4.56
CA CYS C 760 -10.88 16.78 -5.13
C CYS C 760 -11.33 18.10 -5.74
N THR C 761 -11.36 19.17 -4.93
CA THR C 761 -11.93 20.44 -5.37
C THR C 761 -11.11 21.12 -6.46
N GLN C 762 -9.81 20.86 -6.57
CA GLN C 762 -9.06 21.49 -7.65
C GLN C 762 -9.42 20.93 -9.01
N LEU C 763 -10.03 19.74 -9.05
CA LEU C 763 -10.46 19.20 -10.32
C LEU C 763 -11.75 19.88 -10.74
N ASN C 764 -12.60 20.18 -9.75
CA ASN C 764 -13.81 20.96 -10.03
C ASN C 764 -13.41 22.35 -10.52
N ARG C 765 -12.35 22.92 -9.95
CA ARG C 765 -11.88 24.23 -10.39
C ARG C 765 -11.39 24.18 -11.84
N ALA C 766 -10.58 23.16 -12.17
CA ALA C 766 -10.07 23.06 -13.53
C ALA C 766 -11.21 22.86 -14.53
N LEU C 767 -12.20 22.03 -14.17
CA LEU C 767 -13.31 21.80 -15.09
C LEU C 767 -14.17 23.05 -15.22
N THR C 768 -14.33 23.82 -14.15
CA THR C 768 -15.05 25.09 -14.25
C THR C 768 -14.32 26.04 -15.18
N GLY C 769 -12.99 26.12 -15.05
CA GLY C 769 -12.22 26.97 -15.95
C GLY C 769 -12.40 26.58 -17.40
N ILE C 770 -12.41 25.27 -17.68
CA ILE C 770 -12.63 24.81 -19.05
C ILE C 770 -14.04 25.21 -19.53
N ALA C 771 -15.04 24.95 -18.69
CA ALA C 771 -16.41 25.27 -19.07
C ALA C 771 -16.57 26.75 -19.36
N VAL C 772 -15.91 27.60 -18.58
CA VAL C 772 -15.97 29.04 -18.80
C VAL C 772 -15.28 29.42 -20.10
N GLU C 773 -14.08 28.88 -20.34
CA GLU C 773 -13.40 29.26 -21.56
C GLU C 773 -14.11 28.76 -22.81
N GLN C 774 -14.97 27.73 -22.69
CA GLN C 774 -15.72 27.32 -23.88
C GLN C 774 -16.73 28.38 -24.28
N ASP C 775 -17.31 29.08 -23.30
CA ASP C 775 -18.24 30.15 -23.62
C ASP C 775 -17.49 31.39 -24.04
N LYS C 776 -16.30 31.59 -23.48
CA LYS C 776 -15.45 32.69 -23.94
C LYS C 776 -15.09 32.49 -25.40
N ASN C 777 -14.77 31.25 -25.78
CA ASN C 777 -14.42 30.95 -27.17
C ASN C 777 -15.61 31.20 -28.09
N THR C 778 -16.80 30.74 -27.69
CA THR C 778 -17.97 30.97 -28.54
C THR C 778 -18.26 32.46 -28.67
N GLN C 779 -18.15 33.20 -27.58
CA GLN C 779 -18.43 34.64 -27.60
C GLN C 779 -17.44 35.36 -28.48
N GLU C 780 -16.15 35.01 -28.38
CA GLU C 780 -15.14 35.66 -29.19
C GLU C 780 -15.28 35.33 -30.67
N VAL C 781 -15.73 34.12 -31.00
CA VAL C 781 -15.86 33.77 -32.41
C VAL C 781 -17.08 34.41 -33.04
N PHE C 782 -18.24 34.33 -32.37
CA PHE C 782 -19.47 34.78 -33.00
C PHE C 782 -19.90 36.19 -32.62
N ALA C 783 -19.67 36.63 -31.39
CA ALA C 783 -20.18 37.93 -30.95
C ALA C 783 -19.19 39.05 -31.29
N GLN C 784 -18.95 39.21 -32.59
CA GLN C 784 -18.06 40.24 -33.09
C GLN C 784 -18.79 41.42 -33.72
N VAL C 785 -20.12 41.41 -33.72
CA VAL C 785 -20.92 42.48 -34.32
C VAL C 785 -21.74 43.15 -33.23
N LYS C 786 -21.68 44.48 -33.17
CA LYS C 786 -22.36 45.23 -32.13
C LYS C 786 -23.86 45.27 -32.30
N GLN C 787 -24.36 45.03 -33.51
CA GLN C 787 -25.79 45.11 -33.80
C GLN C 787 -26.23 43.90 -34.60
N ILE C 788 -27.52 43.59 -34.51
CA ILE C 788 -28.11 42.49 -35.27
C ILE C 788 -28.67 43.05 -36.57
N TYR C 789 -27.98 42.78 -37.68
CA TYR C 789 -28.38 43.29 -38.98
C TYR C 789 -29.31 42.30 -39.66
N LYS C 790 -30.15 42.80 -40.55
CA LYS C 790 -31.03 41.96 -41.33
C LYS C 790 -31.10 42.46 -42.76
N THR C 791 -31.27 41.54 -43.69
CA THR C 791 -31.35 41.88 -45.09
C THR C 791 -32.69 42.54 -45.40
N PRO C 792 -32.77 43.31 -46.48
CA PRO C 792 -34.06 43.88 -46.89
C PRO C 792 -34.99 42.80 -47.40
N PRO C 793 -36.30 43.06 -47.42
CA PRO C 793 -37.24 42.06 -47.97
C PRO C 793 -37.06 41.79 -49.44
N ILE C 794 -36.41 42.68 -50.18
CA ILE C 794 -36.19 42.52 -51.62
C ILE C 794 -34.73 42.14 -51.82
N LYS C 795 -34.49 40.95 -52.36
CA LYS C 795 -33.14 40.42 -52.52
C LYS C 795 -32.56 40.83 -53.88
N ASP C 796 -32.44 42.15 -54.06
CA ASP C 796 -31.91 42.72 -55.30
C ASP C 796 -30.39 42.92 -55.17
N PHE C 797 -29.67 41.80 -55.13
CA PHE C 797 -28.24 41.81 -54.91
C PHE C 797 -27.44 41.61 -56.19
N GLY C 798 -27.94 42.15 -57.31
CA GLY C 798 -27.17 42.12 -58.54
C GLY C 798 -27.08 40.77 -59.21
N GLY C 799 -28.03 39.88 -58.93
CA GLY C 799 -28.01 38.55 -59.49
C GLY C 799 -27.42 37.49 -58.59
N PHE C 800 -26.86 37.88 -57.46
CA PHE C 800 -26.27 36.92 -56.53
C PHE C 800 -27.37 36.34 -55.65
N ASN C 801 -27.52 35.02 -55.68
CA ASN C 801 -28.56 34.32 -54.93
C ASN C 801 -28.00 33.86 -53.59
N PHE C 802 -28.55 34.40 -52.49
CA PHE C 802 -28.12 34.06 -51.15
C PHE C 802 -29.19 33.31 -50.37
N SER C 803 -30.22 32.80 -51.05
CA SER C 803 -31.33 32.18 -50.35
C SER C 803 -30.93 30.90 -49.62
N GLN C 804 -29.78 30.32 -49.95
CA GLN C 804 -29.36 29.08 -49.32
C GLN C 804 -28.44 29.31 -48.13
N ILE C 805 -28.06 30.56 -47.88
CA ILE C 805 -27.25 30.90 -46.70
C ILE C 805 -27.95 31.87 -45.77
N LEU C 806 -29.00 32.56 -46.22
CA LEU C 806 -29.78 33.44 -45.37
C LEU C 806 -30.80 32.65 -44.56
N PRO C 807 -31.21 33.16 -43.39
CA PRO C 807 -32.19 32.45 -42.57
C PRO C 807 -33.47 32.16 -43.32
N ASP C 808 -34.04 30.97 -43.05
CA ASP C 808 -35.31 30.57 -43.63
C ASP C 808 -36.41 30.86 -42.61
N PRO C 809 -37.26 31.87 -42.83
CA PRO C 809 -38.27 32.21 -41.81
C PRO C 809 -39.26 31.10 -41.51
N SER C 810 -39.36 30.07 -42.36
CA SER C 810 -40.36 29.03 -42.18
C SER C 810 -39.94 27.94 -41.20
N LYS C 811 -38.71 27.95 -40.73
CA LYS C 811 -38.24 26.91 -39.83
C LYS C 811 -38.54 27.27 -38.38
N PRO C 812 -38.64 26.27 -37.49
CA PRO C 812 -38.81 26.57 -36.07
C PRO C 812 -37.62 27.29 -35.46
N SER C 813 -36.47 27.24 -36.12
CA SER C 813 -35.26 27.96 -35.71
C SER C 813 -34.69 28.59 -36.96
N LYS C 814 -34.51 29.92 -36.94
CA LYS C 814 -34.20 30.66 -38.15
C LYS C 814 -32.75 30.41 -38.53
N ARG C 815 -32.50 29.22 -39.06
CA ARG C 815 -31.21 28.80 -39.58
C ARG C 815 -31.29 28.71 -41.10
N SER C 816 -30.13 28.81 -41.73
CA SER C 816 -30.10 28.69 -43.18
C SER C 816 -30.23 27.24 -43.60
N PHE C 817 -30.48 27.03 -44.90
CA PHE C 817 -30.56 25.68 -45.43
C PHE C 817 -29.26 24.93 -45.18
N ILE C 818 -28.12 25.57 -45.47
CA ILE C 818 -26.82 24.93 -45.25
C ILE C 818 -26.62 24.61 -43.78
N GLU C 819 -27.02 25.53 -42.90
CA GLU C 819 -26.92 25.24 -41.46
C GLU C 819 -27.77 24.03 -41.09
N ASP C 820 -28.98 23.93 -41.65
CA ASP C 820 -29.81 22.76 -41.41
C ASP C 820 -29.11 21.50 -41.88
N LEU C 821 -28.41 21.57 -43.02
CA LEU C 821 -27.67 20.41 -43.49
C LEU C 821 -26.55 20.05 -42.53
N LEU C 822 -25.90 21.06 -41.97
CA LEU C 822 -24.77 20.82 -41.08
C LEU C 822 -25.22 20.18 -39.77
N PHE C 823 -26.35 20.64 -39.23
CA PHE C 823 -26.85 20.08 -37.98
C PHE C 823 -27.35 18.65 -38.16
N ASN C 824 -27.73 18.26 -39.36
CA ASN C 824 -28.21 16.91 -39.63
C ASN C 824 -27.08 15.93 -39.94
N LYS C 825 -25.83 16.38 -39.91
CA LYS C 825 -24.68 15.53 -40.18
C LYS C 825 -23.87 15.20 -38.93
N VAL C 826 -23.80 16.11 -37.97
CA VAL C 826 -23.08 15.85 -36.72
C VAL C 826 -24.05 15.27 -35.71
N THR C 827 -23.67 14.13 -35.13
CA THR C 827 -24.53 13.43 -34.18
C THR C 827 -23.88 13.36 -32.80
N LYS C 854 -22.20 9.98 -16.32
CA LYS C 854 -23.62 9.93 -16.62
C LYS C 854 -24.42 10.34 -15.38
N PHE C 855 -24.65 9.37 -14.49
CA PHE C 855 -25.33 9.61 -13.22
C PHE C 855 -24.43 9.27 -12.05
N ASN C 856 -23.12 9.35 -12.27
CA ASN C 856 -22.09 9.06 -11.29
C ASN C 856 -21.41 10.35 -10.83
N GLY C 857 -22.13 11.46 -10.89
CA GLY C 857 -21.61 12.76 -10.58
C GLY C 857 -21.07 13.49 -11.77
N LEU C 858 -21.24 12.94 -12.97
CA LEU C 858 -20.77 13.54 -14.21
C LEU C 858 -21.97 14.23 -14.86
N THR C 859 -21.86 15.55 -15.05
CA THR C 859 -22.95 16.32 -15.63
C THR C 859 -22.43 17.13 -16.79
N VAL C 860 -23.36 17.65 -17.59
CA VAL C 860 -23.04 18.49 -18.74
C VAL C 860 -23.75 19.82 -18.57
N LEU C 861 -23.00 20.88 -18.65
CA LEU C 861 -23.65 22.18 -18.54
C LEU C 861 -24.10 22.65 -19.92
N PRO C 862 -25.21 23.38 -20.01
CA PRO C 862 -25.62 23.91 -21.30
C PRO C 862 -24.72 25.06 -21.70
N PRO C 863 -24.59 25.34 -23.00
CA PRO C 863 -23.87 26.54 -23.41
C PRO C 863 -24.67 27.78 -23.10
N LEU C 864 -23.95 28.89 -22.94
CA LEU C 864 -24.62 30.17 -22.70
C LEU C 864 -25.38 30.63 -23.93
N LEU C 865 -24.80 30.47 -25.11
CA LEU C 865 -25.42 30.87 -26.36
C LEU C 865 -26.04 29.65 -27.02
N THR C 866 -27.36 29.65 -27.17
CA THR C 866 -28.04 28.51 -27.78
C THR C 866 -27.81 28.53 -29.29
N ASP C 867 -28.14 27.40 -29.93
CA ASP C 867 -27.97 27.28 -31.37
C ASP C 867 -28.75 28.36 -32.11
N GLU C 868 -29.93 28.72 -31.59
CA GLU C 868 -30.70 29.81 -32.20
C GLU C 868 -29.95 31.13 -32.12
N MET C 869 -29.30 31.39 -30.99
CA MET C 869 -28.57 32.65 -30.84
C MET C 869 -27.32 32.67 -31.71
N ILE C 870 -26.67 31.52 -31.89
CA ILE C 870 -25.53 31.45 -32.78
C ILE C 870 -25.98 31.70 -34.21
N ALA C 871 -27.11 31.11 -34.59
CA ALA C 871 -27.67 31.36 -35.92
C ALA C 871 -28.01 32.82 -36.10
N GLN C 872 -28.52 33.48 -35.06
CA GLN C 872 -28.82 34.91 -35.14
C GLN C 872 -27.54 35.73 -35.32
N TYR C 873 -26.46 35.35 -34.65
CA TYR C 873 -25.20 36.07 -34.83
C TYR C 873 -24.66 35.87 -36.24
N THR C 874 -24.75 34.65 -36.76
CA THR C 874 -24.26 34.42 -38.12
C THR C 874 -25.14 35.14 -39.13
N SER C 875 -26.44 35.25 -38.84
CA SER C 875 -27.33 36.03 -39.70
C SER C 875 -26.95 37.50 -39.70
N ALA C 876 -26.66 38.05 -38.52
CA ALA C 876 -26.27 39.45 -38.45
C ALA C 876 -24.97 39.69 -39.21
N LEU C 877 -24.00 38.78 -39.06
CA LEU C 877 -22.73 38.95 -39.74
C LEU C 877 -22.90 38.81 -41.25
N LEU C 878 -23.75 37.89 -41.68
CA LEU C 878 -23.99 37.70 -43.11
C LEU C 878 -24.71 38.89 -43.72
N ALA C 879 -25.75 39.39 -43.04
CA ALA C 879 -26.45 40.56 -43.55
C ALA C 879 -25.55 41.77 -43.60
N GLY C 880 -24.68 41.94 -42.60
CA GLY C 880 -23.72 43.03 -42.63
C GLY C 880 -22.78 42.92 -43.81
N THR C 881 -22.20 41.72 -44.00
CA THR C 881 -21.28 41.51 -45.11
C THR C 881 -21.95 41.79 -46.45
N ILE C 882 -23.20 41.34 -46.60
CA ILE C 882 -23.91 41.48 -47.88
C ILE C 882 -24.28 42.93 -48.15
N THR C 883 -24.80 43.64 -47.15
CA THR C 883 -25.34 44.97 -47.40
C THR C 883 -24.34 46.11 -47.20
N SER C 884 -23.24 45.89 -46.48
CA SER C 884 -22.32 46.98 -46.19
C SER C 884 -20.85 46.61 -46.43
N GLY C 885 -20.57 45.45 -47.02
CA GLY C 885 -19.18 45.08 -47.27
C GLY C 885 -18.40 44.99 -45.98
N TRP C 886 -17.24 45.66 -45.94
CA TRP C 886 -16.40 45.66 -44.76
C TRP C 886 -16.65 46.85 -43.85
N THR C 887 -17.57 47.74 -44.23
CA THR C 887 -17.74 48.98 -43.48
C THR C 887 -18.37 48.75 -42.11
N PHE C 888 -19.17 47.70 -41.96
CA PHE C 888 -19.80 47.44 -40.67
C PHE C 888 -18.80 46.95 -39.63
N GLY C 889 -17.65 46.43 -40.07
CA GLY C 889 -16.65 45.97 -39.11
C GLY C 889 -15.92 47.12 -38.46
N ALA C 890 -15.50 48.11 -39.24
CA ALA C 890 -14.74 49.22 -38.70
C ALA C 890 -15.63 50.16 -37.89
N GLY C 891 -16.85 50.40 -38.36
CA GLY C 891 -17.73 51.36 -37.72
C GLY C 891 -19.19 51.06 -37.97
N ALA C 892 -19.88 52.00 -38.61
CA ALA C 892 -21.29 51.83 -38.93
C ALA C 892 -21.43 51.06 -40.24
N ALA C 893 -22.55 50.36 -40.36
CA ALA C 893 -22.84 49.62 -41.59
C ALA C 893 -23.33 50.61 -42.64
N LEU C 894 -22.53 50.80 -43.68
CA LEU C 894 -22.81 51.77 -44.73
C LEU C 894 -23.33 51.01 -45.95
N GLN C 895 -24.60 51.24 -46.30
CA GLN C 895 -25.19 50.49 -47.39
C GLN C 895 -24.45 50.77 -48.69
N ILE C 896 -24.29 49.73 -49.50
CA ILE C 896 -23.67 49.85 -50.82
C ILE C 896 -24.27 48.79 -51.72
N PRO C 897 -24.56 49.10 -52.99
CA PRO C 897 -25.01 48.06 -53.92
C PRO C 897 -24.02 46.91 -53.95
N PHE C 898 -24.54 45.68 -53.99
CA PHE C 898 -23.66 44.51 -53.93
C PHE C 898 -22.68 44.48 -55.09
N ALA C 899 -23.14 44.86 -56.29
CA ALA C 899 -22.24 44.86 -57.43
C ALA C 899 -21.06 45.80 -57.20
N MET C 900 -21.29 46.94 -56.56
CA MET C 900 -20.18 47.85 -56.26
C MET C 900 -19.28 47.26 -55.18
N GLN C 901 -19.87 46.56 -54.21
CA GLN C 901 -19.06 45.87 -53.22
C GLN C 901 -18.13 44.88 -53.89
N MET C 902 -18.65 44.11 -54.85
CA MET C 902 -17.80 43.19 -55.60
C MET C 902 -16.79 43.95 -56.45
N ALA C 903 -17.13 45.14 -56.92
CA ALA C 903 -16.16 45.93 -57.67
C ALA C 903 -14.97 46.27 -56.79
N TYR C 904 -15.24 46.58 -55.51
CA TYR C 904 -14.13 46.85 -54.61
C TYR C 904 -13.35 45.57 -54.35
N ARG C 905 -14.07 44.46 -54.19
CA ARG C 905 -13.43 43.18 -53.93
C ARG C 905 -12.50 42.79 -55.08
N PHE C 906 -12.91 43.11 -56.31
CA PHE C 906 -12.08 42.86 -57.49
C PHE C 906 -10.89 43.80 -57.55
N ASN C 907 -11.11 45.09 -57.26
CA ASN C 907 -9.97 46.02 -57.22
C ASN C 907 -8.96 45.59 -56.18
N GLY C 908 -9.42 45.02 -55.07
CA GLY C 908 -8.52 44.59 -54.00
C GLY C 908 -7.61 43.45 -54.38
N ILE C 909 -7.89 42.75 -55.47
CA ILE C 909 -7.05 41.64 -55.91
C ILE C 909 -6.34 41.96 -57.22
N GLY C 910 -6.33 43.22 -57.63
CA GLY C 910 -5.63 43.61 -58.84
C GLY C 910 -6.38 43.35 -60.12
N VAL C 911 -7.70 43.29 -60.08
CA VAL C 911 -8.53 43.11 -61.26
C VAL C 911 -9.44 44.32 -61.36
N THR C 912 -9.34 45.06 -62.45
CA THR C 912 -10.09 46.30 -62.61
C THR C 912 -11.58 46.01 -62.57
N GLN C 913 -12.34 46.88 -61.89
CA GLN C 913 -13.77 46.68 -61.68
C GLN C 913 -14.57 46.54 -62.98
N ASN C 914 -14.08 47.04 -64.11
CA ASN C 914 -14.88 46.89 -65.32
C ASN C 914 -14.98 45.44 -65.72
N VAL C 915 -14.05 44.60 -65.25
CA VAL C 915 -14.13 43.17 -65.51
C VAL C 915 -15.35 42.61 -64.81
N LEU C 916 -15.57 43.03 -63.56
CA LEU C 916 -16.78 42.63 -62.84
C LEU C 916 -18.03 43.11 -63.54
N TYR C 917 -18.08 44.40 -63.88
CA TYR C 917 -19.32 44.95 -64.41
C TYR C 917 -19.66 44.35 -65.77
N GLU C 918 -18.66 44.15 -66.63
CA GLU C 918 -18.92 43.56 -67.94
C GLU C 918 -19.32 42.10 -67.81
N ASN C 919 -18.82 41.40 -66.79
CA ASN C 919 -19.10 39.98 -66.58
C ASN C 919 -19.98 39.73 -65.38
N GLN C 920 -20.79 40.70 -64.97
CA GLN C 920 -21.58 40.56 -63.75
C GLN C 920 -22.51 39.35 -63.80
N LYS C 921 -23.14 39.10 -64.96
CA LYS C 921 -24.05 37.96 -65.06
C LYS C 921 -23.28 36.64 -64.96
N LEU C 922 -22.12 36.57 -65.60
CA LEU C 922 -21.32 35.36 -65.54
C LEU C 922 -20.83 35.10 -64.12
N ILE C 923 -20.38 36.15 -63.44
CA ILE C 923 -19.88 36.01 -62.08
C ILE C 923 -21.00 35.57 -61.14
N ALA C 924 -22.19 36.18 -61.28
CA ALA C 924 -23.32 35.79 -60.44
C ALA C 924 -23.70 34.34 -60.68
N ASN C 925 -23.68 33.90 -61.95
CA ASN C 925 -24.03 32.52 -62.25
C ASN C 925 -22.99 31.55 -61.70
N GLN C 926 -21.71 31.92 -61.78
CA GLN C 926 -20.67 31.06 -61.24
C GLN C 926 -20.78 30.97 -59.71
N PHE C 927 -21.11 32.09 -59.06
CA PHE C 927 -21.29 32.08 -57.62
C PHE C 927 -22.46 31.17 -57.24
N ASN C 928 -23.58 31.29 -57.94
CA ASN C 928 -24.75 30.47 -57.63
C ASN C 928 -24.45 29.00 -57.85
N SER C 929 -23.69 28.68 -58.91
CA SER C 929 -23.35 27.28 -59.17
C SER C 929 -22.40 26.76 -58.09
N ALA C 930 -21.45 27.57 -57.66
CA ALA C 930 -20.54 27.15 -56.58
C ALA C 930 -21.32 26.88 -55.30
N ILE C 931 -22.31 27.73 -55.00
CA ILE C 931 -23.12 27.52 -53.81
C ILE C 931 -23.91 26.21 -53.93
N GLY C 932 -24.48 25.97 -55.11
CA GLY C 932 -25.17 24.70 -55.34
C GLY C 932 -24.25 23.51 -55.15
N LYS C 933 -23.00 23.63 -55.59
CA LYS C 933 -22.03 22.56 -55.41
C LYS C 933 -21.72 22.36 -53.93
N ILE C 934 -21.68 23.45 -53.18
CA ILE C 934 -21.47 23.34 -51.73
C ILE C 934 -22.63 22.58 -51.11
N GLN C 935 -23.84 22.89 -51.57
CA GLN C 935 -25.03 22.21 -51.05
C GLN C 935 -24.97 20.72 -51.36
N ASP C 936 -24.56 20.36 -52.58
CA ASP C 936 -24.49 18.94 -52.94
C ASP C 936 -23.40 18.23 -52.14
N SER C 937 -22.28 18.90 -51.90
CA SER C 937 -21.19 18.30 -51.14
C SER C 937 -21.63 18.04 -49.71
N LEU C 938 -22.22 19.05 -49.06
CA LEU C 938 -22.64 18.88 -47.68
C LEU C 938 -23.75 17.85 -47.58
N SER C 939 -24.63 17.77 -48.58
CA SER C 939 -25.73 16.82 -48.56
C SER C 939 -25.30 15.40 -48.91
N SER C 940 -24.09 15.21 -49.46
CA SER C 940 -23.68 13.89 -49.91
C SER C 940 -22.40 13.37 -49.29
N THR C 941 -21.53 14.23 -48.77
CA THR C 941 -20.23 13.80 -48.22
C THR C 941 -20.28 13.85 -46.69
N ALA C 942 -20.47 12.68 -46.08
CA ALA C 942 -20.57 12.62 -44.62
C ALA C 942 -19.27 13.03 -43.95
N SER C 943 -18.13 12.70 -44.56
CA SER C 943 -16.82 12.99 -44.00
C SER C 943 -16.51 14.48 -43.92
N ALA C 944 -17.32 15.33 -44.54
CA ALA C 944 -17.06 16.77 -44.56
C ALA C 944 -16.95 17.36 -43.16
N LEU C 945 -17.65 16.79 -42.18
CA LEU C 945 -17.69 17.35 -40.83
C LEU C 945 -16.80 16.56 -39.86
N GLY C 946 -15.81 15.86 -40.39
CA GLY C 946 -14.92 15.07 -39.55
C GLY C 946 -14.24 15.85 -38.45
N LYS C 947 -13.90 17.11 -38.71
CA LYS C 947 -13.20 17.91 -37.71
C LYS C 947 -14.04 18.13 -36.46
N LEU C 948 -15.37 18.15 -36.61
CA LEU C 948 -16.26 18.32 -35.46
C LEU C 948 -16.70 16.98 -34.90
N GLN C 949 -16.86 15.99 -35.77
CA GLN C 949 -17.24 14.66 -35.30
C GLN C 949 -16.13 14.04 -34.47
N ASP C 950 -14.87 14.31 -34.82
CA ASP C 950 -13.76 13.77 -34.05
C ASP C 950 -13.72 14.38 -32.65
N VAL C 951 -14.05 15.66 -32.53
CA VAL C 951 -14.08 16.29 -31.21
C VAL C 951 -15.21 15.69 -30.36
N VAL C 952 -16.39 15.54 -30.97
CA VAL C 952 -17.51 14.93 -30.24
C VAL C 952 -17.16 13.52 -29.81
N ASN C 953 -16.54 12.75 -30.71
CA ASN C 953 -16.17 11.37 -30.41
C ASN C 953 -15.11 11.32 -29.31
N GLN C 954 -14.15 12.23 -29.33
CA GLN C 954 -13.11 12.23 -28.30
C GLN C 954 -13.71 12.54 -26.93
N ASN C 955 -14.68 13.46 -26.87
CA ASN C 955 -15.27 13.78 -25.58
C ASN C 955 -16.15 12.65 -25.08
N ALA C 956 -16.89 12.01 -25.99
CA ALA C 956 -17.70 10.86 -25.60
C ALA C 956 -16.83 9.70 -25.14
N GLN C 957 -15.70 9.48 -25.83
CA GLN C 957 -14.79 8.41 -25.45
C GLN C 957 -14.16 8.69 -24.09
N ALA C 958 -13.79 9.95 -23.84
CA ALA C 958 -13.22 10.29 -22.54
C ALA C 958 -14.22 10.06 -21.42
N LEU C 959 -15.48 10.43 -21.64
CA LEU C 959 -16.47 10.23 -20.58
C LEU C 959 -16.79 8.75 -20.40
N ASN C 960 -16.84 7.99 -21.49
CA ASN C 960 -17.12 6.56 -21.36
C ASN C 960 -15.97 5.85 -20.66
N THR C 961 -14.73 6.26 -20.93
CA THR C 961 -13.59 5.69 -20.24
C THR C 961 -13.62 6.04 -18.76
N LEU C 962 -13.92 7.30 -18.44
CA LEU C 962 -13.97 7.71 -17.04
C LEU C 962 -15.02 6.92 -16.27
N VAL C 963 -16.20 6.74 -16.87
CA VAL C 963 -17.25 5.98 -16.20
C VAL C 963 -16.88 4.51 -16.08
N LYS C 964 -16.32 3.93 -17.16
CA LYS C 964 -15.92 2.53 -17.13
C LYS C 964 -14.86 2.27 -16.07
N GLN C 965 -14.02 3.27 -15.76
CA GLN C 965 -12.98 3.08 -14.75
C GLN C 965 -13.57 2.74 -13.38
N LEU C 966 -14.84 3.04 -13.14
CA LEU C 966 -15.46 2.70 -11.86
C LEU C 966 -15.60 1.21 -11.66
N SER C 967 -15.59 0.42 -12.73
CA SER C 967 -15.72 -1.03 -12.64
C SER C 967 -14.40 -1.72 -12.32
N SER C 968 -13.29 -0.99 -12.31
CA SER C 968 -11.99 -1.60 -12.06
C SER C 968 -11.78 -1.81 -10.57
N ASN C 969 -11.02 -2.86 -10.24
CA ASN C 969 -10.76 -3.18 -8.84
C ASN C 969 -9.58 -2.40 -8.27
N PHE C 970 -8.58 -2.11 -9.09
CA PHE C 970 -7.36 -1.42 -8.64
C PHE C 970 -6.69 -2.15 -7.50
N GLY C 971 -6.86 -3.47 -7.43
CA GLY C 971 -6.28 -4.29 -6.40
C GLY C 971 -7.24 -4.67 -5.30
N ALA C 972 -8.43 -4.08 -5.26
CA ALA C 972 -9.40 -4.41 -4.23
C ALA C 972 -10.06 -5.74 -4.53
N ILE C 973 -10.67 -6.33 -3.50
CA ILE C 973 -11.40 -7.59 -3.66
C ILE C 973 -12.63 -7.42 -4.54
N SER C 974 -13.17 -6.21 -4.65
CA SER C 974 -14.35 -5.97 -5.45
C SER C 974 -14.41 -4.51 -5.85
N SER C 975 -14.90 -4.24 -7.06
CA SER C 975 -15.09 -2.88 -7.52
C SER C 975 -16.29 -2.19 -6.87
N VAL C 976 -17.19 -2.95 -6.27
CA VAL C 976 -18.40 -2.38 -5.67
C VAL C 976 -18.09 -2.04 -4.21
N LEU C 977 -18.19 -0.75 -3.89
CA LEU C 977 -17.82 -0.28 -2.56
C LEU C 977 -18.75 -0.86 -1.49
N ASN C 978 -20.04 -0.99 -1.81
CA ASN C 978 -20.99 -1.51 -0.84
C ASN C 978 -20.71 -2.97 -0.51
N ASP C 979 -20.14 -3.72 -1.46
CA ASP C 979 -19.82 -5.12 -1.19
C ASP C 979 -18.61 -5.23 -0.27
N ILE C 980 -17.70 -4.26 -0.34
CA ILE C 980 -16.58 -4.23 0.60
C ILE C 980 -17.07 -3.84 1.98
N LEU C 981 -17.87 -2.79 2.06
CA LEU C 981 -18.33 -2.31 3.37
C LEU C 981 -19.20 -3.33 4.08
N SER C 982 -20.01 -4.09 3.34
CA SER C 982 -20.89 -5.08 3.94
C SER C 982 -20.19 -6.38 4.31
N ARG C 983 -18.95 -6.56 3.91
CA ARG C 983 -18.24 -7.83 4.14
C ARG C 983 -17.02 -7.72 5.04
N LEU C 984 -16.30 -6.60 5.04
CA LEU C 984 -15.07 -6.47 5.80
C LEU C 984 -15.23 -5.50 6.96
N ASP C 985 -14.55 -5.82 8.06
CA ASP C 985 -14.46 -4.92 9.20
C ASP C 985 -13.61 -3.70 8.85
N PRO C 986 -13.86 -2.58 9.52
CA PRO C 986 -13.11 -1.32 9.25
C PRO C 986 -11.62 -1.52 9.05
N PRO C 987 -10.92 -2.32 9.87
CA PRO C 987 -9.45 -2.43 9.70
C PRO C 987 -9.03 -2.92 8.31
N GLU C 988 -9.91 -3.59 7.58
CA GLU C 988 -9.62 -4.05 6.23
C GLU C 988 -10.41 -3.27 5.18
N ALA C 989 -11.63 -2.85 5.54
CA ALA C 989 -12.43 -2.07 4.62
C ALA C 989 -11.76 -0.74 4.32
N GLU C 990 -11.11 -0.13 5.32
CA GLU C 990 -10.45 1.14 5.08
C GLU C 990 -9.30 0.99 4.09
N VAL C 991 -8.60 -0.14 4.13
CA VAL C 991 -7.51 -0.38 3.18
C VAL C 991 -8.09 -0.58 1.78
N GLN C 992 -9.15 -1.37 1.66
CA GLN C 992 -9.73 -1.60 0.34
C GLN C 992 -10.29 -0.30 -0.23
N ILE C 993 -10.85 0.54 0.63
CA ILE C 993 -11.39 1.81 0.20
C ILE C 993 -10.27 2.75 -0.22
N ASP C 994 -9.17 2.78 0.53
CA ASP C 994 -8.02 3.58 0.12
C ASP C 994 -7.51 3.16 -1.25
N ARG C 995 -7.52 1.86 -1.53
CA ARG C 995 -7.09 1.40 -2.85
C ARG C 995 -8.05 1.89 -3.94
N LEU C 996 -9.36 1.83 -3.67
CA LEU C 996 -10.32 2.29 -4.68
C LEU C 996 -10.24 3.80 -4.85
N ILE C 997 -10.00 4.53 -3.75
CA ILE C 997 -9.87 5.98 -3.83
C ILE C 997 -8.65 6.35 -4.65
N THR C 998 -7.53 5.67 -4.43
CA THR C 998 -6.33 5.96 -5.20
C THR C 998 -6.57 5.71 -6.68
N GLY C 999 -7.20 4.58 -7.01
CA GLY C 999 -7.44 4.28 -8.42
C GLY C 999 -8.38 5.28 -9.08
N ARG C 1000 -9.46 5.65 -8.39
CA ARG C 1000 -10.43 6.55 -8.99
C ARG C 1000 -9.91 7.98 -9.04
N LEU C 1001 -9.10 8.38 -8.06
CA LEU C 1001 -8.50 9.70 -8.10
C LEU C 1001 -7.48 9.81 -9.23
N GLN C 1002 -6.69 8.74 -9.44
CA GLN C 1002 -5.78 8.74 -10.57
C GLN C 1002 -6.54 8.80 -11.89
N SER C 1003 -7.68 8.10 -11.96
CA SER C 1003 -8.50 8.15 -13.16
C SER C 1003 -9.03 9.55 -13.42
N LEU C 1004 -9.51 10.23 -12.38
CA LEU C 1004 -9.97 11.60 -12.54
C LEU C 1004 -8.84 12.53 -12.94
N GLN C 1005 -7.66 12.37 -12.35
CA GLN C 1005 -6.54 13.25 -12.72
C GLN C 1005 -6.17 13.06 -14.17
N THR C 1006 -6.18 11.81 -14.65
CA THR C 1006 -5.89 11.56 -16.05
C THR C 1006 -6.94 12.20 -16.95
N TYR C 1007 -8.22 12.02 -16.59
CA TYR C 1007 -9.30 12.62 -17.36
C TYR C 1007 -9.15 14.14 -17.43
N VAL C 1008 -8.92 14.77 -16.28
CA VAL C 1008 -8.82 16.23 -16.22
C VAL C 1008 -7.62 16.73 -17.03
N THR C 1009 -6.48 16.05 -16.93
CA THR C 1009 -5.32 16.45 -17.73
C THR C 1009 -5.62 16.35 -19.22
N GLN C 1010 -6.27 15.26 -19.64
CA GLN C 1010 -6.59 15.11 -21.05
C GLN C 1010 -7.58 16.19 -21.49
N GLN C 1011 -8.52 16.54 -20.61
CA GLN C 1011 -9.47 17.59 -20.94
C GLN C 1011 -8.81 18.95 -21.02
N LEU C 1012 -7.81 19.20 -20.17
CA LEU C 1012 -7.11 20.48 -20.24
C LEU C 1012 -6.31 20.59 -21.53
N ILE C 1013 -5.68 19.50 -21.97
CA ILE C 1013 -4.91 19.54 -23.21
C ILE C 1013 -5.85 19.71 -24.40
N ARG C 1014 -6.95 18.94 -24.42
CA ARG C 1014 -7.92 19.07 -25.49
C ARG C 1014 -8.56 20.46 -25.50
N ALA C 1015 -8.83 21.01 -24.31
CA ALA C 1015 -9.38 22.35 -24.21
C ALA C 1015 -8.40 23.39 -24.75
N ALA C 1016 -7.11 23.20 -24.51
CA ALA C 1016 -6.14 24.13 -25.08
C ALA C 1016 -6.13 24.04 -26.60
N GLU C 1017 -6.27 22.83 -27.14
CA GLU C 1017 -6.34 22.68 -28.59
C GLU C 1017 -7.60 23.34 -29.15
N ILE C 1018 -8.73 23.16 -28.47
CA ILE C 1018 -9.98 23.78 -28.90
C ILE C 1018 -9.88 25.30 -28.80
N ARG C 1019 -9.23 25.81 -27.76
CA ARG C 1019 -9.04 27.24 -27.63
C ARG C 1019 -8.20 27.79 -28.78
N ALA C 1020 -7.13 27.09 -29.15
CA ALA C 1020 -6.34 27.52 -30.29
C ALA C 1020 -7.16 27.52 -31.57
N SER C 1021 -8.00 26.50 -31.75
CA SER C 1021 -8.87 26.46 -32.93
C SER C 1021 -9.89 27.59 -32.91
N ALA C 1022 -10.46 27.88 -31.75
CA ALA C 1022 -11.41 28.98 -31.63
C ALA C 1022 -10.75 30.33 -31.91
N ASN C 1023 -9.52 30.50 -31.45
CA ASN C 1023 -8.81 31.74 -31.74
C ASN C 1023 -8.54 31.88 -33.23
N LEU C 1024 -8.19 30.76 -33.88
CA LEU C 1024 -8.01 30.79 -35.32
C LEU C 1024 -9.33 31.13 -36.02
N ALA C 1025 -10.43 30.54 -35.56
CA ALA C 1025 -11.74 30.82 -36.15
C ALA C 1025 -12.13 32.28 -35.98
N ALA C 1026 -11.85 32.86 -34.81
CA ALA C 1026 -12.15 34.27 -34.59
C ALA C 1026 -11.29 35.16 -35.48
N THR C 1027 -10.02 34.80 -35.65
CA THR C 1027 -9.15 35.56 -36.53
C THR C 1027 -9.66 35.50 -37.96
N LYS C 1028 -10.07 34.30 -38.41
CA LYS C 1028 -10.63 34.17 -39.75
C LYS C 1028 -11.91 34.98 -39.88
N MET C 1029 -12.78 34.93 -38.87
CA MET C 1029 -14.02 35.70 -38.93
C MET C 1029 -13.71 37.18 -39.14
N SER C 1030 -12.79 37.72 -38.33
CA SER C 1030 -12.49 39.15 -38.40
C SER C 1030 -11.80 39.52 -39.71
N GLU C 1031 -10.83 38.72 -40.17
CA GLU C 1031 -10.01 39.08 -41.31
C GLU C 1031 -10.48 38.41 -42.59
N CYS C 1032 -11.68 37.84 -42.60
CA CYS C 1032 -12.14 37.08 -43.76
C CYS C 1032 -13.59 37.43 -44.04
N VAL C 1033 -14.42 37.43 -43.01
CA VAL C 1033 -15.82 37.79 -43.16
C VAL C 1033 -16.02 39.29 -43.06
N LEU C 1034 -15.45 39.91 -42.03
CA LEU C 1034 -15.63 41.33 -41.81
C LEU C 1034 -14.80 42.19 -42.77
N GLY C 1035 -13.71 41.66 -43.30
CA GLY C 1035 -12.86 42.40 -44.21
C GLY C 1035 -12.62 41.63 -45.49
N GLN C 1036 -11.40 41.81 -46.03
CA GLN C 1036 -10.91 41.08 -47.18
C GLN C 1036 -9.46 40.73 -46.92
N SER C 1037 -9.11 39.47 -47.10
CA SER C 1037 -7.81 38.96 -46.71
C SER C 1037 -6.82 39.02 -47.87
N LYS C 1038 -5.67 39.63 -47.61
CA LYS C 1038 -4.55 39.63 -48.54
C LYS C 1038 -3.58 38.50 -48.26
N ARG C 1039 -3.86 37.71 -47.22
CA ARG C 1039 -3.00 36.62 -46.80
C ARG C 1039 -3.26 35.41 -47.68
N VAL C 1040 -2.21 34.91 -48.33
CA VAL C 1040 -2.35 33.83 -49.30
C VAL C 1040 -2.76 32.55 -48.61
N ASP C 1041 -3.80 31.90 -49.15
CA ASP C 1041 -4.36 30.64 -48.65
C ASP C 1041 -4.86 30.73 -47.21
N PHE C 1042 -5.02 31.93 -46.67
CA PHE C 1042 -5.66 32.06 -45.36
C PHE C 1042 -7.15 31.80 -45.47
N CYS C 1043 -7.78 32.29 -46.54
CA CYS C 1043 -9.21 32.15 -46.77
C CYS C 1043 -9.51 31.37 -48.04
N GLY C 1044 -8.89 30.20 -48.18
CA GLY C 1044 -9.12 29.34 -49.33
C GLY C 1044 -8.14 29.58 -50.45
N LYS C 1045 -8.08 28.63 -51.37
CA LYS C 1045 -7.19 28.73 -52.51
C LYS C 1045 -7.74 29.72 -53.52
N GLY C 1046 -6.89 30.59 -54.03
CA GLY C 1046 -7.27 31.61 -54.97
C GLY C 1046 -7.12 32.99 -54.34
N TYR C 1047 -7.56 34.00 -55.09
CA TYR C 1047 -7.51 35.37 -54.61
C TYR C 1047 -8.81 35.64 -53.85
N HIS C 1048 -8.70 35.90 -52.55
CA HIS C 1048 -9.88 36.02 -51.71
C HIS C 1048 -10.70 37.26 -52.06
N LEU C 1049 -12.01 37.06 -52.17
CA LEU C 1049 -12.95 38.16 -52.34
C LEU C 1049 -13.74 38.39 -51.05
N MET C 1050 -14.53 37.41 -50.65
CA MET C 1050 -15.39 37.55 -49.47
C MET C 1050 -15.64 36.17 -48.89
N SER C 1051 -16.10 36.15 -47.63
CA SER C 1051 -16.46 34.90 -46.98
C SER C 1051 -17.78 35.09 -46.26
N PHE C 1052 -18.48 33.97 -46.05
CA PHE C 1052 -19.77 33.97 -45.36
C PHE C 1052 -19.71 32.95 -44.23
N PRO C 1053 -19.99 33.35 -42.99
CA PRO C 1053 -19.99 32.38 -41.90
C PRO C 1053 -21.27 31.56 -41.88
N GLN C 1054 -21.12 30.32 -41.41
CA GLN C 1054 -22.26 29.47 -41.11
C GLN C 1054 -22.01 28.77 -39.79
N SER C 1055 -23.05 28.62 -38.99
CA SER C 1055 -22.89 27.94 -37.72
C SER C 1055 -22.92 26.43 -37.92
N ALA C 1056 -22.35 25.72 -36.95
CA ALA C 1056 -22.37 24.26 -36.92
C ALA C 1056 -22.32 23.82 -35.47
N PRO C 1057 -22.73 22.59 -35.17
CA PRO C 1057 -22.62 22.09 -33.79
C PRO C 1057 -21.20 22.19 -33.28
N HIS C 1058 -21.04 22.94 -32.18
CA HIS C 1058 -19.74 23.13 -31.53
C HIS C 1058 -18.65 23.58 -32.50
N GLY C 1059 -19.01 24.41 -33.46
CA GLY C 1059 -18.03 24.89 -34.41
C GLY C 1059 -18.61 25.92 -35.35
N VAL C 1060 -17.77 26.37 -36.28
CA VAL C 1060 -18.12 27.38 -37.27
C VAL C 1060 -17.68 26.88 -38.64
N VAL C 1061 -18.47 27.18 -39.66
CA VAL C 1061 -18.18 26.82 -41.04
C VAL C 1061 -18.07 28.09 -41.87
N PHE C 1062 -16.97 28.24 -42.60
CA PHE C 1062 -16.73 29.39 -43.46
C PHE C 1062 -16.87 28.99 -44.91
N LEU C 1063 -17.64 29.75 -45.68
CA LEU C 1063 -17.71 29.62 -47.12
C LEU C 1063 -16.84 30.71 -47.74
N HIS C 1064 -15.71 30.33 -48.32
CA HIS C 1064 -14.74 31.28 -48.84
C HIS C 1064 -14.93 31.46 -50.34
N VAL C 1065 -15.18 32.70 -50.75
CA VAL C 1065 -15.38 33.03 -52.16
C VAL C 1065 -14.07 33.59 -52.69
N THR C 1066 -13.50 32.91 -53.68
CA THR C 1066 -12.20 33.26 -54.20
C THR C 1066 -12.25 33.42 -55.72
N TYR C 1067 -11.35 34.24 -56.23
CA TYR C 1067 -11.17 34.46 -57.65
C TYR C 1067 -10.03 33.57 -58.13
N VAL C 1068 -10.32 32.69 -59.09
CA VAL C 1068 -9.33 31.77 -59.61
C VAL C 1068 -9.22 31.94 -61.12
N PRO C 1069 -8.04 32.27 -61.65
CA PRO C 1069 -7.86 32.29 -63.11
C PRO C 1069 -8.20 30.95 -63.74
N ALA C 1070 -8.89 30.99 -64.88
CA ALA C 1070 -9.41 29.78 -65.51
C ALA C 1070 -8.74 29.42 -66.82
N GLN C 1071 -8.48 30.38 -67.70
CA GLN C 1071 -7.92 30.11 -69.02
C GLN C 1071 -6.76 31.06 -69.25
N GLU C 1072 -5.71 30.58 -69.92
CA GLU C 1072 -4.51 31.37 -70.11
C GLU C 1072 -4.00 31.25 -71.54
N LYS C 1073 -3.25 32.25 -71.97
CA LYS C 1073 -2.55 32.23 -73.25
C LYS C 1073 -1.08 32.51 -73.05
N ASN C 1074 -0.26 31.98 -73.95
CA ASN C 1074 1.18 32.26 -73.96
C ASN C 1074 1.43 33.54 -74.73
N PHE C 1075 1.90 34.58 -74.04
CA PHE C 1075 2.23 35.84 -74.67
C PHE C 1075 3.72 36.12 -74.55
N THR C 1076 4.26 36.84 -75.54
CA THR C 1076 5.62 37.34 -75.46
C THR C 1076 5.59 38.66 -74.69
N THR C 1077 6.59 38.87 -73.84
CA THR C 1077 6.61 40.05 -72.99
C THR C 1077 7.95 40.78 -73.12
N ALA C 1078 8.02 41.93 -72.45
CA ALA C 1078 9.22 42.77 -72.40
C ALA C 1078 9.13 43.63 -71.17
N PRO C 1079 10.25 43.89 -70.48
CA PRO C 1079 10.20 44.77 -69.30
C PRO C 1079 9.94 46.23 -69.61
N ALA C 1080 10.25 46.70 -70.82
CA ALA C 1080 10.12 48.10 -71.16
C ALA C 1080 10.11 48.25 -72.67
N ILE C 1081 9.60 49.38 -73.14
CA ILE C 1081 9.57 49.71 -74.57
C ILE C 1081 10.29 51.02 -74.82
N CYS C 1082 11.15 51.04 -75.84
CA CYS C 1082 11.82 52.25 -76.30
C CYS C 1082 10.94 53.00 -77.30
N HIS C 1083 10.90 54.33 -77.18
CA HIS C 1083 10.20 55.12 -78.18
C HIS C 1083 11.17 56.05 -78.90
N ASP C 1084 11.59 57.12 -78.22
CA ASP C 1084 12.57 58.07 -78.75
C ASP C 1084 13.91 57.92 -78.04
N GLY C 1085 14.18 56.76 -77.47
CA GLY C 1085 15.35 56.55 -76.63
C GLY C 1085 15.00 56.49 -75.17
N LYS C 1086 13.78 56.87 -74.83
CA LYS C 1086 13.27 56.78 -73.47
C LYS C 1086 12.79 55.38 -73.17
N ALA C 1087 12.96 54.94 -71.93
CA ALA C 1087 12.52 53.63 -71.49
C ALA C 1087 11.16 53.79 -70.80
N HIS C 1088 10.14 53.17 -71.38
CA HIS C 1088 8.79 53.27 -70.86
C HIS C 1088 8.43 52.02 -70.07
N PHE C 1089 7.94 52.21 -68.85
CA PHE C 1089 7.53 51.12 -68.00
C PHE C 1089 6.03 51.24 -67.72
N PRO C 1090 5.33 50.13 -67.55
CA PRO C 1090 3.89 50.22 -67.26
C PRO C 1090 3.63 50.86 -65.91
N ARG C 1091 2.58 51.69 -65.84
CA ARG C 1091 2.11 52.17 -64.54
C ARG C 1091 1.45 51.04 -63.77
N GLU C 1092 0.61 50.27 -64.46
CA GLU C 1092 -0.03 49.08 -63.92
C GLU C 1092 -0.05 48.05 -65.04
N GLY C 1093 0.12 46.79 -64.68
CA GLY C 1093 0.08 45.76 -65.69
C GLY C 1093 1.44 45.54 -66.33
N VAL C 1094 1.42 44.76 -67.41
CA VAL C 1094 2.63 44.38 -68.13
C VAL C 1094 2.43 44.59 -69.62
N PHE C 1095 3.55 44.63 -70.34
CA PHE C 1095 3.54 44.67 -71.79
C PHE C 1095 3.45 43.26 -72.36
N VAL C 1096 2.60 43.09 -73.37
CA VAL C 1096 2.42 41.81 -74.03
C VAL C 1096 2.47 42.03 -75.54
N SER C 1097 2.78 40.97 -76.25
CA SER C 1097 2.77 40.97 -77.71
C SER C 1097 2.07 39.72 -78.22
N ASN C 1098 1.17 39.90 -79.18
CA ASN C 1098 0.51 38.77 -79.81
C ASN C 1098 1.28 38.25 -81.01
N GLY C 1099 2.50 38.74 -81.20
CA GLY C 1099 3.37 38.37 -82.30
C GLY C 1099 3.57 39.46 -83.33
N THR C 1100 2.67 40.43 -83.40
CA THR C 1100 2.82 41.52 -84.36
C THR C 1100 2.71 42.89 -83.70
N HIS C 1101 1.93 42.99 -82.62
CA HIS C 1101 1.70 44.26 -81.95
C HIS C 1101 1.90 44.13 -80.45
N TRP C 1102 2.45 45.18 -79.83
CA TRP C 1102 2.65 45.25 -78.40
C TRP C 1102 1.51 45.97 -77.71
N PHE C 1103 1.04 45.40 -76.60
CA PHE C 1103 -0.05 45.95 -75.81
C PHE C 1103 0.33 45.93 -74.35
N VAL C 1104 -0.40 46.72 -73.56
CA VAL C 1104 -0.28 46.70 -72.10
C VAL C 1104 -1.61 46.20 -71.53
N THR C 1105 -1.52 45.31 -70.55
CA THR C 1105 -2.71 44.71 -69.96
C THR C 1105 -2.46 44.43 -68.48
N GLN C 1106 -3.55 44.42 -67.71
CA GLN C 1106 -3.45 44.12 -66.29
C GLN C 1106 -2.92 42.70 -66.07
N ARG C 1107 -2.07 42.56 -65.06
CA ARG C 1107 -1.39 41.30 -64.77
C ARG C 1107 -2.32 40.12 -64.52
N ASN C 1108 -3.53 40.35 -64.00
CA ASN C 1108 -4.39 39.23 -63.64
C ASN C 1108 -5.56 39.00 -64.60
N PHE C 1109 -5.60 39.66 -65.75
CA PHE C 1109 -6.70 39.46 -66.68
C PHE C 1109 -6.33 40.04 -68.04
N TYR C 1110 -6.38 39.22 -69.09
CA TYR C 1110 -5.95 39.72 -70.39
C TYR C 1110 -6.95 40.72 -70.93
N GLU C 1111 -6.49 41.95 -71.13
CA GLU C 1111 -7.34 43.04 -71.60
C GLU C 1111 -6.45 44.03 -72.34
N PRO C 1112 -6.08 43.73 -73.58
CA PRO C 1112 -5.04 44.52 -74.25
C PRO C 1112 -5.53 45.93 -74.56
N GLN C 1113 -4.66 46.90 -74.29
CA GLN C 1113 -4.92 48.30 -74.61
C GLN C 1113 -3.75 48.86 -75.40
N ILE C 1114 -4.02 49.89 -76.18
CA ILE C 1114 -2.94 50.57 -76.91
C ILE C 1114 -2.01 51.23 -75.91
N ILE C 1115 -0.71 51.12 -76.16
CA ILE C 1115 0.29 51.69 -75.27
C ILE C 1115 0.36 53.20 -75.50
N THR C 1116 0.11 53.97 -74.45
CA THR C 1116 0.07 55.43 -74.52
C THR C 1116 0.85 56.01 -73.36
N THR C 1117 1.03 57.34 -73.40
CA THR C 1117 1.72 58.02 -72.30
C THR C 1117 0.90 58.03 -71.02
N ASP C 1118 -0.38 57.65 -71.07
CA ASP C 1118 -1.22 57.58 -69.89
C ASP C 1118 -1.23 56.19 -69.27
N ASN C 1119 -0.55 55.23 -69.90
CA ASN C 1119 -0.41 53.88 -69.39
C ASN C 1119 1.00 53.60 -68.88
N THR C 1120 1.99 54.31 -69.39
CA THR C 1120 3.39 54.08 -69.09
C THR C 1120 4.01 55.33 -68.50
N PHE C 1121 5.21 55.16 -67.92
CA PHE C 1121 6.00 56.24 -67.40
C PHE C 1121 7.44 56.10 -67.90
N VAL C 1122 8.17 57.20 -67.92
CA VAL C 1122 9.52 57.25 -68.46
C VAL C 1122 10.51 57.32 -67.30
N SER C 1123 11.54 56.47 -67.36
CA SER C 1123 12.65 56.51 -66.40
C SER C 1123 13.90 55.99 -67.08
N GLY C 1124 14.93 56.83 -67.14
CA GLY C 1124 16.17 56.38 -67.77
C GLY C 1124 16.06 56.32 -69.28
N ASN C 1125 16.91 55.47 -69.87
CA ASN C 1125 17.02 55.37 -71.31
C ASN C 1125 17.25 53.91 -71.70
N CYS C 1126 17.28 53.68 -73.02
CA CYS C 1126 17.32 52.34 -73.60
C CYS C 1126 18.60 51.57 -73.34
N ASP C 1127 19.67 52.21 -72.88
CA ASP C 1127 20.95 51.55 -72.71
C ASP C 1127 21.13 50.87 -71.36
N VAL C 1128 20.13 50.95 -70.47
CA VAL C 1128 20.25 50.42 -69.13
C VAL C 1128 19.44 49.14 -68.93
N VAL C 1129 18.21 49.11 -69.44
CA VAL C 1129 17.28 48.03 -69.12
C VAL C 1129 17.60 46.81 -69.97
N ILE C 1130 17.78 45.67 -69.31
CA ILE C 1130 18.08 44.41 -69.99
C ILE C 1130 16.77 43.82 -70.53
N GLY C 1131 16.73 43.58 -71.83
CA GLY C 1131 15.55 43.01 -72.46
C GLY C 1131 14.55 44.02 -72.99
N ILE C 1132 14.89 45.31 -73.01
CA ILE C 1132 14.00 46.33 -73.53
C ILE C 1132 13.83 46.13 -75.03
N VAL C 1133 12.61 46.34 -75.53
CA VAL C 1133 12.31 46.13 -76.94
C VAL C 1133 11.88 47.45 -77.57
N ASN C 1134 11.99 47.49 -78.90
CA ASN C 1134 11.60 48.66 -79.67
C ASN C 1134 10.11 48.57 -80.02
N ASN C 1135 9.40 49.67 -79.85
CA ASN C 1135 8.02 49.80 -80.29
C ASN C 1135 7.70 51.29 -80.41
N THR C 1136 6.42 51.64 -80.44
CA THR C 1136 5.99 53.03 -80.44
C THR C 1136 4.99 53.24 -79.32
N VAL C 1137 5.02 54.44 -78.74
CA VAL C 1137 4.09 54.84 -77.70
C VAL C 1137 3.20 55.96 -78.22
N TYR C 1138 1.90 55.73 -78.21
CA TYR C 1138 0.94 56.68 -78.74
C TYR C 1138 0.77 57.84 -77.77
N ASP C 1139 0.77 59.06 -78.30
CA ASP C 1139 0.58 60.24 -77.46
C ASP C 1139 -0.81 60.79 -77.69
N PRO C 1140 -1.74 60.63 -76.74
CA PRO C 1140 -3.11 61.12 -76.96
C PRO C 1140 -3.21 62.60 -77.24
N LEU C 1141 -2.19 63.39 -76.88
CA LEU C 1141 -2.25 64.83 -77.10
C LEU C 1141 -2.01 65.20 -78.55
N GLN C 1142 -1.14 64.45 -79.25
CA GLN C 1142 -0.76 64.80 -80.62
C GLN C 1142 -1.95 65.03 -81.55
N PRO C 1143 -2.92 64.10 -81.69
CA PRO C 1143 -4.02 64.35 -82.64
C PRO C 1143 -4.88 65.55 -82.28
N GLU C 1144 -4.87 65.98 -81.02
CA GLU C 1144 -5.69 67.12 -80.63
C GLU C 1144 -5.06 68.44 -81.06
N LEU C 1145 -3.73 68.50 -81.09
CA LEU C 1145 -3.02 69.70 -81.53
C LEU C 1145 -2.77 69.70 -83.02
N ASP C 1146 -2.70 68.52 -83.65
CA ASP C 1146 -2.46 68.45 -85.08
C ASP C 1146 -3.65 68.98 -85.87
N SER C 1147 -4.87 68.64 -85.43
CA SER C 1147 -6.07 69.11 -86.09
C SER C 1147 -6.46 70.51 -85.60
N GLN D 14 42.27 -71.56 34.59
CA GLN D 14 41.88 -72.61 35.52
C GLN D 14 41.44 -71.97 36.84
N LEU D 15 40.63 -70.93 36.73
CA LEU D 15 40.05 -70.26 37.89
C LEU D 15 38.69 -70.90 38.19
N GLN D 16 38.61 -71.69 39.26
CA GLN D 16 37.44 -72.47 39.59
C GLN D 16 37.09 -72.26 41.05
N LEU D 17 35.79 -72.23 41.34
CA LEU D 17 35.28 -72.03 42.69
C LEU D 17 34.51 -73.28 43.12
N GLN D 18 34.78 -73.75 44.33
CA GLN D 18 34.23 -75.00 44.85
C GLN D 18 33.44 -74.71 46.12
N GLU D 19 32.14 -74.98 46.08
CA GLU D 19 31.25 -74.74 47.21
C GLU D 19 31.05 -76.02 48.00
N SER D 20 31.00 -75.89 49.33
CA SER D 20 30.75 -77.00 50.22
C SER D 20 29.87 -76.53 51.37
N GLY D 21 28.94 -77.39 51.78
CA GLY D 21 28.09 -77.09 52.91
C GLY D 21 27.12 -78.22 53.20
N PRO D 22 26.48 -78.17 54.37
CA PRO D 22 25.47 -79.18 54.70
C PRO D 22 24.20 -78.99 53.89
N GLY D 23 23.71 -80.09 53.31
CA GLY D 23 22.53 -80.01 52.48
C GLY D 23 21.26 -79.70 53.25
N LEU D 24 21.21 -80.08 54.52
CA LEU D 24 20.06 -79.85 55.38
C LEU D 24 20.47 -78.99 56.56
N VAL D 25 19.71 -77.94 56.83
CA VAL D 25 19.91 -77.08 57.99
C VAL D 25 18.61 -77.01 58.77
N LYS D 26 18.72 -76.96 60.10
CA LYS D 26 17.56 -76.93 60.97
C LYS D 26 17.06 -75.50 61.16
N PRO D 27 15.74 -75.30 61.13
CA PRO D 27 15.19 -73.95 61.23
C PRO D 27 15.61 -73.25 62.51
N SER D 28 15.73 -71.92 62.41
CA SER D 28 16.09 -71.03 63.52
C SER D 28 17.58 -71.14 63.88
N GLN D 29 18.26 -72.14 63.34
CA GLN D 29 19.69 -72.31 63.56
C GLN D 29 20.46 -71.59 62.45
N THR D 30 21.78 -71.60 62.55
CA THR D 30 22.63 -70.83 61.65
C THR D 30 23.04 -71.70 60.47
N LEU D 31 22.92 -71.16 59.26
CA LEU D 31 23.40 -71.81 58.05
C LEU D 31 24.81 -71.33 57.74
N SER D 32 25.66 -72.27 57.32
CA SER D 32 27.07 -71.97 57.05
C SER D 32 27.49 -72.67 55.77
N LEU D 33 28.02 -71.90 54.83
CA LEU D 33 28.51 -72.41 53.56
C LEU D 33 29.96 -71.99 53.37
N THR D 34 30.62 -72.62 52.39
CA THR D 34 31.99 -72.28 52.03
C THR D 34 32.09 -72.18 50.51
N CYS D 35 33.03 -71.35 50.05
CA CYS D 35 33.28 -71.15 48.63
C CYS D 35 34.80 -71.08 48.44
N THR D 36 35.41 -72.22 48.19
CA THR D 36 36.86 -72.32 48.07
C THR D 36 37.31 -72.00 46.65
N VAL D 37 38.32 -71.13 46.55
CA VAL D 37 38.85 -70.67 45.26
C VAL D 37 40.05 -71.53 44.92
N SER D 38 40.07 -72.07 43.70
CA SER D 38 41.20 -72.84 43.20
C SER D 38 41.79 -72.17 41.96
N GLY D 39 43.04 -72.50 41.68
CA GLY D 39 43.74 -71.93 40.54
C GLY D 39 43.92 -70.43 40.64
N GLY D 40 44.65 -69.98 41.66
CA GLY D 40 44.88 -68.58 41.91
C GLY D 40 44.69 -68.26 43.38
N SER D 41 44.65 -66.96 43.67
CA SER D 41 44.44 -66.47 45.02
C SER D 41 43.14 -65.67 45.07
N ILE D 42 42.46 -65.74 46.22
CA ILE D 42 41.17 -65.07 46.32
C ILE D 42 41.35 -63.56 46.47
N SER D 43 42.43 -63.12 47.10
CA SER D 43 42.66 -61.69 47.30
C SER D 43 43.73 -61.21 46.32
N SER D 44 43.35 -61.12 45.05
CA SER D 44 44.32 -60.75 44.03
C SER D 44 43.85 -59.55 43.23
N GLY D 45 42.82 -59.74 42.40
CA GLY D 45 42.36 -58.70 41.51
C GLY D 45 41.47 -57.68 42.19
N SER D 46 40.73 -56.95 41.36
CA SER D 46 39.76 -55.96 41.82
C SER D 46 38.37 -56.57 41.71
N TYR D 47 38.05 -57.47 42.63
CA TYR D 47 36.84 -58.28 42.53
C TYR D 47 35.95 -58.08 43.75
N ASN D 48 34.64 -58.13 43.52
CA ASN D 48 33.64 -58.16 44.58
C ASN D 48 33.12 -59.59 44.69
N TRP D 49 33.45 -60.26 45.78
CA TRP D 49 33.04 -61.65 45.98
C TRP D 49 31.64 -61.63 46.61
N THR D 50 30.65 -62.05 45.83
CA THR D 50 29.25 -61.95 46.21
C THR D 50 28.65 -63.33 46.47
N TRP D 51 27.49 -63.33 47.09
CA TRP D 51 26.70 -64.54 47.30
C TRP D 51 25.32 -64.35 46.68
N ILE D 52 24.82 -65.39 46.02
CA ILE D 52 23.52 -65.34 45.34
C ILE D 52 22.82 -66.67 45.57
N ARG D 53 21.54 -66.60 45.93
CA ARG D 53 20.72 -67.78 46.12
C ARG D 53 19.55 -67.76 45.14
N GLN D 54 19.04 -68.95 44.82
CA GLN D 54 17.97 -69.06 43.83
C GLN D 54 16.99 -70.15 44.24
N PRO D 55 15.80 -69.78 44.70
CA PRO D 55 14.77 -70.80 44.99
C PRO D 55 14.41 -71.58 43.73
N ALA D 56 14.26 -72.89 43.90
CA ALA D 56 13.97 -73.77 42.76
C ALA D 56 12.71 -73.31 42.05
N GLY D 57 12.87 -72.91 40.79
CA GLY D 57 11.76 -72.43 39.99
C GLY D 57 11.59 -70.93 39.97
N LYS D 58 12.27 -70.21 40.85
CA LYS D 58 12.20 -68.75 40.92
C LYS D 58 13.53 -68.14 40.48
N GLY D 59 13.67 -66.83 40.69
CA GLY D 59 14.78 -66.08 40.16
C GLY D 59 15.93 -65.95 41.15
N LEU D 60 16.98 -65.28 40.70
CA LEU D 60 18.19 -65.10 41.50
C LEU D 60 17.99 -63.96 42.50
N GLU D 61 18.61 -64.12 43.67
CA GLU D 61 18.52 -63.12 44.73
C GLU D 61 19.93 -62.81 45.22
N TRP D 62 20.31 -61.54 45.15
CA TRP D 62 21.63 -61.10 45.58
C TRP D 62 21.65 -60.96 47.10
N ILE D 63 22.53 -61.71 47.75
CA ILE D 63 22.60 -61.74 49.21
C ILE D 63 23.51 -60.65 49.74
N GLY D 64 24.73 -60.57 49.22
CA GLY D 64 25.67 -59.58 49.70
C GLY D 64 26.95 -59.61 48.88
N ARG D 65 28.02 -59.09 49.48
CA ARG D 65 29.31 -59.07 48.83
C ARG D 65 30.39 -58.78 49.87
N ILE D 66 31.64 -58.95 49.46
CA ILE D 66 32.80 -58.62 50.28
C ILE D 66 33.92 -58.17 49.36
N TYR D 67 34.67 -57.16 49.79
CA TYR D 67 35.70 -56.56 48.95
C TYR D 67 36.83 -56.05 49.84
N ASN D 68 37.86 -55.53 49.20
CA ASN D 68 39.05 -54.99 49.86
C ASN D 68 39.64 -55.95 50.88
N SER D 69 39.52 -55.62 52.16
CA SER D 69 40.08 -56.43 53.25
C SER D 69 39.07 -56.57 54.38
N GLY D 70 37.83 -56.90 54.03
CA GLY D 70 36.83 -57.15 55.05
C GLY D 70 35.51 -56.43 54.84
N SER D 71 35.55 -55.22 54.29
CA SER D 71 34.35 -54.42 54.09
C SER D 71 33.31 -55.20 53.31
N THR D 72 32.05 -55.04 53.71
CA THR D 72 30.94 -55.81 53.13
C THR D 72 29.73 -54.90 52.96
N ASN D 73 28.87 -55.29 52.01
CA ASN D 73 27.58 -54.66 51.81
C ASN D 73 26.56 -55.74 51.50
N TYR D 74 25.48 -55.78 52.28
CA TYR D 74 24.51 -56.85 52.20
C TYR D 74 23.18 -56.33 51.65
N ASN D 75 22.30 -57.27 51.32
CA ASN D 75 20.94 -56.92 50.96
C ASN D 75 20.20 -56.41 52.19
N PRO D 76 19.57 -55.23 52.13
CA PRO D 76 18.92 -54.69 53.33
C PRO D 76 17.83 -55.57 53.89
N SER D 77 17.08 -56.28 53.04
CA SER D 77 16.04 -57.18 53.53
C SER D 77 16.63 -58.36 54.31
N LEU D 78 17.92 -58.64 54.17
CA LEU D 78 18.57 -59.75 54.86
C LEU D 78 19.85 -59.33 55.57
N LYS D 79 20.09 -58.02 55.71
CA LYS D 79 21.41 -57.55 56.13
C LYS D 79 21.74 -57.98 57.55
N SER D 80 20.74 -58.01 58.44
CA SER D 80 21.00 -58.28 59.84
C SER D 80 21.27 -59.75 60.12
N ARG D 81 20.85 -60.64 59.24
CA ARG D 81 20.96 -62.07 59.47
C ARG D 81 22.12 -62.72 58.72
N VAL D 82 22.80 -61.99 57.84
CA VAL D 82 23.83 -62.55 56.98
C VAL D 82 25.20 -62.07 57.44
N THR D 83 26.19 -62.93 57.26
CA THR D 83 27.59 -62.58 57.50
C THR D 83 28.44 -63.22 56.42
N ILE D 84 29.31 -62.43 55.81
CA ILE D 84 30.17 -62.88 54.71
C ILE D 84 31.61 -62.56 55.09
N SER D 85 32.42 -63.60 55.27
CA SER D 85 33.82 -63.46 55.66
C SER D 85 34.72 -64.04 54.58
N VAL D 86 36.02 -63.77 54.72
CA VAL D 86 37.04 -64.29 53.81
C VAL D 86 38.20 -64.81 54.65
N ASP D 87 38.59 -66.06 54.41
CA ASP D 87 39.75 -66.67 55.05
C ASP D 87 40.85 -66.75 53.99
N THR D 88 41.77 -65.78 54.03
CA THR D 88 42.81 -65.69 53.01
C THR D 88 43.78 -66.86 53.10
N SER D 89 44.08 -67.32 54.32
CA SER D 89 44.98 -68.45 54.48
C SER D 89 44.40 -69.71 53.83
N LYS D 90 43.13 -69.99 54.10
CA LYS D 90 42.44 -71.08 53.43
C LYS D 90 41.99 -70.72 52.01
N ASN D 91 42.16 -69.46 51.61
CA ASN D 91 41.85 -69.02 50.24
C ASN D 91 40.39 -69.30 49.88
N GLN D 92 39.49 -68.94 50.79
CA GLN D 92 38.07 -69.22 50.60
C GLN D 92 37.25 -68.14 51.28
N LEU D 93 36.03 -67.95 50.78
CA LEU D 93 35.04 -67.09 51.43
C LEU D 93 33.87 -67.94 51.90
N SER D 94 33.30 -67.53 53.03
CA SER D 94 32.22 -68.29 53.67
C SER D 94 30.97 -67.42 53.77
N LEU D 95 29.83 -68.09 53.92
CA LEU D 95 28.54 -67.43 54.09
C LEU D 95 27.90 -67.91 55.38
N LYS D 96 27.37 -66.96 56.15
CA LYS D 96 26.66 -67.27 57.39
C LYS D 96 25.27 -66.65 57.33
N VAL D 97 24.24 -67.49 57.44
CA VAL D 97 22.85 -67.05 57.46
C VAL D 97 22.24 -67.55 58.76
N ARG D 98 21.91 -66.61 59.65
CA ARG D 98 21.42 -66.92 60.98
C ARG D 98 19.90 -66.88 61.02
N SER D 99 19.31 -67.69 61.90
CA SER D 99 17.87 -67.74 62.13
C SER D 99 17.12 -67.99 60.82
N VAL D 100 17.42 -69.13 60.20
CA VAL D 100 16.86 -69.44 58.90
C VAL D 100 15.40 -69.87 59.04
N THR D 101 14.65 -69.72 57.95
CA THR D 101 13.27 -70.16 57.86
C THR D 101 13.08 -70.96 56.58
N ALA D 102 11.85 -71.46 56.38
CA ALA D 102 11.56 -72.20 55.16
C ALA D 102 11.73 -71.32 53.92
N ALA D 103 11.56 -70.02 54.06
CA ALA D 103 11.73 -69.11 52.93
C ALA D 103 13.18 -68.97 52.48
N ASP D 104 14.13 -69.46 53.27
CA ASP D 104 15.54 -69.42 52.91
C ASP D 104 16.00 -70.65 52.16
N THR D 105 15.08 -71.56 51.82
CA THR D 105 15.43 -72.74 51.03
C THR D 105 15.65 -72.34 49.58
N ALA D 106 16.88 -72.49 49.12
CA ALA D 106 17.25 -72.08 47.76
C ALA D 106 18.57 -72.75 47.39
N VAL D 107 18.90 -72.67 46.10
CA VAL D 107 20.21 -73.07 45.61
C VAL D 107 21.14 -71.87 45.69
N TYR D 108 22.19 -71.98 46.50
CA TYR D 108 23.10 -70.88 46.77
C TYR D 108 24.33 -70.98 45.87
N TYR D 109 24.68 -69.87 45.23
CA TYR D 109 25.87 -69.78 44.41
C TYR D 109 26.81 -68.75 45.01
N CYS D 110 28.10 -68.91 44.71
CA CYS D 110 29.08 -67.85 44.91
C CYS D 110 29.69 -67.46 43.58
N ALA D 111 29.91 -66.17 43.39
CA ALA D 111 30.52 -65.65 42.18
C ALA D 111 31.40 -64.47 42.55
N ARG D 112 32.19 -64.01 41.59
CA ARG D 112 33.05 -62.85 41.77
C ARG D 112 32.62 -61.76 40.80
N HIS D 113 32.52 -60.53 41.30
CA HIS D 113 32.07 -59.39 40.52
C HIS D 113 33.26 -58.46 40.36
N CYS D 114 33.64 -58.17 39.13
CA CYS D 114 34.81 -57.36 38.86
C CYS D 114 34.48 -55.87 38.89
N SER D 115 35.30 -55.11 39.62
CA SER D 115 35.18 -53.67 39.71
C SER D 115 36.60 -53.09 39.75
N GLY D 116 37.28 -53.12 38.62
CA GLY D 116 38.60 -52.54 38.56
C GLY D 116 39.30 -52.84 37.26
N GLY D 117 40.58 -52.48 37.23
CA GLY D 117 41.41 -52.65 36.04
C GLY D 117 42.38 -53.80 36.13
N THR D 118 42.45 -54.45 37.30
CA THR D 118 43.32 -55.60 37.49
C THR D 118 42.52 -56.90 37.43
N CYS D 119 41.52 -56.96 36.55
CA CYS D 119 40.72 -58.15 36.34
C CYS D 119 41.20 -58.85 35.08
N TYR D 120 41.38 -60.17 35.16
CA TYR D 120 41.65 -60.96 33.98
C TYR D 120 40.60 -62.06 33.86
N PRO D 121 39.84 -62.13 32.76
CA PRO D 121 39.80 -61.10 31.72
C PRO D 121 39.08 -59.83 32.17
N LYS D 122 39.25 -58.73 31.44
CA LYS D 122 38.69 -57.43 31.83
C LYS D 122 37.21 -57.38 31.45
N TYR D 123 36.41 -58.13 32.21
CA TYR D 123 34.95 -58.11 32.08
C TYR D 123 34.39 -57.18 33.15
N TYR D 124 34.33 -55.89 32.80
CA TYR D 124 33.90 -54.89 33.78
C TYR D 124 32.43 -55.08 34.14
N TYR D 125 32.13 -54.99 35.43
CA TYR D 125 30.80 -55.10 36.01
C TYR D 125 30.19 -56.48 35.84
N GLY D 126 30.90 -57.44 35.25
CA GLY D 126 30.37 -58.76 34.98
C GLY D 126 30.78 -59.75 36.05
N MET D 127 29.88 -60.68 36.35
CA MET D 127 30.18 -61.76 37.29
C MET D 127 30.93 -62.85 36.55
N ASP D 128 32.26 -62.81 36.64
CA ASP D 128 33.13 -63.61 35.77
C ASP D 128 32.94 -65.11 35.97
N VAL D 129 33.37 -65.63 37.12
CA VAL D 129 33.38 -67.06 37.39
C VAL D 129 32.41 -67.35 38.52
N TRP D 130 31.54 -68.35 38.31
CA TRP D 130 30.53 -68.75 39.28
C TRP D 130 30.93 -70.06 39.93
N GLY D 131 30.30 -70.36 41.06
CA GLY D 131 30.39 -71.68 41.65
C GLY D 131 29.35 -72.64 41.11
N GLN D 132 29.57 -73.93 41.40
CA GLN D 132 28.65 -74.94 40.89
C GLN D 132 27.28 -74.86 41.56
N GLY D 133 27.24 -74.40 42.81
CA GLY D 133 25.96 -74.28 43.51
C GLY D 133 25.65 -75.42 44.45
N THR D 134 25.50 -75.12 45.72
CA THR D 134 25.09 -76.10 46.73
C THR D 134 23.63 -75.88 47.08
N THR D 135 22.89 -76.98 47.21
CA THR D 135 21.46 -76.93 47.47
C THR D 135 21.23 -76.99 48.99
N VAL D 136 20.56 -75.96 49.52
CA VAL D 136 20.23 -75.87 50.94
C VAL D 136 18.73 -76.07 51.09
N THR D 137 18.35 -77.02 51.93
CA THR D 137 16.94 -77.29 52.24
C THR D 137 16.72 -77.06 53.73
N VAL D 138 15.94 -76.03 54.06
CA VAL D 138 15.68 -75.67 55.45
C VAL D 138 14.44 -76.43 55.89
N SER D 139 14.65 -77.49 56.66
CA SER D 139 13.55 -78.28 57.21
C SER D 139 14.08 -79.13 58.36
N SER D 140 13.21 -79.36 59.35
CA SER D 140 13.62 -80.09 60.54
C SER D 140 13.71 -81.60 60.28
N ALA D 141 12.91 -82.11 59.36
CA ALA D 141 12.90 -83.54 59.06
C ALA D 141 14.21 -83.97 58.39
N GLN E 14 14.92 -56.03 43.81
CA GLN E 14 14.06 -57.20 43.90
C GLN E 14 13.50 -57.58 42.52
N SER E 15 12.22 -57.25 42.30
CA SER E 15 11.57 -57.46 41.01
C SER E 15 11.59 -56.20 40.14
N ALA E 16 12.62 -55.36 40.30
CA ALA E 16 12.72 -54.15 39.49
C ALA E 16 12.81 -54.49 38.01
N LEU E 17 13.70 -55.40 37.65
CA LEU E 17 13.82 -55.84 36.26
C LEU E 17 12.75 -56.89 35.97
N THR E 18 12.00 -56.66 34.89
CA THR E 18 10.91 -57.54 34.50
C THR E 18 11.18 -58.11 33.10
N GLN E 19 11.15 -59.44 32.99
CA GLN E 19 11.32 -60.11 31.73
C GLN E 19 10.11 -60.99 31.42
N PRO E 20 9.79 -61.21 30.15
CA PRO E 20 8.76 -62.19 29.80
C PRO E 20 9.15 -63.59 30.26
N PRO E 21 8.20 -64.37 30.77
CA PRO E 21 8.56 -65.70 31.28
C PRO E 21 9.07 -66.65 30.21
N SER E 22 8.52 -66.57 28.99
CA SER E 22 8.97 -67.43 27.90
C SER E 22 8.83 -66.68 26.59
N VAL E 23 9.76 -66.95 25.68
CA VAL E 23 9.69 -66.47 24.29
C VAL E 23 10.12 -67.62 23.39
N SER E 24 9.35 -67.85 22.33
CA SER E 24 9.63 -68.94 21.40
C SER E 24 9.60 -68.42 19.97
N GLU E 25 10.56 -68.88 19.16
CA GLU E 25 10.62 -68.54 17.75
C GLU E 25 11.15 -69.73 16.97
N ALA E 26 11.01 -69.66 15.65
CA ALA E 26 11.45 -70.73 14.77
C ALA E 26 12.96 -70.75 14.63
N PRO E 27 13.54 -71.88 14.25
CA PRO E 27 14.99 -71.94 14.05
C PRO E 27 15.44 -70.99 12.95
N ARG E 28 16.66 -70.46 13.12
CA ARG E 28 17.27 -69.52 12.17
C ARG E 28 16.47 -68.22 12.05
N GLN E 29 15.74 -67.86 13.09
CA GLN E 29 15.03 -66.60 13.18
C GLN E 29 15.75 -65.69 14.19
N ARG E 30 15.13 -64.54 14.47
CA ARG E 30 15.68 -63.56 15.39
C ARG E 30 14.71 -63.35 16.55
N VAL E 31 15.25 -63.33 17.76
CA VAL E 31 14.46 -63.20 18.98
C VAL E 31 15.03 -62.06 19.81
N THR E 32 14.15 -61.26 20.40
CA THR E 32 14.55 -60.14 21.26
C THR E 32 13.97 -60.37 22.64
N ILE E 33 14.83 -60.36 23.65
CA ILE E 33 14.44 -60.51 25.05
C ILE E 33 14.62 -59.15 25.71
N SER E 34 13.52 -58.50 26.04
CA SER E 34 13.54 -57.17 26.63
C SER E 34 13.64 -57.25 28.14
N CYS E 35 14.19 -56.20 28.74
CA CYS E 35 14.40 -56.12 30.18
C CYS E 35 14.02 -54.72 30.62
N SER E 36 12.88 -54.59 31.30
CA SER E 36 12.34 -53.31 31.71
C SER E 36 12.70 -53.01 33.16
N GLY E 37 13.21 -51.82 33.42
CA GLY E 37 13.55 -51.40 34.76
C GLY E 37 13.18 -49.96 35.02
N SER E 38 13.87 -49.32 35.96
CA SER E 38 13.64 -47.91 36.27
C SER E 38 14.97 -47.16 36.18
N SER E 39 14.91 -45.85 36.44
CA SER E 39 16.08 -45.00 36.31
C SER E 39 17.10 -45.26 37.41
N SER E 40 16.70 -45.91 38.50
CA SER E 40 17.64 -46.19 39.59
C SER E 40 18.55 -47.37 39.30
N ASN E 41 18.17 -48.24 38.36
CA ASN E 41 19.05 -49.34 37.97
C ASN E 41 19.52 -49.16 36.52
N ILE E 42 18.67 -49.53 35.55
CA ILE E 42 19.10 -49.52 34.15
C ILE E 42 19.46 -48.11 33.71
N GLY E 43 18.79 -47.10 34.26
CA GLY E 43 19.01 -45.73 33.83
C GLY E 43 20.39 -45.19 34.14
N ASN E 44 21.00 -45.63 35.25
CA ASN E 44 22.28 -45.07 35.69
C ASN E 44 23.28 -46.15 36.07
N ASN E 45 23.07 -47.40 35.65
CA ASN E 45 23.99 -48.47 35.99
C ASN E 45 24.07 -49.45 34.83
N ALA E 46 25.19 -50.17 34.76
CA ALA E 46 25.40 -51.13 33.70
C ALA E 46 24.46 -52.33 33.86
N VAL E 47 24.09 -52.91 32.72
CA VAL E 47 23.18 -54.05 32.66
C VAL E 47 23.96 -55.26 32.21
N ASN E 48 23.92 -56.33 33.00
CA ASN E 48 24.57 -57.58 32.68
C ASN E 48 23.53 -58.65 32.37
N TRP E 49 23.85 -59.53 31.42
CA TRP E 49 22.98 -60.64 31.05
C TRP E 49 23.67 -61.96 31.38
N TYR E 50 22.89 -62.93 31.84
CA TYR E 50 23.41 -64.24 32.19
C TYR E 50 22.52 -65.32 31.59
N GLN E 51 23.17 -66.42 31.20
CA GLN E 51 22.48 -67.59 30.66
C GLN E 51 22.59 -68.73 31.65
N GLN E 52 21.47 -69.39 31.93
CA GLN E 52 21.40 -70.46 32.92
C GLN E 52 20.70 -71.66 32.30
N PHE E 53 21.43 -72.75 32.13
CA PHE E 53 20.86 -73.99 31.63
C PHE E 53 20.23 -74.77 32.78
N PRO E 54 19.30 -75.68 32.47
CA PRO E 54 18.67 -76.47 33.53
C PRO E 54 19.69 -77.26 34.34
N GLY E 55 19.63 -77.10 35.66
CA GLY E 55 20.49 -77.85 36.55
C GLY E 55 21.92 -77.38 36.64
N LYS E 56 22.21 -76.16 36.17
CA LYS E 56 23.56 -75.62 36.19
C LYS E 56 23.51 -74.17 36.66
N ALA E 57 24.70 -73.63 36.93
CA ALA E 57 24.83 -72.26 37.37
C ALA E 57 24.69 -71.29 36.20
N PRO E 58 24.30 -70.05 36.46
CA PRO E 58 24.22 -69.07 35.37
C PRO E 58 25.59 -68.78 34.77
N LYS E 59 25.58 -68.50 33.47
CA LYS E 59 26.79 -68.21 32.71
C LYS E 59 26.71 -66.80 32.17
N LEU E 60 27.79 -66.03 32.36
CA LEU E 60 27.82 -64.66 31.86
C LEU E 60 27.70 -64.63 30.35
N LEU E 61 26.65 -64.00 29.86
CA LEU E 61 26.35 -63.94 28.43
C LEU E 61 26.65 -62.58 27.83
N ILE E 62 26.18 -61.50 28.46
CA ILE E 62 26.47 -60.14 28.04
C ILE E 62 26.85 -59.34 29.29
N TYR E 63 27.99 -58.67 29.23
CA TYR E 63 28.46 -57.84 30.33
C TYR E 63 28.59 -56.39 29.89
N TYR E 64 28.25 -55.48 30.80
CA TYR E 64 28.28 -54.04 30.58
C TYR E 64 27.49 -53.65 29.34
N ASP E 65 26.19 -53.94 29.40
CA ASP E 65 25.15 -53.53 28.44
C ASP E 65 25.29 -54.21 27.09
N ASP E 66 26.51 -54.20 26.50
CA ASP E 66 26.62 -54.66 25.13
C ASP E 66 27.94 -55.37 24.82
N LEU E 67 28.74 -55.76 25.82
CA LEU E 67 30.01 -56.41 25.57
C LEU E 67 29.87 -57.93 25.59
N LEU E 68 30.63 -58.59 24.72
CA LEU E 68 30.55 -60.03 24.54
C LEU E 68 31.82 -60.68 25.06
N PRO E 69 31.72 -61.67 25.95
CA PRO E 69 32.92 -62.37 26.41
C PRO E 69 33.44 -63.32 25.34
N SER E 70 34.73 -63.64 25.47
CA SER E 70 35.34 -64.64 24.61
C SER E 70 34.79 -66.02 24.91
N GLY E 71 34.46 -66.77 23.85
CA GLY E 71 33.88 -68.08 23.97
C GLY E 71 32.39 -68.12 23.77
N VAL E 72 31.72 -66.97 23.84
CA VAL E 72 30.28 -66.87 23.59
C VAL E 72 30.06 -66.55 22.12
N SER E 73 29.11 -67.27 21.51
CA SER E 73 28.82 -67.08 20.09
C SER E 73 28.41 -65.64 19.81
N ASP E 74 28.91 -65.11 18.69
CA ASP E 74 28.55 -63.75 18.25
C ASP E 74 27.13 -63.64 17.73
N ARG E 75 26.35 -64.72 17.74
CA ARG E 75 24.93 -64.62 17.49
C ARG E 75 24.20 -63.83 18.57
N PHE E 76 24.80 -63.70 19.76
CA PHE E 76 24.21 -62.94 20.85
C PHE E 76 24.68 -61.49 20.79
N SER E 77 23.79 -60.58 21.17
CA SER E 77 24.12 -59.16 21.24
C SER E 77 23.17 -58.48 22.20
N GLY E 78 23.70 -57.50 22.94
CA GLY E 78 22.89 -56.73 23.87
C GLY E 78 22.73 -55.27 23.45
N SER E 79 21.67 -54.64 23.93
CA SER E 79 21.42 -53.23 23.64
C SER E 79 20.69 -52.60 24.82
N LYS E 80 20.78 -51.28 24.89
CA LYS E 80 20.21 -50.54 26.02
C LYS E 80 19.85 -49.13 25.57
N SER E 81 18.61 -48.73 25.83
CA SER E 81 18.16 -47.38 25.54
C SER E 81 17.23 -46.92 26.65
N GLY E 82 17.64 -45.90 27.40
CA GLY E 82 16.80 -45.37 28.46
C GLY E 82 16.82 -46.29 29.66
N THR E 83 15.63 -46.64 30.16
CA THR E 83 15.49 -47.52 31.32
C THR E 83 15.11 -48.94 30.91
N SER E 84 15.48 -49.34 29.69
CA SER E 84 15.15 -50.67 29.18
C SER E 84 16.34 -51.21 28.42
N ALA E 85 16.55 -52.52 28.54
CA ALA E 85 17.58 -53.23 27.78
C ALA E 85 16.95 -54.38 27.00
N SER E 86 17.67 -54.84 25.98
CA SER E 86 17.19 -55.91 25.13
C SER E 86 18.34 -56.83 24.75
N LEU E 87 18.04 -58.12 24.65
CA LEU E 87 18.99 -59.13 24.21
C LEU E 87 18.52 -59.73 22.88
N ALA E 88 19.40 -59.72 21.88
CA ALA E 88 19.08 -60.21 20.56
C ALA E 88 19.91 -61.45 20.26
N ILE E 89 19.24 -62.50 19.79
CA ILE E 89 19.89 -63.76 19.43
C ILE E 89 19.53 -64.05 17.98
N SER E 90 20.35 -63.54 17.06
CA SER E 90 20.13 -63.75 15.64
C SER E 90 20.56 -65.16 15.27
N GLY E 91 19.62 -65.96 14.75
CA GLY E 91 19.91 -67.33 14.41
C GLY E 91 19.68 -68.30 15.55
N VAL E 92 18.42 -68.40 15.98
CA VAL E 92 18.10 -69.24 17.14
C VAL E 92 18.42 -70.69 16.83
N GLN E 93 18.99 -71.38 17.82
CA GLN E 93 19.44 -72.75 17.66
C GLN E 93 18.99 -73.57 18.88
N SER E 94 18.99 -74.89 18.71
CA SER E 94 18.66 -75.78 19.83
C SER E 94 19.63 -75.61 20.98
N GLU E 95 20.87 -75.21 20.70
CA GLU E 95 21.87 -75.02 21.75
C GLU E 95 21.50 -73.86 22.67
N ASP E 96 20.57 -73.01 22.29
CA ASP E 96 20.31 -71.74 22.98
C ASP E 96 19.17 -71.83 23.98
N GLU E 97 18.52 -73.00 24.10
CA GLU E 97 17.42 -73.16 25.04
C GLU E 97 17.94 -73.10 26.47
N ALA E 98 17.60 -72.04 27.18
CA ALA E 98 18.04 -71.83 28.56
C ALA E 98 17.22 -70.70 29.14
N ASP E 99 17.52 -70.34 30.39
CA ASP E 99 16.95 -69.18 31.05
C ASP E 99 17.93 -68.02 30.96
N TYR E 100 17.42 -66.84 30.60
CA TYR E 100 18.24 -65.65 30.44
C TYR E 100 17.79 -64.60 31.44
N TYR E 101 18.72 -64.14 32.28
CA TYR E 101 18.45 -63.12 33.28
C TYR E 101 19.22 -61.85 32.95
N CYS E 102 18.57 -60.71 33.11
CA CYS E 102 19.25 -59.41 33.09
C CYS E 102 19.52 -58.97 34.52
N ALA E 103 20.67 -58.30 34.70
CA ALA E 103 21.11 -57.87 36.02
C ALA E 103 21.61 -56.44 35.96
N ALA E 104 21.44 -55.73 37.08
CA ALA E 104 21.87 -54.35 37.20
C ALA E 104 21.85 -53.96 38.67
N TRP E 105 22.69 -53.00 39.03
CA TRP E 105 22.76 -52.49 40.39
C TRP E 105 21.76 -51.35 40.55
N ASP E 106 20.85 -51.49 41.50
CA ASP E 106 19.87 -50.46 41.78
C ASP E 106 20.42 -49.49 42.82
N ASP E 107 20.42 -48.19 42.49
CA ASP E 107 20.95 -47.20 43.40
C ASP E 107 20.02 -46.97 44.59
N SER E 108 18.71 -47.17 44.40
CA SER E 108 17.77 -46.99 45.50
C SER E 108 17.82 -48.16 46.48
N LEU E 109 17.77 -49.39 45.97
CA LEU E 109 17.73 -50.56 46.82
C LEU E 109 19.10 -50.94 47.37
N ASN E 110 20.18 -50.45 46.76
CA ASN E 110 21.55 -50.86 47.07
C ASN E 110 21.69 -52.38 46.98
N VAL E 111 21.43 -52.91 45.78
CA VAL E 111 21.25 -54.34 45.55
C VAL E 111 21.43 -54.59 44.06
N VAL E 112 22.05 -55.72 43.72
CA VAL E 112 22.12 -56.19 42.34
C VAL E 112 20.79 -56.86 42.02
N VAL E 113 20.02 -56.27 41.11
CA VAL E 113 18.68 -56.73 40.80
C VAL E 113 18.73 -57.66 39.60
N PHE E 114 18.08 -58.81 39.70
CA PHE E 114 17.95 -59.76 38.61
C PHE E 114 16.52 -59.79 38.11
N GLY E 115 16.36 -59.99 36.81
CA GLY E 115 15.05 -60.17 36.23
C GLY E 115 14.44 -61.52 36.55
N GLY E 116 13.16 -61.66 36.21
CA GLY E 116 12.47 -62.92 36.41
C GLY E 116 12.98 -64.05 35.54
N GLY E 117 13.73 -63.74 34.50
CA GLY E 117 14.23 -64.76 33.60
C GLY E 117 13.30 -65.01 32.42
N THR E 118 13.91 -65.36 31.28
CA THR E 118 13.18 -65.64 30.06
C THR E 118 13.61 -66.99 29.53
N LYS E 119 12.66 -67.90 29.35
CA LYS E 119 12.93 -69.25 28.88
C LYS E 119 12.76 -69.28 27.36
N LEU E 120 13.85 -69.51 26.65
CA LEU E 120 13.83 -69.57 25.20
C LEU E 120 13.63 -71.02 24.76
N THR E 121 12.53 -71.28 24.07
CA THR E 121 12.23 -72.60 23.52
C THR E 121 12.18 -72.51 22.00
N VAL E 122 13.19 -73.06 21.35
CA VAL E 122 13.19 -73.13 19.88
C VAL E 122 12.05 -74.03 19.42
N LEU E 123 11.34 -73.58 18.38
CA LEU E 123 10.05 -74.16 18.02
C LEU E 123 10.17 -75.35 17.08
N GLY E 124 11.17 -75.36 16.21
CA GLY E 124 11.30 -76.41 15.20
C GLY E 124 11.73 -77.76 15.72
N GLN E 125 11.68 -77.95 17.03
CA GLN E 125 12.09 -79.22 17.61
C GLN E 125 11.13 -80.33 17.19
N PRO E 126 11.63 -81.54 16.91
CA PRO E 126 10.79 -82.68 16.52
C PRO E 126 9.95 -83.19 17.68
N GLN F 14 8.28 -16.05 87.90
CA GLN F 14 8.67 -17.24 88.67
C GLN F 14 7.71 -18.37 88.33
N LEU F 15 7.45 -18.55 87.05
CA LEU F 15 6.63 -19.66 86.55
C LEU F 15 7.55 -20.82 86.21
N GLN F 16 7.52 -21.86 87.03
CA GLN F 16 8.44 -22.99 86.91
C GLN F 16 7.66 -24.30 86.98
N LEU F 17 8.10 -25.28 86.20
CA LEU F 17 7.45 -26.58 86.14
C LEU F 17 8.43 -27.63 86.64
N GLN F 18 7.96 -28.52 87.51
CA GLN F 18 8.78 -29.52 88.18
C GLN F 18 8.27 -30.91 87.86
N GLU F 19 9.09 -31.71 87.20
CA GLU F 19 8.72 -33.06 86.78
C GLU F 19 9.26 -34.07 87.79
N SER F 20 8.46 -35.10 88.06
CA SER F 20 8.84 -36.18 88.95
C SER F 20 8.30 -37.49 88.39
N GLY F 21 9.09 -38.55 88.51
CA GLY F 21 8.68 -39.86 88.10
C GLY F 21 9.75 -40.91 88.32
N PRO F 22 9.38 -42.18 88.24
CA PRO F 22 10.36 -43.26 88.40
C PRO F 22 11.29 -43.34 87.20
N GLY F 23 12.59 -43.42 87.47
CA GLY F 23 13.58 -43.45 86.40
C GLY F 23 13.53 -44.73 85.59
N LEU F 24 13.11 -45.84 86.21
CA LEU F 24 13.03 -47.13 85.55
C LEU F 24 11.59 -47.61 85.58
N VAL F 25 11.10 -48.05 84.43
CA VAL F 25 9.77 -48.65 84.31
C VAL F 25 9.91 -50.01 83.65
N LYS F 26 9.08 -50.97 84.09
CA LYS F 26 9.14 -52.33 83.57
C LYS F 26 8.30 -52.46 82.31
N PRO F 27 8.82 -53.18 81.31
CA PRO F 27 8.10 -53.29 80.03
C PRO F 27 6.71 -53.88 80.20
N SER F 28 5.80 -53.45 79.33
CA SER F 28 4.41 -53.90 79.26
C SER F 28 3.58 -53.32 80.40
N GLN F 29 4.23 -52.71 81.39
CA GLN F 29 3.55 -52.08 82.49
C GLN F 29 3.30 -50.61 82.16
N THR F 30 2.62 -49.90 83.05
CA THR F 30 2.19 -48.53 82.80
C THR F 30 3.24 -47.56 83.32
N LEU F 31 3.59 -46.58 82.49
CA LEU F 31 4.47 -45.50 82.90
C LEU F 31 3.66 -44.31 83.39
N SER F 32 4.11 -43.69 84.47
CA SER F 32 3.39 -42.58 85.10
C SER F 32 4.38 -41.49 85.47
N LEU F 33 4.11 -40.28 85.00
CA LEU F 33 4.93 -39.11 85.29
C LEU F 33 4.05 -38.01 85.88
N THR F 34 4.71 -37.00 86.44
CA THR F 34 4.03 -35.84 86.99
C THR F 34 4.75 -34.58 86.53
N CYS F 35 3.99 -33.48 86.41
CA CYS F 35 4.53 -32.18 86.01
C CYS F 35 3.85 -31.13 86.88
N THR F 36 4.48 -30.81 88.01
CA THR F 36 3.91 -29.88 88.99
C THR F 36 4.26 -28.45 88.63
N VAL F 37 3.25 -27.59 88.63
CA VAL F 37 3.40 -26.17 88.28
C VAL F 37 3.61 -25.37 89.56
N SER F 38 4.64 -24.53 89.58
CA SER F 38 4.89 -23.65 90.69
C SER F 38 4.84 -22.19 90.24
N GLY F 39 4.62 -21.30 91.19
CA GLY F 39 4.54 -19.88 90.91
C GLY F 39 3.38 -19.53 90.00
N GLY F 40 2.15 -19.78 90.48
CA GLY F 40 0.95 -19.54 89.71
C GLY F 40 0.01 -20.73 89.80
N SER F 41 -1.02 -20.70 88.96
CA SER F 41 -2.00 -21.77 88.88
C SER F 41 -1.96 -22.40 87.50
N ILE F 42 -2.20 -23.71 87.45
CA ILE F 42 -2.11 -24.41 86.18
C ILE F 42 -3.31 -24.09 85.28
N SER F 43 -4.48 -23.85 85.87
CA SER F 43 -5.67 -23.55 85.07
C SER F 43 -5.97 -22.07 85.14
N SER F 44 -5.15 -21.28 84.44
CA SER F 44 -5.29 -19.84 84.51
C SER F 44 -5.44 -19.23 83.12
N GLY F 45 -4.36 -19.24 82.34
CA GLY F 45 -4.35 -18.59 81.05
C GLY F 45 -5.00 -19.43 79.96
N SER F 46 -4.69 -19.07 78.72
CA SER F 46 -5.15 -19.79 77.54
C SER F 46 -4.00 -20.66 77.03
N TYR F 47 -3.74 -21.75 77.72
CA TYR F 47 -2.57 -22.57 77.48
C TYR F 47 -2.95 -24.00 77.13
N ASN F 48 -2.16 -24.61 76.25
CA ASN F 48 -2.26 -26.04 75.94
C ASN F 48 -1.09 -26.72 76.63
N TRP F 49 -1.40 -27.53 77.65
CA TRP F 49 -0.37 -28.24 78.41
C TRP F 49 -0.05 -29.54 77.69
N THR F 50 1.14 -29.61 77.10
CA THR F 50 1.53 -30.72 76.23
C THR F 50 2.61 -31.56 76.89
N TRP F 51 2.82 -32.74 76.32
CA TRP F 51 3.91 -33.63 76.72
C TRP F 51 4.78 -33.93 75.51
N ILE F 52 6.09 -33.93 75.71
CA ILE F 52 7.06 -34.16 74.64
C ILE F 52 8.18 -35.04 75.18
N ARG F 53 8.54 -36.07 74.41
CA ARG F 53 9.64 -36.96 74.75
C ARG F 53 10.71 -36.87 73.69
N GLN F 54 11.95 -37.19 74.09
CA GLN F 54 13.09 -37.08 73.18
C GLN F 54 14.07 -38.22 73.43
N PRO F 55 14.13 -39.20 72.53
CA PRO F 55 15.16 -40.25 72.67
C PRO F 55 16.55 -39.66 72.60
N ALA F 56 17.43 -40.15 73.48
CA ALA F 56 18.79 -39.64 73.57
C ALA F 56 19.48 -39.73 72.21
N GLY F 57 19.83 -38.58 71.64
CA GLY F 57 20.49 -38.50 70.36
C GLY F 57 19.54 -38.27 69.20
N LYS F 58 18.24 -38.40 69.40
CA LYS F 58 17.25 -38.18 68.36
C LYS F 58 16.45 -36.91 68.65
N GLY F 59 15.37 -36.71 67.89
CA GLY F 59 14.62 -35.48 67.94
C GLY F 59 13.43 -35.54 68.88
N LEU F 60 12.73 -34.42 68.96
CA LEU F 60 11.59 -34.29 69.85
C LEU F 60 10.34 -34.93 69.24
N GLU F 61 9.50 -35.50 70.09
CA GLU F 61 8.28 -36.17 69.66
C GLU F 61 7.11 -35.66 70.50
N TRP F 62 6.11 -35.10 69.84
CA TRP F 62 4.94 -34.56 70.51
C TRP F 62 4.00 -35.69 70.88
N ILE F 63 3.72 -35.83 72.17
CA ILE F 63 2.91 -36.93 72.67
C ILE F 63 1.43 -36.57 72.67
N GLY F 64 1.08 -35.43 73.25
CA GLY F 64 -0.31 -35.03 73.31
C GLY F 64 -0.44 -33.65 73.91
N ARG F 65 -1.64 -33.37 74.42
CA ARG F 65 -1.93 -32.08 75.05
C ARG F 65 -3.20 -32.19 75.85
N ILE F 66 -3.46 -31.17 76.66
CA ILE F 66 -4.70 -31.06 77.43
C ILE F 66 -5.03 -29.58 77.56
N TYR F 67 -6.31 -29.25 77.47
CA TYR F 67 -6.75 -27.86 77.48
C TYR F 67 -8.13 -27.77 78.11
N ASN F 68 -8.63 -26.54 78.22
CA ASN F 68 -9.93 -26.24 78.81
C ASN F 68 -10.13 -26.89 80.18
N SER F 69 -11.01 -27.88 80.25
CA SER F 69 -11.31 -28.56 81.50
C SER F 69 -11.36 -30.08 81.29
N GLY F 70 -10.36 -30.62 80.60
CA GLY F 70 -10.27 -32.06 80.44
C GLY F 70 -10.01 -32.52 79.03
N SER F 71 -10.55 -31.80 78.04
CA SER F 71 -10.41 -32.18 76.65
C SER F 71 -8.94 -32.37 76.28
N THR F 72 -8.67 -33.39 75.46
CA THR F 72 -7.31 -33.76 75.11
C THR F 72 -7.24 -34.14 73.64
N ASN F 73 -6.04 -34.00 73.08
CA ASN F 73 -5.75 -34.48 71.73
C ASN F 73 -4.35 -35.07 71.73
N TYR F 74 -4.24 -36.32 71.29
CA TYR F 74 -2.99 -37.07 71.39
C TYR F 74 -2.41 -37.32 70.00
N ASN F 75 -1.17 -37.79 69.99
CA ASN F 75 -0.55 -38.24 68.76
C ASN F 75 -1.24 -39.53 68.29
N PRO F 76 -1.70 -39.59 67.04
CA PRO F 76 -2.43 -40.79 66.60
C PRO F 76 -1.61 -42.08 66.67
N SER F 77 -0.30 -42.00 66.43
CA SER F 77 0.54 -43.19 66.54
C SER F 77 0.63 -43.71 67.98
N LEU F 78 0.29 -42.88 68.97
CA LEU F 78 0.35 -43.29 70.37
C LEU F 78 -0.95 -42.98 71.12
N LYS F 79 -2.04 -42.67 70.41
CA LYS F 79 -3.22 -42.12 71.05
C LYS F 79 -3.87 -43.12 71.99
N SER F 80 -3.87 -44.40 71.63
CA SER F 80 -4.59 -45.40 72.41
C SER F 80 -3.87 -45.77 73.70
N ARG F 81 -2.56 -45.52 73.79
CA ARG F 81 -1.77 -45.94 74.94
C ARG F 81 -1.47 -44.81 75.91
N VAL F 82 -1.82 -43.58 75.57
CA VAL F 82 -1.44 -42.41 76.37
C VAL F 82 -2.67 -41.86 77.06
N THR F 83 -2.46 -41.31 78.26
CA THR F 83 -3.51 -40.60 78.99
C THR F 83 -2.88 -39.39 79.66
N ILE F 84 -3.50 -38.23 79.50
CA ILE F 84 -3.00 -36.97 80.04
C ILE F 84 -4.11 -36.33 80.86
N SER F 85 -3.89 -36.22 82.17
CA SER F 85 -4.87 -35.67 83.09
C SER F 85 -4.30 -34.42 83.75
N VAL F 86 -5.18 -33.70 84.45
CA VAL F 86 -4.82 -32.51 85.21
C VAL F 86 -5.48 -32.58 86.58
N ASP F 87 -4.68 -32.43 87.62
CA ASP F 87 -5.17 -32.37 89.00
C ASP F 87 -5.07 -30.91 89.45
N THR F 88 -6.19 -30.20 89.38
CA THR F 88 -6.18 -28.77 89.68
C THR F 88 -5.90 -28.51 91.15
N SER F 89 -6.41 -29.37 92.04
CA SER F 89 -6.15 -29.21 93.46
C SER F 89 -4.67 -29.33 93.77
N LYS F 90 -4.01 -30.34 93.23
CA LYS F 90 -2.56 -30.46 93.34
C LYS F 90 -1.81 -29.56 92.38
N ASN F 91 -2.52 -28.87 91.47
CA ASN F 91 -1.92 -27.91 90.56
C ASN F 91 -0.83 -28.55 89.70
N GLN F 92 -1.15 -29.71 89.14
CA GLN F 92 -0.17 -30.47 88.36
C GLN F 92 -0.90 -31.24 87.27
N LEU F 93 -0.17 -31.54 86.20
CA LEU F 93 -0.63 -32.44 85.15
C LEU F 93 0.24 -33.69 85.13
N SER F 94 -0.38 -34.81 84.82
CA SER F 94 0.29 -36.10 84.84
C SER F 94 0.24 -36.74 83.44
N LEU F 95 1.15 -37.68 83.22
CA LEU F 95 1.23 -38.42 81.97
C LEU F 95 1.15 -39.91 82.29
N LYS F 96 0.32 -40.63 81.52
CA LYS F 96 0.18 -42.07 81.64
C LYS F 96 0.48 -42.71 80.29
N VAL F 97 1.47 -43.59 80.25
CA VAL F 97 1.83 -44.33 79.04
C VAL F 97 1.73 -45.82 79.38
N ARG F 98 0.76 -46.50 78.77
CA ARG F 98 0.48 -47.89 79.09
C ARG F 98 1.15 -48.81 78.07
N SER F 99 1.49 -50.01 78.53
CA SER F 99 2.09 -51.06 77.69
C SER F 99 3.34 -50.54 76.98
N VAL F 100 4.32 -50.13 77.80
CA VAL F 100 5.53 -49.51 77.26
C VAL F 100 6.43 -50.59 76.65
N THR F 101 7.30 -50.15 75.74
CA THR F 101 8.30 -51.00 75.12
C THR F 101 9.65 -50.29 75.17
N ALA F 102 10.69 -50.96 74.68
CA ALA F 102 12.01 -50.35 74.63
C ALA F 102 12.03 -49.09 73.76
N ALA F 103 11.13 -49.02 72.77
CA ALA F 103 11.06 -47.86 71.90
C ALA F 103 10.53 -46.62 72.62
N ASP F 104 9.96 -46.78 73.81
CA ASP F 104 9.46 -45.65 74.59
C ASP F 104 10.50 -45.07 75.53
N THR F 105 11.74 -45.53 75.46
CA THR F 105 12.81 -44.98 76.27
C THR F 105 13.23 -43.63 75.70
N ALA F 106 13.02 -42.56 76.47
CA ALA F 106 13.31 -41.22 76.01
C ALA F 106 13.34 -40.29 77.22
N VAL F 107 13.83 -39.08 76.99
CA VAL F 107 13.76 -38.01 77.98
C VAL F 107 12.45 -37.25 77.76
N TYR F 108 11.58 -37.28 78.76
CA TYR F 108 10.24 -36.71 78.66
C TYR F 108 10.22 -35.31 79.26
N TYR F 109 9.65 -34.37 78.52
CA TYR F 109 9.47 -33.01 78.98
C TYR F 109 7.99 -32.69 79.06
N CYS F 110 7.64 -31.73 79.91
CA CYS F 110 6.35 -31.08 79.86
C CYS F 110 6.53 -29.59 79.59
N ALA F 111 5.65 -29.04 78.77
CA ALA F 111 5.67 -27.63 78.44
C ALA F 111 4.24 -27.14 78.29
N ARG F 112 4.08 -25.83 78.19
CA ARG F 112 2.78 -25.21 77.99
C ARG F 112 2.78 -24.48 76.66
N HIS F 113 1.72 -24.66 75.88
CA HIS F 113 1.58 -24.07 74.56
C HIS F 113 0.47 -23.04 74.64
N CYS F 114 0.79 -21.80 74.30
CA CYS F 114 -0.19 -20.72 74.42
C CYS F 114 -1.06 -20.63 73.17
N SER F 115 -2.37 -20.54 73.39
CA SER F 115 -3.34 -20.37 72.33
C SER F 115 -4.43 -19.45 72.86
N GLY F 116 -4.12 -18.16 72.98
CA GLY F 116 -5.12 -17.21 73.42
C GLY F 116 -4.52 -15.85 73.68
N GLY F 117 -5.37 -14.98 74.26
CA GLY F 117 -4.99 -13.62 74.54
C GLY F 117 -4.72 -13.35 76.01
N THR F 118 -4.96 -14.35 76.86
CA THR F 118 -4.69 -14.25 78.29
C THR F 118 -3.40 -14.94 78.67
N CYS F 119 -2.40 -14.87 77.80
CA CYS F 119 -1.08 -15.44 78.05
C CYS F 119 -0.14 -14.33 78.47
N TYR F 120 0.63 -14.57 79.53
CA TYR F 120 1.70 -13.66 79.90
C TYR F 120 3.01 -14.43 79.96
N PRO F 121 4.04 -14.04 79.19
CA PRO F 121 3.94 -13.03 78.13
C PRO F 121 3.17 -13.54 76.90
N LYS F 122 2.73 -12.63 76.03
CA LYS F 122 1.91 -12.98 74.88
C LYS F 122 2.78 -13.56 73.76
N TYR F 123 3.26 -14.78 74.00
CA TYR F 123 4.01 -15.54 73.00
C TYR F 123 3.06 -16.50 72.30
N TYR F 124 2.40 -16.00 71.26
CA TYR F 124 1.38 -16.79 70.57
C TYR F 124 2.03 -17.98 69.86
N TYR F 125 1.38 -19.14 70.00
CA TYR F 125 1.77 -20.41 69.39
C TYR F 125 3.10 -20.93 69.90
N GLY F 126 3.74 -20.26 70.85
CA GLY F 126 5.05 -20.64 71.35
C GLY F 126 4.93 -21.44 72.63
N MET F 127 5.83 -22.41 72.80
CA MET F 127 5.89 -23.20 74.03
C MET F 127 6.69 -22.41 75.05
N ASP F 128 5.99 -21.69 75.91
CA ASP F 128 6.58 -20.67 76.77
C ASP F 128 7.59 -21.26 77.76
N VAL F 129 7.10 -22.02 78.74
CA VAL F 129 7.92 -22.52 79.83
C VAL F 129 7.96 -24.04 79.75
N TRP F 130 9.16 -24.60 79.82
CA TRP F 130 9.39 -26.03 79.74
C TRP F 130 9.73 -26.58 81.12
N GLY F 131 9.61 -27.92 81.25
CA GLY F 131 10.13 -28.59 82.41
C GLY F 131 11.58 -29.00 82.25
N GLN F 132 12.20 -29.37 83.37
CA GLN F 132 13.62 -29.74 83.34
C GLN F 132 13.83 -31.05 82.59
N GLY F 133 12.86 -31.95 82.62
CA GLY F 133 13.00 -33.22 81.92
C GLY F 133 13.41 -34.38 82.81
N THR F 134 12.56 -35.40 82.87
CA THR F 134 12.86 -36.63 83.59
C THR F 134 13.21 -37.73 82.60
N THR F 135 14.25 -38.50 82.93
CA THR F 135 14.76 -39.55 82.05
C THR F 135 14.07 -40.86 82.40
N VAL F 136 13.39 -41.45 81.40
CA VAL F 136 12.70 -42.73 81.55
C VAL F 136 13.47 -43.77 80.76
N THR F 137 13.84 -44.86 81.43
CA THR F 137 14.52 -46.00 80.80
C THR F 137 13.64 -47.23 80.95
N VAL F 138 13.14 -47.73 79.82
CA VAL F 138 12.24 -48.88 79.81
C VAL F 138 13.11 -50.13 79.68
N SER F 139 13.31 -50.83 80.79
CA SER F 139 14.06 -52.07 80.80
C SER F 139 13.75 -52.84 82.07
N SER F 140 13.78 -54.16 81.97
CA SER F 140 13.42 -55.01 83.11
C SER F 140 14.55 -55.08 84.14
N ALA F 141 15.79 -54.95 83.70
CA ALA F 141 16.93 -55.03 84.61
C ALA F 141 16.96 -53.83 85.56
N GLN G 14 5.67 -36.01 62.15
CA GLN G 14 6.83 -36.84 62.44
C GLN G 14 8.12 -36.18 61.92
N SER G 15 8.64 -36.70 60.80
CA SER G 15 9.80 -36.13 60.14
C SER G 15 9.40 -35.18 59.00
N ALA G 16 8.26 -34.52 59.13
CA ALA G 16 7.83 -33.57 58.10
C ALA G 16 8.82 -32.43 57.95
N LEU G 17 9.22 -31.82 59.06
CA LEU G 17 10.24 -30.76 59.02
C LEU G 17 11.63 -31.38 58.97
N THR G 18 12.43 -30.95 58.00
CA THR G 18 13.77 -31.48 57.79
C THR G 18 14.78 -30.35 57.94
N GLN G 19 15.77 -30.56 58.81
CA GLN G 19 16.85 -29.62 59.02
C GLN G 19 18.19 -30.29 58.76
N PRO G 20 19.20 -29.53 58.33
CA PRO G 20 20.56 -30.08 58.23
C PRO G 20 21.06 -30.49 59.61
N PRO G 21 21.77 -31.62 59.69
CA PRO G 21 22.23 -32.08 61.02
C PRO G 21 23.22 -31.15 61.67
N SER G 22 24.10 -30.51 60.90
CA SER G 22 25.07 -29.59 61.46
C SER G 22 25.36 -28.48 60.46
N VAL G 23 25.60 -27.28 60.97
CA VAL G 23 26.07 -26.15 60.17
C VAL G 23 27.14 -25.42 60.98
N SER G 24 28.25 -25.10 60.32
CA SER G 24 29.38 -24.45 60.98
C SER G 24 29.82 -23.25 60.16
N GLU G 25 30.12 -22.15 60.85
CA GLU G 25 30.64 -20.95 60.22
C GLU G 25 31.63 -20.28 61.17
N ALA G 26 32.36 -19.32 60.63
CA ALA G 26 33.37 -18.60 61.40
C ALA G 26 32.72 -17.60 62.35
N PRO G 27 33.44 -17.20 63.41
CA PRO G 27 32.89 -16.18 64.32
C PRO G 27 32.63 -14.86 63.60
N ARG G 28 31.60 -14.16 64.08
CA ARG G 28 31.18 -12.87 63.52
C ARG G 28 30.76 -12.98 62.05
N GLN G 29 30.27 -14.15 61.65
CA GLN G 29 29.70 -14.37 60.34
C GLN G 29 28.20 -14.54 60.46
N ARG G 30 27.55 -14.88 59.34
CA ARG G 30 26.10 -15.06 59.29
C ARG G 30 25.80 -16.49 58.87
N VAL G 31 24.86 -17.11 59.57
CA VAL G 31 24.47 -18.50 59.34
C VAL G 31 22.96 -18.56 59.16
N THR G 32 22.51 -19.37 58.22
CA THR G 32 21.09 -19.57 57.95
C THR G 32 20.76 -21.03 58.15
N ILE G 33 19.78 -21.31 59.02
CA ILE G 33 19.29 -22.66 59.29
C ILE G 33 17.92 -22.78 58.65
N SER G 34 17.83 -23.56 57.57
CA SER G 34 16.59 -23.73 56.84
C SER G 34 15.76 -24.85 57.42
N CYS G 35 14.44 -24.77 57.21
CA CYS G 35 13.50 -25.75 57.74
C CYS G 35 12.48 -26.03 56.64
N SER G 36 12.57 -27.21 56.03
CA SER G 36 11.72 -27.57 54.90
C SER G 36 10.56 -28.43 55.37
N GLY G 37 9.35 -28.07 54.93
CA GLY G 37 8.16 -28.83 55.27
C GLY G 37 7.21 -28.95 54.09
N SER G 38 5.92 -29.13 54.38
CA SER G 38 4.90 -29.21 53.34
C SER G 38 3.80 -28.19 53.64
N SER G 39 2.80 -28.16 52.76
CA SER G 39 1.73 -27.18 52.89
C SER G 39 0.80 -27.48 54.07
N SER G 40 0.83 -28.71 54.59
CA SER G 40 -0.02 -29.06 55.72
C SER G 40 0.51 -28.53 57.05
N ASN G 41 1.80 -28.21 57.13
CA ASN G 41 2.34 -27.62 58.35
C ASN G 41 2.79 -26.18 58.09
N ILE G 42 3.99 -26.00 57.51
CA ILE G 42 4.54 -24.66 57.36
C ILE G 42 3.66 -23.81 56.47
N GLY G 43 2.98 -24.43 55.49
CA GLY G 43 2.18 -23.67 54.55
C GLY G 43 0.98 -22.98 55.16
N ASN G 44 0.38 -23.57 56.19
CA ASN G 44 -0.86 -23.04 56.76
C ASN G 44 -0.82 -22.97 58.28
N ASN G 45 0.36 -23.02 58.89
CA ASN G 45 0.46 -22.97 60.34
C ASN G 45 1.74 -22.23 60.72
N ALA G 46 1.72 -21.66 61.92
CA ALA G 46 2.86 -20.92 62.42
C ALA G 46 4.05 -21.84 62.69
N VAL G 47 5.25 -21.30 62.51
CA VAL G 47 6.49 -22.03 62.70
C VAL G 47 7.19 -21.47 63.93
N ASN G 48 7.51 -22.34 64.89
CA ASN G 48 8.23 -21.97 66.09
C ASN G 48 9.63 -22.57 66.08
N TRP G 49 10.59 -21.83 66.61
CA TRP G 49 11.97 -22.28 66.71
C TRP G 49 12.35 -22.41 68.19
N TYR G 50 13.14 -23.43 68.50
CA TYR G 50 13.60 -23.68 69.85
C TYR G 50 15.09 -23.95 69.87
N GLN G 51 15.74 -23.50 70.93
CA GLN G 51 17.17 -23.74 71.15
C GLN G 51 17.34 -24.69 72.32
N GLN G 52 18.18 -25.71 72.13
CA GLN G 52 18.39 -26.74 73.15
C GLN G 52 19.89 -26.92 73.34
N PHE G 53 20.38 -26.59 74.53
CA PHE G 53 21.78 -26.81 74.87
C PHE G 53 21.98 -28.23 75.36
N PRO G 54 23.21 -28.74 75.31
CA PRO G 54 23.48 -30.10 75.78
C PRO G 54 23.07 -30.29 77.23
N GLY G 55 22.26 -31.32 77.48
CA GLY G 55 21.88 -31.66 78.84
C GLY G 55 20.82 -30.78 79.44
N LYS G 56 20.11 -29.99 78.64
CA LYS G 56 19.08 -29.09 79.14
C LYS G 56 17.85 -29.17 78.24
N ALA G 57 16.76 -28.57 78.70
CA ALA G 57 15.51 -28.56 77.96
C ALA G 57 15.58 -27.52 76.84
N PRO G 58 14.76 -27.68 75.80
CA PRO G 58 14.74 -26.69 74.73
C PRO G 58 14.21 -25.35 75.23
N LYS G 59 14.74 -24.28 74.63
CA LYS G 59 14.39 -22.91 74.99
C LYS G 59 13.76 -22.24 73.77
N LEU G 60 12.61 -21.60 73.99
CA LEU G 60 11.93 -20.90 72.90
C LEU G 60 12.80 -19.78 72.35
N LEU G 61 13.15 -19.89 71.07
CA LEU G 61 14.05 -18.95 70.41
C LEU G 61 13.30 -18.02 69.46
N ILE G 62 12.46 -18.56 68.60
CA ILE G 62 11.61 -17.78 67.70
C ILE G 62 10.20 -18.35 67.77
N TYR G 63 9.22 -17.48 68.01
CA TYR G 63 7.83 -17.89 68.07
C TYR G 63 7.02 -17.17 67.00
N TYR G 64 6.07 -17.89 66.42
CA TYR G 64 5.18 -17.39 65.36
C TYR G 64 5.98 -16.81 64.21
N ASP G 65 6.77 -17.69 63.59
CA ASP G 65 7.52 -17.48 62.35
C ASP G 65 8.66 -16.48 62.49
N ASP G 66 8.39 -15.32 63.10
CA ASP G 66 9.41 -14.27 63.09
C ASP G 66 9.43 -13.40 64.35
N LEU G 67 8.77 -13.78 65.42
CA LEU G 67 8.73 -12.97 66.63
C LEU G 67 9.82 -13.39 67.62
N LEU G 68 10.39 -12.40 68.29
CA LEU G 68 11.51 -12.61 69.20
C LEU G 68 11.06 -12.40 70.63
N PRO G 69 11.28 -13.36 71.52
CA PRO G 69 10.94 -13.15 72.94
C PRO G 69 11.92 -12.21 73.62
N SER G 70 11.45 -11.62 74.72
CA SER G 70 12.31 -10.79 75.54
C SER G 70 13.36 -11.65 76.25
N GLY G 71 14.60 -11.17 76.24
CA GLY G 71 15.71 -11.89 76.82
C GLY G 71 16.57 -12.63 75.81
N VAL G 72 16.06 -12.83 74.61
CA VAL G 72 16.82 -13.47 73.53
C VAL G 72 17.52 -12.39 72.72
N SER G 73 18.80 -12.63 72.42
CA SER G 73 19.60 -11.66 71.68
C SER G 73 18.98 -11.38 70.31
N ASP G 74 18.98 -10.11 69.92
CA ASP G 74 18.48 -9.69 68.61
C ASP G 74 19.37 -10.10 67.46
N ARG G 75 20.47 -10.80 67.72
CA ARG G 75 21.23 -11.44 66.65
C ARG G 75 20.44 -12.54 65.95
N PHE G 76 19.41 -13.08 66.61
CA PHE G 76 18.57 -14.11 66.01
C PHE G 76 17.39 -13.49 65.30
N SER G 77 16.99 -14.12 64.20
CA SER G 77 15.83 -13.68 63.43
C SER G 77 15.28 -14.85 62.63
N GLY G 78 13.96 -14.90 62.51
CA GLY G 78 13.30 -15.94 61.74
C GLY G 78 12.63 -15.41 60.50
N SER G 79 12.44 -16.28 59.50
CA SER G 79 11.76 -15.90 58.27
C SER G 79 11.03 -17.11 57.71
N LYS G 80 10.04 -16.85 56.86
CA LYS G 80 9.19 -17.90 56.32
C LYS G 80 8.66 -17.46 54.97
N SER G 81 8.83 -18.32 53.96
CA SER G 81 8.28 -18.08 52.63
C SER G 81 7.81 -19.40 52.04
N GLY G 82 6.51 -19.51 51.82
CA GLY G 82 5.97 -20.73 51.24
C GLY G 82 5.92 -21.85 52.26
N THR G 83 6.45 -23.01 51.89
CA THR G 83 6.48 -24.18 52.76
C THR G 83 7.86 -24.39 53.39
N SER G 84 8.63 -23.31 53.54
CA SER G 84 9.97 -23.38 54.09
C SER G 84 10.20 -22.19 55.02
N ALA G 85 10.91 -22.43 56.11
CA ALA G 85 11.32 -21.39 57.04
C ALA G 85 12.83 -21.40 57.20
N SER G 86 13.36 -20.28 57.68
CA SER G 86 14.80 -20.13 57.86
C SER G 86 15.08 -19.35 59.14
N LEU G 87 16.16 -19.71 59.82
CA LEU G 87 16.64 -19.02 61.00
C LEU G 87 18.00 -18.39 60.72
N ALA G 88 18.12 -17.09 60.98
CA ALA G 88 19.34 -16.35 60.71
C ALA G 88 19.96 -15.89 62.02
N ILE G 89 21.24 -16.15 62.18
CA ILE G 89 21.99 -15.76 63.38
C ILE G 89 23.15 -14.89 62.91
N SER G 90 22.92 -13.58 62.80
CA SER G 90 23.96 -12.66 62.37
C SER G 90 24.93 -12.42 63.54
N GLY G 91 26.20 -12.73 63.32
CA GLY G 91 27.19 -12.57 64.37
C GLY G 91 27.33 -13.81 65.24
N VAL G 92 27.77 -14.92 64.64
CA VAL G 92 27.85 -16.18 65.37
C VAL G 92 28.86 -16.06 66.50
N GLN G 93 28.51 -16.63 67.65
CA GLN G 93 29.32 -16.53 68.86
C GLN G 93 29.42 -17.91 69.50
N SER G 94 30.42 -18.07 70.38
CA SER G 94 30.57 -19.31 71.13
C SER G 94 29.34 -19.60 71.99
N GLU G 95 28.63 -18.56 72.43
CA GLU G 95 27.44 -18.74 73.24
C GLU G 95 26.31 -19.43 72.48
N ASP G 96 26.39 -19.51 71.16
CA ASP G 96 25.28 -19.93 70.32
C ASP G 96 25.34 -21.41 69.95
N GLU G 97 26.38 -22.13 70.38
CA GLU G 97 26.50 -23.55 70.07
C GLU G 97 25.42 -24.33 70.81
N ALA G 98 24.47 -24.87 70.05
CA ALA G 98 23.34 -25.63 70.61
C ALA G 98 22.65 -26.35 69.46
N ASP G 99 21.58 -27.04 69.79
CA ASP G 99 20.70 -27.66 68.80
C ASP G 99 19.49 -26.78 68.59
N TYR G 100 19.12 -26.54 67.33
CA TYR G 100 18.00 -25.68 66.97
C TYR G 100 16.95 -26.50 66.25
N TYR G 101 15.73 -26.51 66.78
CA TYR G 101 14.62 -27.23 66.20
C TYR G 101 13.56 -26.25 65.71
N CYS G 102 13.00 -26.52 64.53
CA CYS G 102 11.81 -25.83 64.06
C CYS G 102 10.58 -26.68 64.36
N ALA G 103 9.48 -26.01 64.70
CA ALA G 103 8.25 -26.68 65.08
C ALA G 103 7.06 -26.04 64.37
N ALA G 104 6.04 -26.85 64.11
CA ALA G 104 4.82 -26.40 63.45
C ALA G 104 3.76 -27.48 63.61
N TRP G 105 2.50 -27.05 63.59
CA TRP G 105 1.37 -27.96 63.69
C TRP G 105 0.98 -28.44 62.30
N ASP G 106 0.99 -29.75 62.08
CA ASP G 106 0.60 -30.34 60.82
C ASP G 106 -0.89 -30.61 60.82
N ASP G 107 -1.58 -30.08 59.81
CA ASP G 107 -3.03 -30.27 59.73
C ASP G 107 -3.38 -31.70 59.33
N SER G 108 -2.51 -32.36 58.56
CA SER G 108 -2.80 -33.74 58.16
C SER G 108 -2.56 -34.72 59.31
N LEU G 109 -1.41 -34.61 59.98
CA LEU G 109 -1.07 -35.55 61.04
C LEU G 109 -1.77 -35.23 62.36
N ASN G 110 -2.29 -34.02 62.52
CA ASN G 110 -2.83 -33.53 63.79
C ASN G 110 -1.81 -33.70 64.93
N VAL G 111 -0.67 -33.03 64.77
CA VAL G 111 0.53 -33.26 65.58
C VAL G 111 1.42 -32.04 65.41
N VAL G 112 2.08 -31.66 66.50
CA VAL G 112 3.12 -30.64 66.45
C VAL G 112 4.40 -31.32 65.98
N VAL G 113 4.87 -30.95 64.79
CA VAL G 113 6.00 -31.61 64.15
C VAL G 113 7.27 -30.83 64.47
N PHE G 114 8.31 -31.54 64.89
CA PHE G 114 9.62 -30.95 65.14
C PHE G 114 10.61 -31.43 64.09
N GLY G 115 11.54 -30.55 63.73
CA GLY G 115 12.61 -30.92 62.82
C GLY G 115 13.65 -31.81 63.48
N GLY G 116 14.55 -32.33 62.65
CA GLY G 116 15.62 -33.16 63.15
C GLY G 116 16.63 -32.43 64.01
N GLY G 117 16.63 -31.10 63.96
CA GLY G 117 17.59 -30.32 64.73
C GLY G 117 18.85 -30.01 63.94
N THR G 118 19.42 -28.85 64.24
CA THR G 118 20.64 -28.38 63.58
C THR G 118 21.65 -27.99 64.66
N LYS G 119 22.82 -28.62 64.61
CA LYS G 119 23.87 -28.37 65.61
C LYS G 119 24.81 -27.30 65.05
N LEU G 120 24.83 -26.14 65.70
CA LEU G 120 25.68 -25.04 65.29
C LEU G 120 27.01 -25.13 66.04
N THR G 121 28.10 -25.30 65.31
CA THR G 121 29.45 -25.34 65.87
C THR G 121 30.24 -24.16 65.31
N VAL G 122 30.51 -23.16 66.16
CA VAL G 122 31.34 -22.05 65.75
C VAL G 122 32.77 -22.55 65.51
N LEU G 123 33.37 -22.06 64.42
CA LEU G 123 34.59 -22.67 63.89
C LEU G 123 35.86 -22.12 64.51
N GLY G 124 35.86 -20.85 64.90
CA GLY G 124 37.07 -20.21 65.40
C GLY G 124 37.50 -20.64 66.79
N GLN G 125 36.94 -21.74 67.29
CA GLN G 125 37.29 -22.22 68.63
C GLN G 125 38.74 -22.68 68.65
N PRO G 126 39.47 -22.42 69.74
CA PRO G 126 40.87 -22.85 69.87
C PRO G 126 40.99 -24.36 70.04
N GLN H 14 -42.16 -66.82 42.68
CA GLN H 14 -41.99 -67.43 43.98
C GLN H 14 -40.55 -67.93 44.12
N LEU H 15 -39.60 -67.10 43.72
CA LEU H 15 -38.18 -67.40 43.87
C LEU H 15 -37.70 -66.82 45.19
N GLN H 16 -37.45 -67.69 46.17
CA GLN H 16 -37.12 -67.29 47.53
C GLN H 16 -35.89 -68.04 48.00
N LEU H 17 -35.04 -67.35 48.77
CA LEU H 17 -33.82 -67.93 49.31
C LEU H 17 -33.91 -67.98 50.82
N GLN H 18 -33.54 -69.11 51.41
CA GLN H 18 -33.68 -69.36 52.84
C GLN H 18 -32.31 -69.68 53.43
N GLU H 19 -31.85 -68.83 54.34
CA GLU H 19 -30.55 -68.98 54.98
C GLU H 19 -30.70 -69.66 56.33
N SER H 20 -29.75 -70.53 56.64
CA SER H 20 -29.71 -71.23 57.92
C SER H 20 -28.27 -71.36 58.37
N GLY H 21 -28.05 -71.20 59.68
CA GLY H 21 -26.74 -71.36 60.25
C GLY H 21 -26.74 -71.13 61.75
N PRO H 22 -25.65 -71.52 62.42
CA PRO H 22 -25.55 -71.29 63.86
C PRO H 22 -25.33 -69.82 64.17
N GLY H 23 -26.10 -69.31 65.12
CA GLY H 23 -26.01 -67.89 65.47
C GLY H 23 -24.71 -67.53 66.15
N LEU H 24 -24.11 -68.47 66.86
CA LEU H 24 -22.85 -68.25 67.56
C LEU H 24 -21.79 -69.19 67.01
N VAL H 25 -20.62 -68.65 66.69
CA VAL H 25 -19.47 -69.43 66.26
C VAL H 25 -18.28 -69.10 67.15
N LYS H 26 -17.46 -70.10 67.45
CA LYS H 26 -16.32 -69.93 68.33
C LYS H 26 -15.10 -69.43 67.54
N PRO H 27 -14.36 -68.48 68.11
CA PRO H 27 -13.23 -67.90 67.39
C PRO H 27 -12.20 -68.95 66.98
N SER H 28 -11.53 -68.69 65.86
CA SER H 28 -10.49 -69.53 65.29
C SER H 28 -11.04 -70.81 64.67
N GLN H 29 -12.32 -71.09 64.92
CA GLN H 29 -12.98 -72.24 64.32
C GLN H 29 -13.64 -71.83 63.01
N THR H 30 -14.23 -72.80 62.31
CA THR H 30 -14.76 -72.57 60.98
C THR H 30 -16.24 -72.19 61.08
N LEU H 31 -16.62 -71.15 60.36
CA LEU H 31 -18.03 -70.75 60.25
C LEU H 31 -18.64 -71.38 59.01
N SER H 32 -19.88 -71.86 59.15
CA SER H 32 -20.56 -72.56 58.06
C SER H 32 -22.00 -72.08 57.99
N LEU H 33 -22.41 -71.60 56.82
CA LEU H 33 -23.76 -71.14 56.56
C LEU H 33 -24.35 -71.91 55.38
N THR H 34 -25.67 -71.78 55.21
CA THR H 34 -26.38 -72.38 54.10
C THR H 34 -27.34 -71.36 53.51
N CYS H 35 -27.60 -71.48 52.21
CA CYS H 35 -28.52 -70.61 51.49
C CYS H 35 -29.33 -71.49 50.54
N THR H 36 -30.49 -71.96 51.02
CA THR H 36 -31.32 -72.87 50.26
C THR H 36 -32.26 -72.11 49.33
N VAL H 37 -32.31 -72.53 48.07
CA VAL H 37 -33.12 -71.89 47.05
C VAL H 37 -34.44 -72.63 46.96
N SER H 38 -35.55 -71.89 46.99
CA SER H 38 -36.87 -72.46 46.83
C SER H 38 -37.56 -71.84 45.62
N GLY H 39 -38.55 -72.55 45.09
CA GLY H 39 -39.29 -72.10 43.93
C GLY H 39 -38.43 -71.99 42.68
N GLY H 40 -37.87 -73.11 42.23
CA GLY H 40 -36.99 -73.15 41.10
C GLY H 40 -35.77 -73.99 41.39
N SER H 41 -34.79 -73.91 40.49
CA SER H 41 -33.53 -74.62 40.61
C SER H 41 -32.39 -73.62 40.73
N ILE H 42 -31.37 -73.99 41.50
CA ILE H 42 -30.27 -73.05 41.72
C ILE H 42 -29.38 -72.96 40.48
N SER H 43 -29.23 -74.06 39.73
CA SER H 43 -28.38 -74.06 38.55
C SER H 43 -29.24 -73.99 37.29
N SER H 44 -29.81 -72.81 37.06
CA SER H 44 -30.73 -72.66 35.93
C SER H 44 -30.31 -71.54 35.01
N GLY H 45 -30.44 -70.29 35.48
CA GLY H 45 -30.18 -69.14 34.65
C GLY H 45 -28.69 -68.81 34.55
N SER H 46 -28.42 -67.57 34.14
CA SER H 46 -27.07 -67.05 34.05
C SER H 46 -26.82 -66.14 35.25
N TYR H 47 -26.61 -66.76 36.41
CA TYR H 47 -26.55 -66.05 37.67
C TYR H 47 -25.22 -66.27 38.37
N ASN H 48 -24.76 -65.23 39.06
CA ASN H 48 -23.60 -65.31 39.95
C ASN H 48 -24.13 -65.33 41.38
N TRP H 49 -23.99 -66.47 42.05
CA TRP H 49 -24.47 -66.62 43.42
C TRP H 49 -23.38 -66.12 44.36
N THR H 50 -23.64 -64.98 45.00
CA THR H 50 -22.64 -64.28 45.81
C THR H 50 -23.01 -64.34 47.28
N TRP H 51 -22.04 -64.00 48.12
CA TRP H 51 -22.22 -63.87 49.55
C TRP H 51 -21.83 -62.46 49.98
N ILE H 52 -22.62 -61.87 50.87
CA ILE H 52 -22.40 -60.50 51.35
C ILE H 52 -22.69 -60.45 52.84
N ARG H 53 -21.79 -59.83 53.60
CA ARG H 53 -21.95 -59.65 55.03
C ARG H 53 -22.00 -58.16 55.35
N GLN H 54 -22.66 -57.83 56.46
CA GLN H 54 -22.83 -56.44 56.86
C GLN H 54 -22.73 -56.29 58.36
N PRO H 55 -21.63 -55.74 58.87
CA PRO H 55 -21.55 -55.46 60.31
C PRO H 55 -22.63 -54.49 60.74
N ALA H 56 -23.23 -54.77 61.90
CA ALA H 56 -24.33 -53.96 62.41
C ALA H 56 -23.89 -52.50 62.53
N GLY H 57 -24.54 -51.63 61.75
CA GLY H 57 -24.23 -50.22 61.75
C GLY H 57 -23.27 -49.78 60.66
N LYS H 58 -22.61 -50.73 59.99
CA LYS H 58 -21.68 -50.43 58.92
C LYS H 58 -22.25 -50.88 57.58
N GLY H 59 -21.41 -50.86 56.55
CA GLY H 59 -21.86 -51.08 55.19
C GLY H 59 -21.71 -52.53 54.75
N LEU H 60 -22.12 -52.78 53.52
CA LEU H 60 -22.09 -54.12 52.95
C LEU H 60 -20.69 -54.47 52.47
N GLU H 61 -20.33 -55.74 52.59
CA GLU H 61 -19.02 -56.24 52.18
C GLU H 61 -19.20 -57.47 51.32
N TRP H 62 -18.69 -57.41 50.09
CA TRP H 62 -18.80 -58.51 49.15
C TRP H 62 -17.76 -59.57 49.49
N ILE H 63 -18.23 -60.79 49.77
CA ILE H 63 -17.33 -61.87 50.19
C ILE H 63 -16.80 -62.64 49.00
N GLY H 64 -17.68 -63.09 48.12
CA GLY H 64 -17.25 -63.85 46.97
C GLY H 64 -18.42 -64.14 46.05
N ARG H 65 -18.26 -65.18 45.24
CA ARG H 65 -19.30 -65.59 44.30
C ARG H 65 -18.99 -67.00 43.80
N ILE H 66 -19.97 -67.58 43.12
CA ILE H 66 -19.81 -68.88 42.47
C ILE H 66 -20.69 -68.89 41.23
N TYR H 67 -20.18 -69.49 40.15
CA TYR H 67 -20.88 -69.48 38.88
C TYR H 67 -20.55 -70.76 38.12
N ASN H 68 -21.17 -70.90 36.95
CA ASN H 68 -21.01 -72.06 36.07
C ASN H 68 -21.21 -73.37 36.80
N SER H 69 -20.13 -74.14 36.99
CA SER H 69 -20.21 -75.44 37.64
C SER H 69 -19.06 -75.60 38.65
N GLY H 70 -18.86 -74.57 39.48
CA GLY H 70 -17.87 -74.68 40.53
C GLY H 70 -16.93 -73.49 40.64
N SER H 71 -16.60 -72.89 39.50
CA SER H 71 -15.67 -71.77 39.48
C SER H 71 -16.11 -70.67 40.44
N THR H 72 -15.13 -70.06 41.12
CA THR H 72 -15.42 -69.07 42.14
C THR H 72 -14.41 -67.94 42.06
N ASN H 73 -14.81 -66.78 42.55
CA ASN H 73 -13.92 -65.63 42.71
C ASN H 73 -14.27 -64.94 44.02
N TYR H 74 -13.27 -64.77 44.88
CA TYR H 74 -13.47 -64.27 46.23
C TYR H 74 -12.86 -62.88 46.40
N ASN H 75 -13.20 -62.25 47.51
CA ASN H 75 -12.56 -61.01 47.88
C ASN H 75 -11.10 -61.27 48.25
N PRO H 76 -10.14 -60.56 47.65
CA PRO H 76 -8.72 -60.86 47.95
C PRO H 76 -8.34 -60.69 49.42
N SER H 77 -8.95 -59.74 50.12
CA SER H 77 -8.66 -59.58 51.54
C SER H 77 -9.14 -60.76 52.38
N LEU H 78 -10.04 -61.58 51.84
CA LEU H 78 -10.56 -62.75 52.55
C LEU H 78 -10.48 -64.02 51.73
N LYS H 79 -9.75 -64.03 50.62
CA LYS H 79 -9.84 -65.12 49.65
C LYS H 79 -9.35 -66.43 50.24
N SER H 80 -8.31 -66.39 51.07
CA SER H 80 -7.70 -67.63 51.55
C SER H 80 -8.52 -68.30 52.64
N ARG H 81 -9.41 -67.57 53.30
CA ARG H 81 -10.16 -68.11 54.42
C ARG H 81 -11.60 -68.48 54.06
N VAL H 82 -12.05 -68.17 52.85
CA VAL H 82 -13.45 -68.37 52.47
C VAL H 82 -13.54 -69.52 51.48
N THR H 83 -14.65 -70.24 51.55
CA THR H 83 -14.98 -71.28 50.58
C THR H 83 -16.47 -71.22 50.29
N ILE H 84 -16.82 -71.22 49.00
CA ILE H 84 -18.21 -71.11 48.56
C ILE H 84 -18.49 -72.29 47.64
N SER H 85 -19.38 -73.18 48.05
CA SER H 85 -19.74 -74.37 47.29
C SER H 85 -21.21 -74.33 46.92
N VAL H 86 -21.61 -75.25 46.04
CA VAL H 86 -22.99 -75.41 45.61
C VAL H 86 -23.34 -76.89 45.63
N ASP H 87 -24.42 -77.23 46.32
CA ASP H 87 -24.95 -78.60 46.35
C ASP H 87 -26.20 -78.61 45.49
N THR H 88 -26.05 -79.06 44.24
CA THR H 88 -27.16 -79.02 43.29
C THR H 88 -28.27 -79.98 43.69
N SER H 89 -27.92 -81.14 44.25
CA SER H 89 -28.93 -82.10 44.69
C SER H 89 -29.80 -81.51 45.79
N LYS H 90 -29.17 -80.90 46.80
CA LYS H 90 -29.91 -80.17 47.82
C LYS H 90 -30.37 -78.80 47.37
N ASN H 91 -29.97 -78.36 46.18
CA ASN H 91 -30.44 -77.10 45.59
C ASN H 91 -30.12 -75.91 46.51
N GLN H 92 -28.88 -75.88 47.00
CA GLN H 92 -28.47 -74.85 47.94
C GLN H 92 -26.99 -74.55 47.75
N LEU H 93 -26.60 -73.34 48.12
CA LEU H 93 -25.20 -72.94 48.19
C LEU H 93 -24.82 -72.67 49.63
N SER H 94 -23.57 -72.99 49.97
CA SER H 94 -23.07 -72.87 51.34
C SER H 94 -21.89 -71.92 51.38
N LEU H 95 -21.62 -71.40 52.57
CA LEU H 95 -20.50 -70.51 52.82
C LEU H 95 -19.64 -71.10 53.93
N LYS H 96 -18.32 -71.09 53.72
CA LYS H 96 -17.36 -71.55 54.71
C LYS H 96 -16.36 -70.44 54.97
N VAL H 97 -16.28 -70.00 56.23
CA VAL H 97 -15.32 -68.99 56.66
C VAL H 97 -14.48 -69.60 57.77
N ARG H 98 -13.19 -69.82 57.49
CA ARG H 98 -12.29 -70.48 58.41
C ARG H 98 -11.49 -69.47 59.22
N SER H 99 -11.12 -69.87 60.43
CA SER H 99 -10.29 -69.06 61.33
C SER H 99 -10.91 -67.68 61.55
N VAL H 100 -12.13 -67.68 62.09
CA VAL H 100 -12.88 -66.44 62.25
C VAL H 100 -12.32 -65.65 63.43
N THR H 101 -12.57 -64.35 63.41
CA THR H 101 -12.19 -63.43 64.49
C THR H 101 -13.40 -62.57 64.82
N ALA H 102 -13.22 -61.70 65.83
CA ALA H 102 -14.29 -60.78 66.20
C ALA H 102 -14.65 -59.84 65.07
N ALA H 103 -13.71 -59.56 64.17
CA ALA H 103 -13.97 -58.68 63.03
C ALA H 103 -14.90 -59.31 62.00
N ASP H 104 -15.14 -60.63 62.09
CA ASP H 104 -16.03 -61.31 61.17
C ASP H 104 -17.48 -61.34 61.67
N THR H 105 -17.78 -60.65 62.77
CA THR H 105 -19.15 -60.58 63.27
C THR H 105 -19.95 -59.63 62.40
N ALA H 106 -20.95 -60.16 61.70
CA ALA H 106 -21.75 -59.36 60.78
C ALA H 106 -23.03 -60.12 60.47
N VAL H 107 -23.96 -59.42 59.83
CA VAL H 107 -25.16 -60.04 59.28
C VAL H 107 -24.86 -60.47 57.85
N TYR H 108 -24.93 -61.78 57.61
CA TYR H 108 -24.54 -62.35 56.32
C TYR H 108 -25.78 -62.57 55.46
N TYR H 109 -25.71 -62.13 54.21
CA TYR H 109 -26.76 -62.33 53.24
C TYR H 109 -26.24 -63.19 52.09
N CYS H 110 -27.16 -63.88 51.41
CA CYS H 110 -26.87 -64.46 50.11
C CYS H 110 -27.81 -63.85 49.07
N ALA H 111 -27.28 -63.60 47.89
CA ALA H 111 -28.03 -63.05 46.79
C ALA H 111 -27.52 -63.66 45.50
N ARG H 112 -28.26 -63.42 44.41
CA ARG H 112 -27.87 -63.89 43.09
C ARG H 112 -27.64 -62.69 42.19
N HIS H 113 -26.55 -62.72 41.44
CA HIS H 113 -26.16 -61.63 40.56
C HIS H 113 -26.29 -62.14 39.14
N CYS H 114 -27.10 -61.45 38.33
CA CYS H 114 -27.37 -61.89 36.98
C CYS H 114 -26.30 -61.38 36.01
N SER H 115 -25.79 -62.29 35.18
CA SER H 115 -24.82 -61.97 34.15
C SER H 115 -25.15 -62.85 32.94
N GLY H 116 -26.23 -62.51 32.24
CA GLY H 116 -26.56 -63.24 31.04
C GLY H 116 -27.93 -62.86 30.50
N GLY H 117 -28.36 -63.62 29.51
CA GLY H 117 -29.62 -63.38 28.82
C GLY H 117 -30.72 -64.33 29.22
N THR H 118 -30.40 -65.34 30.03
CA THR H 118 -31.38 -66.30 30.52
C THR H 118 -31.80 -65.99 31.94
N CYS H 119 -31.90 -64.70 32.27
CA CYS H 119 -32.34 -64.25 33.59
C CYS H 119 -33.80 -63.84 33.49
N TYR H 120 -34.62 -64.28 34.45
CA TYR H 120 -35.98 -63.78 34.56
C TYR H 120 -36.18 -63.23 35.96
N PRO H 121 -36.55 -61.94 36.12
CA PRO H 121 -36.60 -60.96 35.02
C PRO H 121 -35.20 -60.54 34.57
N LYS H 122 -35.10 -59.92 33.38
CA LYS H 122 -33.82 -59.55 32.80
C LYS H 122 -33.29 -58.26 33.47
N TYR H 123 -32.86 -58.42 34.71
CA TYR H 123 -32.22 -57.34 35.47
C TYR H 123 -30.70 -57.51 35.36
N TYR H 124 -30.13 -56.97 34.30
CA TYR H 124 -28.71 -57.16 34.03
C TYR H 124 -27.87 -56.46 35.11
N TYR H 125 -26.85 -57.17 35.58
CA TYR H 125 -25.88 -56.69 36.57
C TYR H 125 -26.50 -56.44 37.94
N GLY H 126 -27.79 -56.71 38.11
CA GLY H 126 -28.49 -56.42 39.35
C GLY H 126 -28.61 -57.66 40.22
N MET H 127 -28.51 -57.47 41.53
CA MET H 127 -28.70 -58.56 42.49
C MET H 127 -30.19 -58.76 42.71
N ASP H 128 -30.76 -59.71 41.97
CA ASP H 128 -32.20 -59.85 41.85
C ASP H 128 -32.87 -60.17 43.18
N VAL H 129 -32.65 -61.37 43.70
CA VAL H 129 -33.34 -61.87 44.88
C VAL H 129 -32.31 -62.07 45.99
N TRP H 130 -32.61 -61.55 47.17
CA TRP H 130 -31.73 -61.63 48.33
C TRP H 130 -32.29 -62.64 49.33
N GLY H 131 -31.42 -63.07 50.26
CA GLY H 131 -31.88 -63.83 51.40
C GLY H 131 -32.27 -62.93 52.56
N GLN H 132 -32.96 -63.55 53.54
CA GLN H 132 -33.44 -62.77 54.68
C GLN H 132 -32.29 -62.32 55.57
N GLY H 133 -31.19 -63.07 55.62
CA GLY H 133 -30.05 -62.69 56.42
C GLY H 133 -29.98 -63.38 57.77
N THR H 134 -28.89 -64.11 58.00
CA THR H 134 -28.63 -64.75 59.28
C THR H 134 -27.56 -63.97 60.03
N THR H 135 -27.77 -63.79 61.33
CA THR H 135 -26.86 -63.00 62.16
C THR H 135 -25.82 -63.92 62.78
N VAL H 136 -24.55 -63.64 62.50
CA VAL H 136 -23.42 -64.40 63.04
C VAL H 136 -22.71 -63.54 64.07
N THR H 137 -22.54 -64.07 65.27
CA THR H 137 -21.81 -63.40 66.35
C THR H 137 -20.62 -64.26 66.73
N VAL H 138 -19.41 -63.75 66.46
CA VAL H 138 -18.18 -64.48 66.73
C VAL H 138 -17.73 -64.12 68.14
N SER H 139 -17.98 -65.02 69.09
CA SER H 139 -17.55 -64.83 70.46
C SER H 139 -17.58 -66.18 71.18
N SER H 140 -16.66 -66.34 72.13
CA SER H 140 -16.54 -67.61 72.84
C SER H 140 -17.62 -67.79 73.88
N ALA H 141 -18.13 -66.71 74.45
CA ALA H 141 -19.17 -66.78 75.47
C ALA H 141 -20.48 -67.29 74.89
N GLN I 14 -13.64 -51.68 48.41
CA GLN I 14 -13.86 -51.41 49.82
C GLN I 14 -14.69 -50.13 50.00
N SER I 15 -14.02 -49.05 50.41
CA SER I 15 -14.64 -47.73 50.53
C SER I 15 -14.45 -46.87 49.29
N ALA I 16 -14.34 -47.50 48.11
CA ALA I 16 -14.18 -46.75 46.88
C ALA I 16 -15.37 -45.83 46.64
N LEU I 17 -16.58 -46.36 46.74
CA LEU I 17 -17.79 -45.55 46.60
C LEU I 17 -18.09 -44.83 47.92
N THR I 18 -18.27 -43.52 47.83
CA THR I 18 -18.51 -42.68 49.00
C THR I 18 -19.87 -42.00 48.86
N GLN I 19 -20.72 -42.17 49.87
CA GLN I 19 -22.03 -41.53 49.92
C GLN I 19 -22.15 -40.68 51.18
N PRO I 20 -22.93 -39.61 51.14
CA PRO I 20 -23.25 -38.88 52.37
C PRO I 20 -23.98 -39.75 53.36
N PRO I 21 -23.67 -39.64 54.66
CA PRO I 21 -24.32 -40.52 55.64
C PRO I 21 -25.81 -40.30 55.76
N SER I 22 -26.27 -39.05 55.64
CA SER I 22 -27.69 -38.75 55.73
C SER I 22 -28.01 -37.57 54.83
N VAL I 23 -29.21 -37.61 54.24
CA VAL I 23 -29.77 -36.48 53.49
C VAL I 23 -31.24 -36.37 53.86
N SER I 24 -31.69 -35.15 54.15
CA SER I 24 -33.06 -34.89 54.55
C SER I 24 -33.64 -33.75 53.74
N GLU I 25 -34.89 -33.92 53.32
CA GLU I 25 -35.62 -32.88 52.58
C GLU I 25 -37.08 -32.94 52.97
N ALA I 26 -37.82 -31.89 52.59
CA ALA I 26 -39.23 -31.80 52.92
C ALA I 26 -40.06 -32.72 52.04
N PRO I 27 -41.27 -33.08 52.48
CA PRO I 27 -42.15 -33.91 51.64
C PRO I 27 -42.48 -33.24 50.33
N ARG I 28 -42.66 -34.06 49.29
CA ARG I 28 -42.99 -33.61 47.94
C ARG I 28 -41.91 -32.71 47.35
N GLN I 29 -40.67 -32.90 47.80
CA GLN I 29 -39.51 -32.22 47.24
C GLN I 29 -38.67 -33.22 46.44
N ARG I 30 -37.50 -32.76 45.98
CA ARG I 30 -36.60 -33.59 45.19
C ARG I 30 -35.26 -33.71 45.93
N VAL I 31 -34.74 -34.94 45.98
CA VAL I 31 -33.51 -35.23 46.69
C VAL I 31 -32.58 -35.98 45.74
N THR I 32 -31.28 -35.64 45.79
CA THR I 32 -30.27 -36.28 44.97
C THR I 32 -29.24 -36.93 45.88
N ILE I 33 -29.01 -38.22 45.70
CA ILE I 33 -28.02 -38.97 46.45
C ILE I 33 -26.87 -39.29 45.51
N SER I 34 -25.72 -38.64 45.73
CA SER I 34 -24.57 -38.79 44.86
C SER I 34 -23.71 -39.95 45.33
N CYS I 35 -22.96 -40.52 44.38
CA CYS I 35 -22.11 -41.67 44.65
C CYS I 35 -20.79 -41.44 43.91
N SER I 36 -19.73 -41.14 44.65
CA SER I 36 -18.44 -40.79 44.08
C SER I 36 -17.52 -42.01 44.10
N GLY I 37 -16.88 -42.28 42.97
CA GLY I 37 -15.94 -43.38 42.86
C GLY I 37 -14.72 -43.01 42.03
N SER I 38 -14.08 -44.01 41.44
CA SER I 38 -12.93 -43.78 40.57
C SER I 38 -13.19 -44.45 39.22
N SER I 39 -12.20 -44.33 38.32
CA SER I 39 -12.35 -44.85 36.97
C SER I 39 -12.30 -46.37 36.93
N SER I 40 -11.80 -47.02 37.99
CA SER I 40 -11.73 -48.47 38.01
C SER I 40 -13.07 -49.12 38.33
N ASN I 41 -14.01 -48.38 38.93
CA ASN I 41 -15.34 -48.92 39.16
C ASN I 41 -16.38 -48.18 38.33
N ILE I 42 -16.81 -47.00 38.79
CA ILE I 42 -17.89 -46.29 38.13
C ILE I 42 -17.51 -45.92 36.70
N GLY I 43 -16.22 -45.66 36.46
CA GLY I 43 -15.79 -45.22 35.15
C GLY I 43 -15.94 -46.25 34.06
N ASN I 44 -15.79 -47.54 34.40
CA ASN I 44 -15.80 -48.59 33.38
C ASN I 44 -16.68 -49.77 33.78
N ASN I 45 -17.60 -49.59 34.72
CA ASN I 45 -18.47 -50.67 35.15
C ASN I 45 -19.84 -50.11 35.52
N ALA I 46 -20.85 -50.95 35.41
CA ALA I 46 -22.21 -50.55 35.72
C ALA I 46 -22.37 -50.27 37.21
N VAL I 47 -23.26 -49.33 37.52
CA VAL I 47 -23.54 -48.91 38.89
C VAL I 47 -24.95 -49.38 39.26
N ASN I 48 -25.05 -50.13 40.35
CA ASN I 48 -26.33 -50.60 40.86
C ASN I 48 -26.66 -49.90 42.18
N TRP I 49 -27.94 -49.63 42.39
CA TRP I 49 -28.43 -49.01 43.61
C TRP I 49 -29.34 -49.98 44.34
N TYR I 50 -29.25 -49.99 45.67
CA TYR I 50 -30.06 -50.86 46.51
C TYR I 50 -30.68 -50.06 47.65
N GLN I 51 -31.89 -50.45 48.02
CA GLN I 51 -32.60 -49.84 49.15
C GLN I 51 -32.71 -50.86 50.27
N GLN I 52 -32.38 -50.43 51.48
CA GLN I 52 -32.36 -51.31 52.64
C GLN I 52 -33.13 -50.65 53.77
N PHE I 53 -34.25 -51.26 54.16
CA PHE I 53 -35.03 -50.77 55.28
C PHE I 53 -34.47 -51.32 56.59
N PRO I 54 -34.76 -50.67 57.72
CA PRO I 54 -34.25 -51.16 59.01
C PRO I 54 -34.71 -52.59 59.29
N GLY I 55 -33.74 -53.45 59.60
CA GLY I 55 -34.05 -54.81 59.97
C GLY I 55 -34.39 -55.74 58.83
N LYS I 56 -34.10 -55.35 57.59
CA LYS I 56 -34.42 -56.16 56.43
C LYS I 56 -33.23 -56.16 55.47
N ALA I 57 -33.31 -57.04 54.48
CA ALA I 57 -32.26 -57.16 53.48
C ALA I 57 -32.37 -56.03 52.45
N PRO I 58 -31.26 -55.69 51.78
CA PRO I 58 -31.33 -54.67 50.74
C PRO I 58 -32.20 -55.09 49.58
N LYS I 59 -32.86 -54.11 48.97
CA LYS I 59 -33.76 -54.33 47.85
C LYS I 59 -33.22 -53.59 46.63
N LEU I 60 -33.15 -54.29 45.50
CA LEU I 60 -32.66 -53.68 44.27
C LEU I 60 -33.56 -52.52 43.85
N LEU I 61 -32.97 -51.33 43.80
CA LEU I 61 -33.70 -50.10 43.50
C LEU I 61 -33.42 -49.60 42.09
N ILE I 62 -32.15 -49.50 41.71
CA ILE I 62 -31.73 -49.13 40.37
C ILE I 62 -30.65 -50.09 39.92
N TYR I 63 -30.83 -50.67 38.74
CA TYR I 63 -29.86 -51.61 38.18
C TYR I 63 -29.34 -51.08 36.86
N TYR I 64 -28.05 -51.30 36.62
CA TYR I 64 -27.34 -50.88 35.41
C TYR I 64 -27.52 -49.37 35.18
N ASP I 65 -27.01 -48.61 36.14
CA ASP I 65 -26.87 -47.15 36.12
C ASP I 65 -28.22 -46.41 36.15
N ASP I 66 -29.16 -46.82 35.30
CA ASP I 66 -30.38 -46.02 35.17
C ASP I 66 -31.63 -46.84 34.89
N LEU I 67 -31.62 -48.16 35.05
CA LEU I 67 -32.79 -48.98 34.76
C LEU I 67 -33.62 -49.21 36.02
N LEU I 68 -34.94 -49.25 35.84
CA LEU I 68 -35.88 -49.35 36.95
C LEU I 68 -36.56 -50.72 36.90
N PRO I 69 -36.52 -51.49 37.98
CA PRO I 69 -37.24 -52.76 38.01
C PRO I 69 -38.74 -52.56 38.12
N SER I 70 -39.48 -53.59 37.70
CA SER I 70 -40.92 -53.58 37.86
C SER I 70 -41.29 -53.72 39.33
N GLY I 71 -42.25 -52.90 39.77
CA GLY I 71 -42.68 -52.87 41.14
C GLY I 71 -42.10 -51.73 41.95
N VAL I 72 -41.04 -51.09 41.44
CA VAL I 72 -40.45 -49.93 42.10
C VAL I 72 -41.09 -48.67 41.53
N SER I 73 -41.44 -47.75 42.42
CA SER I 73 -42.09 -46.50 42.01
C SER I 73 -41.22 -45.73 41.04
N ASP I 74 -41.84 -45.15 40.02
CA ASP I 74 -41.14 -44.33 39.04
C ASP I 74 -40.72 -42.98 39.58
N ARG I 75 -40.99 -42.69 40.86
CA ARG I 75 -40.39 -41.53 41.50
C ARG I 75 -38.87 -41.64 41.62
N PHE I 76 -38.32 -42.85 41.54
CA PHE I 76 -36.89 -43.07 41.61
C PHE I 76 -36.28 -43.05 40.21
N SER I 77 -35.06 -42.53 40.13
CA SER I 77 -34.33 -42.50 38.87
C SER I 77 -32.84 -42.41 39.16
N GLY I 78 -32.05 -43.09 38.33
CA GLY I 78 -30.60 -43.05 38.46
C GLY I 78 -29.92 -42.33 37.31
N SER I 79 -28.71 -41.82 37.56
CA SER I 79 -27.94 -41.17 36.51
C SER I 79 -26.45 -41.37 36.80
N LYS I 80 -25.65 -41.22 35.75
CA LYS I 80 -24.22 -41.48 35.83
C LYS I 80 -23.49 -40.62 34.81
N SER I 81 -22.47 -39.90 35.26
CA SER I 81 -21.63 -39.09 34.39
C SER I 81 -20.20 -39.17 34.90
N GLY I 82 -19.32 -39.75 34.10
CA GLY I 82 -17.92 -39.83 34.49
C GLY I 82 -17.72 -40.89 35.54
N THR I 83 -17.02 -40.53 36.62
CA THR I 83 -16.75 -41.43 37.73
C THR I 83 -17.68 -41.17 38.92
N SER I 84 -18.86 -40.64 38.66
CA SER I 84 -19.83 -40.34 39.71
C SER I 84 -21.22 -40.71 39.24
N ALA I 85 -22.04 -41.21 40.16
CA ALA I 85 -23.44 -41.51 39.91
C ALA I 85 -24.31 -40.77 40.91
N SER I 86 -25.59 -40.63 40.56
CA SER I 86 -26.54 -39.93 41.40
C SER I 86 -27.89 -40.63 41.35
N LEU I 87 -28.59 -40.62 42.48
CA LEU I 87 -29.94 -41.15 42.60
C LEU I 87 -30.90 -40.03 42.92
N ALA I 88 -31.97 -39.91 42.13
CA ALA I 88 -32.96 -38.85 42.28
C ALA I 88 -34.28 -39.45 42.69
N ILE I 89 -34.88 -38.90 43.73
CA ILE I 89 -36.19 -39.34 44.23
C ILE I 89 -37.11 -38.13 44.21
N SER I 90 -37.78 -37.92 43.08
CA SER I 90 -38.71 -36.81 42.94
C SER I 90 -40.00 -37.12 43.68
N GLY I 91 -40.35 -36.29 44.66
CA GLY I 91 -41.54 -36.53 45.46
C GLY I 91 -41.28 -37.38 46.68
N VAL I 92 -40.46 -36.87 47.60
CA VAL I 92 -40.07 -37.64 48.77
C VAL I 92 -41.29 -37.94 49.62
N GLN I 93 -41.36 -39.16 50.13
CA GLN I 93 -42.49 -39.64 50.90
C GLN I 93 -41.98 -40.37 52.14
N SER I 94 -42.88 -40.52 53.12
CA SER I 94 -42.55 -41.28 54.33
C SER I 94 -42.18 -42.72 54.00
N GLU I 95 -42.73 -43.28 52.92
CA GLU I 95 -42.43 -44.64 52.52
C GLU I 95 -40.97 -44.82 52.11
N ASP I 96 -40.24 -43.73 51.86
CA ASP I 96 -38.92 -43.79 51.24
C ASP I 96 -37.79 -43.75 52.25
N GLU I 97 -38.10 -43.65 53.55
CA GLU I 97 -37.06 -43.60 54.58
C GLU I 97 -36.37 -44.96 54.67
N ALA I 98 -35.11 -45.01 54.25
CA ALA I 98 -34.33 -46.24 54.25
C ALA I 98 -32.86 -45.87 54.02
N ASP I 99 -32.02 -46.88 53.95
CA ASP I 99 -30.62 -46.72 53.58
C ASP I 99 -30.45 -47.08 52.11
N TYR I 100 -29.74 -46.24 51.37
CA TYR I 100 -29.52 -46.42 49.95
C TYR I 100 -28.03 -46.61 49.69
N TYR I 101 -27.67 -47.73 49.07
CA TYR I 101 -26.30 -48.06 48.74
C TYR I 101 -26.12 -48.08 47.22
N CYS I 102 -25.00 -47.52 46.75
CA CYS I 102 -24.59 -47.69 45.37
C CYS I 102 -23.55 -48.80 45.30
N ALA I 103 -23.59 -49.56 44.20
CA ALA I 103 -22.69 -50.70 44.03
C ALA I 103 -22.12 -50.69 42.63
N ALA I 104 -20.90 -51.24 42.50
CA ALA I 104 -20.20 -51.32 41.23
C ALA I 104 -19.02 -52.27 41.40
N TRP I 105 -18.62 -52.88 40.29
CA TRP I 105 -17.48 -53.80 40.27
C TRP I 105 -16.21 -53.00 39.99
N ASP I 106 -15.25 -53.08 40.90
CA ASP I 106 -13.98 -52.41 40.73
C ASP I 106 -13.00 -53.32 39.99
N ASP I 107 -12.45 -52.81 38.89
CA ASP I 107 -11.51 -53.61 38.10
C ASP I 107 -10.18 -53.79 38.82
N SER I 108 -9.78 -52.81 39.63
CA SER I 108 -8.51 -52.92 40.35
C SER I 108 -8.62 -53.89 41.52
N LEU I 109 -9.65 -53.74 42.35
CA LEU I 109 -9.80 -54.58 43.53
C LEU I 109 -10.35 -55.97 43.23
N ASN I 110 -10.96 -56.15 42.06
CA ASN I 110 -11.67 -57.38 41.71
C ASN I 110 -12.71 -57.73 42.78
N VAL I 111 -13.66 -56.82 42.97
CA VAL I 111 -14.59 -56.82 44.11
C VAL I 111 -15.77 -55.93 43.74
N VAL I 112 -16.95 -56.35 44.17
CA VAL I 112 -18.15 -55.52 44.07
C VAL I 112 -18.11 -54.53 45.24
N VAL I 113 -17.96 -53.24 44.94
CA VAL I 113 -17.79 -52.22 45.95
C VAL I 113 -19.13 -51.59 46.27
N PHE I 114 -19.44 -51.47 47.55
CA PHE I 114 -20.65 -50.80 48.03
C PHE I 114 -20.29 -49.50 48.71
N GLY I 115 -21.16 -48.50 48.55
CA GLY I 115 -21.00 -47.25 49.24
C GLY I 115 -21.31 -47.35 50.72
N GLY I 116 -20.99 -46.27 51.45
CA GLY I 116 -21.29 -46.22 52.86
C GLY I 116 -22.76 -46.18 53.19
N GLY I 117 -23.61 -45.88 52.21
CA GLY I 117 -25.03 -45.78 52.46
C GLY I 117 -25.47 -44.38 52.80
N THR I 118 -26.70 -44.06 52.39
CA THR I 118 -27.30 -42.75 52.65
C THR I 118 -28.66 -42.94 53.29
N LYS I 119 -28.84 -42.37 54.47
CA LYS I 119 -30.09 -42.50 55.22
C LYS I 119 -31.00 -41.31 54.88
N LEU I 120 -32.12 -41.59 54.21
CA LEU I 120 -33.07 -40.56 53.84
C LEU I 120 -34.11 -40.42 54.95
N THR I 121 -34.18 -39.23 55.55
CA THR I 121 -35.17 -38.92 56.58
C THR I 121 -36.05 -37.79 56.07
N VAL I 122 -37.30 -38.12 55.74
CA VAL I 122 -38.26 -37.09 55.35
C VAL I 122 -38.55 -36.18 56.53
N LEU I 123 -38.60 -34.87 56.26
CA LEU I 123 -38.54 -33.88 57.32
C LEU I 123 -39.91 -33.53 57.89
N GLY I 124 -40.97 -33.59 57.07
CA GLY I 124 -42.29 -33.17 57.51
C GLY I 124 -42.98 -34.12 58.47
N GLN I 125 -42.24 -35.05 59.05
CA GLN I 125 -42.83 -36.01 59.98
C GLN I 125 -43.30 -35.28 61.24
N PRO I 126 -44.45 -35.68 61.81
CA PRO I 126 -44.97 -35.07 63.03
C PRO I 126 -44.14 -35.43 64.26
C1 NAG J . 32.93 -8.00 12.84
C2 NAG J . 32.63 -9.01 13.94
C3 NAG J . 31.13 -9.13 14.11
C4 NAG J . 30.55 -7.76 14.45
C5 NAG J . 30.92 -6.78 13.34
C6 NAG J . 30.47 -5.36 13.63
C7 NAG J . 34.16 -10.88 14.37
C8 NAG J . 34.65 -12.22 13.91
N2 NAG J . 33.21 -10.31 13.62
O3 NAG J . 30.85 -10.05 15.16
O4 NAG J . 29.13 -7.83 14.56
O5 NAG J . 32.35 -6.73 13.19
O6 NAG J . 31.38 -4.70 14.50
O7 NAG J . 34.60 -10.34 15.39
C1 NAG J . 28.77 -7.76 15.95
C2 NAG J . 27.59 -6.82 16.12
C3 NAG J . 27.18 -6.78 17.59
C4 NAG J . 26.83 -8.19 18.06
C5 NAG J . 28.04 -9.09 17.85
C6 NAG J . 27.78 -10.53 18.21
C7 NAG J . 27.02 -4.69 15.05
C8 NAG J . 27.52 -3.34 14.62
N2 NAG J . 27.91 -5.49 15.65
O3 NAG J . 26.04 -5.94 17.74
O4 NAG J . 26.50 -8.17 19.45
O5 NAG J . 28.43 -9.08 16.46
O6 NAG J . 28.18 -11.41 17.17
O7 NAG J . 25.86 -5.03 14.86
C1 NAG K . 24.93 50.95 -53.63
C2 NAG K . 25.98 51.68 -54.45
C3 NAG K . 26.79 50.69 -55.27
C4 NAG K . 27.42 49.67 -54.33
C5 NAG K . 26.31 48.98 -53.54
C6 NAG K . 26.84 47.99 -52.52
C7 NAG K . 25.49 53.99 -55.14
C8 NAG K . 24.78 54.86 -56.13
N2 NAG K . 25.36 52.67 -55.32
O3 NAG K . 27.80 51.38 -55.99
O4 NAG K . 28.14 48.70 -55.08
O5 NAG K . 25.57 49.96 -52.79
O6 NAG K . 25.94 47.83 -51.43
O7 NAG K . 26.16 54.45 -54.22
C1 NAG K . 29.54 48.82 -54.75
C2 NAG K . 30.27 47.55 -55.20
C3 NAG K . 31.74 47.66 -54.85
C4 NAG K . 32.32 48.90 -55.53
C5 NAG K . 31.55 50.13 -55.07
C6 NAG K . 32.00 51.40 -55.76
C7 NAG K . 28.74 45.64 -55.17
C8 NAG K . 28.24 44.45 -54.39
N2 NAG K . 29.68 46.36 -54.58
O3 NAG K . 32.43 46.49 -55.29
O4 NAG K . 33.70 49.05 -55.17
O5 NAG K . 30.15 49.97 -55.39
O6 NAG K . 32.13 52.47 -54.83
O7 NAG K . 28.29 45.91 -56.28
C1 NAG L . 26.20 29.68 -59.43
C2 NAG L . 27.09 29.75 -60.66
C3 NAG L . 27.89 28.46 -60.78
C4 NAG L . 28.69 28.24 -59.51
C5 NAG L . 27.75 28.22 -58.31
C6 NAG L . 28.47 28.10 -56.99
C7 NAG L . 26.08 31.20 -62.36
C8 NAG L . 25.26 31.25 -63.62
N2 NAG L . 26.32 29.98 -61.86
O3 NAG L . 28.76 28.54 -61.91
O4 NAG L . 29.39 27.00 -59.58
O5 NAG L . 27.01 29.45 -58.26
O6 NAG L . 27.67 28.60 -55.92
O7 NAG L . 26.52 32.21 -61.83
C1 NAG L . 30.81 27.24 -59.63
C2 NAG L . 31.52 26.03 -59.04
C3 NAG L . 33.03 26.25 -59.09
C4 NAG L . 33.45 26.51 -60.53
C5 NAG L . 32.68 27.71 -61.09
C6 NAG L . 32.97 27.98 -62.54
C7 NAG L . 30.12 24.93 -57.37
C8 NAG L . 29.80 24.78 -55.91
N2 NAG L . 31.10 25.77 -57.67
O3 NAG L . 33.70 25.11 -58.58
O4 NAG L . 34.85 26.77 -60.60
O5 NAG L . 31.26 27.46 -60.98
O6 NAG L . 32.32 29.17 -62.98
O7 NAG L . 29.50 24.29 -58.22
C1 NAG M . 19.80 70.86 -56.35
C2 NAG M . 21.26 71.25 -56.56
C3 NAG M . 21.36 72.24 -57.71
C4 NAG M . 20.76 71.62 -58.96
C5 NAG M . 19.31 71.19 -58.69
C6 NAG M . 18.67 70.48 -59.85
C7 NAG M . 22.78 71.21 -54.64
C8 NAG M . 23.24 71.94 -53.41
N2 NAG M . 21.82 71.81 -55.34
O3 NAG M . 22.72 72.57 -57.92
O4 NAG M . 20.77 72.57 -60.02
O5 NAG M . 19.28 70.29 -57.58
O6 NAG M . 19.55 69.53 -60.42
O7 NAG M . 23.26 70.14 -54.99
C1 NAG M . 21.66 72.11 -61.07
C2 NAG M . 21.53 73.04 -62.26
C3 NAG M . 22.46 72.59 -63.37
C4 NAG M . 23.89 72.56 -62.84
C5 NAG M . 23.96 71.64 -61.63
C6 NAG M . 25.33 71.61 -60.98
C7 NAG M . 19.27 74.00 -62.33
C8 NAG M . 17.90 73.90 -62.93
N2 NAG M . 20.16 73.09 -62.74
O3 NAG M . 22.37 73.49 -64.47
O4 NAG M . 24.78 72.09 -63.85
O5 NAG M . 23.04 72.09 -60.62
O6 NAG M . 25.40 70.62 -59.96
O7 NAG M . 19.56 74.87 -61.52
C1 NAG N . 4.10 82.25 -50.16
C2 NAG N . 4.45 83.11 -48.95
C3 NAG N . 3.21 83.89 -48.52
C4 NAG N . 2.72 84.73 -49.69
C5 NAG N . 2.42 83.82 -50.88
C6 NAG N . 2.00 84.57 -52.11
C7 NAG N . 6.25 82.10 -47.63
C8 NAG N . 6.59 81.24 -46.46
N2 NAG N . 4.95 82.30 -47.85
O3 NAG N . 3.54 84.71 -47.41
O4 NAG N . 1.52 85.42 -49.33
O5 NAG N . 3.61 83.08 -51.22
O6 NAG N . 2.13 83.77 -53.28
O7 NAG N . 7.12 82.59 -48.35
C1 NAG N . 1.82 86.79 -49.03
C2 NAG N . 0.76 87.69 -49.69
C3 NAG N . 1.06 89.14 -49.35
C4 NAG N . 1.08 89.32 -47.84
C5 NAG N . 2.13 88.39 -47.24
C6 NAG N . 2.19 88.44 -45.74
C7 NAG N . -0.41 87.57 -51.84
C8 NAG N . -0.26 87.33 -53.31
N2 NAG N . 0.72 87.48 -51.12
O3 NAG N . 0.05 89.98 -49.92
O4 NAG N . 1.40 90.67 -47.52
O5 NAG N . 1.85 87.03 -47.61
O6 NAG N . 0.88 88.50 -45.18
O7 NAG N . -1.48 87.82 -51.32
C1 NAG O . -18.44 8.46 30.18
C2 NAG O . -18.24 7.24 31.06
C3 NAG O . -17.50 6.16 30.25
C4 NAG O . -18.31 5.83 29.01
C5 NAG O . -18.53 7.11 28.19
C6 NAG O . -19.40 6.89 26.98
C7 NAG O . -18.01 7.45 33.49
C8 NAG O . -17.10 7.84 34.61
N2 NAG O . -17.49 7.58 32.26
O3 NAG O . -17.33 5.00 31.07
O4 NAG O . -17.62 4.87 28.21
O5 NAG O . -19.18 8.09 29.01
O6 NAG O . -20.78 6.89 27.33
O7 NAG O . -19.15 7.05 33.68
C1 NAG O . -18.26 3.60 28.36
C2 NAG O . -18.40 2.93 26.99
C3 NAG O . -19.04 1.56 27.15
C4 NAG O . -18.20 0.71 28.09
C5 NAG O . -18.08 1.43 29.44
C6 NAG O . -17.20 0.70 30.42
C7 NAG O . -18.92 3.84 24.78
C8 NAG O . -19.83 4.74 23.99
N2 NAG O . -19.17 3.76 26.09
O3 NAG O . -19.13 0.92 25.88
O4 NAG O . -18.81 -0.56 28.29
O5 NAG O . -17.51 2.73 29.25
O6 NAG O . -16.23 1.57 31.00
O7 NAG O . -18.01 3.22 24.24
C1 NAG P . -16.38 66.59 -37.45
C2 NAG P . -16.94 68.00 -37.58
C3 NAG P . -16.22 68.92 -36.60
C4 NAG P . -16.38 68.38 -35.20
C5 NAG P . -15.81 66.96 -35.13
C6 NAG P . -15.98 66.31 -33.80
C7 NAG P . -17.83 68.69 -39.76
C8 NAG P . -17.50 69.20 -41.13
N2 NAG P . -16.80 68.50 -38.94
O3 NAG P . -16.78 70.23 -36.69
O4 NAG P . -15.67 69.21 -34.27
O5 NAG P . -16.51 66.14 -36.09
O6 NAG P . -16.03 64.89 -33.91
O7 NAG P . -18.99 68.48 -39.40
C1 NAG P . -16.64 69.82 -33.38
C2 NAG P . -15.90 70.35 -32.16
C3 NAG P . -16.92 71.00 -31.21
C4 NAG P . -17.65 72.11 -31.95
C5 NAG P . -18.32 71.54 -33.19
C6 NAG P . -19.00 72.59 -34.02
C7 NAG P . -13.89 69.03 -31.72
C8 NAG P . -13.30 67.90 -30.92
N2 NAG P . -15.18 69.29 -31.48
O3 NAG P . -16.22 71.53 -30.08
O4 NAG P . -18.63 72.69 -31.09
O5 NAG P . -17.36 70.91 -34.03
O6 NAG P . -20.30 72.17 -34.44
O7 NAG P . -13.24 69.67 -32.53
C1 NAG Q . 0.33 67.64 -23.06
C2 NAG Q . 0.52 69.14 -22.92
C3 NAG Q . 1.06 69.47 -21.53
C4 NAG Q . 0.09 68.93 -20.48
C5 NAG Q . -0.10 67.43 -20.69
C6 NAG Q . -1.12 66.81 -19.76
C7 NAG Q . 1.01 70.14 -25.11
C8 NAG Q . 2.09 70.61 -26.04
N2 NAG Q . 1.43 69.64 -23.94
O3 NAG Q . 1.19 70.88 -21.39
O4 NAG Q . 0.60 69.16 -19.18
O5 NAG Q . -0.57 67.18 -22.04
O6 NAG Q . -1.65 65.61 -20.29
O7 NAG Q . -0.17 70.20 -25.41
C1 NAG Q . -0.23 70.09 -18.48
C2 NAG Q . -0.12 69.84 -16.99
C3 NAG Q . -0.99 70.83 -16.23
C4 NAG Q . -0.56 72.24 -16.58
C5 NAG Q . -0.66 72.44 -18.09
C6 NAG Q . -0.19 73.80 -18.55
C7 NAG Q . 0.38 67.47 -16.56
C8 NAG Q . -0.19 66.13 -16.22
N2 NAG Q . -0.51 68.47 -16.66
O3 NAG Q . -0.86 70.62 -14.83
O4 NAG Q . -1.40 73.19 -15.93
O5 NAG Q . 0.14 71.46 -18.77
O6 NAG Q . -0.39 73.98 -19.95
O7 NAG Q . 1.58 67.65 -16.74
C1 NAG R . -25.49 69.53 -55.85
C2 NAG R . -26.37 70.64 -55.29
C3 NAG R . -26.43 71.77 -56.29
C4 NAG R . -25.03 72.27 -56.60
C5 NAG R . -24.18 71.10 -57.10
C6 NAG R . -22.74 71.48 -57.34
C7 NAG R . -28.18 70.07 -53.74
C8 NAG R . -29.57 69.54 -53.59
N2 NAG R . -27.70 70.14 -54.98
O3 NAG R . -27.21 72.84 -55.75
O4 NAG R . -25.06 73.29 -57.59
O5 NAG R . -24.17 70.03 -56.13
O6 NAG R . -22.22 72.25 -56.27
O7 NAG R . -27.51 70.41 -52.76
C1 NAG R . -24.62 74.53 -57.02
C2 NAG R . -24.51 75.56 -58.14
C3 NAG R . -24.05 76.89 -57.56
C4 NAG R . -25.04 77.35 -56.49
C5 NAG R . -25.14 76.26 -55.42
C6 NAG R . -26.16 76.59 -54.35
C7 NAG R . -23.98 74.44 -60.26
C8 NAG R . -22.90 74.05 -61.21
N2 NAG R . -23.59 75.11 -59.17
O3 NAG R . -23.98 77.86 -58.59
O4 NAG R . -24.61 78.56 -55.90
O5 NAG R . -25.54 75.01 -56.00
O6 NAG R . -26.11 75.65 -53.28
O7 NAG R . -25.15 74.15 -60.45
C1 NAG S . -28.70 57.51 -71.97
C2 NAG S . -30.11 56.95 -72.02
C3 NAG S . -30.25 56.03 -73.21
C4 NAG S . -29.91 56.79 -74.49
C5 NAG S . -28.49 57.35 -74.36
C6 NAG S . -28.09 58.20 -75.54
C7 NAG S . -31.07 56.82 -69.76
C8 NAG S . -31.33 55.95 -68.57
N2 NAG S . -30.44 56.25 -70.78
O3 NAG S . -31.58 55.53 -73.27
O4 NAG S . -29.96 55.93 -75.61
O5 NAG S . -28.40 58.20 -73.20
O6 NAG S . -26.97 59.03 -75.25
O7 NAG S . -31.43 58.00 -69.80
C1 NAG S . -31.19 56.15 -76.33
C2 NAG S . -30.90 56.19 -77.83
C3 NAG S . -32.20 56.40 -78.60
C4 NAG S . -33.17 55.29 -78.26
C5 NAG S . -33.41 55.28 -76.75
C6 NAG S . -34.31 54.15 -76.30
C7 NAG S . -29.04 57.12 -79.13
C8 NAG S . -28.13 58.30 -79.31
N2 NAG S . -29.94 57.24 -78.14
O3 NAG S . -31.92 56.40 -79.99
O4 NAG S . -34.40 55.49 -78.93
O5 NAG S . -32.16 55.11 -76.06
O6 NAG S . -34.01 52.94 -76.99
O7 NAG S . -28.96 56.12 -79.83
C1 NAG T . -13.36 -32.71 -8.22
C2 NAG T . -13.13 -33.50 -6.93
C3 NAG T . -12.34 -32.65 -5.96
C4 NAG T . -11.02 -32.23 -6.59
C5 NAG T . -11.30 -31.49 -7.90
C6 NAG T . -10.05 -31.13 -8.65
C7 NAG T . -14.74 -35.20 -6.21
C8 NAG T . -16.09 -35.45 -5.58
N2 NAG T . -14.40 -33.92 -6.36
O3 NAG T . -12.11 -33.40 -4.76
O4 NAG T . -10.29 -31.39 -5.72
O5 NAG T . -12.09 -32.33 -8.77
O6 NAG T . -9.56 -32.23 -9.40
O7 NAG T . -14.02 -36.12 -6.56
C1 NAG T . -9.20 -32.15 -5.15
C2 NAG T . -7.93 -31.30 -5.16
C3 NAG T . -6.78 -32.08 -4.52
C4 NAG T . -7.17 -32.47 -3.11
C5 NAG T . -8.46 -33.29 -3.14
C6 NAG T . -8.96 -33.66 -1.77
C7 NAG T . -7.04 -29.73 -6.83
C8 NAG T . -6.75 -29.50 -8.28
N2 NAG T . -7.59 -30.91 -6.52
O3 NAG T . -5.62 -31.27 -4.51
O4 NAG T . -6.14 -33.23 -2.51
O5 NAG T . -9.50 -32.54 -3.78
O6 NAG T . -10.34 -33.35 -1.62
O7 NAG T . -6.79 -28.89 -5.97
C1 NAG U . -15.28 32.05 -69.53
C2 NAG U . -15.88 32.09 -70.93
C3 NAG U . -17.39 31.94 -70.86
C4 NAG U . -17.74 30.65 -70.13
C5 NAG U . -17.11 30.67 -68.74
C6 NAG U . -17.33 29.40 -67.96
C7 NAG U . -14.68 33.36 -72.65
C8 NAG U . -14.42 34.71 -73.23
N2 NAG U . -15.52 33.32 -71.62
O3 NAG U . -17.93 31.93 -72.17
O4 NAG U . -19.15 30.53 -70.01
O5 NAG U . -15.68 30.83 -68.87
O6 NAG U . -16.31 29.19 -67.01
O7 NAG U . -14.16 32.34 -73.11
C1 NAG U . -19.57 29.38 -70.78
C2 NAG U . -20.98 28.97 -70.33
C3 NAG U . -21.43 27.76 -71.14
C4 NAG U . -21.40 28.11 -72.62
C5 NAG U . -19.99 28.53 -73.01
C6 NAG U . -19.87 28.97 -74.45
C7 NAG U . -21.34 29.60 -67.99
C8 NAG U . -21.33 29.13 -66.57
N2 NAG U . -21.01 28.69 -68.92
O3 NAG U . -22.75 27.41 -70.75
O4 NAG U . -21.77 26.97 -73.40
O5 NAG U . -19.58 29.65 -72.20
O6 NAG U . -18.72 28.44 -75.07
O7 NAG U . -21.66 30.75 -68.30
C1 NAG V . -32.34 31.24 -55.53
C2 NAG V . -33.51 31.55 -56.44
C3 NAG V . -34.76 30.85 -55.93
C4 NAG V . -34.51 29.36 -55.81
C5 NAG V . -33.30 29.11 -54.91
C6 NAG V . -32.90 27.66 -54.83
C7 NAG V . -33.20 33.73 -57.53
C8 NAG V . -33.53 35.19 -57.48
N2 NAG V . -33.73 32.98 -56.56
O3 NAG V . -35.85 31.10 -56.82
O4 NAG V . -35.64 28.71 -55.27
O5 NAG V . -32.16 29.82 -55.44
O6 NAG V . -31.55 27.52 -54.45
O7 NAG V . -32.48 33.25 -58.39
C1 NAG V . -36.23 27.85 -56.25
C2 NAG V . -36.96 26.70 -55.54
C3 NAG V . -37.60 25.79 -56.56
C4 NAG V . -38.56 26.59 -57.43
C5 NAG V . -37.79 27.73 -58.09
C6 NAG V . -38.68 28.65 -58.92
C7 NAG V . -35.87 26.22 -53.39
C8 NAG V . -34.89 25.35 -52.66
N2 NAG V . -36.04 25.96 -54.69
O3 NAG V . -38.31 24.74 -55.91
O4 NAG V . -39.13 25.77 -58.43
O5 NAG V . -37.18 28.56 -57.09
O6 NAG V . -37.92 29.63 -59.61
O7 NAG V . -36.48 27.13 -52.83
C1 NAG W . -2.44 41.32 -82.91
C2 NAG W . -3.06 40.58 -84.09
C3 NAG W . -3.23 41.53 -85.26
C4 NAG W . -4.08 42.71 -84.83
C5 NAG W . -3.45 43.39 -83.61
C6 NAG W . -4.28 44.51 -83.06
C7 NAG W . -2.65 38.16 -84.33
C8 NAG W . -1.68 37.11 -84.77
N2 NAG W . -2.24 39.44 -84.47
O3 NAG W . -3.84 40.84 -86.34
O4 NAG W . -4.18 43.65 -85.89
O5 NAG W . -3.28 42.43 -82.55
O6 NAG W . -5.65 44.15 -82.98
O7 NAG W . -3.75 37.88 -83.86
C1 NAG W . -5.55 43.72 -86.34
C2 NAG W . -5.67 44.86 -87.36
C3 NAG W . -7.10 44.94 -87.86
C4 NAG W . -7.50 43.61 -88.47
C5 NAG W . -7.33 42.50 -87.43
C6 NAG W . -7.63 41.13 -87.97
C7 NAG W . -4.00 46.59 -86.86
C8 NAG W . -3.75 47.91 -86.21
N2 NAG W . -5.25 46.12 -86.77
O3 NAG W . -7.20 45.98 -88.84
O4 NAG W . -8.85 43.65 -88.90
O5 NAG W . -5.98 42.48 -86.96
O6 NAG W . -7.64 40.15 -86.94
O7 NAG W . -3.12 45.98 -87.45
C1 NAG X . 16.11 49.51 -81.13
C2 NAG X . 17.21 48.57 -81.62
C3 NAG X . 18.57 49.24 -81.41
C4 NAG X . 18.59 50.57 -82.14
C5 NAG X . 17.45 51.45 -81.63
C6 NAG X . 17.35 52.77 -82.36
C7 NAG X . 16.52 46.23 -81.45
C8 NAG X . 16.57 44.98 -80.62
N2 NAG X . 17.16 47.29 -80.94
O3 NAG X . 19.59 48.37 -81.90
O4 NAG X . 19.83 51.24 -81.90
O5 NAG X . 16.20 50.77 -81.82
O6 NAG X . 16.08 53.36 -82.16
O7 NAG X . 15.94 46.27 -82.52
C1 NAG X . 20.69 51.11 -83.04
C2 NAG X . 21.36 52.44 -83.34
C3 NAG X . 22.29 52.30 -84.53
C4 NAG X . 23.32 51.22 -84.22
C5 NAG X . 22.61 49.91 -83.91
C6 NAG X . 23.55 48.80 -83.52
C7 NAG X . 20.52 54.75 -83.25
C8 NAG X . 19.40 55.68 -83.60
N2 NAG X . 20.36 53.47 -83.60
O3 NAG X . 22.94 53.53 -84.79
O4 NAG X . 24.18 51.04 -85.34
O5 NAG X . 21.71 50.10 -82.81
O6 NAG X . 24.60 49.28 -82.67
O7 NAG X . 21.54 55.14 -82.69
C1 NAG Y . 32.08 -53.44 44.29
C2 NAG Y . 31.19 -52.66 43.33
C3 NAG Y . 31.53 -51.18 43.41
C4 NAG Y . 31.45 -50.68 44.84
C5 NAG Y . 32.21 -51.61 45.81
C6 NAG Y . 31.91 -51.30 47.26
C7 NAG Y . 30.43 -53.98 41.40
C8 NAG Y . 30.73 -54.37 39.99
N2 NAG Y . 31.32 -53.15 41.97
O3 NAG Y . 30.64 -50.44 42.59
O4 NAG Y . 32.05 -49.40 44.94
O5 NAG Y . 31.86 -52.99 45.61
O6 NAG Y . 30.54 -51.43 47.56
O7 NAG Y . 29.44 -54.36 42.00
C1 NAG Y . 31.06 -48.37 45.07
C2 NAG Y . 31.74 -47.14 45.68
C3 NAG Y . 30.78 -45.95 45.73
C4 NAG Y . 30.10 -45.73 44.38
C5 NAG Y . 29.47 -47.02 43.90
C6 NAG Y . 28.85 -46.90 42.53
C7 NAG Y . 33.54 -47.73 47.23
C8 NAG Y . 33.91 -48.02 48.66
N2 NAG Y . 32.26 -47.45 47.00
O3 NAG Y . 31.50 -44.79 46.12
O4 NAG Y . 29.11 -44.72 44.50
O5 NAG Y . 30.50 -48.03 43.81
O6 NAG Y . 29.76 -47.30 41.51
O7 NAG Y . 34.37 -47.77 46.33
C1 BMA Y . 29.54 -43.56 43.74
C2 BMA Y . 28.40 -42.57 43.70
C3 BMA Y . 28.88 -41.42 42.86
C4 BMA Y . 29.95 -40.64 43.60
C5 BMA Y . 31.11 -41.56 44.17
C6 BMA Y . 31.59 -41.08 45.53
O2 BMA Y . 28.13 -42.09 45.02
O3 BMA Y . 27.83 -40.55 42.37
O4 BMA Y . 30.53 -39.67 42.73
O5 BMA Y . 30.75 -43.01 44.32
O6 BMA Y . 32.80 -40.34 45.33
C1 MAN Y . 26.64 -40.40 43.19
C2 MAN Y . 25.43 -40.93 42.35
C3 MAN Y . 25.00 -39.90 41.32
C4 MAN Y . 24.73 -38.57 42.02
C5 MAN Y . 26.04 -38.08 42.64
C6 MAN Y . 25.90 -36.74 43.34
O2 MAN Y . 24.28 -41.17 43.17
O3 MAN Y . 23.83 -40.31 40.62
O4 MAN Y . 24.28 -37.61 41.07
O5 MAN Y . 26.50 -39.05 43.63
O6 MAN Y . 27.17 -36.38 43.87
C1 MAN Y . 32.70 -39.10 46.06
C2 MAN Y . 32.18 -38.02 45.10
C3 MAN Y . 33.21 -37.82 43.98
C4 MAN Y . 34.58 -37.44 44.56
C5 MAN Y . 35.02 -38.50 45.59
C6 MAN Y . 36.27 -38.12 46.35
O2 MAN Y . 32.08 -36.75 45.76
O3 MAN Y . 32.75 -36.94 42.95
O4 MAN Y . 35.54 -37.41 43.51
O5 MAN Y . 33.97 -38.71 46.57
O6 MAN Y . 36.29 -38.82 47.59
C1 NAG Z . -4.56 -25.71 71.53
C2 NAG Z . -4.13 -25.32 70.13
C3 NAG Z . -5.35 -24.86 69.34
C4 NAG Z . -6.44 -25.92 69.38
C5 NAG Z . -6.71 -26.42 70.79
C6 NAG Z . -7.59 -27.65 70.82
C7 NAG Z . -1.80 -24.56 69.97
C8 NAG Z . -0.89 -23.38 70.02
N2 NAG Z . -3.10 -24.30 70.15
O3 NAG Z . -4.96 -24.60 67.99
O4 NAG Z . -7.66 -25.36 68.88
O5 NAG Z . -5.49 -26.78 71.47
O6 NAG Z . -7.00 -28.73 70.11
O7 NAG Z . -1.39 -25.70 69.79
C1 NAG Z . -7.95 -25.83 67.56
C2 NAG Z . -9.46 -25.64 67.33
C3 NAG Z . -9.84 -25.99 65.88
C4 NAG Z . -8.91 -25.30 64.89
C5 NAG Z . -7.47 -25.57 65.24
C6 NAG Z . -6.48 -24.86 64.35
C7 NAG Z . -10.78 -25.90 69.38
C8 NAG Z . -11.54 -26.85 70.24
N2 NAG Z . -10.23 -26.42 68.27
O3 NAG Z . -11.19 -25.61 65.65
O4 NAG Z . -9.19 -25.76 63.56
O5 NAG Z . -7.22 -25.11 66.58
O6 NAG Z . -6.08 -23.61 64.90
O7 NAG Z . -10.65 -24.72 69.67
C1 BMA Z . -9.77 -24.66 62.82
C2 BMA Z . -9.88 -25.09 61.37
C3 BMA Z . -10.43 -23.91 60.62
C4 BMA Z . -11.88 -23.68 60.99
C5 BMA Z . -12.12 -23.63 62.55
C6 BMA Z . -13.43 -24.29 62.94
O2 BMA Z . -10.81 -26.17 61.25
O3 BMA Z . -10.25 -23.97 59.18
O4 BMA Z . -12.34 -22.46 60.43
O5 BMA Z . -11.05 -24.27 63.38
O6 BMA Z . -14.40 -23.27 63.15
C1 NAG AA . -20.23 -63.08 37.04
C2 NAG AA . -19.95 -61.65 36.64
C3 NAG AA . -19.19 -61.63 35.32
C4 NAG AA . -17.94 -62.49 35.41
C5 NAG AA . -18.24 -63.87 36.00
C6 NAG AA . -16.98 -64.64 36.35
C7 NAG AA . -21.59 -60.04 37.50
C8 NAG AA . -22.88 -59.31 37.23
N2 NAG AA . -21.17 -60.87 36.55
O3 NAG AA . -18.83 -60.28 34.99
O4 NAG AA . -17.42 -62.69 34.09
O5 NAG AA . -19.01 -63.78 37.20
O6 NAG AA . -16.19 -63.94 37.31
O7 NAG AA . -20.94 -59.86 38.54
C1 NAG AA . -16.23 -61.90 33.88
C2 NAG AA . -15.45 -62.54 32.73
C3 NAG AA . -14.24 -61.69 32.34
C4 NAG AA . -14.64 -60.23 32.14
C5 NAG AA . -15.41 -59.73 33.36
C6 NAG AA . -15.91 -58.31 33.20
C7 NAG AA . -15.70 -64.99 32.67
C8 NAG AA . -15.13 -66.30 33.11
N2 NAG AA . -15.03 -63.89 33.07
O3 NAG AA . -13.66 -62.21 31.15
O4 NAG AA . -13.48 -59.43 31.93
O5 NAG AA . -16.56 -60.56 33.54
O6 NAG AA . -17.24 -58.29 32.70
O7 NAG AA . -16.70 -64.92 31.96
C1 BMA AA . -13.50 -58.95 30.57
C2 BMA AA . -12.37 -57.95 30.41
C3 BMA AA . -12.46 -57.44 29.00
C4 BMA AA . -12.06 -58.54 28.02
C5 BMA AA . -12.81 -59.90 28.28
C6 BMA AA . -11.90 -61.09 28.03
O2 BMA AA . -11.11 -58.59 30.58
O3 BMA AA . -11.74 -56.21 28.75
O4 BMA AA . -12.32 -58.10 26.70
O5 BMA AA . -13.39 -60.06 29.64
O6 BMA AA . -12.18 -61.62 26.75
C1 NAG BA . 47.53 18.58 1.84
C2 NAG BA . 46.57 19.73 2.12
C3 NAG BA . 46.93 20.92 1.25
C4 NAG BA . 48.38 21.32 1.52
C5 NAG BA . 49.29 20.12 1.25
C6 NAG BA . 50.75 20.40 1.56
C7 NAG BA . 44.17 19.75 2.63
C8 NAG BA . 42.81 19.23 2.23
N2 NAG BA . 45.19 19.33 1.89
O3 NAG BA . 46.07 22.01 1.55
O4 NAG BA . 48.76 22.39 0.66
O5 NAG BA . 48.90 19.02 2.08
O6 NAG BA . 51.44 19.20 1.89
O7 NAG BA . 44.32 20.51 3.58
C1 NAG CA . 57.68 -18.10 -0.94
C2 NAG CA . 58.72 -19.20 -0.75
C3 NAG CA . 58.04 -20.53 -0.44
C4 NAG CA . 57.15 -20.36 0.79
C5 NAG CA . 56.14 -19.24 0.53
C6 NAG CA . 55.26 -18.97 1.72
C7 NAG CA . 59.19 -19.69 -3.13
C8 NAG CA . 60.26 -19.76 -4.18
N2 NAG CA . 59.60 -19.32 -1.91
O3 NAG CA . 59.02 -21.53 -0.21
O4 NAG CA . 56.46 -21.58 1.05
O5 NAG CA . 56.84 -18.02 0.23
O6 NAG CA . 56.02 -18.80 2.91
O7 NAG CA . 58.01 -19.94 -3.39
C1 NAG DA . 41.49 -0.74 -28.73
C2 NAG DA . 42.22 0.57 -28.98
C3 NAG DA . 42.72 0.62 -30.41
C4 NAG DA . 43.62 -0.58 -30.67
C5 NAG DA . 42.83 -1.86 -30.38
C6 NAG DA . 43.66 -3.12 -30.54
C7 NAG DA . 41.82 2.85 -28.15
C8 NAG DA . 40.79 3.93 -27.94
N2 NAG DA . 41.37 1.72 -28.70
O3 NAG DA . 43.45 1.83 -30.62
O4 NAG DA . 44.05 -0.59 -32.03
O5 NAG DA . 42.37 -1.85 -29.02
O6 NAG DA . 43.04 -4.24 -29.93
O7 NAG DA . 43.00 3.01 -27.86
C1 NAG EA . 9.63 33.13 35.32
C2 NAG EA . 9.32 33.65 36.72
C3 NAG EA . 8.77 35.05 36.65
C4 NAG EA . 9.78 35.96 35.93
C5 NAG EA . 10.04 35.39 34.55
C6 NAG EA . 11.09 36.17 33.78
C7 NAG EA . 8.31 32.64 38.73
C8 NAG EA . 7.27 31.69 39.25
N2 NAG EA . 8.38 32.76 37.40
O3 NAG EA . 8.53 35.55 37.97
O4 NAG EA . 9.26 37.27 35.81
O5 NAG EA . 10.53 34.04 34.66
O6 NAG EA . 12.12 36.64 34.65
O7 NAG EA . 9.05 33.28 39.47
C1 NAG FA . 34.35 27.47 -27.60
C2 NAG FA . 34.85 28.26 -28.81
C3 NAG FA . 33.95 29.48 -29.00
C4 NAG FA . 32.52 29.03 -29.19
C5 NAG FA . 32.09 28.21 -27.97
C6 NAG FA . 30.69 27.65 -28.09
C7 NAG FA . 37.26 27.95 -29.09
C8 NAG FA . 38.62 28.51 -28.82
N2 NAG FA . 36.23 28.67 -28.63
O3 NAG FA . 34.39 30.20 -30.15
O4 NAG FA . 31.67 30.16 -29.32
O5 NAG FA . 32.97 27.09 -27.80
O6 NAG FA . 29.78 28.34 -27.25
O7 NAG FA . 37.10 26.88 -29.68
C1 NAG GA . 22.68 41.14 4.13
C2 NAG GA . 21.45 42.05 4.03
C3 NAG GA . 21.86 43.49 4.27
C4 NAG GA . 22.53 43.60 5.63
C5 NAG GA . 23.73 42.65 5.68
C6 NAG GA . 24.42 42.64 7.03
C7 NAG GA . 19.72 41.15 2.55
C8 NAG GA . 19.18 41.12 1.14
N2 NAG GA . 20.80 41.91 2.74
O3 NAG GA . 20.71 44.33 4.23
O4 NAG GA . 22.97 44.94 5.86
O5 NAG GA . 23.30 41.31 5.42
O6 NAG GA . 24.69 41.32 7.45
O7 NAG GA . 19.20 40.51 3.45
C1 NAG HA . 31.49 52.34 -10.22
C2 NAG HA . 32.42 51.70 -9.20
C3 NAG HA . 32.05 52.17 -7.80
C4 NAG HA . 32.11 53.69 -7.74
C5 NAG HA . 31.18 54.27 -8.81
C6 NAG HA . 31.22 55.78 -8.88
C7 NAG HA . 33.43 49.46 -9.03
C8 NAG HA . 33.19 47.99 -9.16
N2 NAG HA . 32.37 50.25 -9.27
O3 NAG HA . 32.94 51.60 -6.85
O4 NAG HA . 31.70 54.15 -6.46
O5 NAG HA . 31.56 53.78 -10.11
O6 NAG HA . 30.10 56.30 -9.56
O7 NAG HA . 34.52 49.92 -8.72
C1 NAG IA . 9.31 74.09 -37.50
C2 NAG IA . 8.51 75.22 -38.11
C3 NAG IA . 9.28 76.53 -37.98
C4 NAG IA . 9.58 76.78 -36.50
C5 NAG IA . 10.36 75.59 -35.94
C6 NAG IA . 10.65 75.71 -34.46
C7 NAG IA . 7.06 74.40 -39.91
C8 NAG IA . 6.92 74.20 -41.39
N2 NAG IA . 8.20 74.96 -39.51
O3 NAG IA . 8.50 77.60 -38.50
O4 NAG IA . 10.36 77.96 -36.36
O5 NAG IA . 9.61 74.38 -36.13
O6 NAG IA . 11.46 74.65 -34.01
O7 NAG IA . 6.18 74.07 -39.12
C1 NAG JA . 21.20 64.02 -40.38
C2 NAG JA . 22.29 62.97 -40.58
C3 NAG JA . 22.64 62.34 -39.23
C4 NAG JA . 23.08 63.42 -38.26
C5 NAG JA . 21.96 64.45 -38.12
C6 NAG JA . 22.31 65.61 -37.22
C7 NAG JA . 22.72 61.34 -42.36
C8 NAG JA . 22.12 60.32 -43.27
N2 NAG JA . 21.88 61.96 -41.53
O3 NAG JA . 23.70 61.40 -39.42
O4 NAG JA . 23.36 62.86 -36.98
O5 NAG JA . 21.64 65.01 -39.41
O6 NAG JA . 22.45 65.19 -35.87
O7 NAG JA . 23.92 61.59 -42.37
C1 NAG KA . 40.05 -21.07 13.79
C2 NAG KA . 39.57 -21.22 15.23
C3 NAG KA . 38.04 -21.18 15.24
C4 NAG KA . 37.56 -19.88 14.63
C5 NAG KA . 38.12 -19.76 13.21
C6 NAG KA . 37.74 -18.45 12.54
C7 NAG KA . 41.13 -22.52 16.60
C8 NAG KA . 41.49 -23.87 17.13
N2 NAG KA . 40.05 -22.45 15.81
O3 NAG KA . 37.58 -21.28 16.59
O4 NAG KA . 36.14 -19.85 14.59
O5 NAG KA . 39.55 -19.83 13.23
O6 NAG KA . 36.67 -18.62 11.64
O7 NAG KA . 41.78 -21.51 16.88
C1 NAG LA . -37.18 31.02 16.74
C2 NAG LA . -37.63 30.44 15.40
C3 NAG LA . -38.11 31.57 14.50
C4 NAG LA . -39.25 32.31 15.19
C5 NAG LA . -38.75 32.84 16.54
C6 NAG LA . -39.83 33.54 17.35
C7 NAG LA . -36.73 28.61 14.04
C8 NAG LA . -35.49 27.99 13.46
N2 NAG LA . -36.54 29.72 14.77
O3 NAG LA . -38.56 31.04 13.26
O4 NAG LA . -39.66 33.42 14.39
O5 NAG LA . -38.29 31.74 17.35
O6 NAG LA . -39.57 33.46 18.74
O7 NAG LA . -37.84 28.11 13.88
C1 NAG MA . -16.37 32.06 48.70
C2 NAG MA . -16.27 32.33 50.20
C3 NAG MA . -15.23 31.41 50.83
C4 NAG MA . -15.57 29.97 50.54
C5 NAG MA . -15.66 29.77 49.02
C6 NAG MA . -16.08 28.37 48.64
C7 NAG MA . -14.85 34.35 50.13
C8 NAG MA . -14.74 35.79 50.53
N2 NAG MA . -15.98 33.72 50.49
O3 NAG MA . -15.18 31.63 52.24
O4 NAG MA . -14.58 29.09 51.07
O5 NAG MA . -16.66 30.66 48.49
O6 NAG MA . -17.23 27.95 49.35
O7 NAG MA . -13.95 33.79 49.50
C1 NAG NA . -4.29 47.17 17.70
C2 NAG NA . -5.39 48.06 17.14
C3 NAG NA . -4.86 49.48 16.98
C4 NAG NA . -4.37 49.98 18.33
C5 NAG NA . -3.29 49.03 18.85
C6 NAG NA . -2.77 49.41 20.22
C7 NAG NA . -7.15 47.63 15.49
C8 NAG NA . -7.47 47.05 14.14
N2 NAG NA . -5.87 47.54 15.86
O3 NAG NA . -5.91 50.32 16.51
O4 NAG NA . -3.82 51.29 18.20
O5 NAG NA . -3.82 47.70 18.96
O6 NAG NA . -2.07 48.34 20.83
O7 NAG NA . -8.00 48.15 16.20
C1 NAG OA . -46.66 -14.86 -7.24
C2 NAG OA . -47.63 -16.02 -7.37
C3 NAG OA . -48.25 -16.02 -8.76
C4 NAG OA . -48.95 -14.69 -9.00
C5 NAG OA . -47.92 -13.56 -8.85
C6 NAG OA . -48.54 -12.19 -8.99
C7 NAG OA . -47.58 -18.38 -6.68
C8 NAG OA . -46.73 -19.59 -6.48
N2 NAG OA . -46.95 -17.29 -7.13
O3 NAG OA . -49.20 -17.08 -8.87
O4 NAG OA . -49.50 -14.64 -10.32
O5 NAG OA . -47.35 -13.63 -7.53
O6 NAG OA . -49.84 -12.14 -8.43
O7 NAG OA . -48.79 -18.39 -6.45
C1 NAG PA . -20.05 47.54 -6.77
C2 NAG PA . -20.16 48.93 -7.40
C3 NAG PA . -20.41 48.79 -8.90
C4 NAG PA . -19.29 47.97 -9.52
C5 NAG PA . -19.21 46.61 -8.83
C6 NAG PA . -18.08 45.75 -9.32
C7 NAG PA . -20.99 50.55 -5.75
C8 NAG PA . -22.19 51.28 -5.23
N2 NAG PA . -21.21 49.72 -6.78
O3 NAG PA . -20.46 50.08 -9.49
O4 NAG PA . -19.54 47.78 -10.91
O5 NAG PA . -19.00 46.80 -7.41
O6 NAG PA . -18.55 44.68 -10.14
O7 NAG PA . -19.87 50.71 -5.27
C1 NAG QA . -41.04 18.69 -14.34
C2 NAG QA . -40.96 18.20 -15.78
C3 NAG QA . -42.27 18.55 -16.49
C4 NAG QA . -43.44 17.93 -15.74
C5 NAG QA . -43.43 18.42 -14.30
C6 NAG QA . -44.52 17.79 -13.45
C7 NAG QA . -38.68 18.13 -16.66
C8 NAG QA . -37.61 18.88 -17.40
N2 NAG QA . -39.83 18.78 -16.47
O3 NAG QA . -42.22 18.06 -17.82
O4 NAG QA . -44.67 18.28 -16.36
O5 NAG QA . -42.18 18.10 -13.68
O6 NAG QA . -44.01 17.38 -12.19
O7 NAG QA . -38.50 16.99 -16.24
C1 NAG RA . -44.83 37.31 -21.26
C2 NAG RA . -45.44 36.94 -19.91
C3 NAG RA . -46.35 35.73 -20.07
C4 NAG RA . -47.42 36.03 -21.11
C5 NAG RA . -46.75 36.40 -22.43
C6 NAG RA . -47.73 36.78 -23.51
C7 NAG RA . -44.56 36.98 -17.63
C8 NAG RA . -43.39 36.66 -16.75
N2 NAG RA . -44.41 36.70 -18.93
O3 NAG RA . -46.95 35.43 -18.82
O4 NAG RA . -48.24 34.88 -21.30
O5 NAG RA . -45.89 37.53 -22.23
O6 NAG RA . -47.14 36.73 -24.80
O7 NAG RA . -45.58 37.49 -17.18
C1 NAG SA . -32.95 49.27 -59.02
C2 NAG SA . -32.96 49.47 -60.52
C3 NAG SA . -34.28 50.10 -60.94
C4 NAG SA . -35.43 49.19 -60.49
C5 NAG SA . -35.34 49.00 -58.97
C6 NAG SA . -36.39 48.06 -58.44
C7 NAG SA . -30.69 49.83 -61.37
C8 NAG SA . -29.65 50.84 -61.75
N2 NAG SA . -31.86 50.31 -60.95
O3 NAG SA . -34.32 50.25 -62.36
O4 NAG SA . -36.68 49.79 -60.82
O5 NAG SA . -34.06 48.44 -58.63
O6 NAG SA . -36.35 47.97 -57.03
O7 NAG SA . -30.47 48.63 -61.43
C1 NAG TA . -30.60 56.68 -45.21
C2 NAG TA . -30.33 57.30 -43.83
C3 NAG TA . -30.84 56.35 -42.76
C4 NAG TA . -32.32 56.06 -42.98
C5 NAG TA . -32.51 55.47 -44.38
C6 NAG TA . -33.96 55.22 -44.71
C7 NAG TA . -28.47 58.60 -42.93
C8 NAG TA . -26.98 58.74 -42.85
N2 NAG TA . -28.92 57.57 -43.65
O3 NAG TA . -30.64 56.93 -41.47
O4 NAG TA . -32.79 55.13 -42.00
O5 NAG TA . -32.00 56.39 -45.36
O6 NAG TA . -34.51 54.19 -43.92
O7 NAG TA . -29.23 59.39 -42.37
C1 NAG UA . -13.86 9.45 44.34
C2 NAG UA . -14.31 8.02 44.57
C3 NAG UA . -13.59 7.09 43.60
C4 NAG UA . -13.88 7.54 42.17
C5 NAG UA . -13.43 8.99 42.00
C6 NAG UA . -13.75 9.54 40.63
C7 NAG UA . -15.01 7.64 46.90
C8 NAG UA . -14.58 7.19 48.26
N2 NAG UA . -14.06 7.61 45.94
O3 NAG UA . -14.04 5.75 43.80
O4 NAG UA . -13.16 6.71 41.26
O5 NAG UA . -14.11 9.83 42.96
O6 NAG UA . -12.59 9.55 39.80
O7 NAG UA . -16.15 8.03 46.67
C1 NAG VA . -11.49 -29.29 -40.25
C2 NAG VA . -10.14 -28.64 -40.52
C3 NAG VA . -10.16 -28.02 -41.91
C4 NAG VA . -10.47 -29.09 -42.93
C5 NAG VA . -11.82 -29.74 -42.59
C6 NAG VA . -12.18 -30.87 -43.52
C7 NAG VA . -8.63 -27.40 -39.04
C8 NAG VA . -8.50 -26.32 -38.01
N2 NAG VA . -9.85 -27.63 -39.51
O3 NAG VA . -8.89 -27.44 -42.18
O4 NAG VA . -10.55 -28.51 -44.23
O5 NAG VA . -11.76 -30.29 -41.26
O6 NAG VA . -13.04 -31.80 -42.88
O7 NAG VA . -7.65 -28.03 -39.42
C1 NAG WA . -40.37 -41.19 -18.32
C2 NAG WA . -41.44 -42.24 -18.00
C3 NAG WA . -41.71 -42.27 -16.50
C4 NAG WA . -40.41 -42.53 -15.76
C5 NAG WA . -39.39 -41.46 -16.14
C6 NAG WA . -38.04 -41.67 -15.50
C7 NAG WA . -43.46 -40.93 -18.60
C8 NAG WA . -44.68 -40.89 -19.46
N2 NAG WA . -42.68 -42.01 -18.73
O3 NAG WA . -42.66 -43.28 -16.20
O4 NAG WA . -40.62 -42.50 -14.36
O5 NAG WA . -39.18 -41.47 -17.56
O6 NAG WA . -37.57 -43.01 -15.70
O7 NAG WA . -43.18 -40.01 -17.82
C1 NAG XA . -39.16 -7.00 -31.17
C2 NAG XA . -38.89 -7.05 -32.68
C3 NAG XA . -40.01 -6.35 -33.43
C4 NAG XA . -41.33 -6.99 -33.07
C5 NAG XA . -41.54 -6.92 -31.55
C6 NAG XA . -42.80 -7.61 -31.10
C7 NAG XA . -36.80 -6.93 -33.97
C8 NAG XA . -35.51 -6.20 -34.16
N2 NAG XA . -37.60 -6.47 -33.00
O3 NAG XA . -39.77 -6.45 -34.83
O4 NAG XA . -42.40 -6.30 -33.72
O5 NAG XA . -40.45 -7.60 -30.90
O6 NAG XA . -42.79 -7.85 -29.70
O7 NAG XA . -37.12 -7.89 -34.66
C1 NAG YA . 37.05 -25.40 -20.30
C2 NAG YA . 38.38 -26.11 -20.10
C3 NAG YA . 39.46 -25.42 -20.92
C4 NAG YA . 39.06 -25.39 -22.39
C5 NAG YA . 37.71 -24.67 -22.52
C6 NAG YA . 37.19 -24.67 -23.93
C7 NAG YA . 39.54 -27.08 -18.16
C8 NAG YA . 39.80 -26.96 -16.69
N2 NAG YA . 38.74 -26.14 -18.69
O3 NAG YA . 40.71 -26.11 -20.77
O4 NAG YA . 40.04 -24.70 -23.16
O5 NAG YA . 36.74 -25.35 -21.72
O6 NAG YA . 37.50 -25.89 -24.61
O7 NAG YA . 40.01 -27.98 -18.84
C1 NAG ZA . -17.91 2.44 -48.71
C2 NAG ZA . -18.43 3.12 -49.96
C3 NAG ZA . -17.38 4.11 -50.47
C4 NAG ZA . -17.05 5.11 -49.38
C5 NAG ZA . -16.57 4.35 -48.13
C6 NAG ZA . -16.29 5.26 -46.96
C7 NAG ZA . -20.00 1.67 -51.14
C8 NAG ZA . -20.19 0.68 -52.26
N2 NAG ZA . -18.77 2.16 -50.99
O3 NAG ZA . -17.88 4.78 -51.62
O4 NAG ZA . -16.02 5.98 -49.82
O5 NAG ZA . -17.58 3.42 -47.71
O6 NAG ZA . -14.89 5.39 -46.73
O7 NAG ZA . -20.93 2.00 -50.42
C1 NAG AB . 15.93 -10.01 -43.20
C2 NAG AB . 17.02 -8.96 -43.25
C3 NAG AB . 17.83 -9.12 -44.52
C4 NAG AB . 18.41 -10.53 -44.57
C5 NAG AB . 17.28 -11.54 -44.48
C6 NAG AB . 17.76 -12.97 -44.45
C7 NAG AB . 16.42 -6.91 -42.04
C8 NAG AB . 15.79 -5.55 -42.15
N2 NAG AB . 16.46 -7.61 -43.18
O3 NAG AB . 18.88 -8.15 -44.54
O4 NAG AB . 19.13 -10.72 -45.78
O5 NAG AB . 16.52 -11.33 -43.29
O6 NAG AB . 17.09 -13.72 -43.44
O7 NAG AB . 16.85 -7.35 -40.98
C1 NAG BB . 9.32 -3.34 -61.11
C2 NAG BB . 9.11 -4.82 -60.82
C3 NAG BB . 10.45 -5.49 -60.55
C4 NAG BB . 11.37 -5.27 -61.75
C5 NAG BB . 11.52 -3.78 -62.01
C6 NAG BB . 12.36 -3.46 -63.22
C7 NAG BB . 7.37 -6.05 -59.60
C8 NAG BB . 6.52 -6.08 -58.37
N2 NAG BB . 8.22 -5.02 -59.70
O3 NAG BB . 10.27 -6.88 -60.34
O4 NAG BB . 12.64 -5.84 -61.50
O5 NAG BB . 10.23 -3.19 -62.23
O6 NAG BB . 12.82 -2.12 -63.21
O7 NAG BB . 7.30 -6.90 -60.47
C1 NAG CB . 16.49 35.33 -73.88
C2 NAG CB . 17.20 36.52 -74.49
C3 NAG CB . 17.68 36.16 -75.90
C4 NAG CB . 18.59 34.94 -75.81
C5 NAG CB . 17.84 33.80 -75.15
C6 NAG CB . 18.69 32.57 -74.96
C7 NAG CB . 16.29 38.62 -73.60
C8 NAG CB . 15.32 39.74 -73.81
N2 NAG CB . 16.32 37.68 -74.54
O3 NAG CB . 18.38 37.26 -76.46
O4 NAG CB . 19.01 34.56 -77.11
O5 NAG CB . 17.37 34.19 -73.85
O6 NAG CB . 17.93 31.48 -74.44
O7 NAG CB . 17.03 38.57 -72.61
C1 NAG DB . 2.70 27.53 -73.56
C2 NAG DB . 1.40 26.74 -73.43
C3 NAG DB . 1.67 25.42 -72.73
C4 NAG DB . 2.73 24.64 -73.50
C5 NAG DB . 3.98 25.49 -73.63
C6 NAG DB . 5.07 24.82 -74.46
C7 NAG DB . -0.91 27.42 -72.93
C8 NAG DB . -1.79 28.28 -72.08
N2 NAG DB . 0.40 27.51 -72.69
O3 NAG DB . 0.48 24.66 -72.63
O4 NAG DB . 3.04 23.42 -72.84
O5 NAG DB . 3.67 26.73 -74.28
O6 NAG DB . 5.59 23.67 -73.81
O7 NAG DB . -1.36 26.68 -73.80
C1 NAG EB . -24.19 -40.68 -1.77
C2 NAG EB . -23.14 -41.42 -0.95
C3 NAG EB . -22.34 -40.42 -0.12
C4 NAG EB . -21.71 -39.40 -1.06
C5 NAG EB . -22.79 -38.71 -1.88
C6 NAG EB . -22.25 -37.74 -2.89
C7 NAG EB . -23.84 -43.70 -0.40
C8 NAG EB . -24.51 -44.59 0.61
N2 NAG EB . -23.76 -42.41 -0.08
O3 NAG EB . -21.34 -41.10 0.62
O4 NAG EB . -21.00 -38.43 -0.30
O5 NAG EB . -23.54 -39.70 -2.62
O6 NAG EB . -22.37 -36.40 -2.43
O7 NAG EB . -23.40 -44.14 -1.45
#